data_8D0K
#
_entry.id   8D0K
#
_cell.length_a   1.00
_cell.length_b   1.00
_cell.length_c   1.00
_cell.angle_alpha   90.00
_cell.angle_beta   90.00
_cell.angle_gamma   90.00
#
_symmetry.space_group_name_H-M   'P 1'
#
loop_
_entity.id
_entity.type
_entity.pdbx_description
1 polymer 'CST complex subunit CTC1'
2 polymer 'CST complex subunit STN1'
3 polymer 'CST complex subunit TEN1'
4 polymer 'DNA primase small subunit'
5 polymer 'DNA primase large subunit'
6 polymer 'DNA polymerase alpha catalytic subunit'
7 polymer 'DNA polymerase alpha subunit B'
8 polymer "DNA (5'-D(P*TP*AP*GP*GP*GP*TP*TP*AP*GP*GP*GP*TP*TP*AP*GP*GP*GP*TP*TP*A)-3')"
#
loop_
_entity_poly.entity_id
_entity_poly.type
_entity_poly.pdbx_seq_one_letter_code
_entity_poly.pdbx_strand_id
1 'polypeptide(L)'
;MGDYKDHDGDYKDHDIDYKDDDDKSGGSLEAAGRAQVPSSEQAWLEDAQVFIQKTLCPAVKEPNVQLTPLVIDCVKTVWL
SQGRNQGSTLPLSYSFVSVQDLKTHQRLPCCSHLSWSSSAYQAWAQEAGPNGNPLPREQLLLLGTLTDLSADLEQECRNG
SLYVRDNTGVLSCELIDLDLSWLGHLFLFPRWSYLPPARWNSSGEGHLELWDAPVPVFPLTISPGPVTPIPVLYPESASC
LLRLRNKLRGVQRNLAGSLVRLSALVKSKQKAYFILSLGRSHPAVTHVSIIVQVPAQLVWHRALRPGTAYVLTELRVSKI
RGQRQHVWMTSQSSRLLLLKPECVQELELELEGPLLEADPKPLPMPSNSEDKKDPESLVRYSRLLSYSGAVTGVLNEPAG
LYELDGQLGLCLAYQQFRGLRRVMRPGVCLQLQDVHLLQSVGGGTRRPVLAPCLRGAVLLQSFSRQKPGAHSSRQAYGAS
LYEQLVWERQLGLPLYLWATKALEELACKLCPHVLRHHQFLQHSSPGSPSLGLQLLAPTLDLLAPPGSPVRNAHNEILEE
PHHCPLQKYTRLQTPSSFPTLATLKEEGQRKAWASFDPKALLPLPEASYLPSCQLNRRLAWSWLCLLPSAFCPAQVLLGV
LVASSHKGCLQLRDQSGSLPCLLLAKHSQPLSDPRLIGCLVRAERFQLIVERDVRSSFPSWKELSMPGFIQKQQARVYVQ
FFLADALILPVPRPCLHSATPSTPQTDPTGPEGPHLGQSRLFLLCHKEALMKRNFCVPPGASPEVPKPALSFYVLGSWLG
GTQRKEGTGWGLPEPQGNDDNDQKVHLIFFGSSVRWFEFLHPGQVYRLVAPGPATPMLFEKDGSSCISRRPLELAGCASC
LTVQDNWTLELESSQDIQDVLDANKSLPESSLTDLLSDNFTDSLVSFSAEILSRTLCEPLVASLWMKLGNTGAMRRCVKL
TVALETAECEFPPHLDVYIEDPHLPPSLGLLPGARVHFSQLEKRVSRSHNVYCCFRSSTYVQVLSFPPETTISVPLPHIY
LAELLQGGQSPFQATASCHIVSVFSLQLFWVCAYCTSICRQGKCTRLGSTCPTQTAISQAIIRLLVEDGTAEAVVTCRNH
HVAAALGLCPREWASLLDFVQVPGRVVLQFAGPGAQLESSARVDEPMTMFLWTLCTSPSVLRPIVLSFELERKPSKIVPL
EPPRLQRFQCGELPFLTHVNPRLRLSCLSIRESEYSSSLGILASSC
;
A
2 'polypeptide(L)'
;MHHHHHHQPGSSRCEEETPSLLWGLDPVFLAFAKLYIRDILDMKESRQVPGVFLYNGHPIKQVDVLGTVIGVRERDAFYS
YGVDDSTGVINCICWKKLNTESVSAAPSAARELSLTSQLKKLQETIEQKTKIEIGDTIRVRGSIRTYREEREIHATTYYK
VDDPVWNIQIARMLELPTIYRKVYDQPFHSSALEKEEALSNPGALDLPSLTSLLSEKAKEFLMENRVQSFYQQELEMVES
LLSLANQPVIHSASSDQVNFKKDTTSKAIHSIFKNAIQLLQEKGLVFQKDDGFDNLYYVTREDKDLHRKIHRIIQQDCQK
PNHMEKGCHFLHILACARLSIRPGLSEAVLQQVLELLEDQSDIVSTMEHYYTAF
;
B
3 'polypeptide(L)'
;MSYYHHHHHHDYDIPTTENLYFQGAMGSGIQLPKPGTYYLPWEVSAGQVPDGSTLRTFGRLCLYDMIQSRVTLMAQHGSD
QHQVLVCTKLVEPFHAQVGSLYIVLGELQHQQDRGSVVKARVLTCVEGMNLPLLEQAIREQRLYKQERGGSQ
;
C
4 'polypeptide(L)'
;MGHHHHHHGSGSGSGETFDPTELPELLKLYYRRLFPYSQYYRWLNYGGVIKNYFQHREFSFTLKDDIYIRYQSFNNQSDL
EKEMQKMNPYKIDIGAVYSHRPNQHNTVKLGAFQAQEKELVFDIDMTDYDDVRRCCSSADICPKCWTLMTMAIRIIDRAL
KEDFGFKHRLWVYSGRRGVHCWVCDESVRKLSSAVRSGIVEYLSLVKGGQDVKKKVHLSEKIHPFIRKSINIIKKYFEEY
ALVNQDILENKESWDKILALVPETIHDELQQSFQKSHNSLQRWEHLKKVASRYQNNIKNDKYGPWLEWEIMLQYCFPRLD
INVSKGINHLLKSPFSVHPKTGRISVPIDLQKVDQFDPFTVPTISFICRELDAISTNEEEKEENEAESDVKHRTRDYKKT
SLAPYVKVFEHFLENLDKSRKGELLKKSDLQKDF
;
D
5 'polypeptide(L)'
;MGHHHHHHGSGSGSGEFSGRKWRKLRLAGDQRNASYPHCLQFYLQPPSENISLIEFENLAIDRVKLLKSVENLGVSYVKG
TEQYQSKLESELRKLKFSYRENLEDEYEPRRRDHISHFILRLAYCQSEELRRWFIQQEMDLLRFRFSILPKDKIQDFLKD
SQLQFEAISDEEKTLREQEIVASSPSLSGLKLGFESIYKIPFADALDLFRGRKVYLEDGFAYVPLKDIVAIILNEFRAKL
SKALALTARSLPAVQSDERLQPLLNHLSHSYTGQDYSTQGNVGKISLDQIDLLSTKSFPPCMRQLHKALRENHHLRHGGR
MQYGLFLKGIGLTLEQALQFWKQEFIKGKMDPDKFDKGYSYNIRHSFGKEGKRTDYTPFSCLKIILSNPPSQGDYHGCPF
RHSDPELLKQKLQSYKISPGGISQILDLVKGTHYQVACQKYFEMIHNVDDCGFSLNHPNQFFCESQRILNGGKDIKKEPI
QPETPQPKPSVQKTKDASSALASLNSSLEMDMEGLEDYFSEDS
;
E
6 'polypeptide(L)'
;MGGSAGDYKDHDGDYKDHDIDYKDDDDKGASSAWSHPQFEKGGGSGGGSGGSAWSHPQFEKGAGSAPVHGDDSLSDSGSF
VSSRARREKKSKKGRQEALERLKKAKAGEKYKYEVEDFTGVYEEVDEEQYSKLVQARQDDDWIVDDDGIGYVEDGREIFD
DDLEDDALDADEKGKDGKARNKDKRNVKKLAVTKPNNIKSMFIACAGKKTADKAVDLSKDGLLGDILQDLNTETPQITPP
PVMILKKKRSIGASPNPFSVHTATAVPSGKIASPVSRKEPPLTPVPLKRAEFAGDDVQVESTEEEQESGAMEFEDGDFDE
PMEVEEVDLEPMAAKAWDKESEPAEEVKQEADSGKGTVSYLGSFLPDVSCWDIDQEGDSSFSVQEVQVDSSHLPLVKGAD
EEQVFHFYWLDAYEDQYNQPGVVFLFGKVWIESAETHVSCCVMVKNIERTLYFLPREMKIDLNTGKETGTPISMKDVYEE
FDEKIATKYKIMKFKSKPVEKNYAFEIPDVPEKSEYLEVKYSAEMPQLPQDLKGETFSHVFGTNTSSLELFLMNRKIKGP
CWLEVKSPQLLNQPVSWCKVEAMALKPDLVNVIKDVSPPPLVVMAFSMKTMQNAKNHQNEIIAMAALVHHSFALDKAAPK
PPFQSHFCVVSKPKDCIFPYAFKEVIEKKNVKVEVAATERTLLGFFLAKVHKIDPDIIVGHNIYGFELEVLLQRINVCKA
PHWSKIGRLKRSNMPKLGGRSGFGERNATCGRMICDVEISAKELIRCKSYHLSELVQQILKTERVVIPMENIQNMYSESS
QLLYLLEHTWKDAKFILQIMCELNVLPLALQITNIAGNIMSRTLMGGRSERNEFLLLHAFYENNYIVPDKQIFRKPQQKL
GDEDEEIDGDTNKYKKGRKKAAYAGGLVLDPKVGFYDKFILLLDFNSLYPSIIQEFNICFTTVQRVASEAQKVTEDGEQE
QIPELPDPSLEMGILPREIRKLVERRKQVKQLMKQQDLNPDLILQYDIRQKALKLTANSMYGCLGFSYSRFYAKPLAALV
TYKGREILMHTKEMVQKMNLEVIYGDTDSIMINTNSTNLEEVFKLGNKVKSEVNKLYKLLEIDIDGVFKSLLLLKKKKYA
ALVVEPTSDGNYVTKQELKGLDIVRRDWCDLAKDTGNFVIGQILSDQSRDTIVENIQKRLIEIGENVLNGSVPVSQFEIN
KALTKDPQDYPDKKSLPHVHVALWINSQGGRKVKAGDTVSYVICQDGSNLTASQRAYAPEQLQKQDNLTIDTQYYLAQQI
HPVVARICEPIDGIDAVLIATWLGLDPTQFRVHHYHKDEENDALLGGPAQLTDEEKYRDCERFKCPCPTCGTENIYDNVF
DGSGTDMEPSLYRCSNIDCKASPLTFTVQLSNKLIMDIRRFIKKYYDGWLICEEPTCRNRTRHLPLQFSRTGPLCPACMK
ATLQPEYSDKSLYTQLCFYRYIFDAECALEKLTTDHEKDKLKKQFFTPKVLQDYRKLKNTAEQFLSRSGYSEVNLSKLFA
GCAVKSV
;
F
7 'polypeptide(L)'
;MGHHHHHHGSGSGSGSASAQQLAEELQIFGLDCEEALIEKLVELCVQYGQNEEGMVGELIAFCTSTHKVGLTSEILNSFE
HEFLSKRLSKARHSTCKDSGHAGARDIVSIQELIEVEEEEEILLNSYTTPSKGSQKRAISTPETPLTKRSVSTRSPHQLL
SPSSFSPSATPSQKYNSRSNRGEVVTSFGLAQGVSWSGRGGAGNISLKVLGCPEALTGSYKSMFQKLPDIREVLTCKIEE
LGSELKEHYKIEAFTPLLAPAQEPVTLLGQIGCDSNGKLNNKSVILEGDREHSSGAQIPVDLSELKEYSLFPGQVVIMEG
INTTGRKLVATKLYEGVPLPFYQPTEEDADFEQSMVLVACGPYTTSDSITYDPLLDLIAVINHDRPDVCILFGPFLDAKH
EQVENCLLTSPFEDIFKQCLRTIIEGTRSSGSHLVFVPSLRDVHHEPVYPQPPFSYSDLSREDKKQVQFVSEPCSLSING
VIFGLTSTDLLFHLGAEEISSSSGTSDRFSRILKHILTQRSYYPLYPPQEDMAIDYESFYVYAQLPVTPDVLIIPSELRY
FVKDVLGCVCVNPGRLTKGQVGGTFARLYLRRPAADGAERQSPCIAVQVVRI
;
G
8 'polydeoxyribonucleotide'
;(DC)(DT)(DA)(DA)(DC)(DC)(DG)(DC)(DA)(DT)(DC)(DT)(DA)(DG)(DC)(DT)(DT)(DT)(DT)(DT)
(DG)(DC)(DT)(DA)(DG)(DA)(DT)(DG)(DC)(DG)(DG)(DT)(DT)(DA)(DG)(DC)(DT)(DT)(DA)(DG)
(DG)(DG)(DT)(DT)(DA)(DG)(DG)(DG)(DT)(DT)(DA)(DG)(DG)(DG)(DT)(DT)(DA)(DG)(DG)(DG)
;
H
#
# COMPACT_ATOMS: atom_id res chain seq x y z
N PRO A 38 -97.85 59.08 -48.56
CA PRO A 38 -98.99 58.77 -47.69
C PRO A 38 -99.18 59.82 -46.60
N SER A 39 -100.32 59.78 -45.91
CA SER A 39 -100.56 60.69 -44.80
C SER A 39 -99.54 60.51 -43.68
N SER A 40 -98.95 59.32 -43.57
CA SER A 40 -97.88 59.13 -42.59
C SER A 40 -96.68 60.02 -42.88
N GLU A 41 -96.42 60.32 -44.16
CA GLU A 41 -95.32 61.22 -44.50
C GLU A 41 -95.59 62.63 -43.99
N GLN A 42 -96.83 63.12 -44.17
CA GLN A 42 -97.18 64.44 -43.66
C GLN A 42 -97.17 64.46 -42.13
N ALA A 43 -97.61 63.37 -41.49
CA ALA A 43 -97.55 63.30 -40.04
C ALA A 43 -96.10 63.34 -39.56
N TRP A 44 -95.20 62.62 -40.23
CA TRP A 44 -93.79 62.66 -39.89
C TRP A 44 -93.21 64.05 -40.09
N LEU A 45 -93.61 64.73 -41.17
CA LEU A 45 -93.16 66.09 -41.39
C LEU A 45 -93.63 67.03 -40.28
N GLU A 46 -94.89 66.88 -39.85
CA GLU A 46 -95.39 67.70 -38.75
C GLU A 46 -94.66 67.41 -37.45
N ASP A 47 -94.36 66.13 -37.18
CA ASP A 47 -93.60 65.78 -35.99
C ASP A 47 -92.20 66.37 -36.04
N ALA A 48 -91.57 66.35 -37.22
CA ALA A 48 -90.25 66.97 -37.38
C ALA A 48 -90.35 68.49 -37.17
N GLN A 49 -91.43 69.10 -37.64
CA GLN A 49 -91.64 70.53 -37.40
C GLN A 49 -91.76 70.81 -35.91
N VAL A 50 -92.48 69.97 -35.19
CA VAL A 50 -92.60 70.12 -33.74
C VAL A 50 -91.24 69.97 -33.07
N PHE A 51 -90.45 69.00 -33.53
CA PHE A 51 -89.10 68.80 -32.99
C PHE A 51 -88.23 70.03 -33.22
N ILE A 52 -88.31 70.61 -34.42
CA ILE A 52 -87.55 71.81 -34.73
C ILE A 52 -87.99 72.97 -33.83
N GLN A 53 -89.30 73.11 -33.65
CA GLN A 53 -89.82 74.16 -32.77
C GLN A 53 -89.33 73.98 -31.34
N LYS A 54 -89.20 72.72 -30.91
CA LYS A 54 -88.80 72.44 -29.54
C LYS A 54 -87.31 72.70 -29.33
N THR A 55 -86.45 72.00 -30.07
CA THR A 55 -85.03 72.02 -29.79
C THR A 55 -84.18 72.71 -30.84
N LEU A 56 -84.68 72.88 -32.07
CA LEU A 56 -83.90 73.48 -33.13
C LEU A 56 -84.21 74.96 -33.34
N CYS A 57 -85.02 75.55 -32.46
CA CYS A 57 -85.30 76.98 -32.54
C CYS A 57 -84.45 77.72 -31.52
N PRO A 58 -83.46 78.50 -31.94
CA PRO A 58 -82.61 79.19 -30.97
C PRO A 58 -83.39 80.26 -30.22
N ALA A 59 -82.97 80.49 -28.97
CA ALA A 59 -83.55 81.53 -28.13
C ALA A 59 -82.77 82.84 -28.21
N VAL A 60 -81.67 82.88 -28.97
CA VAL A 60 -80.88 84.10 -29.08
C VAL A 60 -81.63 85.16 -29.87
N LYS A 61 -81.96 84.85 -31.13
CA LYS A 61 -82.71 85.75 -31.98
C LYS A 61 -84.19 85.37 -31.96
N GLU A 62 -84.97 86.07 -32.77
CA GLU A 62 -86.40 85.79 -32.86
C GLU A 62 -86.62 84.48 -33.60
N PRO A 63 -87.32 83.51 -33.02
CA PRO A 63 -87.55 82.24 -33.73
C PRO A 63 -88.56 82.41 -34.85
N ASN A 64 -88.08 82.39 -36.09
CA ASN A 64 -88.93 82.54 -37.27
C ASN A 64 -88.98 81.22 -38.03
N VAL A 65 -90.16 80.91 -38.57
CA VAL A 65 -90.50 79.53 -38.93
C VAL A 65 -89.75 79.02 -40.16
N GLN A 66 -89.12 79.90 -40.94
CA GLN A 66 -88.59 79.46 -42.24
C GLN A 66 -87.44 78.47 -42.13
N LEU A 67 -86.91 78.22 -40.93
CA LEU A 67 -85.83 77.24 -40.81
C LEU A 67 -86.32 75.83 -41.12
N THR A 68 -87.56 75.51 -40.76
CA THR A 68 -88.10 74.19 -41.02
C THR A 68 -88.23 73.87 -42.50
N PRO A 69 -88.82 74.73 -43.35
CA PRO A 69 -88.80 74.42 -44.79
C PRO A 69 -87.40 74.36 -45.36
N LEU A 70 -86.46 75.16 -44.83
CA LEU A 70 -85.07 75.08 -45.29
C LEU A 70 -84.49 73.70 -44.99
N VAL A 71 -84.72 73.20 -43.77
CA VAL A 71 -84.21 71.88 -43.40
C VAL A 71 -84.89 70.80 -44.24
N ILE A 72 -86.20 70.96 -44.50
CA ILE A 72 -86.90 69.99 -45.33
C ILE A 72 -86.32 69.95 -46.74
N ASP A 73 -86.06 71.13 -47.32
CA ASP A 73 -85.46 71.19 -48.64
C ASP A 73 -84.07 70.59 -48.64
N CYS A 74 -83.28 70.87 -47.61
CA CYS A 74 -81.92 70.32 -47.54
C CYS A 74 -81.95 68.79 -47.46
N VAL A 75 -82.82 68.25 -46.61
CA VAL A 75 -82.88 66.80 -46.45
C VAL A 75 -83.42 66.15 -47.71
N LYS A 76 -84.40 66.79 -48.38
CA LYS A 76 -84.89 66.26 -49.64
C LYS A 76 -83.80 66.24 -50.70
N THR A 77 -83.03 67.33 -50.81
CA THR A 77 -81.96 67.38 -51.80
C THR A 77 -80.90 66.32 -51.53
N VAL A 78 -80.50 66.17 -50.27
CA VAL A 78 -79.50 65.16 -49.94
C VAL A 78 -80.05 63.76 -50.19
N TRP A 79 -81.31 63.52 -49.84
CA TRP A 79 -81.92 62.21 -50.00
C TRP A 79 -82.01 61.82 -51.48
N LEU A 80 -82.33 62.79 -52.34
CA LEU A 80 -82.48 62.54 -53.77
C LEU A 80 -81.17 62.64 -54.54
N SER A 81 -80.10 63.18 -53.94
CA SER A 81 -78.84 63.33 -54.65
C SER A 81 -78.23 61.99 -55.04
N GLN A 82 -78.29 61.00 -54.14
CA GLN A 82 -77.60 59.74 -54.38
C GLN A 82 -78.24 58.94 -55.51
N GLY A 83 -79.54 59.09 -55.72
CA GLY A 83 -80.22 58.33 -56.74
C GLY A 83 -80.53 56.89 -56.38
N ARG A 84 -80.30 56.50 -55.12
CA ARG A 84 -80.61 55.16 -54.63
C ARG A 84 -81.99 55.07 -54.04
N ASN A 85 -82.81 56.11 -54.22
CA ASN A 85 -84.12 56.20 -53.59
C ASN A 85 -85.03 55.07 -54.07
N GLN A 86 -85.85 54.57 -53.15
CA GLN A 86 -86.90 53.60 -53.48
C GLN A 86 -88.23 54.29 -53.71
N GLY A 87 -88.21 55.32 -54.54
CA GLY A 87 -89.41 56.06 -54.87
C GLY A 87 -89.92 56.99 -53.80
N SER A 88 -89.14 57.22 -52.74
CA SER A 88 -89.55 58.08 -51.63
C SER A 88 -88.71 59.35 -51.65
N THR A 89 -89.39 60.51 -51.65
CA THR A 89 -88.71 61.79 -51.61
C THR A 89 -88.20 62.15 -50.23
N LEU A 90 -88.63 61.45 -49.19
CA LEU A 90 -88.19 61.68 -47.83
C LEU A 90 -87.78 60.36 -47.18
N PRO A 91 -86.83 60.40 -46.25
CA PRO A 91 -86.42 59.18 -45.53
C PRO A 91 -87.40 58.81 -44.42
N LEU A 92 -88.49 58.15 -44.80
CA LEU A 92 -89.49 57.72 -43.83
C LEU A 92 -88.91 56.72 -42.84
N SER A 93 -87.93 55.92 -43.26
CA SER A 93 -87.30 54.98 -42.34
C SER A 93 -86.57 55.71 -41.22
N TYR A 94 -85.79 56.73 -41.57
CA TYR A 94 -85.04 57.47 -40.57
C TYR A 94 -85.98 58.34 -39.74
N SER A 95 -85.70 58.43 -38.44
CA SER A 95 -86.52 59.17 -37.50
C SER A 95 -85.67 60.19 -36.77
N PHE A 96 -86.14 61.44 -36.72
CA PHE A 96 -85.44 62.49 -35.99
C PHE A 96 -85.36 62.15 -34.50
N VAL A 97 -84.24 62.52 -33.89
CA VAL A 97 -84.00 62.24 -32.48
C VAL A 97 -83.11 63.33 -31.91
N SER A 98 -83.35 63.68 -30.65
CA SER A 98 -82.54 64.67 -29.96
C SER A 98 -81.35 64.00 -29.28
N VAL A 99 -80.35 64.82 -28.96
CA VAL A 99 -79.18 64.32 -28.25
C VAL A 99 -79.57 63.78 -26.88
N GLN A 100 -80.43 64.52 -26.16
CA GLN A 100 -80.89 64.06 -24.86
C GLN A 100 -81.69 62.77 -24.97
N ASP A 101 -82.51 62.65 -26.02
CA ASP A 101 -83.29 61.42 -26.22
C ASP A 101 -82.36 60.23 -26.43
N LEU A 102 -81.32 60.39 -27.26
CA LEU A 102 -80.37 59.31 -27.48
C LEU A 102 -79.63 58.97 -26.20
N LYS A 103 -79.23 59.98 -25.43
CA LYS A 103 -78.53 59.74 -24.17
C LYS A 103 -79.40 58.98 -23.19
N THR A 104 -80.68 59.34 -23.09
CA THR A 104 -81.56 58.71 -22.10
C THR A 104 -82.02 57.33 -22.53
N HIS A 105 -82.26 57.11 -23.83
CA HIS A 105 -82.84 55.86 -24.31
C HIS A 105 -81.78 54.85 -24.73
N GLN A 106 -80.93 55.23 -25.70
CA GLN A 106 -80.00 54.28 -26.28
C GLN A 106 -78.97 53.82 -25.24
N ARG A 107 -78.76 52.50 -25.18
CA ARG A 107 -77.80 51.92 -24.25
C ARG A 107 -76.75 51.04 -24.91
N LEU A 108 -76.84 50.81 -26.21
CA LEU A 108 -75.90 49.94 -26.92
C LEU A 108 -75.33 50.68 -28.12
N PRO A 109 -74.11 50.33 -28.53
CA PRO A 109 -73.54 50.95 -29.74
C PRO A 109 -74.41 50.68 -30.96
N CYS A 110 -74.52 51.70 -31.81
CA CYS A 110 -75.34 51.60 -33.02
C CYS A 110 -74.81 52.58 -34.04
N CYS A 111 -74.94 52.22 -35.32
CA CYS A 111 -74.48 53.04 -36.42
C CYS A 111 -75.65 53.42 -37.30
N SER A 112 -75.81 54.72 -37.55
CA SER A 112 -76.86 55.24 -38.41
C SER A 112 -76.26 56.23 -39.39
N HIS A 113 -76.52 56.01 -40.68
CA HIS A 113 -75.99 56.87 -41.73
C HIS A 113 -77.10 57.19 -42.72
N LEU A 114 -77.17 58.46 -43.13
CA LEU A 114 -78.18 58.90 -44.07
C LEU A 114 -77.99 58.23 -45.42
N SER A 115 -79.10 57.89 -46.08
CA SER A 115 -79.10 57.25 -47.39
C SER A 115 -78.32 55.92 -47.35
N TRP A 116 -78.65 55.10 -46.37
CA TRP A 116 -78.07 53.76 -46.23
C TRP A 116 -79.18 52.73 -46.34
N SER A 117 -78.98 51.74 -47.22
CA SER A 117 -79.94 50.69 -47.47
C SER A 117 -79.38 49.35 -46.99
N SER A 118 -80.16 48.29 -47.20
CA SER A 118 -79.72 46.95 -46.81
C SER A 118 -78.48 46.53 -47.60
N SER A 119 -78.45 46.82 -48.90
CA SER A 119 -77.28 46.50 -49.71
C SER A 119 -76.06 47.28 -49.22
N ALA A 120 -76.25 48.55 -48.86
CA ALA A 120 -75.15 49.34 -48.32
C ALA A 120 -74.62 48.73 -47.02
N TYR A 121 -75.53 48.28 -46.14
CA TYR A 121 -75.10 47.67 -44.90
C TYR A 121 -74.35 46.36 -45.15
N GLN A 122 -74.82 45.57 -46.12
CA GLN A 122 -74.13 44.32 -46.43
C GLN A 122 -72.74 44.57 -47.01
N ALA A 123 -72.62 45.57 -47.88
CA ALA A 123 -71.29 45.94 -48.39
C ALA A 123 -70.40 46.44 -47.26
N TRP A 124 -70.98 47.18 -46.31
CA TRP A 124 -70.24 47.64 -45.15
C TRP A 124 -69.73 46.46 -44.33
N ALA A 125 -70.59 45.45 -44.12
CA ALA A 125 -70.20 44.27 -43.37
C ALA A 125 -69.10 43.50 -44.09
N GLN A 126 -69.21 43.38 -45.42
CA GLN A 126 -68.16 42.71 -46.18
C GLN A 126 -66.84 43.46 -46.10
N GLU A 127 -66.89 44.80 -46.13
CA GLU A 127 -65.69 45.60 -45.95
C GLU A 127 -65.12 45.42 -44.55
N ALA A 128 -65.98 45.19 -43.56
CA ALA A 128 -65.53 44.97 -42.20
C ALA A 128 -64.74 43.66 -42.02
N GLY A 129 -64.76 42.78 -43.02
CA GLY A 129 -64.07 41.52 -42.93
C GLY A 129 -65.03 40.35 -42.88
N PRO A 130 -64.60 39.20 -43.39
CA PRO A 130 -65.48 38.01 -43.36
C PRO A 130 -65.87 37.60 -41.96
N ASN A 131 -65.00 37.76 -40.97
CA ASN A 131 -65.31 37.47 -39.58
C ASN A 131 -65.76 38.69 -38.80
N GLY A 132 -65.87 39.85 -39.45
CA GLY A 132 -66.23 41.06 -38.75
C GLY A 132 -67.68 41.07 -38.31
N ASN A 133 -67.95 41.87 -37.28
CA ASN A 133 -69.30 42.03 -36.74
C ASN A 133 -69.70 43.49 -36.85
N PRO A 134 -70.45 43.88 -37.89
CA PRO A 134 -70.87 45.28 -38.01
C PRO A 134 -71.80 45.69 -36.89
N LEU A 135 -71.72 46.96 -36.52
CA LEU A 135 -72.63 47.51 -35.52
C LEU A 135 -74.05 47.51 -36.08
N PRO A 136 -75.06 47.38 -35.22
CA PRO A 136 -76.44 47.36 -35.69
C PRO A 136 -76.80 48.66 -36.41
N ARG A 137 -77.56 48.52 -37.49
CA ARG A 137 -77.96 49.67 -38.30
C ARG A 137 -79.14 50.37 -37.65
N GLU A 138 -79.09 51.70 -37.63
CA GLU A 138 -80.14 52.52 -37.05
C GLU A 138 -80.66 53.50 -38.10
N GLN A 139 -81.89 53.94 -37.92
CA GLN A 139 -82.57 54.87 -38.82
C GLN A 139 -82.92 56.12 -38.03
N LEU A 140 -81.98 57.07 -37.99
CA LEU A 140 -82.13 58.28 -37.18
C LEU A 140 -81.63 59.47 -37.99
N LEU A 141 -81.65 60.64 -37.36
CA LEU A 141 -81.12 61.86 -37.96
C LEU A 141 -80.78 62.83 -36.84
N LEU A 142 -79.66 63.55 -37.01
CA LEU A 142 -79.18 64.46 -35.99
C LEU A 142 -78.83 65.81 -36.61
N LEU A 143 -79.05 66.88 -35.84
CA LEU A 143 -78.61 68.23 -36.20
C LEU A 143 -78.02 68.89 -34.97
N GLY A 144 -76.86 69.51 -35.13
CA GLY A 144 -76.16 70.11 -34.01
C GLY A 144 -75.19 71.17 -34.47
N THR A 145 -74.42 71.69 -33.52
CA THR A 145 -73.48 72.76 -33.76
C THR A 145 -72.05 72.25 -33.59
N LEU A 146 -71.18 72.60 -34.52
CA LEU A 146 -69.77 72.20 -34.46
C LEU A 146 -69.03 73.23 -33.60
N THR A 147 -68.72 72.85 -32.36
CA THR A 147 -68.03 73.74 -31.46
C THR A 147 -67.19 72.92 -30.49
N ASP A 148 -66.18 73.58 -29.91
CA ASP A 148 -65.34 72.97 -28.89
C ASP A 148 -65.66 73.47 -27.49
N LEU A 149 -66.70 74.30 -27.33
CA LEU A 149 -67.05 74.81 -26.02
C LEU A 149 -67.62 73.69 -25.16
N SER A 150 -67.11 73.57 -23.93
CA SER A 150 -67.45 72.43 -23.09
C SER A 150 -68.77 72.67 -22.33
N ALA A 151 -68.79 73.70 -21.48
CA ALA A 151 -69.92 73.92 -20.58
C ALA A 151 -69.92 75.39 -20.18
N ASP A 152 -70.67 75.71 -19.12
CA ASP A 152 -70.75 77.09 -18.62
C ASP A 152 -69.35 77.63 -18.30
N LEU A 153 -68.48 76.79 -17.75
CA LEU A 153 -67.08 77.15 -17.54
C LEU A 153 -66.36 76.94 -18.86
N GLU A 154 -66.39 77.99 -19.71
CA GLU A 154 -65.88 77.86 -21.06
C GLU A 154 -64.38 77.57 -21.08
N GLN A 155 -63.61 78.29 -20.27
CA GLN A 155 -62.16 78.16 -20.28
C GLN A 155 -61.63 77.27 -19.15
N GLU A 156 -62.51 76.69 -18.33
CA GLU A 156 -62.08 75.81 -17.26
C GLU A 156 -62.21 74.33 -17.62
N CYS A 157 -62.83 74.01 -18.76
CA CYS A 157 -62.93 72.61 -19.19
C CYS A 157 -62.67 72.46 -20.68
N ARG A 158 -62.20 73.50 -21.37
CA ARG A 158 -61.94 73.44 -22.80
C ARG A 158 -60.66 72.64 -23.03
N ASN A 159 -60.82 71.35 -23.32
CA ASN A 159 -59.70 70.48 -23.65
C ASN A 159 -59.41 70.45 -25.14
N GLY A 160 -60.19 71.18 -25.95
CA GLY A 160 -60.01 71.20 -27.38
C GLY A 160 -60.71 70.08 -28.14
N SER A 161 -61.38 69.17 -27.45
CA SER A 161 -62.10 68.09 -28.12
C SER A 161 -63.29 68.63 -28.89
N LEU A 162 -63.48 68.13 -30.10
CA LEU A 162 -64.60 68.57 -30.93
C LEU A 162 -65.91 68.06 -30.33
N TYR A 163 -66.90 68.94 -30.27
CA TYR A 163 -68.19 68.63 -29.67
C TYR A 163 -69.31 68.96 -30.63
N VAL A 164 -70.44 68.26 -30.47
CA VAL A 164 -71.69 68.57 -31.15
C VAL A 164 -72.69 68.97 -30.08
N ARG A 165 -73.22 70.18 -30.19
CA ARG A 165 -74.07 70.75 -29.15
C ARG A 165 -75.38 71.24 -29.76
N ASP A 166 -76.47 71.05 -29.00
CA ASP A 166 -77.77 71.57 -29.38
C ASP A 166 -78.50 71.98 -28.10
N ASN A 167 -79.79 72.29 -28.21
CA ASN A 167 -80.57 72.72 -27.06
C ASN A 167 -80.82 71.59 -26.06
N THR A 168 -80.56 70.34 -26.43
CA THR A 168 -80.78 69.22 -25.53
C THR A 168 -79.52 68.75 -24.81
N GLY A 169 -78.35 69.12 -25.30
CA GLY A 169 -77.11 68.72 -24.65
C GLY A 169 -75.92 68.98 -25.56
N VAL A 170 -74.77 68.50 -25.09
CA VAL A 170 -73.51 68.58 -25.82
C VAL A 170 -72.86 67.21 -25.82
N LEU A 171 -72.29 66.83 -26.97
CA LEU A 171 -71.67 65.52 -27.09
C LEU A 171 -70.51 65.63 -28.07
N SER A 172 -69.44 64.89 -27.79
CA SER A 172 -68.20 65.03 -28.54
C SER A 172 -68.31 64.41 -29.93
N CYS A 173 -67.29 64.66 -30.76
CA CYS A 173 -67.24 64.11 -32.11
C CYS A 173 -65.79 64.09 -32.57
N GLU A 174 -65.55 63.30 -33.61
CA GLU A 174 -64.22 63.17 -34.21
C GLU A 174 -64.35 63.29 -35.72
N LEU A 175 -63.47 64.10 -36.32
CA LEU A 175 -63.49 64.36 -37.75
C LEU A 175 -62.14 64.00 -38.35
N ILE A 176 -62.18 63.33 -39.50
CA ILE A 176 -60.93 62.91 -40.16
C ILE A 176 -60.13 64.12 -40.60
N ASP A 177 -60.77 65.08 -41.26
CA ASP A 177 -60.11 66.27 -41.77
C ASP A 177 -60.87 67.50 -41.29
N LEU A 178 -60.34 68.17 -40.27
CA LEU A 178 -61.00 69.35 -39.72
C LEU A 178 -60.93 70.51 -40.70
N ASP A 179 -62.02 71.27 -40.78
CA ASP A 179 -62.10 72.47 -41.59
C ASP A 179 -62.61 73.62 -40.72
N LEU A 180 -61.89 74.75 -40.75
CA LEU A 180 -62.27 75.89 -39.94
C LEU A 180 -63.52 76.59 -40.45
N SER A 181 -63.99 76.25 -41.65
CA SER A 181 -65.19 76.87 -42.20
C SER A 181 -66.48 76.24 -41.67
N TRP A 182 -66.38 75.17 -40.88
CA TRP A 182 -67.55 74.49 -40.35
C TRP A 182 -67.78 74.74 -38.87
N LEU A 183 -66.81 75.29 -38.16
CA LEU A 183 -66.95 75.50 -36.73
C LEU A 183 -67.99 76.58 -36.44
N GLY A 184 -68.78 76.36 -35.39
CA GLY A 184 -69.76 77.34 -34.96
C GLY A 184 -71.01 77.41 -35.80
N HIS A 185 -71.19 76.51 -36.76
CA HIS A 185 -72.34 76.53 -37.64
C HIS A 185 -73.02 75.17 -37.62
N LEU A 186 -74.34 75.17 -37.78
CA LEU A 186 -75.11 73.93 -37.79
C LEU A 186 -74.93 73.22 -39.13
N PHE A 187 -74.59 71.94 -39.07
CA PHE A 187 -74.39 71.12 -40.26
C PHE A 187 -75.18 69.84 -40.13
N LEU A 188 -75.85 69.44 -41.20
CA LEU A 188 -76.54 68.16 -41.23
C LEU A 188 -75.51 67.04 -41.30
N PHE A 189 -75.64 66.07 -40.40
CA PHE A 189 -74.70 64.96 -40.35
C PHE A 189 -75.26 63.79 -41.13
N PRO A 190 -74.63 63.37 -42.23
CA PRO A 190 -75.15 62.23 -42.99
C PRO A 190 -74.72 60.90 -42.41
N ARG A 191 -73.61 60.87 -41.70
CA ARG A 191 -73.06 59.64 -41.14
C ARG A 191 -72.62 59.86 -39.71
N TRP A 192 -73.02 58.96 -38.82
CA TRP A 192 -72.67 59.08 -37.40
C TRP A 192 -72.78 57.71 -36.74
N SER A 193 -72.16 57.60 -35.57
CA SER A 193 -72.22 56.39 -34.76
C SER A 193 -71.89 56.75 -33.32
N TYR A 194 -72.68 56.22 -32.38
CA TYR A 194 -72.54 56.53 -30.96
C TYR A 194 -72.09 55.30 -30.20
N LEU A 195 -71.13 55.48 -29.29
CA LEU A 195 -70.59 54.41 -28.47
C LEU A 195 -70.84 54.70 -26.99
N PRO A 196 -71.85 54.07 -26.38
CA PRO A 196 -72.09 54.27 -24.95
C PRO A 196 -71.02 53.57 -24.12
N PRO A 197 -70.81 54.00 -22.89
CA PRO A 197 -69.82 53.31 -22.03
C PRO A 197 -70.24 51.87 -21.76
N ALA A 198 -69.24 51.01 -21.64
CA ALA A 198 -69.49 49.58 -21.39
C ALA A 198 -69.46 49.26 -19.90
N ARG A 199 -68.35 49.55 -19.23
CA ARG A 199 -68.21 49.31 -17.80
C ARG A 199 -68.67 50.54 -17.02
N TRP A 200 -69.36 50.29 -15.91
CA TRP A 200 -69.86 51.39 -15.08
C TRP A 200 -68.72 52.22 -14.49
N ASN A 201 -67.51 51.67 -14.44
CA ASN A 201 -66.36 52.46 -14.00
C ASN A 201 -66.09 53.63 -14.94
N SER A 202 -66.56 53.55 -16.18
CA SER A 202 -66.45 54.66 -17.13
C SER A 202 -67.65 55.57 -16.93
N SER A 203 -67.44 56.68 -16.23
CA SER A 203 -68.50 57.64 -15.99
C SER A 203 -68.73 58.59 -17.16
N GLY A 204 -67.88 58.54 -18.18
CA GLY A 204 -68.07 59.40 -19.34
C GLY A 204 -69.33 59.05 -20.10
N GLU A 205 -69.91 60.08 -20.74
CA GLU A 205 -71.17 59.90 -21.44
C GLU A 205 -70.99 59.09 -22.72
N GLY A 206 -69.97 59.41 -23.50
CA GLY A 206 -69.71 58.72 -24.74
C GLY A 206 -69.20 59.68 -25.79
N HIS A 207 -69.33 59.28 -27.05
CA HIS A 207 -68.84 60.08 -28.16
C HIS A 207 -69.55 59.67 -29.44
N LEU A 208 -69.45 60.52 -30.46
CA LEU A 208 -69.98 60.25 -31.78
C LEU A 208 -68.86 60.16 -32.80
N GLU A 209 -69.01 59.25 -33.77
CA GLU A 209 -68.01 59.03 -34.80
C GLU A 209 -68.67 59.14 -36.16
N LEU A 210 -68.10 59.98 -37.03
CA LEU A 210 -68.68 60.28 -38.34
C LEU A 210 -67.72 59.87 -39.44
N TRP A 211 -68.29 59.43 -40.57
CA TRP A 211 -67.50 58.98 -41.72
C TRP A 211 -67.42 60.03 -42.82
N ASP A 212 -68.55 60.52 -43.31
CA ASP A 212 -68.59 61.49 -44.39
C ASP A 212 -68.59 62.91 -43.84
N ALA A 213 -68.31 63.86 -44.72
CA ALA A 213 -68.32 65.26 -44.33
C ALA A 213 -69.74 65.71 -44.01
N PRO A 214 -69.91 66.56 -42.99
CA PRO A 214 -71.26 67.04 -42.66
C PRO A 214 -71.82 67.91 -43.77
N VAL A 215 -73.13 67.83 -43.95
CA VAL A 215 -73.81 68.59 -45.00
C VAL A 215 -74.26 69.93 -44.43
N PRO A 216 -73.91 71.05 -45.06
CA PRO A 216 -74.39 72.35 -44.57
C PRO A 216 -75.89 72.49 -44.77
N VAL A 217 -76.60 72.86 -43.70
CA VAL A 217 -78.04 73.00 -43.77
C VAL A 217 -78.43 74.17 -44.66
N PHE A 218 -77.78 75.31 -44.47
CA PHE A 218 -78.03 76.51 -45.24
C PHE A 218 -76.71 77.15 -45.62
N PRO A 219 -76.66 77.89 -46.74
CA PRO A 219 -75.40 78.51 -47.16
C PRO A 219 -74.89 79.48 -46.11
N LEU A 220 -73.57 79.52 -45.96
CA LEU A 220 -72.90 80.36 -44.97
C LEU A 220 -72.09 81.43 -45.67
N THR A 221 -72.05 82.62 -45.07
CA THR A 221 -71.29 83.75 -45.61
C THR A 221 -69.86 83.66 -45.08
N ILE A 222 -68.97 83.07 -45.89
CA ILE A 222 -67.58 82.92 -45.50
C ILE A 222 -66.90 84.27 -45.53
N SER A 223 -66.22 84.61 -44.43
CA SER A 223 -65.53 85.89 -44.36
C SER A 223 -64.34 85.88 -45.31
N PRO A 224 -64.19 86.89 -46.18
CA PRO A 224 -63.07 86.92 -47.10
C PRO A 224 -61.74 87.06 -46.36
N GLY A 225 -60.70 86.48 -46.95
CA GLY A 225 -59.37 86.55 -46.39
C GLY A 225 -58.64 87.79 -46.84
N PRO A 226 -57.32 87.81 -46.67
CA PRO A 226 -56.54 88.98 -47.09
C PRO A 226 -56.43 89.10 -48.59
N VAL A 227 -57.17 90.05 -49.17
CA VAL A 227 -57.12 90.27 -50.61
C VAL A 227 -55.74 90.78 -51.02
N THR A 228 -55.19 91.72 -50.26
CA THR A 228 -53.88 92.25 -50.58
C THR A 228 -52.81 91.18 -50.37
N PRO A 229 -51.93 90.94 -51.34
CA PRO A 229 -50.85 89.97 -51.13
C PRO A 229 -49.95 90.39 -49.98
N ILE A 230 -49.52 89.41 -49.19
CA ILE A 230 -48.72 89.64 -47.99
C ILE A 230 -47.47 88.78 -48.09
N PRO A 231 -46.27 89.38 -48.04
CA PRO A 231 -45.06 88.57 -48.02
C PRO A 231 -44.93 87.77 -46.74
N VAL A 232 -44.31 86.60 -46.85
CA VAL A 232 -44.07 85.73 -45.71
C VAL A 232 -42.57 85.47 -45.58
N LEU A 233 -42.20 84.81 -44.50
CA LEU A 233 -40.82 84.42 -44.24
C LEU A 233 -40.72 82.90 -44.34
N TYR A 234 -39.85 82.43 -45.23
CA TYR A 234 -39.64 80.99 -45.37
C TYR A 234 -38.88 80.45 -44.17
N PRO A 235 -38.95 79.14 -43.92
CA PRO A 235 -38.25 78.57 -42.76
C PRO A 235 -36.76 78.86 -42.74
N GLU A 236 -36.10 78.90 -43.91
CA GLU A 236 -34.70 79.30 -43.94
C GLU A 236 -34.53 80.74 -43.47
N SER A 237 -35.43 81.63 -43.89
CA SER A 237 -35.37 83.02 -43.43
C SER A 237 -35.61 83.11 -41.93
N ALA A 238 -36.55 82.30 -41.41
CA ALA A 238 -36.79 82.30 -39.97
C ALA A 238 -35.56 81.80 -39.22
N SER A 239 -34.89 80.77 -39.74
CA SER A 239 -33.66 80.28 -39.12
C SER A 239 -32.57 81.35 -39.15
N CYS A 240 -32.46 82.07 -40.26
CA CYS A 240 -31.49 83.16 -40.34
C CYS A 240 -31.79 84.25 -39.32
N LEU A 241 -33.08 84.59 -39.17
CA LEU A 241 -33.47 85.58 -38.17
C LEU A 241 -33.16 85.09 -36.75
N LEU A 242 -33.37 83.79 -36.51
CA LEU A 242 -32.99 83.23 -35.22
C LEU A 242 -31.49 83.33 -34.99
N ARG A 243 -30.70 83.13 -36.05
CA ARG A 243 -29.26 83.35 -35.95
C ARG A 243 -28.94 84.80 -35.60
N LEU A 244 -29.83 85.72 -35.93
CA LEU A 244 -29.71 87.12 -35.51
C LEU A 244 -30.39 87.25 -34.15
N ARG A 245 -29.69 86.77 -33.12
CA ARG A 245 -30.28 86.70 -31.79
C ARG A 245 -30.61 88.09 -31.24
N ASN A 246 -29.72 89.06 -31.46
CA ASN A 246 -29.93 90.41 -30.95
C ASN A 246 -30.80 91.26 -31.86
N LYS A 247 -31.22 90.74 -33.01
CA LYS A 247 -32.05 91.47 -33.96
C LYS A 247 -33.48 90.98 -33.97
N LEU A 248 -33.98 90.47 -32.84
CA LEU A 248 -35.35 90.01 -32.69
C LEU A 248 -36.02 90.69 -31.51
N ARG A 249 -35.69 91.95 -31.28
CA ARG A 249 -36.20 92.70 -30.13
C ARG A 249 -37.52 93.35 -30.52
N GLY A 250 -38.63 92.76 -30.07
CA GLY A 250 -39.94 93.32 -30.35
C GLY A 250 -40.30 93.39 -31.81
N VAL A 251 -39.94 92.36 -32.58
CA VAL A 251 -40.23 92.29 -34.01
C VAL A 251 -41.17 91.13 -34.26
N GLN A 252 -42.29 91.41 -34.90
CA GLN A 252 -43.31 90.41 -35.21
C GLN A 252 -43.51 90.33 -36.72
N ARG A 253 -43.59 89.12 -37.24
CA ARG A 253 -43.73 88.90 -38.67
C ARG A 253 -44.56 87.64 -38.90
N ASN A 254 -44.68 87.25 -40.17
CA ASN A 254 -45.44 86.08 -40.57
C ASN A 254 -44.50 85.01 -41.11
N LEU A 255 -44.75 83.77 -40.72
CA LEU A 255 -43.96 82.63 -41.16
C LEU A 255 -44.85 81.65 -41.93
N ALA A 256 -44.34 81.15 -43.04
CA ALA A 256 -45.05 80.17 -43.85
C ALA A 256 -44.09 79.07 -44.27
N GLY A 257 -44.61 77.87 -44.42
CA GLY A 257 -43.80 76.73 -44.82
C GLY A 257 -44.65 75.48 -44.89
N SER A 258 -43.99 74.38 -45.21
CA SER A 258 -44.64 73.08 -45.35
C SER A 258 -44.48 72.29 -44.05
N LEU A 259 -45.60 71.80 -43.53
CA LEU A 259 -45.58 70.99 -42.32
C LEU A 259 -45.11 69.58 -42.65
N VAL A 260 -44.15 69.08 -41.87
CA VAL A 260 -43.58 67.76 -42.06
C VAL A 260 -43.78 66.88 -40.83
N ARG A 261 -43.42 67.40 -39.66
CA ARG A 261 -43.53 66.67 -38.40
C ARG A 261 -44.59 67.31 -37.52
N LEU A 262 -45.43 66.50 -36.90
CA LEU A 262 -46.49 66.95 -36.01
C LEU A 262 -46.28 66.34 -34.63
N SER A 263 -46.38 67.16 -33.60
CA SER A 263 -46.25 66.70 -32.23
C SER A 263 -47.60 66.23 -31.70
N ALA A 264 -47.58 65.58 -30.53
CA ALA A 264 -48.79 65.08 -29.91
C ALA A 264 -49.45 66.19 -29.09
N LEU A 265 -50.54 65.83 -28.41
CA LEU A 265 -51.29 66.78 -27.58
C LEU A 265 -50.71 66.74 -26.17
N VAL A 266 -49.91 67.74 -25.83
CA VAL A 266 -49.33 67.83 -24.50
C VAL A 266 -50.36 68.45 -23.55
N LYS A 267 -50.60 67.77 -22.43
CA LYS A 267 -51.56 68.23 -21.43
C LYS A 267 -50.85 68.53 -20.13
N SER A 268 -51.39 69.47 -19.36
CA SER A 268 -50.79 69.88 -18.10
C SER A 268 -51.91 70.32 -17.16
N LYS A 269 -51.53 71.03 -16.10
CA LYS A 269 -52.50 71.38 -15.06
C LYS A 269 -53.57 72.33 -15.58
N GLN A 270 -53.18 73.43 -16.22
CA GLN A 270 -54.17 74.26 -16.90
C GLN A 270 -53.74 74.75 -18.27
N LYS A 271 -52.54 74.43 -18.74
CA LYS A 271 -52.06 74.91 -20.03
C LYS A 271 -51.77 73.72 -20.94
N ALA A 272 -52.43 73.69 -22.09
CA ALA A 272 -52.25 72.63 -23.07
C ALA A 272 -51.67 73.24 -24.35
N TYR A 273 -50.64 72.58 -24.89
CA TYR A 273 -49.93 73.13 -26.03
C TYR A 273 -49.43 72.01 -26.92
N PHE A 274 -49.20 72.34 -28.19
CA PHE A 274 -48.54 71.45 -29.13
C PHE A 274 -47.65 72.28 -30.05
N ILE A 275 -46.59 71.66 -30.55
CA ILE A 275 -45.56 72.34 -31.32
C ILE A 275 -45.59 71.82 -32.75
N LEU A 276 -45.59 72.75 -33.71
CA LEU A 276 -45.56 72.42 -35.13
C LEU A 276 -44.27 72.91 -35.73
N SER A 277 -43.70 72.13 -36.64
CA SER A 277 -42.45 72.45 -37.31
C SER A 277 -42.71 72.70 -38.79
N LEU A 278 -42.20 73.82 -39.30
CA LEU A 278 -42.34 74.19 -40.70
C LEU A 278 -40.97 74.21 -41.35
N GLY A 279 -40.84 73.53 -42.48
CA GLY A 279 -39.57 73.48 -43.19
C GLY A 279 -39.80 73.26 -44.67
N ARG A 280 -38.86 73.76 -45.47
CA ARG A 280 -38.92 73.58 -46.92
C ARG A 280 -38.67 72.10 -47.24
N SER A 281 -39.73 71.40 -47.60
CA SER A 281 -39.63 69.96 -47.82
C SER A 281 -38.77 69.66 -49.04
N HIS A 282 -38.18 68.46 -49.05
CA HIS A 282 -37.35 67.95 -50.14
C HIS A 282 -36.17 68.87 -50.42
N PRO A 283 -35.18 68.92 -49.52
CA PRO A 283 -35.07 68.23 -48.23
C PRO A 283 -35.49 69.11 -47.05
N ALA A 284 -36.32 68.61 -46.16
CA ALA A 284 -36.75 69.39 -45.00
C ALA A 284 -35.73 69.32 -43.88
N VAL A 285 -34.47 69.62 -44.20
CA VAL A 285 -33.41 69.60 -43.18
C VAL A 285 -33.64 70.70 -42.15
N THR A 286 -34.02 71.89 -42.59
CA THR A 286 -34.22 73.02 -41.71
C THR A 286 -35.69 73.12 -41.33
N HIS A 287 -35.95 73.28 -40.03
CA HIS A 287 -37.30 73.44 -39.52
C HIS A 287 -37.31 74.56 -38.49
N VAL A 288 -38.50 75.11 -38.24
CA VAL A 288 -38.68 76.22 -37.32
C VAL A 288 -39.58 75.77 -36.19
N SER A 289 -39.51 76.51 -35.08
CA SER A 289 -40.28 76.20 -33.89
C SER A 289 -41.45 77.18 -33.76
N ILE A 290 -42.66 76.63 -33.66
CA ILE A 290 -43.87 77.41 -33.46
C ILE A 290 -44.70 76.73 -32.38
N ILE A 291 -45.05 77.50 -31.34
CA ILE A 291 -45.76 76.96 -30.18
C ILE A 291 -47.20 77.44 -30.24
N VAL A 292 -48.13 76.50 -30.12
CA VAL A 292 -49.56 76.78 -30.06
C VAL A 292 -50.01 76.48 -28.64
N GLN A 293 -50.07 77.51 -27.80
CA GLN A 293 -50.32 77.35 -26.37
C GLN A 293 -51.72 77.76 -25.93
N VAL A 294 -52.29 78.79 -26.54
CA VAL A 294 -53.61 79.28 -26.11
C VAL A 294 -54.67 78.23 -26.44
N PRO A 295 -55.51 77.82 -25.50
CA PRO A 295 -56.50 76.77 -25.78
C PRO A 295 -57.54 77.17 -26.82
N ALA A 296 -57.69 78.45 -27.11
CA ALA A 296 -58.73 78.89 -28.04
C ALA A 296 -58.51 78.31 -29.43
N GLN A 297 -57.26 78.27 -29.89
CA GLN A 297 -56.93 77.77 -31.21
C GLN A 297 -56.44 76.33 -31.19
N LEU A 298 -56.56 75.64 -30.06
CA LEU A 298 -56.10 74.26 -29.97
C LEU A 298 -56.91 73.33 -30.88
N VAL A 299 -58.10 73.75 -31.31
CA VAL A 299 -58.92 72.93 -32.20
C VAL A 299 -58.20 72.67 -33.52
N TRP A 300 -57.30 73.56 -33.92
CA TRP A 300 -56.54 73.38 -35.15
C TRP A 300 -55.56 72.22 -35.08
N HIS A 301 -55.32 71.66 -33.88
CA HIS A 301 -54.44 70.50 -33.78
C HIS A 301 -54.98 69.32 -34.59
N ARG A 302 -56.29 69.27 -34.80
CA ARG A 302 -56.90 68.23 -35.62
C ARG A 302 -57.05 68.63 -37.08
N ALA A 303 -56.55 69.80 -37.46
CA ALA A 303 -56.63 70.29 -38.83
C ALA A 303 -55.31 70.24 -39.58
N LEU A 304 -54.19 70.24 -38.88
CA LEU A 304 -52.88 70.22 -39.53
C LEU A 304 -52.68 68.91 -40.28
N ARG A 305 -52.10 69.01 -41.48
CA ARG A 305 -51.86 67.85 -42.33
C ARG A 305 -50.41 67.82 -42.77
N PRO A 306 -49.80 66.63 -42.83
CA PRO A 306 -48.42 66.53 -43.29
C PRO A 306 -48.28 66.90 -44.74
N GLY A 307 -47.12 67.47 -45.08
CA GLY A 307 -46.83 67.83 -46.46
C GLY A 307 -47.46 69.14 -46.89
N THR A 308 -48.71 69.37 -46.52
CA THR A 308 -49.41 70.58 -46.93
C THR A 308 -48.78 71.80 -46.27
N ALA A 309 -48.63 72.86 -47.06
CA ALA A 309 -48.03 74.11 -46.61
C ALA A 309 -49.12 75.10 -46.21
N TYR A 310 -48.80 75.93 -45.22
CA TYR A 310 -49.77 76.84 -44.64
C TYR A 310 -49.10 78.17 -44.32
N VAL A 311 -49.93 79.20 -44.13
CA VAL A 311 -49.48 80.55 -43.80
C VAL A 311 -49.85 80.84 -42.36
N LEU A 312 -48.87 81.28 -41.58
CA LEU A 312 -49.08 81.70 -40.20
C LEU A 312 -48.63 83.15 -40.07
N THR A 313 -49.49 84.00 -39.50
CA THR A 313 -49.29 85.43 -39.49
C THR A 313 -49.14 85.97 -38.08
N GLU A 314 -48.34 87.03 -37.96
CA GLU A 314 -48.17 87.79 -36.72
C GLU A 314 -47.69 86.89 -35.58
N LEU A 315 -46.47 86.38 -35.74
CA LEU A 315 -45.85 85.52 -34.74
C LEU A 315 -44.90 86.33 -33.89
N ARG A 316 -44.94 86.11 -32.57
CA ARG A 316 -44.13 86.84 -31.62
C ARG A 316 -43.08 85.92 -31.00
N VAL A 317 -42.12 86.55 -30.32
CA VAL A 317 -41.00 85.84 -29.69
C VAL A 317 -40.90 86.27 -28.24
N SER A 318 -40.89 85.29 -27.34
CA SER A 318 -40.57 85.53 -25.93
C SER A 318 -39.63 84.43 -25.45
N LYS A 319 -38.77 84.79 -24.50
CA LYS A 319 -37.73 83.87 -24.04
C LYS A 319 -38.35 82.65 -23.36
N ILE A 320 -37.74 81.49 -23.60
CA ILE A 320 -38.20 80.22 -23.05
C ILE A 320 -37.09 79.63 -22.21
N ARG A 321 -37.41 79.23 -20.99
CA ARG A 321 -36.43 78.67 -20.07
C ARG A 321 -35.90 77.33 -20.58
N GLY A 322 -34.62 77.07 -20.30
CA GLY A 322 -33.99 75.83 -20.67
C GLY A 322 -33.51 75.74 -22.10
N GLN A 323 -33.71 76.78 -22.91
CA GLN A 323 -33.29 76.79 -24.30
C GLN A 323 -32.68 78.15 -24.62
N ARG A 324 -31.44 78.15 -25.09
CA ARG A 324 -30.77 79.40 -25.43
C ARG A 324 -31.32 80.03 -26.69
N GLN A 325 -31.94 79.24 -27.58
CA GLN A 325 -32.50 79.77 -28.80
C GLN A 325 -33.87 80.41 -28.53
N HIS A 326 -34.36 81.14 -29.52
CA HIS A 326 -35.66 81.78 -29.45
C HIS A 326 -36.65 81.08 -30.37
N VAL A 327 -37.93 81.27 -30.08
CA VAL A 327 -39.02 80.61 -30.79
C VAL A 327 -40.03 81.66 -31.23
N TRP A 328 -40.61 81.45 -32.40
CA TRP A 328 -41.70 82.30 -32.89
C TRP A 328 -43.03 81.65 -32.54
N MET A 329 -43.82 82.32 -31.72
CA MET A 329 -45.10 81.80 -31.27
C MET A 329 -46.24 82.69 -31.76
N THR A 330 -47.40 82.06 -31.95
CA THR A 330 -48.57 82.78 -32.44
C THR A 330 -49.06 83.81 -31.43
N SER A 331 -49.45 84.98 -31.93
CA SER A 331 -50.02 86.02 -31.09
C SER A 331 -51.51 85.76 -30.90
N GLN A 332 -52.17 86.63 -30.14
CA GLN A 332 -53.60 86.48 -29.91
C GLN A 332 -54.39 86.64 -31.20
N SER A 333 -54.09 87.67 -31.98
CA SER A 333 -54.74 87.89 -33.27
C SER A 333 -53.92 87.30 -34.42
N SER A 334 -53.59 86.02 -34.31
CA SER A 334 -52.80 85.32 -35.31
C SER A 334 -53.73 84.47 -36.16
N ARG A 335 -53.68 84.68 -37.48
CA ARG A 335 -54.56 83.99 -38.42
C ARG A 335 -53.77 82.91 -39.15
N LEU A 336 -54.33 81.70 -39.19
CA LEU A 336 -53.71 80.56 -39.85
C LEU A 336 -54.44 80.30 -41.17
N LEU A 337 -53.71 80.39 -42.28
CA LEU A 337 -54.25 80.15 -43.61
C LEU A 337 -53.32 79.21 -44.36
N LEU A 338 -53.77 78.75 -45.52
CA LEU A 338 -52.96 77.91 -46.37
C LEU A 338 -51.93 78.74 -47.13
N LEU A 339 -50.87 78.07 -47.59
CA LEU A 339 -49.80 78.73 -48.33
C LEU A 339 -50.12 78.65 -49.82
N LYS A 340 -50.65 79.74 -50.37
CA LYS A 340 -50.92 79.87 -51.79
C LYS A 340 -50.21 81.10 -52.31
N PRO A 341 -49.32 80.98 -53.30
CA PRO A 341 -48.52 82.14 -53.73
C PRO A 341 -49.33 83.26 -54.37
N GLU A 342 -50.65 83.13 -54.46
CA GLU A 342 -51.47 84.22 -55.00
C GLU A 342 -51.42 85.46 -54.12
N CYS A 343 -51.26 85.28 -52.80
CA CYS A 343 -51.15 86.40 -51.88
C CYS A 343 -49.93 86.24 -50.98
N VAL A 344 -48.90 85.57 -51.47
CA VAL A 344 -47.69 85.29 -50.71
C VAL A 344 -46.49 85.77 -51.49
N GLN A 345 -45.61 86.54 -50.83
CA GLN A 345 -44.39 87.02 -51.45
C GLN A 345 -43.19 86.75 -50.53
N GLU A 346 -42.02 87.25 -50.91
CA GLU A 346 -40.82 87.05 -50.12
C GLU A 346 -40.39 88.36 -49.44
N VAL A 379 -26.03 46.95 -24.68
CA VAL A 379 -26.64 48.23 -24.94
C VAL A 379 -26.83 48.43 -26.44
N ARG A 380 -28.00 48.89 -26.83
CA ARG A 380 -28.34 49.08 -28.24
C ARG A 380 -29.08 50.40 -28.40
N TYR A 381 -29.69 50.59 -29.56
CA TYR A 381 -30.42 51.81 -29.86
C TYR A 381 -31.58 51.47 -30.79
N SER A 382 -32.63 52.30 -30.72
CA SER A 382 -33.82 52.09 -31.54
C SER A 382 -33.65 52.73 -32.92
N ARG A 383 -34.60 52.46 -33.79
CA ARG A 383 -34.61 52.98 -35.15
C ARG A 383 -35.86 53.82 -35.36
N LEU A 384 -35.69 54.95 -36.06
CA LEU A 384 -36.78 55.90 -36.30
C LEU A 384 -37.22 55.82 -37.75
N LEU A 385 -38.53 55.70 -37.96
CA LEU A 385 -39.09 55.68 -39.31
C LEU A 385 -40.57 56.00 -39.22
N SER A 386 -41.14 56.36 -40.36
CA SER A 386 -42.57 56.65 -40.48
C SER A 386 -43.22 55.58 -41.35
N TYR A 387 -44.26 54.95 -40.82
CA TYR A 387 -44.93 53.86 -41.53
C TYR A 387 -46.40 53.87 -41.16
N SER A 388 -47.22 53.27 -42.03
CA SER A 388 -48.66 53.22 -41.86
C SER A 388 -49.13 51.77 -41.87
N GLY A 389 -49.99 51.43 -40.91
CA GLY A 389 -50.53 50.08 -40.82
C GLY A 389 -51.94 50.06 -40.27
N ALA A 390 -52.47 48.87 -40.02
CA ALA A 390 -53.82 48.71 -39.50
C ALA A 390 -53.80 47.77 -38.30
N VAL A 391 -54.71 48.01 -37.36
CA VAL A 391 -54.84 47.19 -36.17
C VAL A 391 -55.74 46.01 -36.48
N THR A 392 -55.32 44.83 -36.02
CA THR A 392 -56.08 43.60 -36.22
C THR A 392 -56.88 43.19 -34.99
N GLY A 393 -56.22 43.12 -33.82
CA GLY A 393 -56.90 42.74 -32.60
C GLY A 393 -56.31 43.46 -31.41
N VAL A 394 -57.05 43.42 -30.30
CA VAL A 394 -56.66 44.07 -29.06
C VAL A 394 -56.29 42.99 -28.05
N LEU A 395 -55.09 43.11 -27.48
CA LEU A 395 -54.62 42.16 -26.48
C LEU A 395 -54.76 42.68 -25.05
N ASN A 396 -54.63 43.98 -24.83
CA ASN A 396 -54.80 44.53 -23.49
C ASN A 396 -55.16 46.02 -23.64
N GLU A 397 -56.43 46.34 -23.38
CA GLU A 397 -56.86 47.74 -23.44
C GLU A 397 -56.15 48.63 -22.43
N PRO A 398 -56.07 48.29 -21.13
CA PRO A 398 -55.42 49.22 -20.20
C PRO A 398 -53.92 49.31 -20.39
N ALA A 399 -53.27 48.24 -20.85
CA ALA A 399 -51.83 48.25 -21.03
C ALA A 399 -51.40 48.97 -22.31
N GLY A 400 -52.33 49.26 -23.21
CA GLY A 400 -51.97 49.93 -24.45
C GLY A 400 -51.21 49.08 -25.43
N LEU A 401 -51.31 47.76 -25.32
CA LEU A 401 -50.60 46.84 -26.20
C LEU A 401 -51.59 46.33 -27.25
N TYR A 402 -51.26 46.54 -28.53
CA TYR A 402 -52.15 46.17 -29.61
C TYR A 402 -51.34 45.60 -30.77
N GLU A 403 -52.01 44.85 -31.63
CA GLU A 403 -51.38 44.13 -32.72
C GLU A 403 -51.36 44.99 -33.98
N LEU A 404 -50.19 45.13 -34.59
CA LEU A 404 -50.01 45.92 -35.80
C LEU A 404 -49.99 44.97 -37.00
N ASP A 405 -51.08 44.96 -37.76
CA ASP A 405 -51.22 44.16 -38.97
C ASP A 405 -50.97 42.67 -38.73
N GLY A 406 -51.11 42.22 -37.48
CA GLY A 406 -50.90 40.82 -37.15
C GLY A 406 -49.46 40.42 -36.96
N GLN A 407 -48.51 41.33 -37.11
CA GLN A 407 -47.09 41.00 -37.00
C GLN A 407 -46.36 41.82 -35.94
N LEU A 408 -46.65 43.12 -35.84
CA LEU A 408 -45.94 44.01 -34.95
C LEU A 408 -46.80 44.34 -33.74
N GLY A 409 -46.21 45.06 -32.79
CA GLY A 409 -46.89 45.45 -31.57
C GLY A 409 -46.98 46.95 -31.43
N LEU A 410 -48.13 47.42 -30.95
CA LEU A 410 -48.38 48.85 -30.75
C LEU A 410 -48.35 49.16 -29.26
N CYS A 411 -47.59 50.18 -28.88
CA CYS A 411 -47.46 50.59 -27.48
C CYS A 411 -47.80 52.08 -27.37
N LEU A 412 -49.01 52.36 -26.91
CA LEU A 412 -49.47 53.73 -26.72
C LEU A 412 -49.35 54.20 -25.27
N ALA A 413 -48.72 53.39 -24.41
CA ALA A 413 -48.67 53.73 -22.99
C ALA A 413 -47.87 55.00 -22.74
N TYR A 414 -46.78 55.20 -23.47
CA TYR A 414 -45.86 56.29 -23.22
C TYR A 414 -46.36 57.64 -23.71
N GLN A 415 -47.64 57.74 -24.09
CA GLN A 415 -48.24 59.01 -24.46
C GLN A 415 -49.59 59.15 -23.75
N GLN A 416 -50.01 60.39 -23.54
CA GLN A 416 -51.27 60.67 -22.86
C GLN A 416 -52.41 60.43 -23.84
N PHE A 417 -53.13 59.33 -23.67
CA PHE A 417 -54.19 58.95 -24.60
C PHE A 417 -55.51 58.78 -23.88
N ARG A 418 -55.81 59.67 -22.94
CA ARG A 418 -57.01 59.52 -22.12
C ARG A 418 -58.28 59.52 -22.98
N GLY A 419 -58.36 60.42 -23.96
CA GLY A 419 -59.50 60.44 -24.86
C GLY A 419 -59.37 59.56 -26.08
N LEU A 420 -58.26 58.84 -26.22
CA LEU A 420 -58.03 58.05 -27.43
C LEU A 420 -58.56 56.63 -27.30
N ARG A 421 -58.54 56.07 -26.09
CA ARG A 421 -58.91 54.66 -25.94
C ARG A 421 -60.39 54.43 -26.19
N ARG A 422 -61.23 55.44 -25.95
CA ARG A 422 -62.66 55.28 -26.12
C ARG A 422 -63.03 55.06 -27.58
N VAL A 423 -62.34 55.73 -28.50
CA VAL A 423 -62.72 55.67 -29.91
C VAL A 423 -61.99 54.55 -30.64
N MET A 424 -60.76 54.23 -30.24
CA MET A 424 -59.99 53.24 -30.96
C MET A 424 -60.56 51.84 -30.74
N ARG A 425 -60.44 51.00 -31.76
CA ARG A 425 -60.95 49.64 -31.75
C ARG A 425 -60.34 48.89 -32.93
N PRO A 426 -60.27 47.55 -32.87
CA PRO A 426 -59.66 46.80 -33.97
C PRO A 426 -60.41 47.03 -35.28
N GLY A 427 -59.64 47.16 -36.34
CA GLY A 427 -60.18 47.45 -37.66
C GLY A 427 -59.95 48.87 -38.16
N VAL A 428 -58.91 49.55 -37.71
CA VAL A 428 -58.60 50.91 -38.12
C VAL A 428 -57.17 50.94 -38.66
N CYS A 429 -57.00 51.55 -39.82
CA CYS A 429 -55.66 51.81 -40.33
C CYS A 429 -55.11 53.08 -39.69
N LEU A 430 -53.83 53.04 -39.31
CA LEU A 430 -53.18 54.15 -38.63
C LEU A 430 -51.93 54.55 -39.38
N GLN A 431 -51.52 55.81 -39.16
CA GLN A 431 -50.27 56.34 -39.69
C GLN A 431 -49.43 56.82 -38.53
N LEU A 432 -48.14 56.45 -38.54
CA LEU A 432 -47.23 56.79 -37.46
C LEU A 432 -46.05 57.58 -38.00
N GLN A 433 -45.69 58.64 -37.28
CA GLN A 433 -44.58 59.51 -37.66
C GLN A 433 -43.67 59.70 -36.46
N ASP A 434 -42.36 59.58 -36.69
CA ASP A 434 -41.34 59.75 -35.66
C ASP A 434 -41.57 58.78 -34.49
N VAL A 435 -41.48 57.49 -34.82
CA VAL A 435 -41.69 56.43 -33.84
C VAL A 435 -40.41 55.59 -33.77
N HIS A 436 -40.20 54.97 -32.61
CA HIS A 436 -39.01 54.17 -32.36
C HIS A 436 -39.32 52.69 -32.56
N LEU A 437 -38.48 52.00 -33.31
CA LEU A 437 -38.62 50.56 -33.53
C LEU A 437 -37.59 49.83 -32.68
N LEU A 438 -38.04 48.82 -31.96
CA LEU A 438 -37.19 48.07 -31.05
C LEU A 438 -37.24 46.60 -31.42
N GLN A 439 -36.08 45.94 -31.38
CA GLN A 439 -35.97 44.52 -31.70
C GLN A 439 -35.13 43.83 -30.64
N SER A 440 -35.31 42.50 -30.56
CA SER A 440 -34.61 41.66 -29.58
C SER A 440 -34.86 42.14 -28.16
N VAL A 441 -36.14 42.34 -27.84
CA VAL A 441 -36.50 42.79 -26.50
C VAL A 441 -36.28 41.69 -25.47
N GLY A 442 -36.63 40.44 -25.80
CA GLY A 442 -36.51 39.36 -24.86
C GLY A 442 -37.48 39.51 -23.70
N GLY A 443 -37.23 38.70 -22.67
CA GLY A 443 -38.01 38.78 -21.44
C GLY A 443 -39.47 38.46 -21.60
N GLY A 444 -39.79 37.43 -22.40
CA GLY A 444 -41.17 36.99 -22.53
C GLY A 444 -41.70 36.99 -23.94
N THR A 445 -41.31 37.99 -24.74
CA THR A 445 -41.75 38.10 -26.12
C THR A 445 -40.56 38.45 -27.01
N ARG A 446 -40.69 38.12 -28.29
CA ARG A 446 -39.63 38.35 -29.26
C ARG A 446 -40.07 39.16 -30.47
N ARG A 447 -41.36 39.40 -30.65
CA ARG A 447 -41.82 40.19 -31.77
C ARG A 447 -41.36 41.63 -31.62
N PRO A 448 -40.94 42.28 -32.71
CA PRO A 448 -40.52 43.68 -32.62
C PRO A 448 -41.69 44.59 -32.28
N VAL A 449 -41.37 45.73 -31.69
CA VAL A 449 -42.36 46.68 -31.20
C VAL A 449 -42.06 48.07 -31.74
N LEU A 450 -43.11 48.81 -32.07
CA LEU A 450 -43.00 50.19 -32.49
C LEU A 450 -43.54 51.09 -31.39
N ALA A 451 -42.74 52.08 -31.00
CA ALA A 451 -43.11 52.98 -29.91
C ALA A 451 -42.98 54.43 -30.36
N PRO A 452 -44.03 55.23 -30.25
CA PRO A 452 -43.93 56.64 -30.65
C PRO A 452 -43.39 57.53 -29.55
N CYS A 453 -42.29 58.23 -29.82
CA CYS A 453 -41.77 59.20 -28.88
C CYS A 453 -42.66 60.45 -28.87
N LEU A 454 -42.48 61.27 -27.84
CA LEU A 454 -43.30 62.47 -27.69
C LEU A 454 -43.04 63.49 -28.80
N ARG A 455 -41.90 63.41 -29.47
CA ARG A 455 -41.64 64.31 -30.59
C ARG A 455 -42.64 64.06 -31.72
N GLY A 456 -42.93 62.80 -32.01
CA GLY A 456 -43.90 62.44 -33.04
C GLY A 456 -45.31 62.38 -32.48
N ALA A 457 -46.23 61.96 -33.35
CA ALA A 457 -47.63 61.84 -32.97
C ALA A 457 -48.30 60.78 -33.84
N VAL A 458 -49.44 60.30 -33.37
CA VAL A 458 -50.24 59.32 -34.09
C VAL A 458 -51.16 60.05 -35.06
N LEU A 459 -51.42 59.43 -36.21
CA LEU A 459 -52.24 60.02 -37.25
C LEU A 459 -53.47 59.14 -37.48
N LEU A 460 -54.65 59.75 -37.40
CA LEU A 460 -55.91 59.05 -37.57
C LEU A 460 -56.46 59.30 -38.96
N GLN A 461 -57.02 58.24 -39.56
CA GLN A 461 -57.51 58.36 -40.96
C GLN A 461 -58.97 57.94 -41.05
N SER A 462 -59.39 56.96 -40.26
CA SER A 462 -60.75 56.42 -40.36
C SER A 462 -61.09 55.71 -39.05
N PHE A 463 -62.21 55.00 -39.05
CA PHE A 463 -62.71 54.25 -37.91
C PHE A 463 -62.86 52.78 -38.29
N SER A 464 -63.41 51.99 -37.37
CA SER A 464 -63.65 50.58 -37.58
C SER A 464 -65.15 50.28 -37.57
N ARG A 465 -65.48 49.00 -37.75
CA ARG A 465 -66.86 48.56 -37.81
C ARG A 465 -67.12 47.35 -36.91
N GLN A 466 -66.16 46.93 -36.10
CA GLN A 466 -66.30 45.72 -35.31
C GLN A 466 -67.05 45.99 -34.02
N LYS A 467 -67.81 44.99 -33.57
CA LYS A 467 -68.53 45.11 -32.31
C LYS A 467 -67.56 45.02 -31.14
N PRO A 468 -67.79 45.77 -30.07
CA PRO A 468 -66.90 45.70 -28.91
C PRO A 468 -67.02 44.36 -28.19
N GLY A 469 -65.96 44.01 -27.46
CA GLY A 469 -65.93 42.80 -26.68
C GLY A 469 -66.68 42.93 -25.37
N ALA A 470 -66.69 41.84 -24.62
CA ALA A 470 -67.39 41.78 -23.34
C ALA A 470 -66.46 41.80 -22.13
N HIS A 471 -65.25 41.26 -22.26
CA HIS A 471 -64.30 41.27 -21.14
C HIS A 471 -63.84 42.68 -20.78
N SER A 472 -63.99 43.64 -21.69
CA SER A 472 -63.59 45.02 -21.40
C SER A 472 -64.39 45.62 -20.27
N SER A 473 -65.63 45.16 -20.08
CA SER A 473 -66.48 45.65 -19.00
C SER A 473 -66.34 44.86 -17.72
N ARG A 474 -65.44 43.87 -17.68
CA ARG A 474 -65.27 43.02 -16.51
C ARG A 474 -63.92 43.20 -15.83
N GLN A 475 -62.82 43.02 -16.56
CA GLN A 475 -61.48 43.02 -15.96
C GLN A 475 -60.52 43.84 -16.81
N ALA A 476 -60.93 45.04 -17.20
CA ALA A 476 -60.08 45.88 -18.03
C ALA A 476 -59.75 47.22 -17.41
N TYR A 477 -60.69 47.85 -16.71
CA TYR A 477 -60.48 49.21 -16.20
C TYR A 477 -59.58 49.16 -14.96
N GLY A 478 -58.28 49.19 -15.20
CA GLY A 478 -57.28 49.34 -14.15
C GLY A 478 -56.15 50.24 -14.60
N ALA A 479 -56.46 51.14 -15.54
CA ALA A 479 -55.44 51.92 -16.21
C ALA A 479 -54.75 52.92 -15.28
N SER A 480 -55.34 53.24 -14.13
CA SER A 480 -54.71 54.20 -13.22
C SER A 480 -53.35 53.70 -12.75
N LEU A 481 -53.25 52.40 -12.45
CA LEU A 481 -51.96 51.83 -12.07
C LEU A 481 -50.96 51.93 -13.21
N TYR A 482 -51.40 51.69 -14.44
CA TYR A 482 -50.51 51.82 -15.59
C TYR A 482 -50.03 53.26 -15.75
N GLU A 483 -50.94 54.23 -15.58
CA GLU A 483 -50.55 55.63 -15.68
C GLU A 483 -49.54 56.00 -14.60
N GLN A 484 -49.76 55.52 -13.36
CA GLN A 484 -48.82 55.78 -12.29
C GLN A 484 -47.45 55.17 -12.60
N LEU A 485 -47.44 53.95 -13.15
CA LEU A 485 -46.18 53.30 -13.48
C LEU A 485 -45.43 54.07 -14.55
N VAL A 486 -46.13 54.47 -15.62
CA VAL A 486 -45.44 55.12 -16.73
C VAL A 486 -44.98 56.51 -16.37
N TRP A 487 -45.79 57.25 -15.59
CA TRP A 487 -45.48 58.65 -15.29
C TRP A 487 -44.88 58.82 -13.90
N GLU A 488 -45.58 58.36 -12.86
CA GLU A 488 -45.07 58.56 -11.49
C GLU A 488 -43.89 57.65 -11.16
N ARG A 489 -43.62 56.63 -11.97
CA ARG A 489 -42.51 55.73 -11.72
C ARG A 489 -41.53 55.59 -12.88
N GLN A 490 -41.95 55.87 -14.12
CA GLN A 490 -41.06 55.98 -15.27
C GLN A 490 -40.29 54.67 -15.52
N LEU A 491 -41.06 53.65 -15.88
CA LEU A 491 -40.49 52.34 -16.19
C LEU A 491 -40.07 52.24 -17.64
N GLY A 492 -39.06 51.40 -17.90
CA GLY A 492 -38.67 51.09 -19.26
C GLY A 492 -39.64 50.14 -19.93
N LEU A 493 -39.59 50.13 -21.26
CA LEU A 493 -40.57 49.36 -22.04
C LEU A 493 -40.51 47.85 -21.75
N PRO A 494 -39.35 47.17 -21.80
CA PRO A 494 -39.37 45.74 -21.46
C PRO A 494 -39.80 45.49 -20.04
N LEU A 495 -39.34 46.32 -19.11
CA LEU A 495 -39.80 46.21 -17.72
C LEU A 495 -41.29 46.43 -17.62
N TYR A 496 -41.81 47.40 -18.38
CA TYR A 496 -43.25 47.66 -18.36
C TYR A 496 -44.04 46.45 -18.84
N LEU A 497 -43.58 45.83 -19.94
CA LEU A 497 -44.29 44.66 -20.46
C LEU A 497 -44.21 43.49 -19.48
N TRP A 498 -43.04 43.25 -18.90
CA TRP A 498 -42.92 42.17 -17.93
C TRP A 498 -43.81 42.41 -16.72
N ALA A 499 -43.85 43.66 -16.23
CA ALA A 499 -44.72 43.99 -15.11
C ALA A 499 -46.17 43.77 -15.46
N THR A 500 -46.59 44.19 -16.65
CA THR A 500 -47.97 43.95 -17.07
C THR A 500 -48.29 42.46 -17.03
N LYS A 501 -47.45 41.65 -17.69
CA LYS A 501 -47.67 40.21 -17.72
C LYS A 501 -47.76 39.63 -16.31
N ALA A 502 -46.91 40.12 -15.41
CA ALA A 502 -47.00 39.68 -14.01
C ALA A 502 -48.35 40.06 -13.41
N LEU A 503 -48.87 41.24 -13.75
CA LEU A 503 -50.19 41.63 -13.25
C LEU A 503 -51.28 40.69 -13.73
N GLU A 504 -51.29 40.35 -15.03
CA GLU A 504 -52.33 39.42 -15.48
C GLU A 504 -52.17 38.06 -14.83
N GLU A 505 -50.93 37.58 -14.68
CA GLU A 505 -50.73 36.27 -14.07
C GLU A 505 -51.21 36.27 -12.61
N LEU A 506 -50.87 37.31 -11.85
CA LEU A 506 -51.28 37.38 -10.46
C LEU A 506 -52.79 37.52 -10.34
N ALA A 507 -53.41 38.31 -11.22
CA ALA A 507 -54.87 38.45 -11.19
C ALA A 507 -55.54 37.12 -11.47
N CYS A 508 -55.02 36.36 -12.43
CA CYS A 508 -55.57 35.03 -12.69
C CYS A 508 -55.37 34.11 -11.50
N LYS A 509 -54.22 34.20 -10.83
CA LYS A 509 -53.92 33.27 -9.76
C LYS A 509 -54.73 33.56 -8.50
N LEU A 510 -54.98 34.83 -8.20
CA LEU A 510 -55.59 35.24 -6.94
C LEU A 510 -57.03 35.73 -7.08
N CYS A 511 -57.26 36.69 -7.97
CA CYS A 511 -58.59 37.24 -8.15
C CYS A 511 -59.53 36.21 -8.77
N PRO A 512 -60.84 36.32 -8.54
CA PRO A 512 -61.53 37.32 -7.73
C PRO A 512 -61.90 36.88 -6.32
N HIS A 513 -61.74 35.59 -5.98
CA HIS A 513 -62.15 35.12 -4.66
C HIS A 513 -61.30 35.77 -3.56
N VAL A 514 -60.00 35.93 -3.80
CA VAL A 514 -59.15 36.59 -2.82
C VAL A 514 -59.56 38.05 -2.66
N LEU A 515 -59.74 38.76 -3.77
CA LEU A 515 -60.13 40.16 -3.74
C LEU A 515 -60.72 40.54 -5.10
N ARG A 516 -61.52 41.60 -5.09
CA ARG A 516 -62.13 42.08 -6.32
C ARG A 516 -61.08 42.66 -7.25
N HIS A 517 -61.33 42.52 -8.56
CA HIS A 517 -60.39 43.02 -9.56
C HIS A 517 -60.22 44.52 -9.46
N HIS A 518 -61.32 45.26 -9.28
CA HIS A 518 -61.24 46.72 -9.25
C HIS A 518 -60.45 47.20 -8.06
N GLN A 519 -60.61 46.57 -6.90
CA GLN A 519 -59.85 46.99 -5.72
C GLN A 519 -58.40 46.55 -5.80
N PHE A 520 -58.13 45.41 -6.45
CA PHE A 520 -56.76 44.94 -6.59
C PHE A 520 -55.93 45.90 -7.45
N LEU A 521 -56.52 46.40 -8.54
CA LEU A 521 -55.83 47.28 -9.48
C LEU A 521 -56.11 48.75 -9.20
N GLN A 522 -56.39 49.10 -7.94
CA GLN A 522 -56.70 50.48 -7.60
C GLN A 522 -55.45 51.35 -7.65
N HIS A 523 -55.67 52.62 -7.96
CA HIS A 523 -54.48 53.50 -7.96
C HIS A 523 -53.85 53.43 -6.58
N SER A 524 -52.60 53.85 -6.48
CA SER A 524 -51.82 53.83 -5.25
C SER A 524 -51.86 55.22 -4.59
N SER A 525 -53.06 55.58 -4.14
CA SER A 525 -53.21 56.81 -3.38
C SER A 525 -52.56 56.66 -2.01
N PRO A 526 -52.15 57.76 -1.38
CA PRO A 526 -51.55 57.68 -0.05
C PRO A 526 -52.51 57.03 0.94
N GLY A 527 -51.95 56.16 1.79
CA GLY A 527 -52.73 55.44 2.76
C GLY A 527 -53.39 54.17 2.26
N SER A 528 -53.24 53.86 0.97
CA SER A 528 -53.86 52.67 0.39
C SER A 528 -53.16 52.27 -0.91
N PRO A 529 -52.01 51.60 -0.82
CA PRO A 529 -51.29 51.20 -2.03
C PRO A 529 -51.78 49.86 -2.56
N SER A 530 -51.56 49.67 -3.86
CA SER A 530 -51.96 48.43 -4.52
C SER A 530 -51.04 47.28 -4.11
N LEU A 531 -51.63 46.09 -4.00
CA LEU A 531 -50.84 44.92 -3.63
C LEU A 531 -49.82 44.56 -4.71
N GLY A 532 -50.20 44.69 -5.98
CA GLY A 532 -49.31 44.26 -7.05
C GLY A 532 -48.03 45.07 -7.12
N LEU A 533 -48.14 46.40 -7.01
CA LEU A 533 -46.96 47.24 -7.12
C LEU A 533 -45.98 46.97 -5.98
N GLN A 534 -46.47 46.86 -4.75
CA GLN A 534 -45.58 46.57 -3.64
C GLN A 534 -45.05 45.14 -3.70
N LEU A 535 -45.82 44.22 -4.28
CA LEU A 535 -45.32 42.86 -4.49
C LEU A 535 -44.15 42.86 -5.48
N LEU A 536 -44.25 43.65 -6.55
CA LEU A 536 -43.20 43.74 -7.54
C LEU A 536 -42.05 44.65 -7.10
N ALA A 537 -42.25 45.46 -6.07
CA ALA A 537 -41.21 46.37 -5.61
C ALA A 537 -39.87 45.71 -5.33
N PRO A 538 -39.78 44.53 -4.69
CA PRO A 538 -38.46 43.91 -4.50
C PRO A 538 -37.71 43.68 -5.80
N THR A 539 -38.41 43.50 -6.91
CA THR A 539 -37.76 43.35 -8.21
C THR A 539 -37.62 44.68 -8.93
N LEU A 540 -38.65 45.53 -8.86
CA LEU A 540 -38.63 46.80 -9.58
C LEU A 540 -37.52 47.72 -9.04
N ASP A 541 -37.44 47.85 -7.71
CA ASP A 541 -36.44 48.72 -7.11
C ASP A 541 -35.02 48.24 -7.43
N LEU A 542 -34.81 46.92 -7.35
CA LEU A 542 -33.50 46.38 -7.69
C LEU A 542 -33.16 46.63 -9.16
N LEU A 543 -34.13 46.41 -10.05
CA LEU A 543 -33.86 46.60 -11.47
C LEU A 543 -33.78 48.07 -11.84
N ALA A 544 -34.68 48.90 -11.30
CA ALA A 544 -34.77 50.32 -11.63
C ALA A 544 -34.74 51.14 -10.35
N PRO A 545 -33.55 51.37 -9.80
CA PRO A 545 -33.46 52.21 -8.61
C PRO A 545 -33.87 53.64 -8.93
N PRO A 546 -34.49 54.34 -7.97
CA PRO A 546 -34.88 55.73 -8.21
C PRO A 546 -33.66 56.62 -8.41
N GLY A 547 -33.86 57.67 -9.22
CA GLY A 547 -32.79 58.60 -9.51
C GLY A 547 -32.76 59.06 -10.94
N SER A 548 -33.67 58.51 -11.76
CA SER A 548 -33.71 58.90 -13.17
C SER A 548 -34.16 60.36 -13.30
N PRO A 549 -33.61 61.09 -14.27
CA PRO A 549 -34.04 62.49 -14.44
C PRO A 549 -35.48 62.58 -14.90
N VAL A 550 -36.12 63.69 -14.53
CA VAL A 550 -37.53 63.88 -14.87
C VAL A 550 -37.67 64.14 -16.36
N ARG A 551 -38.57 63.42 -17.01
CA ARG A 551 -38.82 63.62 -18.43
C ARG A 551 -39.58 64.92 -18.64
N ASN A 552 -39.11 65.74 -19.59
CA ASN A 552 -39.73 67.01 -19.91
C ASN A 552 -40.17 67.00 -21.36
N ALA A 553 -41.39 67.49 -21.61
CA ALA A 553 -41.93 67.52 -22.97
C ALA A 553 -41.14 68.48 -23.85
N HIS A 554 -40.73 69.62 -23.30
CA HIS A 554 -40.09 70.65 -24.12
C HIS A 554 -38.79 70.15 -24.73
N ASN A 555 -37.95 69.50 -23.92
CA ASN A 555 -36.66 69.03 -24.41
C ASN A 555 -36.84 67.97 -25.50
N GLU A 556 -37.63 66.93 -25.20
CA GLU A 556 -37.83 65.86 -26.19
C GLU A 556 -38.45 66.39 -27.46
N ILE A 557 -39.38 67.35 -27.34
CA ILE A 557 -40.02 67.90 -28.53
C ILE A 557 -39.04 68.72 -29.35
N LEU A 558 -38.17 69.50 -28.69
CA LEU A 558 -37.39 70.52 -29.38
C LEU A 558 -35.91 70.21 -29.49
N GLU A 559 -35.22 69.89 -28.39
CA GLU A 559 -33.76 69.80 -28.45
C GLU A 559 -33.32 68.68 -29.37
N GLU A 560 -32.21 68.91 -30.07
CA GLU A 560 -31.69 67.99 -31.07
C GLU A 560 -30.32 67.49 -30.66
N PRO A 561 -30.10 66.19 -30.51
CA PRO A 561 -31.06 65.10 -30.71
C PRO A 561 -32.07 64.99 -29.57
N HIS A 562 -33.26 64.44 -29.83
CA HIS A 562 -34.27 64.32 -28.80
C HIS A 562 -33.87 63.23 -27.80
N HIS A 563 -33.97 63.55 -26.51
CA HIS A 563 -33.59 62.64 -25.44
C HIS A 563 -34.86 61.99 -24.91
N CYS A 564 -35.12 60.76 -25.34
CA CYS A 564 -36.27 59.99 -24.89
C CYS A 564 -35.80 58.62 -24.41
N PRO A 565 -36.54 58.01 -23.47
CA PRO A 565 -36.18 56.65 -23.05
C PRO A 565 -36.22 55.63 -24.18
N LEU A 566 -36.96 55.90 -25.24
CA LEU A 566 -37.03 54.98 -26.37
C LEU A 566 -35.89 55.17 -27.36
N GLN A 567 -35.11 56.25 -27.24
CA GLN A 567 -33.99 56.46 -28.14
C GLN A 567 -32.94 55.36 -27.97
N LYS A 568 -32.65 54.98 -26.73
CA LYS A 568 -31.67 53.95 -26.43
C LYS A 568 -32.33 52.85 -25.62
N TYR A 569 -31.98 51.60 -25.93
CA TYR A 569 -32.57 50.45 -25.26
C TYR A 569 -31.51 49.37 -25.07
N THR A 570 -31.78 48.48 -24.12
CA THR A 570 -30.91 47.35 -23.84
C THR A 570 -31.76 46.11 -23.60
N ARG A 571 -31.42 45.02 -24.27
CA ARG A 571 -32.15 43.78 -24.10
C ARG A 571 -32.01 43.28 -22.66
N LEU A 572 -33.13 42.86 -22.08
CA LEU A 572 -33.19 42.45 -20.68
C LEU A 572 -33.70 41.03 -20.57
N GLN A 573 -33.08 40.25 -19.68
CA GLN A 573 -33.51 38.89 -19.41
C GLN A 573 -34.69 38.88 -18.45
N THR A 574 -35.36 37.73 -18.37
CA THR A 574 -36.50 37.61 -17.47
C THR A 574 -36.02 37.61 -16.02
N PRO A 575 -36.46 38.55 -15.19
CA PRO A 575 -36.01 38.56 -13.79
C PRO A 575 -36.57 37.39 -12.99
N SER A 576 -37.88 37.18 -13.06
CA SER A 576 -38.53 36.13 -12.29
C SER A 576 -39.85 35.78 -12.96
N SER A 577 -40.43 34.66 -12.54
CA SER A 577 -41.72 34.21 -13.03
C SER A 577 -42.60 33.82 -11.86
N PHE A 578 -43.91 34.01 -12.03
CA PHE A 578 -44.87 33.73 -10.98
C PHE A 578 -45.64 32.45 -11.30
N PRO A 579 -45.38 31.35 -10.61
CA PRO A 579 -46.10 30.11 -10.90
C PRO A 579 -47.35 29.95 -10.05
N THR A 580 -48.16 28.95 -10.36
CA THR A 580 -49.32 28.58 -9.56
C THR A 580 -49.00 27.32 -8.76
N LEU A 581 -49.74 27.13 -7.67
CA LEU A 581 -49.44 26.05 -6.75
C LEU A 581 -49.58 24.68 -7.43
N ALA A 582 -50.64 24.50 -8.22
CA ALA A 582 -50.84 23.22 -8.90
C ALA A 582 -49.72 22.94 -9.88
N THR A 583 -49.32 23.94 -10.66
CA THR A 583 -48.23 23.76 -11.61
C THR A 583 -46.93 23.43 -10.90
N LEU A 584 -46.64 24.13 -9.80
CA LEU A 584 -45.43 23.84 -9.04
C LEU A 584 -45.43 22.42 -8.51
N LYS A 585 -46.57 21.99 -7.94
CA LYS A 585 -46.66 20.64 -7.39
C LYS A 585 -46.47 19.59 -8.47
N GLU A 586 -47.15 19.77 -9.62
CA GLU A 586 -47.03 18.79 -10.69
C GLU A 586 -45.62 18.74 -11.25
N GLU A 587 -44.98 19.90 -11.43
CA GLU A 587 -43.62 19.93 -11.95
C GLU A 587 -42.66 19.26 -10.97
N GLY A 588 -42.80 19.54 -9.68
CA GLY A 588 -41.95 18.89 -8.69
C GLY A 588 -42.13 17.39 -8.67
N GLN A 589 -43.37 16.92 -8.70
CA GLN A 589 -43.63 15.49 -8.69
C GLN A 589 -43.06 14.82 -9.94
N ARG A 590 -43.25 15.43 -11.11
CA ARG A 590 -42.73 14.85 -12.34
C ARG A 590 -41.21 14.79 -12.32
N LYS A 591 -40.56 15.87 -11.88
CA LYS A 591 -39.10 15.88 -11.83
C LYS A 591 -38.58 14.85 -10.82
N ALA A 592 -39.27 14.70 -9.69
CA ALA A 592 -38.86 13.72 -8.70
C ALA A 592 -38.95 12.31 -9.26
N TRP A 593 -40.06 11.99 -9.94
CA TRP A 593 -40.22 10.65 -10.49
C TRP A 593 -39.36 10.43 -11.73
N ALA A 594 -38.86 11.50 -12.35
CA ALA A 594 -38.10 11.35 -13.59
C ALA A 594 -36.74 10.71 -13.34
N SER A 595 -36.01 11.19 -12.33
CA SER A 595 -34.64 10.76 -12.09
C SER A 595 -34.54 9.72 -10.99
N PHE A 596 -35.52 8.82 -10.90
CA PHE A 596 -35.50 7.75 -9.89
C PHE A 596 -34.82 6.53 -10.48
N ASP A 597 -33.49 6.56 -10.47
CA ASP A 597 -32.70 5.45 -10.99
C ASP A 597 -32.17 4.63 -9.83
N PRO A 598 -32.65 3.39 -9.63
CA PRO A 598 -32.13 2.57 -8.53
C PRO A 598 -30.64 2.29 -8.62
N LYS A 599 -30.09 2.18 -9.84
CA LYS A 599 -28.66 1.90 -9.98
C LYS A 599 -27.81 3.02 -9.40
N ALA A 600 -28.28 4.26 -9.52
CA ALA A 600 -27.53 5.39 -8.98
C ALA A 600 -27.43 5.33 -7.46
N LEU A 601 -28.51 4.92 -6.80
CA LEU A 601 -28.52 4.92 -5.34
C LEU A 601 -27.57 3.87 -4.77
N LEU A 602 -27.51 2.70 -5.39
CA LEU A 602 -26.73 1.57 -4.87
C LEU A 602 -25.79 1.07 -5.96
N PRO A 603 -24.63 1.70 -6.11
CA PRO A 603 -23.69 1.31 -7.16
C PRO A 603 -22.88 0.09 -6.73
N LEU A 604 -22.06 -0.40 -7.67
CA LEU A 604 -21.18 -1.52 -7.39
C LEU A 604 -20.10 -1.11 -6.39
N PRO A 605 -19.56 -2.06 -5.63
CA PRO A 605 -19.92 -3.48 -5.55
C PRO A 605 -20.74 -3.79 -4.30
N GLU A 606 -21.31 -2.78 -3.65
CA GLU A 606 -22.02 -3.00 -2.40
C GLU A 606 -23.22 -3.91 -2.59
N ALA A 607 -24.00 -3.68 -3.66
CA ALA A 607 -25.16 -4.53 -3.93
C ALA A 607 -24.77 -5.95 -4.31
N SER A 608 -23.55 -6.16 -4.80
CA SER A 608 -23.13 -7.48 -5.23
C SER A 608 -23.06 -8.48 -4.09
N TYR A 609 -23.02 -8.01 -2.84
CA TYR A 609 -22.97 -8.90 -1.70
C TYR A 609 -24.16 -8.67 -0.77
N LEU A 610 -25.36 -8.56 -1.34
CA LEU A 610 -26.53 -8.26 -0.54
C LEU A 610 -27.64 -9.28 -0.82
N PRO A 611 -28.42 -9.62 0.19
CA PRO A 611 -29.60 -10.46 -0.04
C PRO A 611 -30.76 -9.64 -0.59
N SER A 612 -31.80 -10.36 -1.00
CA SER A 612 -32.95 -9.69 -1.63
C SER A 612 -33.71 -8.82 -0.64
N CYS A 613 -33.97 -9.34 0.57
CA CYS A 613 -34.76 -8.59 1.54
C CYS A 613 -34.06 -7.30 1.94
N GLN A 614 -32.76 -7.37 2.23
CA GLN A 614 -32.02 -6.18 2.62
C GLN A 614 -31.96 -5.17 1.49
N LEU A 615 -31.76 -5.65 0.26
CA LEU A 615 -31.74 -4.75 -0.89
C LEU A 615 -33.06 -4.02 -1.05
N ASN A 616 -34.17 -4.78 -0.99
CA ASN A 616 -35.49 -4.18 -1.13
C ASN A 616 -35.77 -3.17 -0.01
N ARG A 617 -35.38 -3.50 1.22
CA ARG A 617 -35.59 -2.58 2.33
C ARG A 617 -34.76 -1.31 2.15
N ARG A 618 -33.52 -1.45 1.70
CA ARG A 618 -32.67 -0.28 1.49
C ARG A 618 -33.21 0.62 0.40
N LEU A 619 -33.70 0.03 -0.69
CA LEU A 619 -34.20 0.83 -1.81
C LEU A 619 -35.58 1.41 -1.57
N ALA A 620 -36.22 1.08 -0.44
CA ALA A 620 -37.61 1.46 -0.23
C ALA A 620 -37.80 2.95 -0.01
N TRP A 621 -36.77 3.68 0.40
CA TRP A 621 -36.92 5.08 0.76
C TRP A 621 -35.83 5.92 0.11
N SER A 622 -36.17 7.19 -0.15
CA SER A 622 -35.24 8.16 -0.71
C SER A 622 -35.81 9.55 -0.46
N TRP A 623 -35.13 10.57 -0.99
CA TRP A 623 -35.57 11.95 -0.84
C TRP A 623 -34.87 12.79 -1.91
N LEU A 624 -35.36 14.02 -2.05
CA LEU A 624 -34.79 14.92 -3.05
C LEU A 624 -35.11 16.36 -2.67
N CYS A 625 -34.19 17.26 -3.01
CA CYS A 625 -34.35 18.68 -2.76
C CYS A 625 -34.21 19.45 -4.07
N LEU A 626 -35.02 20.50 -4.22
CA LEU A 626 -35.00 21.33 -5.42
C LEU A 626 -35.06 22.79 -5.03
N LEU A 627 -34.27 23.61 -5.71
CA LEU A 627 -34.28 25.05 -5.49
C LEU A 627 -34.84 25.75 -6.72
N PRO A 628 -36.05 26.32 -6.64
CA PRO A 628 -36.63 26.98 -7.82
C PRO A 628 -35.81 28.13 -8.35
N SER A 629 -35.08 28.83 -7.48
CA SER A 629 -34.27 29.96 -7.92
C SER A 629 -33.19 29.54 -8.91
N ALA A 630 -32.82 28.26 -8.94
CA ALA A 630 -31.82 27.77 -9.87
C ALA A 630 -32.39 27.49 -11.26
N PHE A 631 -33.70 27.55 -11.43
CA PHE A 631 -34.30 27.31 -12.74
C PHE A 631 -34.22 28.57 -13.60
N CYS A 632 -34.42 28.38 -14.90
CA CYS A 632 -34.43 29.49 -15.85
C CYS A 632 -35.84 29.70 -16.37
N PRO A 633 -36.51 30.81 -16.01
CA PRO A 633 -36.05 31.89 -15.14
C PRO A 633 -36.34 31.62 -13.67
N ALA A 634 -36.14 32.60 -12.81
CA ALA A 634 -36.40 32.42 -11.38
C ALA A 634 -37.90 32.36 -11.10
N GLN A 635 -38.24 31.75 -9.98
CA GLN A 635 -39.63 31.61 -9.56
C GLN A 635 -39.77 32.13 -8.13
N VAL A 636 -40.96 32.65 -7.82
CA VAL A 636 -41.27 33.21 -6.51
C VAL A 636 -42.55 32.57 -6.01
N LEU A 637 -42.52 32.09 -4.77
CA LEU A 637 -43.70 31.48 -4.17
C LEU A 637 -44.60 32.55 -3.56
N LEU A 638 -45.90 32.47 -3.87
CA LEU A 638 -46.88 33.39 -3.31
C LEU A 638 -48.15 32.61 -3.00
N GLY A 639 -48.71 32.86 -1.81
CA GLY A 639 -49.91 32.15 -1.40
C GLY A 639 -50.48 32.75 -0.15
N VAL A 640 -51.66 32.25 0.23
CA VAL A 640 -52.39 32.70 1.41
C VAL A 640 -52.35 31.59 2.44
N LEU A 641 -51.94 31.94 3.66
CA LEU A 641 -51.86 30.95 4.73
C LEU A 641 -53.25 30.58 5.21
N VAL A 642 -53.53 29.28 5.26
CA VAL A 642 -54.83 28.77 5.67
C VAL A 642 -54.61 27.64 6.68
N ALA A 643 -55.27 27.73 7.82
CA ALA A 643 -55.19 26.71 8.87
C ALA A 643 -56.54 26.01 8.93
N SER A 644 -56.63 24.84 8.30
CA SER A 644 -57.87 24.07 8.30
C SER A 644 -58.14 23.49 9.69
N SER A 645 -59.42 23.25 9.97
CA SER A 645 -59.86 22.73 11.26
C SER A 645 -60.18 21.25 11.21
N HIS A 646 -59.51 20.50 10.34
CA HIS A 646 -59.74 19.06 10.22
C HIS A 646 -58.51 18.23 10.55
N LYS A 647 -57.35 18.59 9.99
CA LYS A 647 -56.13 17.83 10.20
C LYS A 647 -55.04 18.63 10.91
N GLY A 648 -55.26 19.91 11.18
CA GLY A 648 -54.27 20.72 11.87
C GLY A 648 -52.99 20.90 11.09
N CYS A 649 -53.09 21.11 9.78
CA CYS A 649 -51.93 21.29 8.92
C CYS A 649 -52.06 22.65 8.22
N LEU A 650 -51.16 23.57 8.54
CA LEU A 650 -51.15 24.87 7.89
C LEU A 650 -50.78 24.72 6.42
N GLN A 651 -51.45 25.48 5.57
CA GLN A 651 -51.27 25.37 4.13
C GLN A 651 -51.25 26.75 3.51
N LEU A 652 -50.61 26.84 2.33
CA LEU A 652 -50.68 28.02 1.49
C LEU A 652 -51.72 27.75 0.41
N ARG A 653 -52.74 28.59 0.36
CA ARG A 653 -53.92 28.34 -0.47
C ARG A 653 -54.12 29.46 -1.47
N ASP A 654 -54.52 29.08 -2.69
CA ASP A 654 -54.90 30.03 -3.73
C ASP A 654 -56.16 29.51 -4.40
N GLN A 655 -56.56 30.17 -5.50
CA GLN A 655 -57.69 29.68 -6.27
C GLN A 655 -57.39 28.35 -6.93
N SER A 656 -56.15 28.15 -7.38
CA SER A 656 -55.79 26.89 -8.03
C SER A 656 -55.90 25.72 -7.06
N GLY A 657 -55.46 25.90 -5.83
CA GLY A 657 -55.52 24.84 -4.85
C GLY A 657 -54.83 25.17 -3.54
N SER A 658 -54.17 24.18 -2.95
CA SER A 658 -53.48 24.35 -1.68
C SER A 658 -52.18 23.55 -1.72
N LEU A 659 -51.42 23.64 -0.62
CA LEU A 659 -50.12 22.98 -0.54
C LEU A 659 -49.65 22.89 0.90
N PRO A 660 -49.15 21.74 1.34
CA PRO A 660 -48.55 21.66 2.68
C PRO A 660 -47.33 22.56 2.77
N CYS A 661 -47.11 23.12 3.95
CA CYS A 661 -46.02 24.07 4.14
C CYS A 661 -45.52 24.00 5.58
N LEU A 662 -44.29 24.44 5.78
CA LEU A 662 -43.64 24.45 7.08
C LEU A 662 -43.05 25.84 7.33
N LEU A 663 -43.34 26.41 8.50
CA LEU A 663 -42.96 27.77 8.82
C LEU A 663 -42.05 27.79 10.05
N LEU A 664 -40.88 28.40 9.91
CA LEU A 664 -39.93 28.57 11.00
C LEU A 664 -39.44 30.01 11.04
N ALA A 665 -39.09 30.47 12.25
CA ALA A 665 -38.54 31.80 12.44
C ALA A 665 -37.01 31.74 12.45
N LYS A 666 -36.37 32.87 12.76
CA LYS A 666 -34.93 33.01 12.66
C LYS A 666 -34.20 32.21 13.73
N HIS A 667 -33.01 31.71 13.37
CA HIS A 667 -32.07 31.07 14.30
C HIS A 667 -32.75 30.03 15.19
N SER A 668 -33.39 29.06 14.54
CA SER A 668 -33.96 27.89 15.20
C SER A 668 -34.95 28.29 16.30
N GLN A 669 -35.75 29.30 16.03
CA GLN A 669 -36.81 29.70 16.93
C GLN A 669 -38.15 29.35 16.31
N PRO A 670 -38.99 28.59 16.99
CA PRO A 670 -40.26 28.16 16.39
C PRO A 670 -41.20 29.33 16.14
N LEU A 671 -42.01 29.20 15.09
CA LEU A 671 -43.03 30.19 14.81
C LEU A 671 -44.07 30.18 15.93
N SER A 672 -44.39 31.37 16.44
CA SER A 672 -45.24 31.45 17.63
C SER A 672 -46.44 32.37 17.41
N ASP A 673 -46.25 33.42 16.63
CA ASP A 673 -47.28 34.45 16.48
C ASP A 673 -48.50 33.89 15.78
N PRO A 674 -49.68 33.95 16.39
CA PRO A 674 -50.93 33.59 15.68
C PRO A 674 -51.56 34.73 14.91
N ARG A 675 -50.91 35.90 14.86
CA ARG A 675 -51.45 37.02 14.09
C ARG A 675 -51.41 36.72 12.59
N LEU A 676 -50.44 35.93 12.14
CA LEU A 676 -50.24 35.66 10.71
C LEU A 676 -51.29 34.75 10.11
N ILE A 677 -52.35 34.37 10.83
CA ILE A 677 -53.39 33.54 10.24
C ILE A 677 -54.18 34.35 9.22
N GLY A 678 -54.42 33.74 8.06
CA GLY A 678 -55.18 34.39 7.01
C GLY A 678 -54.51 35.61 6.42
N CYS A 679 -53.21 35.50 6.12
CA CYS A 679 -52.47 36.62 5.54
C CYS A 679 -51.75 36.19 4.27
N LEU A 680 -50.93 37.09 3.73
CA LEU A 680 -50.18 36.83 2.50
C LEU A 680 -48.69 36.85 2.80
N VAL A 681 -47.97 35.90 2.19
CA VAL A 681 -46.53 35.76 2.38
C VAL A 681 -45.86 35.66 1.02
N ARG A 682 -44.72 36.32 0.88
CA ARG A 682 -43.91 36.24 -0.33
C ARG A 682 -42.49 35.86 0.06
N ALA A 683 -41.93 34.87 -0.62
CA ALA A 683 -40.59 34.39 -0.33
C ALA A 683 -39.80 34.24 -1.62
N GLU A 684 -38.48 34.35 -1.51
CA GLU A 684 -37.59 34.27 -2.66
C GLU A 684 -36.59 33.13 -2.57
N ARG A 685 -36.26 32.66 -1.37
CA ARG A 685 -35.32 31.55 -1.18
C ARG A 685 -36.03 30.50 -0.33
N PHE A 686 -36.76 29.61 -0.98
CA PHE A 686 -37.47 28.54 -0.32
C PHE A 686 -37.09 27.20 -0.93
N GLN A 687 -36.84 26.21 -0.09
CA GLN A 687 -36.46 24.89 -0.55
C GLN A 687 -37.70 24.04 -0.81
N LEU A 688 -37.59 23.15 -1.79
CA LEU A 688 -38.65 22.22 -2.15
C LEU A 688 -38.18 20.81 -1.87
N ILE A 689 -39.01 20.03 -1.17
CA ILE A 689 -38.65 18.68 -0.76
C ILE A 689 -39.73 17.72 -1.26
N VAL A 690 -39.31 16.65 -1.92
CA VAL A 690 -40.20 15.58 -2.36
C VAL A 690 -39.72 14.27 -1.76
N GLU A 691 -40.61 13.54 -1.11
CA GLU A 691 -40.29 12.28 -0.46
C GLU A 691 -40.84 11.13 -1.29
N ARG A 692 -39.99 10.15 -1.56
CA ARG A 692 -40.34 9.00 -2.39
C ARG A 692 -40.49 7.77 -1.51
N ASP A 693 -41.61 7.06 -1.67
CA ASP A 693 -41.83 5.78 -1.03
C ASP A 693 -42.07 4.74 -2.10
N VAL A 694 -41.30 3.66 -2.07
CA VAL A 694 -41.38 2.59 -3.07
C VAL A 694 -41.43 1.25 -2.35
N ARG A 695 -42.32 0.37 -2.78
CA ARG A 695 -42.41 -1.00 -2.29
C ARG A 695 -42.04 -1.92 -3.44
N SER A 696 -40.81 -2.43 -3.42
CA SER A 696 -40.27 -3.22 -4.52
C SER A 696 -40.03 -4.66 -4.07
N SER A 697 -39.87 -5.53 -5.07
CA SER A 697 -39.61 -6.94 -4.84
C SER A 697 -38.48 -7.42 -5.75
N PHE A 698 -37.40 -6.65 -5.78
CA PHE A 698 -36.27 -6.96 -6.65
C PHE A 698 -35.61 -8.27 -6.21
N PRO A 699 -35.43 -9.23 -7.11
CA PRO A 699 -34.83 -10.50 -6.72
C PRO A 699 -33.36 -10.40 -6.34
N SER A 700 -32.56 -9.77 -7.18
CA SER A 700 -31.12 -9.67 -6.94
C SER A 700 -30.60 -8.39 -7.58
N TRP A 701 -29.27 -8.24 -7.58
CA TRP A 701 -28.65 -7.02 -8.08
C TRP A 701 -28.68 -6.95 -9.60
N LYS A 702 -28.70 -8.09 -10.28
CA LYS A 702 -28.61 -8.09 -11.74
C LYS A 702 -29.84 -7.48 -12.38
N GLU A 703 -31.02 -7.67 -11.78
CA GLU A 703 -32.28 -7.22 -12.37
C GLU A 703 -32.56 -5.75 -12.15
N LEU A 704 -31.55 -4.95 -11.79
CA LEU A 704 -31.74 -3.52 -11.63
C LEU A 704 -32.05 -2.81 -12.94
N SER A 705 -31.84 -3.48 -14.08
CA SER A 705 -32.04 -2.83 -15.38
C SER A 705 -33.51 -2.79 -15.76
N MET A 706 -34.15 -3.95 -15.86
CA MET A 706 -35.52 -4.01 -16.34
C MET A 706 -36.47 -3.36 -15.34
N PRO A 707 -37.51 -2.69 -15.80
CA PRO A 707 -38.39 -1.91 -14.91
C PRO A 707 -39.64 -2.63 -14.43
N GLY A 708 -39.76 -3.94 -14.65
CA GLY A 708 -41.00 -4.63 -14.34
C GLY A 708 -41.13 -5.13 -12.91
N PHE A 709 -40.28 -4.65 -12.01
CA PHE A 709 -40.28 -5.08 -10.62
C PHE A 709 -40.59 -3.92 -9.68
N ILE A 710 -41.61 -3.13 -10.03
CA ILE A 710 -42.09 -2.06 -9.18
C ILE A 710 -43.59 -2.23 -9.00
N GLN A 711 -44.05 -2.18 -7.75
CA GLN A 711 -45.45 -2.45 -7.43
C GLN A 711 -46.20 -1.22 -6.92
N LYS A 712 -45.69 -0.56 -5.89
CA LYS A 712 -46.38 0.56 -5.28
C LYS A 712 -45.54 1.82 -5.39
N GLN A 713 -46.21 2.95 -5.60
CA GLN A 713 -45.55 4.25 -5.72
C GLN A 713 -46.32 5.27 -4.89
N GLN A 714 -45.61 6.33 -4.51
CA GLN A 714 -46.20 7.37 -3.68
C GLN A 714 -45.35 8.63 -3.80
N ALA A 715 -45.90 9.74 -3.33
CA ALA A 715 -45.20 11.02 -3.34
C ALA A 715 -45.68 11.88 -2.18
N ARG A 716 -44.83 12.83 -1.79
CA ARG A 716 -45.17 13.77 -0.73
C ARG A 716 -44.35 15.02 -0.92
N VAL A 717 -45.02 16.17 -0.95
CA VAL A 717 -44.39 17.45 -1.28
C VAL A 717 -44.72 18.46 -0.18
N TYR A 718 -43.70 19.22 0.24
CA TYR A 718 -43.90 20.33 1.15
C TYR A 718 -42.85 21.39 0.88
N VAL A 719 -42.98 22.54 1.54
CA VAL A 719 -42.15 23.70 1.30
C VAL A 719 -41.61 24.22 2.62
N GLN A 720 -40.32 24.56 2.65
CA GLN A 720 -39.66 25.12 3.82
C GLN A 720 -38.96 26.41 3.44
N PHE A 721 -38.96 27.38 4.37
CA PHE A 721 -38.25 28.63 4.19
C PHE A 721 -38.22 29.39 5.50
N PHE A 722 -37.10 30.06 5.76
CA PHE A 722 -37.01 30.92 6.93
C PHE A 722 -37.94 32.12 6.76
N LEU A 723 -38.65 32.46 7.83
CA LEU A 723 -39.61 33.57 7.76
C LEU A 723 -38.91 34.91 7.61
N ALA A 724 -37.73 35.07 8.23
CA ALA A 724 -37.05 36.35 8.18
C ALA A 724 -36.68 36.74 6.75
N ASP A 725 -36.21 35.77 5.96
CA ASP A 725 -35.85 36.06 4.58
C ASP A 725 -37.07 36.38 3.73
N ALA A 726 -38.25 35.93 4.12
CA ALA A 726 -39.47 36.20 3.37
C ALA A 726 -40.03 37.56 3.75
N LEU A 727 -41.20 37.89 3.19
CA LEU A 727 -41.87 39.15 3.45
C LEU A 727 -43.32 38.87 3.81
N ILE A 728 -43.79 39.50 4.89
CA ILE A 728 -45.18 39.39 5.32
C ILE A 728 -45.97 40.57 4.76
N LEU A 729 -47.16 40.29 4.24
CA LEU A 729 -48.03 41.31 3.67
C LEU A 729 -49.45 41.08 4.17
N PRO A 730 -50.00 41.99 4.97
CA PRO A 730 -51.37 41.77 5.48
C PRO A 730 -52.40 41.90 4.37
N VAL A 731 -53.51 41.21 4.57
CA VAL A 731 -54.62 41.24 3.61
C VAL A 731 -55.47 42.47 3.91
N PRO A 732 -55.59 43.41 2.99
CA PRO A 732 -56.39 44.64 3.23
C PRO A 732 -57.86 44.46 2.85
N ARG A 733 -58.55 43.62 3.60
CA ARG A 733 -59.96 43.36 3.33
C ARG A 733 -60.79 44.52 3.87
N PRO A 734 -61.56 45.22 3.01
CA PRO A 734 -62.39 46.34 3.45
C PRO A 734 -63.63 45.89 4.22
N GLY A 757 -65.26 40.79 26.78
CA GLY A 757 -63.84 41.04 26.94
C GLY A 757 -63.27 40.42 28.21
N GLN A 758 -62.87 39.15 28.11
CA GLN A 758 -62.32 38.41 29.24
C GLN A 758 -61.06 37.69 28.79
N SER A 759 -59.97 37.84 29.55
CA SER A 759 -58.70 37.22 29.20
C SER A 759 -57.96 36.83 30.46
N ARG A 760 -57.01 35.90 30.30
CA ARG A 760 -56.18 35.45 31.40
C ARG A 760 -54.81 35.05 30.85
N LEU A 761 -53.79 35.14 31.70
CA LEU A 761 -52.43 34.85 31.32
C LEU A 761 -52.00 33.52 31.93
N PHE A 762 -51.44 32.64 31.10
CA PHE A 762 -50.87 31.38 31.57
C PHE A 762 -49.68 31.02 30.70
N LEU A 763 -48.72 30.32 31.31
CA LEU A 763 -47.48 29.95 30.64
C LEU A 763 -47.50 28.47 30.30
N LEU A 764 -47.22 28.16 29.04
CA LEU A 764 -47.17 26.77 28.60
C LEU A 764 -45.91 26.11 29.12
N CYS A 765 -46.03 24.84 29.51
CA CYS A 765 -44.91 24.06 30.02
C CYS A 765 -44.60 22.83 29.18
N HIS A 766 -45.63 22.11 28.73
CA HIS A 766 -45.42 20.92 27.91
C HIS A 766 -46.67 20.70 27.07
N LYS A 767 -46.46 20.17 25.86
CA LYS A 767 -47.54 19.93 24.91
C LYS A 767 -47.58 18.47 24.53
N GLU A 768 -48.78 17.89 24.54
CA GLU A 768 -48.98 16.52 24.10
C GLU A 768 -49.19 16.47 22.60
N ALA A 769 -48.86 15.32 22.01
CA ALA A 769 -48.95 15.16 20.56
C ALA A 769 -50.40 15.07 20.12
N LEU A 770 -50.59 15.05 18.80
CA LEU A 770 -51.91 14.96 18.18
C LEU A 770 -52.14 13.54 17.68
N MET A 771 -53.23 12.93 18.12
CA MET A 771 -53.57 11.58 17.72
C MET A 771 -55.07 11.37 17.92
N LYS A 772 -55.51 10.14 17.67
CA LYS A 772 -56.90 9.76 17.87
C LYS A 772 -57.13 9.52 19.35
N ARG A 773 -58.18 10.13 19.91
CA ARG A 773 -58.44 10.07 21.34
C ARG A 773 -59.90 9.76 21.62
N ASN A 774 -60.14 9.15 22.78
CA ASN A 774 -61.47 8.79 23.23
C ASN A 774 -61.81 9.57 24.50
N PHE A 775 -62.96 10.23 24.49
CA PHE A 775 -63.42 10.99 25.64
C PHE A 775 -64.08 10.07 26.66
N CYS A 776 -64.74 10.64 27.65
CA CYS A 776 -65.41 9.89 28.70
C CYS A 776 -66.89 10.27 28.76
N VAL A 777 -67.60 9.65 29.69
CA VAL A 777 -69.05 9.88 29.82
C VAL A 777 -69.29 11.29 30.32
N PRO A 778 -70.11 12.10 29.63
CA PRO A 778 -70.39 13.44 30.12
C PRO A 778 -71.17 13.40 31.42
N PRO A 779 -70.99 14.38 32.30
CA PRO A 779 -71.72 14.38 33.58
C PRO A 779 -73.18 14.74 33.37
N GLY A 780 -74.07 13.80 33.70
CA GLY A 780 -75.50 14.04 33.62
C GLY A 780 -76.10 13.87 32.25
N ALA A 781 -75.34 13.45 31.26
CA ALA A 781 -75.83 13.27 29.90
C ALA A 781 -76.12 11.80 29.63
N SER A 782 -76.45 11.48 28.39
CA SER A 782 -76.78 10.12 28.03
C SER A 782 -75.53 9.23 28.14
N PRO A 783 -75.70 7.97 28.56
CA PRO A 783 -74.53 7.07 28.69
C PRO A 783 -74.17 6.41 27.37
N GLU A 784 -73.60 7.21 26.47
CA GLU A 784 -73.17 6.74 25.16
C GLU A 784 -71.65 6.82 25.08
N VAL A 785 -71.04 5.81 24.45
CA VAL A 785 -69.59 5.72 24.34
C VAL A 785 -69.09 6.87 23.45
N PRO A 786 -68.18 7.70 23.95
CA PRO A 786 -67.62 8.76 23.11
C PRO A 786 -66.89 8.17 21.91
N LYS A 787 -67.06 8.82 20.76
CA LYS A 787 -66.42 8.36 19.55
C LYS A 787 -64.94 8.73 19.54
N PRO A 788 -64.10 7.91 18.91
CA PRO A 788 -62.68 8.29 18.76
C PRO A 788 -62.52 9.47 17.82
N ALA A 789 -62.08 10.61 18.34
CA ALA A 789 -61.89 11.81 17.56
C ALA A 789 -60.48 12.35 17.80
N LEU A 790 -59.87 12.84 16.72
CA LEU A 790 -58.55 13.45 16.83
C LEU A 790 -58.62 14.67 17.76
N SER A 791 -57.68 14.75 18.69
CA SER A 791 -57.64 15.81 19.69
C SER A 791 -56.35 15.69 20.47
N PHE A 792 -56.14 16.63 21.39
CA PHE A 792 -54.98 16.64 22.26
C PHE A 792 -55.28 17.54 23.45
N TYR A 793 -54.26 17.76 24.29
CA TYR A 793 -54.41 18.64 25.43
C TYR A 793 -53.04 19.18 25.82
N VAL A 794 -53.06 20.24 26.63
CA VAL A 794 -51.86 20.93 27.05
C VAL A 794 -51.92 21.14 28.56
N LEU A 795 -50.75 21.35 29.15
CA LEU A 795 -50.62 21.66 30.57
C LEU A 795 -49.82 22.95 30.73
N GLY A 796 -50.24 23.79 31.66
CA GLY A 796 -49.59 25.08 31.85
C GLY A 796 -49.92 25.67 33.20
N SER A 797 -49.23 26.75 33.51
CA SER A 797 -49.36 27.45 34.79
C SER A 797 -49.83 28.88 34.57
N TRP A 798 -50.78 29.32 35.38
CA TRP A 798 -51.32 30.67 35.25
C TRP A 798 -50.30 31.71 35.73
N LEU A 799 -50.59 32.97 35.38
CA LEU A 799 -49.78 34.09 35.80
C LEU A 799 -50.56 35.16 36.55
N GLY A 800 -51.88 35.06 36.61
CA GLY A 800 -52.68 36.06 37.29
C GLY A 800 -54.14 35.64 37.32
N GLY A 801 -54.96 36.52 37.88
CA GLY A 801 -56.37 36.27 38.04
C GLY A 801 -57.20 36.71 36.85
N THR A 802 -58.50 36.86 37.10
CA THR A 802 -59.42 37.29 36.07
C THR A 802 -59.10 38.72 35.63
N GLN A 803 -59.12 38.95 34.32
CA GLN A 803 -58.75 40.23 33.73
C GLN A 803 -59.88 40.73 32.83
N ARG A 804 -60.10 42.04 32.86
CA ARG A 804 -61.15 42.68 32.08
C ARG A 804 -60.55 43.64 31.05
N LYS A 805 -61.20 43.71 29.89
CA LYS A 805 -60.76 44.63 28.85
C LYS A 805 -60.99 46.08 29.26
N GLU A 806 -60.05 46.95 28.90
CA GLU A 806 -60.16 48.38 29.18
C GLU A 806 -59.56 49.14 28.01
N GLY A 807 -60.42 49.78 27.21
CA GLY A 807 -59.96 50.52 26.06
C GLY A 807 -59.25 49.62 25.06
N THR A 808 -58.13 50.12 24.53
CA THR A 808 -57.34 49.32 23.60
C THR A 808 -56.77 48.08 24.29
N GLY A 809 -56.27 48.24 25.50
CA GLY A 809 -55.69 47.15 26.26
C GLY A 809 -56.70 46.47 27.17
N TRP A 810 -56.19 45.96 28.29
CA TRP A 810 -57.00 45.26 29.26
C TRP A 810 -56.78 45.87 30.64
N GLY A 811 -57.84 45.90 31.44
CA GLY A 811 -57.77 46.46 32.77
C GLY A 811 -56.92 45.64 33.71
N LEU A 812 -56.74 46.17 34.90
CA LEU A 812 -55.92 45.50 35.90
C LEU A 812 -56.58 44.20 36.33
N PRO A 813 -55.89 43.06 36.24
CA PRO A 813 -56.51 41.78 36.59
C PRO A 813 -56.79 41.68 38.08
N GLU A 814 -57.81 40.88 38.41
CA GLU A 814 -58.11 40.62 39.81
C GLU A 814 -56.98 39.79 40.43
N PRO A 815 -56.70 39.99 41.72
CA PRO A 815 -55.63 39.22 42.37
C PRO A 815 -55.93 37.72 42.34
N GLN A 816 -54.88 36.94 42.15
CA GLN A 816 -55.02 35.49 42.12
C GLN A 816 -55.30 34.95 43.51
N GLY A 817 -56.28 34.06 43.61
CA GLY A 817 -56.62 33.44 44.87
C GLY A 817 -55.47 32.66 45.48
N ASN A 818 -55.20 32.90 46.77
CA ASN A 818 -54.12 32.20 47.47
C ASN A 818 -54.62 30.81 47.89
N ASP A 819 -54.81 29.96 46.88
CA ASP A 819 -55.38 28.64 47.08
C ASP A 819 -54.27 27.59 47.18
N ASP A 820 -54.55 26.54 47.96
CA ASP A 820 -53.59 25.45 48.11
C ASP A 820 -53.44 24.63 46.83
N ASN A 821 -54.42 24.69 45.93
CA ASN A 821 -54.33 23.96 44.68
C ASN A 821 -53.19 24.51 43.82
N ASP A 822 -52.46 23.61 43.19
CA ASP A 822 -51.37 24.01 42.31
C ASP A 822 -51.91 24.82 41.14
N GLN A 823 -51.21 25.90 40.80
CA GLN A 823 -51.62 26.77 39.69
C GLN A 823 -51.29 26.09 38.37
N LYS A 824 -51.99 24.99 38.11
CA LYS A 824 -51.83 24.20 36.90
C LYS A 824 -53.20 23.95 36.28
N VAL A 825 -53.26 24.01 34.96
CA VAL A 825 -54.51 23.83 34.24
C VAL A 825 -54.27 22.91 33.04
N HIS A 826 -55.34 22.22 32.62
CA HIS A 826 -55.31 21.36 31.45
C HIS A 826 -56.40 21.81 30.49
N LEU A 827 -56.03 22.03 29.23
CA LEU A 827 -56.94 22.52 28.21
C LEU A 827 -57.10 21.46 27.14
N ILE A 828 -58.31 20.91 27.03
CA ILE A 828 -58.62 19.93 25.99
C ILE A 828 -58.98 20.69 24.72
N PHE A 829 -58.29 20.36 23.63
CA PHE A 829 -58.55 20.97 22.34
C PHE A 829 -59.18 19.93 21.42
N PHE A 830 -60.36 20.23 20.89
CA PHE A 830 -61.08 19.29 20.04
C PHE A 830 -62.07 20.07 19.20
N GLY A 831 -62.87 19.35 18.43
CA GLY A 831 -63.79 20.00 17.51
C GLY A 831 -63.03 20.69 16.39
N SER A 832 -63.37 21.96 16.15
CA SER A 832 -62.69 22.76 15.14
C SER A 832 -61.52 23.54 15.70
N SER A 833 -61.20 23.38 16.99
CA SER A 833 -60.11 24.10 17.62
C SER A 833 -58.76 23.43 17.41
N VAL A 834 -58.72 22.30 16.71
CA VAL A 834 -57.46 21.60 16.47
C VAL A 834 -56.51 22.43 15.64
N ARG A 835 -57.01 23.42 14.91
CA ARG A 835 -56.18 24.22 14.02
C ARG A 835 -55.15 25.06 14.77
N TRP A 836 -55.27 25.20 16.09
CA TRP A 836 -54.34 25.98 16.88
C TRP A 836 -53.12 25.20 17.33
N PHE A 837 -53.00 23.93 16.93
CA PHE A 837 -51.95 23.07 17.45
C PHE A 837 -50.55 23.59 17.09
N GLU A 838 -50.40 24.12 15.88
CA GLU A 838 -49.07 24.48 15.39
C GLU A 838 -48.52 25.76 16.03
N PHE A 839 -49.32 26.47 16.83
CA PHE A 839 -48.89 27.73 17.44
C PHE A 839 -48.72 27.61 18.96
N LEU A 840 -48.38 26.42 19.44
CA LEU A 840 -48.14 26.19 20.87
C LEU A 840 -46.75 25.59 21.04
N HIS A 841 -45.92 26.25 21.84
CA HIS A 841 -44.58 25.78 22.12
C HIS A 841 -44.22 26.13 23.56
N PRO A 842 -43.36 25.35 24.20
CA PRO A 842 -43.03 25.62 25.61
C PRO A 842 -42.30 26.95 25.76
N GLY A 843 -42.51 27.59 26.91
CA GLY A 843 -41.81 28.80 27.27
C GLY A 843 -42.34 30.08 26.65
N GLN A 844 -43.46 30.02 25.94
CA GLN A 844 -44.05 31.19 25.32
C GLN A 844 -45.28 31.64 26.10
N VAL A 845 -45.43 32.96 26.24
CA VAL A 845 -46.54 33.51 27.00
C VAL A 845 -47.79 33.55 26.11
N TYR A 846 -48.83 32.85 26.54
CA TYR A 846 -50.07 32.75 25.79
C TYR A 846 -51.22 33.32 26.63
N ARG A 847 -52.01 34.19 26.03
CA ARG A 847 -53.21 34.73 26.64
C ARG A 847 -54.40 34.48 25.72
N LEU A 848 -55.42 33.79 26.26
CA LEU A 848 -56.64 33.53 25.52
C LEU A 848 -57.63 34.67 25.78
N VAL A 849 -58.78 34.61 25.10
CA VAL A 849 -59.81 35.62 25.26
C VAL A 849 -61.18 34.96 25.08
N ALA A 850 -62.11 35.31 25.96
CA ALA A 850 -63.48 34.84 25.85
C ALA A 850 -64.37 36.00 25.40
N PRO A 851 -64.87 36.00 24.17
CA PRO A 851 -65.69 37.12 23.71
C PRO A 851 -67.00 37.23 24.48
N GLY A 852 -67.48 38.46 24.61
CA GLY A 852 -68.72 38.73 25.30
C GLY A 852 -68.50 39.21 26.71
N PRO A 853 -69.54 39.14 27.54
CA PRO A 853 -69.42 39.58 28.93
C PRO A 853 -68.48 38.68 29.72
N ALA A 854 -67.86 39.28 30.74
CA ALA A 854 -66.92 38.55 31.61
C ALA A 854 -67.72 37.80 32.66
N THR A 855 -68.28 36.67 32.25
CA THR A 855 -69.07 35.85 33.16
C THR A 855 -68.15 35.24 34.22
N PRO A 856 -68.48 35.38 35.50
CA PRO A 856 -67.62 34.82 36.55
C PRO A 856 -67.57 33.30 36.50
N MET A 857 -66.48 32.76 37.03
CA MET A 857 -66.20 31.32 37.05
C MET A 857 -66.18 30.78 35.61
N LEU A 858 -65.21 31.26 34.84
CA LEU A 858 -65.03 30.85 33.46
C LEU A 858 -63.61 30.42 33.11
N PHE A 859 -62.61 30.79 33.90
CA PHE A 859 -61.23 30.43 33.63
C PHE A 859 -60.59 29.60 34.73
N GLU A 860 -61.40 29.02 35.62
CA GLU A 860 -60.90 28.22 36.72
C GLU A 860 -61.05 26.71 36.49
N LYS A 861 -62.27 26.26 36.20
CA LYS A 861 -62.52 24.83 36.02
C LYS A 861 -63.65 24.66 35.02
N ASP A 862 -63.76 23.44 34.50
CA ASP A 862 -64.89 23.09 33.64
C ASP A 862 -66.20 23.19 34.40
N GLY A 863 -67.22 23.68 33.72
CA GLY A 863 -68.58 23.62 34.24
C GLY A 863 -69.18 22.24 34.04
N SER A 864 -69.55 21.58 35.14
CA SER A 864 -70.10 20.23 35.05
C SER A 864 -71.41 20.21 34.28
N SER A 865 -72.21 21.27 34.43
CA SER A 865 -73.48 21.35 33.71
C SER A 865 -73.29 21.40 32.21
N CYS A 866 -72.30 22.16 31.74
CA CYS A 866 -72.07 22.33 30.32
C CYS A 866 -71.33 21.12 29.76
N ILE A 867 -70.85 21.22 28.53
CA ILE A 867 -70.15 20.10 27.89
C ILE A 867 -68.80 19.94 28.57
N SER A 868 -68.68 18.90 29.40
CA SER A 868 -67.43 18.58 30.10
C SER A 868 -67.07 17.14 29.78
N ARG A 869 -66.38 16.95 28.66
CA ARG A 869 -65.94 15.64 28.22
C ARG A 869 -64.41 15.62 28.20
N ARG A 870 -63.82 14.65 28.87
CA ARG A 870 -62.38 14.53 28.98
C ARG A 870 -61.94 13.14 28.55
N PRO A 871 -60.70 13.00 28.08
CA PRO A 871 -60.20 11.67 27.72
C PRO A 871 -60.11 10.76 28.93
N LEU A 872 -59.85 9.48 28.66
CA LEU A 872 -59.73 8.49 29.73
C LEU A 872 -58.56 8.78 30.66
N GLU A 873 -57.56 9.51 30.18
CA GLU A 873 -56.38 9.83 30.98
C GLU A 873 -56.48 11.18 31.68
N LEU A 874 -57.60 11.89 31.52
CA LEU A 874 -57.75 13.22 32.08
C LEU A 874 -59.10 13.45 32.73
N ALA A 875 -60.00 12.46 32.71
CA ALA A 875 -61.33 12.65 33.29
C ALA A 875 -61.25 12.90 34.80
N GLY A 876 -60.40 12.16 35.49
CA GLY A 876 -60.28 12.30 36.93
C GLY A 876 -59.43 13.46 37.41
N CYS A 877 -58.88 14.25 36.50
CA CYS A 877 -58.07 15.40 36.90
C CYS A 877 -58.92 16.46 37.57
N ALA A 878 -58.34 17.11 38.58
CA ALA A 878 -59.02 18.17 39.31
C ALA A 878 -58.77 19.56 38.71
N SER A 879 -58.06 19.64 37.59
CA SER A 879 -57.74 20.92 36.96
C SER A 879 -57.87 20.75 35.45
N CYS A 880 -59.03 21.11 34.91
CA CYS A 880 -59.29 21.04 33.48
C CYS A 880 -60.07 22.28 33.04
N LEU A 881 -59.82 22.69 31.80
CA LEU A 881 -60.52 23.86 31.24
C LEU A 881 -60.65 23.64 29.73
N THR A 882 -61.82 23.15 29.31
CA THR A 882 -62.06 22.92 27.89
C THR A 882 -62.28 24.25 27.18
N VAL A 883 -61.59 24.44 26.05
CA VAL A 883 -61.69 25.69 25.30
C VAL A 883 -63.03 25.72 24.55
N GLN A 884 -63.49 26.92 24.24
CA GLN A 884 -64.69 27.14 23.47
C GLN A 884 -64.34 27.66 22.08
N ASP A 885 -65.22 27.38 21.12
CA ASP A 885 -64.93 27.74 19.73
C ASP A 885 -64.81 29.25 19.55
N ASN A 886 -65.69 30.03 20.18
CA ASN A 886 -65.63 31.47 20.05
C ASN A 886 -64.38 32.06 20.68
N TRP A 887 -63.70 31.32 21.54
CA TRP A 887 -62.46 31.80 22.13
C TRP A 887 -61.33 31.76 21.11
N THR A 888 -60.42 32.73 21.22
CA THR A 888 -59.23 32.78 20.39
C THR A 888 -58.02 33.01 21.29
N LEU A 889 -56.83 32.81 20.72
CA LEU A 889 -55.58 32.88 21.46
C LEU A 889 -54.62 33.82 20.73
N GLU A 890 -53.93 34.66 21.50
CA GLU A 890 -52.95 35.59 20.96
C GLU A 890 -51.66 35.49 21.75
N LEU A 891 -50.57 35.93 21.10
CA LEU A 891 -49.25 35.96 21.72
C LEU A 891 -48.96 37.35 22.25
N GLU A 892 -48.46 37.40 23.48
CA GLU A 892 -48.23 38.67 24.16
C GLU A 892 -46.97 39.34 23.63
N SER A 893 -46.65 40.50 24.20
CA SER A 893 -45.47 41.27 23.80
C SER A 893 -44.27 40.88 24.66
N SER A 894 -43.08 41.07 24.09
CA SER A 894 -41.86 40.66 24.76
C SER A 894 -41.50 41.60 25.91
N GLN A 895 -41.63 42.91 25.69
CA GLN A 895 -41.17 43.87 26.70
C GLN A 895 -42.03 43.83 27.95
N ASP A 896 -43.35 43.69 27.79
CA ASP A 896 -44.26 43.75 28.94
C ASP A 896 -44.00 42.61 29.92
N ILE A 897 -43.75 41.40 29.40
CA ILE A 897 -43.66 40.21 30.24
C ILE A 897 -42.24 39.67 30.13
N GLN A 898 -41.27 40.57 30.00
CA GLN A 898 -39.88 40.16 29.87
C GLN A 898 -39.39 39.42 31.11
N ASP A 899 -39.99 39.68 32.27
CA ASP A 899 -39.58 38.99 33.49
C ASP A 899 -39.82 37.49 33.39
N VAL A 900 -41.00 37.09 32.92
CA VAL A 900 -41.30 35.67 32.75
C VAL A 900 -40.46 35.08 31.63
N LEU A 901 -40.24 35.86 30.56
CA LEU A 901 -39.48 35.39 29.41
C LEU A 901 -38.01 35.13 29.73
N ASP A 902 -37.53 35.57 30.89
CA ASP A 902 -36.15 35.30 31.27
C ASP A 902 -35.86 33.81 31.41
N ALA A 903 -36.89 32.99 31.63
CA ALA A 903 -36.74 31.56 31.77
C ALA A 903 -36.82 30.82 30.43
N ASN A 904 -36.59 31.52 29.32
CA ASN A 904 -36.59 30.90 28.01
C ASN A 904 -35.22 30.40 27.61
N LYS A 905 -34.61 29.60 28.48
CA LYS A 905 -33.32 28.98 28.21
C LYS A 905 -33.54 27.74 27.35
N SER A 906 -32.49 26.92 27.23
CA SER A 906 -32.61 25.67 26.49
C SER A 906 -33.65 24.77 27.15
N LEU A 907 -34.36 24.01 26.32
CA LEU A 907 -35.42 23.16 26.82
C LEU A 907 -34.86 22.07 27.72
N PRO A 908 -35.61 21.63 28.72
CA PRO A 908 -35.07 20.66 29.69
C PRO A 908 -34.69 19.35 29.01
N GLU A 909 -33.63 18.74 29.54
CA GLU A 909 -33.10 17.49 28.99
C GLU A 909 -32.33 16.77 30.08
N SER A 910 -32.49 15.44 30.12
CA SER A 910 -31.83 14.64 31.13
C SER A 910 -30.35 14.47 30.80
N SER A 911 -29.56 14.22 31.84
CA SER A 911 -28.12 14.09 31.68
C SER A 911 -27.77 12.84 30.88
N LEU A 912 -26.54 12.83 30.35
CA LEU A 912 -26.08 11.67 29.60
C LEU A 912 -26.04 10.43 30.48
N THR A 913 -25.64 10.58 31.74
CA THR A 913 -25.65 9.45 32.67
C THR A 913 -27.06 8.92 32.86
N ASP A 914 -28.03 9.82 33.06
CA ASP A 914 -29.41 9.38 33.25
C ASP A 914 -29.96 8.68 32.03
N LEU A 915 -29.65 9.19 30.83
CA LEU A 915 -30.12 8.56 29.61
C LEU A 915 -29.42 7.24 29.34
N LEU A 916 -28.17 7.09 29.79
CA LEU A 916 -27.38 5.91 29.49
C LEU A 916 -27.15 5.00 30.69
N SER A 917 -27.62 5.36 31.87
CA SER A 917 -27.60 4.42 32.98
C SER A 917 -28.49 3.23 32.65
N ASP A 918 -28.18 2.08 33.24
CA ASP A 918 -28.89 0.88 32.84
C ASP A 918 -30.32 0.91 33.36
N ASN A 919 -30.48 0.83 34.68
CA ASN A 919 -31.77 0.72 35.35
C ASN A 919 -32.82 0.08 34.45
N PHE A 920 -34.00 0.71 34.41
CA PHE A 920 -35.11 0.48 33.50
C PHE A 920 -36.32 1.13 34.18
N THR A 921 -36.11 1.60 35.41
CA THR A 921 -37.03 2.52 36.04
C THR A 921 -37.24 3.74 35.15
N ASP A 922 -38.50 4.15 35.00
CA ASP A 922 -38.88 5.37 34.31
C ASP A 922 -38.65 5.27 32.80
N SER A 923 -39.55 5.88 32.02
CA SER A 923 -39.44 5.85 30.56
C SER A 923 -39.70 7.25 29.99
N LEU A 924 -39.09 8.27 30.60
CA LEU A 924 -39.21 9.64 30.14
C LEU A 924 -37.81 10.22 29.97
N VAL A 925 -37.45 10.54 28.72
CA VAL A 925 -36.14 11.11 28.41
C VAL A 925 -36.33 12.28 27.46
N SER A 926 -35.29 13.11 27.37
CA SER A 926 -35.32 14.26 26.48
C SER A 926 -33.89 14.63 26.12
N PHE A 927 -33.72 15.14 24.89
CA PHE A 927 -32.41 15.53 24.38
C PHE A 927 -32.63 16.39 23.13
N SER A 928 -31.54 16.69 22.43
CA SER A 928 -31.60 17.42 21.17
C SER A 928 -30.46 16.91 20.30
N ALA A 929 -30.79 16.15 19.26
CA ALA A 929 -29.81 15.44 18.45
C ALA A 929 -29.84 15.95 17.01
N GLU A 930 -29.00 15.34 16.17
CA GLU A 930 -28.93 15.63 14.75
C GLU A 930 -29.10 14.34 13.97
N ILE A 931 -30.06 14.32 13.04
CA ILE A 931 -30.36 13.10 12.30
C ILE A 931 -29.23 12.79 11.34
N LEU A 932 -28.81 11.52 11.31
CA LEU A 932 -27.77 11.05 10.39
C LEU A 932 -28.36 10.31 9.19
N SER A 933 -29.19 9.30 9.43
CA SER A 933 -29.77 8.51 8.36
C SER A 933 -31.18 8.09 8.73
N ARG A 934 -32.01 7.86 7.72
CA ARG A 934 -33.39 7.44 7.90
C ARG A 934 -33.67 6.24 7.01
N THR A 935 -34.39 5.26 7.55
CA THR A 935 -34.72 4.05 6.82
C THR A 935 -36.03 3.49 7.33
N LEU A 936 -36.88 3.06 6.40
CA LEU A 936 -38.19 2.52 6.74
C LEU A 936 -38.13 0.99 6.82
N CYS A 937 -38.94 0.43 7.71
CA CYS A 937 -38.98 -1.01 7.92
C CYS A 937 -40.38 -1.54 7.61
N GLU A 938 -40.44 -2.60 6.81
CA GLU A 938 -41.69 -3.26 6.45
C GLU A 938 -41.49 -4.77 6.52
N PRO A 939 -42.56 -5.53 6.79
CA PRO A 939 -42.46 -7.00 6.81
C PRO A 939 -42.22 -7.59 5.43
N ARG A 955 -45.22 -5.44 10.46
CA ARG A 955 -45.17 -4.27 11.33
C ARG A 955 -44.68 -3.05 10.58
N ARG A 956 -45.35 -1.92 10.77
CA ARG A 956 -44.97 -0.67 10.14
C ARG A 956 -44.08 0.12 11.09
N CYS A 957 -42.84 0.36 10.69
CA CYS A 957 -41.88 1.09 11.51
C CYS A 957 -40.99 1.93 10.63
N VAL A 958 -40.66 3.14 11.10
CA VAL A 958 -39.67 4.00 10.47
C VAL A 958 -38.55 4.22 11.46
N LYS A 959 -37.32 3.99 11.01
CA LYS A 959 -36.15 4.02 11.88
C LYS A 959 -35.37 5.31 11.70
N LEU A 960 -34.89 5.85 12.81
CA LEU A 960 -34.09 7.07 12.80
C LEU A 960 -32.81 6.83 13.58
N THR A 961 -31.68 7.19 12.98
CA THR A 961 -30.37 7.07 13.61
C THR A 961 -29.87 8.49 13.87
N VAL A 962 -29.82 8.89 15.14
CA VAL A 962 -29.45 10.25 15.50
C VAL A 962 -28.20 10.21 16.38
N ALA A 963 -27.45 11.30 16.33
CA ALA A 963 -26.27 11.50 17.16
C ALA A 963 -26.52 12.65 18.11
N LEU A 964 -26.27 12.42 19.39
CA LEU A 964 -26.53 13.43 20.40
C LEU A 964 -25.56 14.60 20.26
N GLU A 965 -25.74 15.61 21.11
CA GLU A 965 -24.81 16.72 21.20
C GLU A 965 -25.01 17.41 22.55
N THR A 966 -23.98 17.37 23.39
CA THR A 966 -24.05 17.92 24.73
C THR A 966 -22.67 18.44 25.13
N ALA A 967 -22.66 19.37 26.09
CA ALA A 967 -21.41 19.91 26.60
C ALA A 967 -20.73 18.97 27.59
N GLU A 968 -21.47 18.04 28.19
CA GLU A 968 -20.87 17.14 29.16
C GLU A 968 -19.82 16.24 28.54
N CYS A 969 -20.12 15.70 27.35
CA CYS A 969 -19.19 14.84 26.63
C CYS A 969 -18.97 15.40 25.24
N GLU A 970 -17.70 15.56 24.85
CA GLU A 970 -17.36 16.06 23.53
C GLU A 970 -17.34 14.98 22.47
N PHE A 971 -17.62 13.74 22.84
CA PHE A 971 -17.76 12.62 21.90
C PHE A 971 -19.13 11.99 22.14
N PRO A 972 -20.18 12.53 21.50
CA PRO A 972 -21.53 12.07 21.81
C PRO A 972 -21.74 10.64 21.32
N PRO A 973 -22.62 9.89 21.97
CA PRO A 973 -22.93 8.54 21.51
C PRO A 973 -24.11 8.51 20.56
N HIS A 974 -24.10 7.51 19.67
CA HIS A 974 -25.19 7.33 18.74
C HIS A 974 -26.39 6.70 19.44
N LEU A 975 -27.55 6.80 18.81
CA LEU A 975 -28.79 6.35 19.41
C LEU A 975 -29.83 6.14 18.32
N ASP A 976 -30.66 5.12 18.52
CA ASP A 976 -31.73 4.78 17.58
C ASP A 976 -33.07 5.20 18.17
N VAL A 977 -33.88 5.89 17.38
CA VAL A 977 -35.22 6.29 17.77
C VAL A 977 -36.20 5.60 16.84
N TYR A 978 -37.12 4.82 17.41
CA TYR A 978 -38.09 4.06 16.66
C TYR A 978 -39.44 4.76 16.73
N ILE A 979 -40.01 5.05 15.56
CA ILE A 979 -41.33 5.65 15.46
C ILE A 979 -42.23 4.61 14.80
N GLU A 980 -43.08 3.96 15.59
CA GLU A 980 -44.09 3.10 15.03
C GLU A 980 -45.18 3.95 14.39
N ASP A 981 -45.91 3.34 13.45
CA ASP A 981 -47.00 4.03 12.76
C ASP A 981 -48.29 3.20 12.79
N PRO A 982 -48.84 2.93 13.99
CA PRO A 982 -50.26 2.53 14.04
C PRO A 982 -51.15 3.75 14.29
N HIS A 983 -50.56 4.80 14.85
CA HIS A 983 -51.28 6.01 15.18
C HIS A 983 -50.52 7.29 14.89
N LEU A 984 -49.32 7.22 14.30
CA LEU A 984 -48.48 8.40 14.09
C LEU A 984 -47.72 8.29 12.78
N PRO A 985 -48.27 8.84 11.69
CA PRO A 985 -47.47 9.02 10.49
C PRO A 985 -46.37 10.04 10.73
N PRO A 986 -45.26 9.94 10.01
CA PRO A 986 -44.13 10.86 10.26
C PRO A 986 -44.52 12.31 10.01
N SER A 987 -43.98 13.21 10.83
CA SER A 987 -44.22 14.63 10.68
C SER A 987 -43.23 15.24 9.69
N LEU A 988 -43.58 16.43 9.20
CA LEU A 988 -42.77 17.09 8.20
C LEU A 988 -41.45 17.59 8.79
N GLY A 989 -40.42 17.66 7.94
CA GLY A 989 -39.14 18.23 8.30
C GLY A 989 -38.07 17.22 8.67
N LEU A 990 -38.45 16.00 9.03
CA LEU A 990 -37.47 15.00 9.44
C LEU A 990 -36.68 14.55 8.22
N LEU A 991 -35.45 15.05 8.10
CA LEU A 991 -34.56 14.72 7.00
C LEU A 991 -33.14 14.58 7.52
N PRO A 992 -32.30 13.81 6.84
CA PRO A 992 -30.90 13.72 7.26
C PRO A 992 -30.20 15.07 7.21
N GLY A 993 -29.31 15.29 8.15
CA GLY A 993 -28.58 16.54 8.20
C GLY A 993 -29.35 17.72 8.73
N ALA A 994 -30.48 17.50 9.39
CA ALA A 994 -31.29 18.57 9.96
C ALA A 994 -31.37 18.40 11.47
N ARG A 995 -31.00 19.44 12.20
CA ARG A 995 -31.07 19.40 13.65
C ARG A 995 -32.52 19.42 14.12
N VAL A 996 -32.86 18.51 15.03
CA VAL A 996 -34.21 18.39 15.57
C VAL A 996 -34.10 18.28 17.09
N HIS A 997 -35.16 18.68 17.78
CA HIS A 997 -35.26 18.54 19.22
C HIS A 997 -36.38 17.60 19.59
N PHE A 998 -36.15 16.77 20.60
CA PHE A 998 -37.13 15.81 21.09
C PHE A 998 -37.35 16.02 22.58
N SER A 999 -38.43 15.43 23.09
CA SER A 999 -38.74 15.53 24.51
C SER A 999 -39.74 14.44 24.86
N GLN A 1000 -39.60 13.90 26.08
CA GLN A 1000 -40.53 12.93 26.65
C GLN A 1000 -40.67 11.69 25.76
N LEU A 1001 -39.55 10.99 25.58
CA LEU A 1001 -39.52 9.74 24.84
C LEU A 1001 -39.47 8.56 25.81
N GLU A 1002 -39.86 7.39 25.31
CA GLU A 1002 -39.91 6.18 26.12
C GLU A 1002 -38.68 5.34 25.87
N LYS A 1003 -37.97 5.00 26.95
CA LYS A 1003 -36.75 4.22 26.89
C LYS A 1003 -37.01 2.77 27.29
N ARG A 1004 -36.37 1.84 26.57
CA ARG A 1004 -36.46 0.43 26.89
C ARG A 1004 -35.12 -0.22 26.59
N VAL A 1005 -34.91 -1.39 27.19
CA VAL A 1005 -33.66 -2.13 27.08
C VAL A 1005 -33.87 -3.31 26.13
N SER A 1006 -32.99 -3.46 25.16
CA SER A 1006 -33.12 -4.53 24.18
C SER A 1006 -32.75 -5.87 24.80
N ARG A 1007 -32.90 -6.93 24.01
CA ARG A 1007 -32.47 -8.26 24.45
C ARG A 1007 -30.96 -8.33 24.58
N SER A 1008 -30.22 -7.61 23.72
CA SER A 1008 -28.76 -7.59 23.76
C SER A 1008 -28.23 -6.40 24.54
N HIS A 1009 -29.01 -5.91 25.52
CA HIS A 1009 -28.58 -4.83 26.41
C HIS A 1009 -28.26 -3.54 25.63
N ASN A 1010 -29.19 -3.15 24.77
CA ASN A 1010 -29.07 -1.90 24.04
C ASN A 1010 -30.09 -0.90 24.56
N VAL A 1011 -29.82 0.38 24.31
CA VAL A 1011 -30.67 1.47 24.75
C VAL A 1011 -31.22 2.17 23.51
N TYR A 1012 -32.54 2.32 23.45
CA TYR A 1012 -33.19 3.02 22.36
C TYR A 1012 -34.48 3.63 22.87
N CYS A 1013 -34.98 4.61 22.12
CA CYS A 1013 -36.17 5.37 22.51
C CYS A 1013 -37.34 4.97 21.63
N CYS A 1014 -38.45 4.59 22.25
CA CYS A 1014 -39.70 4.40 21.55
C CYS A 1014 -40.49 5.71 21.51
N PHE A 1015 -41.32 5.86 20.49
CA PHE A 1015 -42.02 7.10 20.22
C PHE A 1015 -43.48 6.90 20.61
N ARG A 1016 -43.90 7.52 21.71
CA ARG A 1016 -45.20 7.30 22.31
C ARG A 1016 -46.14 8.47 22.02
N SER A 1017 -47.34 8.39 22.60
CA SER A 1017 -48.34 9.43 22.42
C SER A 1017 -48.05 10.68 23.25
N SER A 1018 -47.08 10.63 24.16
CA SER A 1018 -46.73 11.76 25.00
C SER A 1018 -45.40 12.37 24.57
N THR A 1019 -45.17 12.43 23.26
CA THR A 1019 -43.92 12.90 22.68
C THR A 1019 -44.15 14.18 21.90
N TYR A 1020 -43.28 15.16 22.10
CA TYR A 1020 -43.33 16.42 21.37
C TYR A 1020 -42.08 16.56 20.52
N VAL A 1021 -42.27 17.01 19.28
CA VAL A 1021 -41.19 17.12 18.30
C VAL A 1021 -41.11 18.58 17.84
N GLN A 1022 -39.91 19.14 17.84
CA GLN A 1022 -39.67 20.50 17.39
C GLN A 1022 -38.47 20.52 16.47
N VAL A 1023 -38.62 21.17 15.31
CA VAL A 1023 -37.55 21.25 14.32
C VAL A 1023 -36.78 22.54 14.53
N LEU A 1024 -35.44 22.44 14.54
CA LEU A 1024 -34.59 23.59 14.81
C LEU A 1024 -34.03 24.20 13.53
N SER A 1025 -33.31 23.42 12.73
CA SER A 1025 -32.65 23.95 11.55
C SER A 1025 -32.86 23.01 10.37
N PHE A 1026 -32.81 23.58 9.18
CA PHE A 1026 -32.99 22.87 7.93
C PHE A 1026 -31.69 22.27 7.45
N PRO A 1027 -31.74 21.21 6.64
CA PRO A 1027 -30.52 20.61 6.14
C PRO A 1027 -29.75 21.59 5.27
N PRO A 1028 -28.42 21.52 5.27
CA PRO A 1028 -27.64 22.39 4.39
C PRO A 1028 -27.90 22.05 2.92
N GLU A 1029 -27.78 23.09 2.07
CA GLU A 1029 -28.02 22.89 0.65
C GLU A 1029 -26.98 21.96 0.03
N THR A 1030 -25.77 21.93 0.59
CA THR A 1030 -24.72 21.04 0.13
C THR A 1030 -24.21 20.22 1.31
N THR A 1031 -23.83 18.99 1.03
CA THR A 1031 -23.34 18.06 2.06
C THR A 1031 -21.82 18.11 2.08
N ILE A 1032 -21.26 18.48 3.23
CA ILE A 1032 -19.82 18.55 3.41
C ILE A 1032 -19.39 17.41 4.34
N SER A 1033 -18.12 17.05 4.26
CA SER A 1033 -17.58 15.95 5.03
C SER A 1033 -16.33 16.41 5.79
N VAL A 1034 -16.06 15.75 6.90
CA VAL A 1034 -14.89 16.04 7.72
C VAL A 1034 -14.12 14.74 7.94
N PRO A 1035 -12.83 14.69 7.64
CA PRO A 1035 -12.06 13.46 7.83
C PRO A 1035 -12.03 13.05 9.29
N LEU A 1036 -12.00 11.73 9.51
CA LEU A 1036 -11.97 11.20 10.86
C LEU A 1036 -10.65 11.57 11.55
N PRO A 1037 -10.67 11.81 12.86
CA PRO A 1037 -9.44 12.18 13.56
C PRO A 1037 -8.44 11.03 13.56
N HIS A 1038 -7.16 11.40 13.60
CA HIS A 1038 -6.06 10.45 13.61
C HIS A 1038 -5.58 10.26 15.05
N ILE A 1039 -5.44 9.01 15.48
CA ILE A 1039 -5.07 8.70 16.85
C ILE A 1039 -4.38 7.34 16.87
N TYR A 1040 -3.64 7.09 17.95
CA TYR A 1040 -3.05 5.78 18.18
C TYR A 1040 -4.06 4.86 18.86
N LEU A 1041 -3.78 3.56 18.81
CA LEU A 1041 -4.69 2.57 19.38
C LEU A 1041 -4.60 2.49 20.90
N ALA A 1042 -3.60 3.13 21.51
CA ALA A 1042 -3.43 3.03 22.95
C ALA A 1042 -4.42 3.89 23.72
N GLU A 1043 -4.83 5.04 23.16
CA GLU A 1043 -5.65 5.99 23.89
C GLU A 1043 -7.04 5.47 24.19
N LEU A 1044 -7.49 4.42 23.50
CA LEU A 1044 -8.81 3.86 23.78
C LEU A 1044 -8.87 3.16 25.14
N LEU A 1045 -7.72 2.84 25.73
CA LEU A 1045 -7.68 2.17 27.03
C LEU A 1045 -7.59 3.15 28.19
N GLN A 1046 -7.55 4.46 27.91
CA GLN A 1046 -7.59 5.49 28.95
C GLN A 1046 -8.97 6.12 28.93
N GLY A 1047 -9.62 6.14 30.09
CA GLY A 1047 -11.01 6.53 30.17
C GLY A 1047 -11.31 7.99 29.95
N GLY A 1048 -10.34 8.76 29.46
CA GLY A 1048 -10.56 10.17 29.22
C GLY A 1048 -10.97 10.51 27.81
N GLN A 1049 -12.28 10.64 27.59
CA GLN A 1049 -12.84 11.17 26.35
C GLN A 1049 -12.29 10.45 25.12
N SER A 1050 -12.57 9.15 25.04
CA SER A 1050 -12.06 8.44 23.88
C SER A 1050 -13.10 8.36 22.77
N PRO A 1051 -12.71 8.61 21.53
CA PRO A 1051 -13.66 8.51 20.41
C PRO A 1051 -13.92 7.06 20.05
N PHE A 1052 -14.97 6.86 19.25
CA PHE A 1052 -15.35 5.54 18.78
C PHE A 1052 -15.16 5.37 17.28
N GLN A 1053 -14.97 6.46 16.54
CA GLN A 1053 -14.67 6.40 15.10
C GLN A 1053 -13.39 7.19 14.87
N ALA A 1054 -12.39 6.54 14.29
CA ALA A 1054 -11.09 7.17 14.06
C ALA A 1054 -10.32 6.36 13.03
N THR A 1055 -9.14 6.85 12.68
CA THR A 1055 -8.23 6.18 11.78
C THR A 1055 -6.86 6.11 12.42
N ALA A 1056 -6.11 5.06 12.08
CA ALA A 1056 -4.80 4.85 12.67
C ALA A 1056 -3.89 4.16 11.67
N SER A 1057 -2.59 4.37 11.84
CA SER A 1057 -1.56 3.71 11.04
C SER A 1057 -1.07 2.48 11.79
N CYS A 1058 -1.28 1.30 11.21
CA CYS A 1058 -0.98 0.05 11.89
C CYS A 1058 -0.38 -0.93 10.89
N HIS A 1059 -0.05 -2.12 11.39
CA HIS A 1059 0.55 -3.17 10.58
C HIS A 1059 -0.06 -4.51 10.95
N ILE A 1060 -0.32 -5.33 9.93
CA ILE A 1060 -0.97 -6.62 10.12
C ILE A 1060 0.03 -7.61 10.68
N VAL A 1061 -0.41 -8.43 11.63
CA VAL A 1061 0.46 -9.44 12.24
C VAL A 1061 0.15 -10.81 11.65
N SER A 1062 -1.07 -11.28 11.81
CA SER A 1062 -1.45 -12.60 11.31
C SER A 1062 -2.97 -12.65 11.17
N VAL A 1063 -3.47 -13.79 10.71
CA VAL A 1063 -4.90 -13.99 10.50
C VAL A 1063 -5.38 -15.09 11.45
N PHE A 1064 -6.70 -15.13 11.63
CA PHE A 1064 -7.36 -16.17 12.42
C PHE A 1064 -8.17 -17.13 11.57
N SER A 1065 -9.04 -16.63 10.71
CA SER A 1065 -9.86 -17.50 9.89
C SER A 1065 -10.32 -16.74 8.66
N LEU A 1066 -10.76 -17.49 7.65
CA LEU A 1066 -11.28 -16.92 6.42
C LEU A 1066 -12.44 -17.78 5.95
N GLN A 1067 -13.54 -17.13 5.57
CA GLN A 1067 -14.75 -17.83 5.15
C GLN A 1067 -15.26 -17.24 3.85
N LEU A 1068 -15.74 -18.11 2.96
CA LEU A 1068 -16.33 -17.70 1.70
C LEU A 1068 -17.64 -18.45 1.51
N PHE A 1069 -18.64 -17.74 0.98
CA PHE A 1069 -19.99 -18.26 0.90
C PHE A 1069 -20.56 -18.08 -0.50
N TRP A 1070 -21.64 -18.81 -0.76
CA TRP A 1070 -22.50 -18.64 -1.93
C TRP A 1070 -23.90 -18.99 -1.46
N VAL A 1071 -24.66 -17.97 -1.06
CA VAL A 1071 -25.93 -18.17 -0.37
C VAL A 1071 -27.08 -17.97 -1.33
N CYS A 1072 -28.25 -18.47 -0.93
CA CYS A 1072 -29.46 -18.28 -1.71
C CYS A 1072 -29.92 -16.83 -1.66
N ALA A 1073 -30.51 -16.37 -2.76
CA ALA A 1073 -31.02 -15.01 -2.82
C ALA A 1073 -32.19 -14.79 -1.87
N TYR A 1074 -32.91 -15.84 -1.49
CA TYR A 1074 -34.12 -15.71 -0.68
C TYR A 1074 -33.96 -16.32 0.71
N CYS A 1075 -33.59 -17.61 0.78
CA CYS A 1075 -33.46 -18.28 2.07
C CYS A 1075 -32.04 -18.26 2.62
N THR A 1076 -31.09 -17.66 1.89
CA THR A 1076 -29.71 -17.49 2.31
C THR A 1076 -28.98 -18.80 2.60
N SER A 1077 -29.57 -19.94 2.25
CA SER A 1077 -28.88 -21.20 2.42
C SER A 1077 -27.74 -21.33 1.41
N ILE A 1078 -26.81 -22.24 1.71
CA ILE A 1078 -25.64 -22.41 0.87
C ILE A 1078 -26.06 -22.92 -0.50
N CYS A 1079 -25.60 -22.25 -1.55
CA CYS A 1079 -25.93 -22.64 -2.92
C CYS A 1079 -24.90 -23.62 -3.46
N ARG A 1080 -25.29 -24.32 -4.52
CA ARG A 1080 -24.41 -25.28 -5.19
C ARG A 1080 -24.58 -25.10 -6.69
N GLN A 1081 -23.57 -24.50 -7.34
CA GLN A 1081 -23.57 -24.30 -8.79
C GLN A 1081 -24.81 -23.55 -9.26
N GLY A 1082 -25.24 -22.57 -8.47
CA GLY A 1082 -26.39 -21.78 -8.81
C GLY A 1082 -27.73 -22.35 -8.37
N LYS A 1083 -27.73 -23.40 -7.56
CA LYS A 1083 -28.97 -23.96 -7.02
C LYS A 1083 -28.86 -24.05 -5.51
N CYS A 1084 -30.01 -23.90 -4.85
CA CYS A 1084 -30.06 -23.90 -3.39
C CYS A 1084 -30.18 -25.32 -2.84
N THR A 1085 -29.73 -25.50 -1.60
CA THR A 1085 -29.91 -26.78 -0.93
C THR A 1085 -31.39 -27.09 -0.74
N ARG A 1086 -32.18 -26.08 -0.39
CA ARG A 1086 -33.63 -26.22 -0.24
C ARG A 1086 -34.36 -25.64 -1.45
N LEU A 1087 -33.79 -25.81 -2.64
CA LEU A 1087 -34.37 -25.24 -3.85
C LEU A 1087 -35.76 -25.79 -4.10
N GLY A 1088 -36.66 -24.92 -4.57
CA GLY A 1088 -38.04 -25.32 -4.85
C GLY A 1088 -38.96 -25.31 -3.65
N SER A 1089 -38.54 -25.94 -2.54
CA SER A 1089 -39.35 -25.92 -1.34
C SER A 1089 -39.53 -24.51 -0.80
N THR A 1090 -38.46 -23.72 -0.81
CA THR A 1090 -38.50 -22.34 -0.32
C THR A 1090 -37.79 -21.38 -1.26
N CYS A 1091 -37.61 -21.75 -2.52
CA CYS A 1091 -36.90 -20.92 -3.49
C CYS A 1091 -37.66 -20.91 -4.81
N PRO A 1092 -38.18 -19.76 -5.25
CA PRO A 1092 -38.88 -19.71 -6.53
C PRO A 1092 -37.95 -19.41 -7.70
N THR A 1093 -36.76 -18.85 -7.41
CA THR A 1093 -35.82 -18.45 -8.43
C THR A 1093 -34.46 -19.08 -8.15
N GLN A 1094 -33.53 -18.87 -9.09
CA GLN A 1094 -32.19 -19.45 -9.02
C GLN A 1094 -31.17 -18.33 -9.18
N THR A 1095 -30.66 -17.82 -8.06
CA THR A 1095 -29.64 -16.78 -8.07
C THR A 1095 -28.80 -16.91 -6.81
N ALA A 1096 -27.49 -16.76 -6.96
CA ALA A 1096 -26.54 -16.92 -5.87
C ALA A 1096 -25.75 -15.63 -5.67
N ILE A 1097 -25.51 -15.30 -4.40
CA ILE A 1097 -24.77 -14.09 -4.02
C ILE A 1097 -23.65 -14.50 -3.08
N SER A 1098 -22.44 -13.99 -3.34
CA SER A 1098 -21.26 -14.38 -2.59
C SER A 1098 -21.08 -13.50 -1.35
N GLN A 1099 -20.48 -14.08 -0.32
CA GLN A 1099 -20.14 -13.38 0.90
C GLN A 1099 -18.77 -13.85 1.37
N ALA A 1100 -18.12 -13.01 2.17
CA ALA A 1100 -16.79 -13.32 2.67
C ALA A 1100 -16.60 -12.72 4.06
N ILE A 1101 -15.92 -13.46 4.92
CA ILE A 1101 -15.66 -13.05 6.29
C ILE A 1101 -14.19 -13.33 6.60
N ILE A 1102 -13.51 -12.35 7.20
CA ILE A 1102 -12.12 -12.50 7.61
C ILE A 1102 -11.95 -11.90 9.00
N ARG A 1103 -10.84 -12.25 9.65
CA ARG A 1103 -10.54 -11.79 11.00
C ARG A 1103 -9.05 -11.59 11.13
N LEU A 1104 -8.62 -10.33 11.15
CA LEU A 1104 -7.20 -9.99 11.18
C LEU A 1104 -6.74 -9.78 12.62
N LEU A 1105 -5.49 -9.34 12.78
CA LEU A 1105 -4.96 -8.99 14.10
C LEU A 1105 -3.85 -7.97 13.84
N VAL A 1106 -4.14 -6.70 14.09
CA VAL A 1106 -3.26 -5.61 13.69
C VAL A 1106 -2.59 -5.01 14.92
N GLU A 1107 -1.61 -4.15 14.66
CA GLU A 1107 -0.84 -3.48 15.71
C GLU A 1107 -0.31 -2.17 15.14
N ASP A 1108 -0.43 -1.10 15.93
CA ASP A 1108 -0.06 0.24 15.48
C ASP A 1108 1.27 0.73 16.03
N GLY A 1109 1.69 0.22 17.18
CA GLY A 1109 2.93 0.68 17.78
C GLY A 1109 2.87 0.79 19.29
N THR A 1110 1.66 0.86 19.84
CA THR A 1110 1.50 0.96 21.27
C THR A 1110 0.38 0.08 21.84
N ALA A 1111 -0.29 -0.72 21.02
CA ALA A 1111 -1.39 -1.55 21.50
C ALA A 1111 -1.58 -2.69 20.51
N GLU A 1112 -2.68 -3.44 20.69
CA GLU A 1112 -3.00 -4.56 19.83
C GLU A 1112 -4.51 -4.79 19.86
N ALA A 1113 -5.10 -5.00 18.69
CA ALA A 1113 -6.55 -5.18 18.59
C ALA A 1113 -6.86 -6.09 17.42
N VAL A 1114 -8.07 -6.66 17.43
CA VAL A 1114 -8.56 -7.55 16.38
C VAL A 1114 -9.56 -6.79 15.53
N VAL A 1115 -9.47 -6.95 14.21
CA VAL A 1115 -10.30 -6.22 13.27
C VAL A 1115 -11.02 -7.22 12.38
N THR A 1116 -12.33 -7.01 12.19
CA THR A 1116 -13.15 -7.86 11.35
C THR A 1116 -13.60 -7.08 10.13
N CYS A 1117 -13.48 -7.68 8.95
CA CYS A 1117 -13.90 -7.07 7.70
C CYS A 1117 -15.01 -7.90 7.07
N ARG A 1118 -15.74 -7.28 6.15
CA ARG A 1118 -16.87 -7.93 5.48
C ARG A 1118 -16.93 -7.50 4.03
N ASN A 1119 -17.50 -8.36 3.19
CA ASN A 1119 -17.80 -8.09 1.79
C ASN A 1119 -16.50 -7.73 1.06
N HIS A 1120 -16.49 -6.69 0.21
CA HIS A 1120 -15.33 -6.36 -0.61
C HIS A 1120 -14.13 -5.91 0.21
N HIS A 1121 -14.31 -5.62 1.50
CA HIS A 1121 -13.19 -5.16 2.31
C HIS A 1121 -12.13 -6.24 2.49
N VAL A 1122 -12.53 -7.51 2.53
CA VAL A 1122 -11.53 -8.57 2.60
C VAL A 1122 -10.70 -8.61 1.32
N ALA A 1123 -11.36 -8.47 0.17
CA ALA A 1123 -10.63 -8.43 -1.10
C ALA A 1123 -9.67 -7.26 -1.14
N ALA A 1124 -10.11 -6.10 -0.64
CA ALA A 1124 -9.22 -4.95 -0.55
C ALA A 1124 -8.05 -5.22 0.37
N ALA A 1125 -8.30 -5.91 1.49
CA ALA A 1125 -7.26 -6.17 2.48
C ALA A 1125 -6.27 -7.21 2.03
N LEU A 1126 -6.65 -8.11 1.13
CA LEU A 1126 -5.73 -9.13 0.63
C LEU A 1126 -4.84 -8.63 -0.49
N GLY A 1127 -5.00 -7.39 -0.93
CA GLY A 1127 -4.16 -6.83 -1.96
C GLY A 1127 -4.26 -7.56 -3.29
N LEU A 1128 -5.49 -7.83 -3.73
CA LEU A 1128 -5.73 -8.53 -4.98
C LEU A 1128 -6.59 -7.66 -5.89
N CYS A 1129 -6.27 -7.70 -7.18
CA CYS A 1129 -7.06 -6.98 -8.16
C CYS A 1129 -8.43 -7.63 -8.32
N PRO A 1130 -9.44 -6.87 -8.76
CA PRO A 1130 -10.78 -7.45 -8.89
C PRO A 1130 -10.85 -8.66 -9.79
N ARG A 1131 -9.99 -8.74 -10.81
CA ARG A 1131 -9.98 -9.93 -11.67
C ARG A 1131 -9.62 -11.17 -10.87
N GLU A 1132 -8.59 -11.07 -10.02
CA GLU A 1132 -8.21 -12.20 -9.19
C GLU A 1132 -9.33 -12.60 -8.23
N TRP A 1133 -9.99 -11.61 -7.63
CA TRP A 1133 -11.08 -11.90 -6.71
C TRP A 1133 -12.22 -12.62 -7.42
N ALA A 1134 -12.60 -12.13 -8.61
CA ALA A 1134 -13.66 -12.78 -9.37
C ALA A 1134 -13.27 -14.20 -9.76
N SER A 1135 -12.02 -14.39 -10.19
CA SER A 1135 -11.57 -15.73 -10.57
C SER A 1135 -11.61 -16.68 -9.38
N LEU A 1136 -11.13 -16.22 -8.22
CA LEU A 1136 -11.14 -17.07 -7.03
C LEU A 1136 -12.55 -17.41 -6.59
N LEU A 1137 -13.46 -16.43 -6.64
CA LEU A 1137 -14.84 -16.71 -6.29
C LEU A 1137 -15.48 -17.70 -7.25
N ASP A 1138 -15.19 -17.58 -8.55
CA ASP A 1138 -15.71 -18.54 -9.51
C ASP A 1138 -15.15 -19.93 -9.25
N PHE A 1139 -13.86 -20.03 -8.93
CA PHE A 1139 -13.26 -21.33 -8.66
C PHE A 1139 -13.88 -21.98 -7.42
N VAL A 1140 -14.11 -21.18 -6.37
CA VAL A 1140 -14.69 -21.73 -5.14
C VAL A 1140 -16.20 -21.88 -5.23
N GLN A 1141 -16.82 -21.36 -6.29
CA GLN A 1141 -18.28 -21.46 -6.41
C GLN A 1141 -18.77 -22.89 -6.55
N VAL A 1142 -17.94 -23.80 -7.05
CA VAL A 1142 -18.38 -25.17 -7.31
C VAL A 1142 -18.49 -25.97 -6.01
N PRO A 1143 -17.44 -26.04 -5.17
CA PRO A 1143 -17.59 -26.83 -3.93
C PRO A 1143 -18.70 -26.31 -3.02
N GLY A 1144 -18.89 -25.00 -2.94
CA GLY A 1144 -19.98 -24.44 -2.19
C GLY A 1144 -19.57 -23.71 -0.92
N ARG A 1145 -18.60 -24.23 -0.20
CA ARG A 1145 -18.21 -23.66 1.09
C ARG A 1145 -16.76 -23.98 1.38
N VAL A 1146 -16.06 -23.01 1.96
CA VAL A 1146 -14.69 -23.19 2.41
C VAL A 1146 -14.53 -22.50 3.75
N VAL A 1147 -14.23 -23.26 4.79
CA VAL A 1147 -14.01 -22.74 6.13
C VAL A 1147 -12.60 -23.11 6.55
N LEU A 1148 -11.80 -22.12 6.90
CA LEU A 1148 -10.41 -22.31 7.30
C LEU A 1148 -10.26 -21.85 8.74
N GLN A 1149 -10.45 -22.76 9.69
CA GLN A 1149 -10.24 -22.45 11.09
C GLN A 1149 -8.73 -22.40 11.33
N PHE A 1150 -8.08 -21.39 10.75
CA PHE A 1150 -6.62 -21.33 10.73
C PHE A 1150 -6.03 -21.13 12.12
N ALA A 1151 -6.82 -20.66 13.08
CA ALA A 1151 -6.33 -20.47 14.44
C ALA A 1151 -7.52 -20.51 15.38
N GLY A 1152 -7.22 -20.64 16.68
CA GLY A 1152 -8.24 -20.69 17.69
C GLY A 1152 -8.47 -22.10 18.20
N PRO A 1153 -9.68 -22.36 18.70
CA PRO A 1153 -10.04 -23.69 19.24
C PRO A 1153 -10.40 -24.69 18.14
N GLU A 1165 -6.93 -30.91 -1.07
CA GLU A 1165 -7.55 -29.83 -1.82
C GLU A 1165 -6.59 -28.65 -1.97
N PRO A 1166 -6.28 -28.29 -3.22
CA PRO A 1166 -5.27 -27.24 -3.44
C PRO A 1166 -5.62 -25.91 -2.81
N MET A 1167 -6.90 -25.64 -2.58
CA MET A 1167 -7.30 -24.39 -1.95
C MET A 1167 -6.68 -24.27 -0.57
N THR A 1168 -6.67 -25.36 0.20
CA THR A 1168 -6.15 -25.31 1.56
C THR A 1168 -4.68 -24.89 1.57
N MET A 1169 -3.84 -25.57 0.79
CA MET A 1169 -2.42 -25.22 0.77
C MET A 1169 -2.20 -23.84 0.16
N PHE A 1170 -2.97 -23.48 -0.86
CA PHE A 1170 -2.81 -22.15 -1.46
C PHE A 1170 -3.08 -21.05 -0.44
N LEU A 1171 -4.20 -21.16 0.28
CA LEU A 1171 -4.52 -20.14 1.28
C LEU A 1171 -3.54 -20.18 2.44
N TRP A 1172 -3.07 -21.37 2.83
CA TRP A 1172 -2.09 -21.46 3.91
C TRP A 1172 -0.79 -20.76 3.53
N THR A 1173 -0.36 -20.93 2.28
CA THR A 1173 0.83 -20.24 1.81
C THR A 1173 0.60 -18.73 1.75
N LEU A 1174 -0.56 -18.31 1.25
CA LEU A 1174 -0.80 -16.88 1.05
C LEU A 1174 -0.92 -16.14 2.38
N CYS A 1175 -1.64 -16.71 3.35
CA CYS A 1175 -1.95 -15.99 4.58
C CYS A 1175 -0.74 -15.79 5.48
N THR A 1176 0.35 -16.52 5.26
CA THR A 1176 1.53 -16.45 6.10
C THR A 1176 2.75 -16.01 5.30
N SER A 1177 2.58 -14.99 4.46
CA SER A 1177 3.65 -14.46 3.66
C SER A 1177 3.64 -12.94 3.73
N PRO A 1178 4.79 -12.28 3.53
CA PRO A 1178 4.82 -10.81 3.52
C PRO A 1178 4.04 -10.18 2.38
N SER A 1179 3.46 -10.97 1.47
CA SER A 1179 2.62 -10.41 0.43
C SER A 1179 1.36 -9.77 1.01
N VAL A 1180 0.98 -10.13 2.22
CA VAL A 1180 -0.20 -9.58 2.89
C VAL A 1180 0.19 -8.76 4.11
N LEU A 1181 1.20 -9.22 4.86
CA LEU A 1181 1.63 -8.54 6.08
C LEU A 1181 2.40 -7.28 5.70
N ARG A 1182 1.64 -6.22 5.42
CA ARG A 1182 2.19 -4.95 4.96
C ARG A 1182 1.62 -3.81 5.80
N PRO A 1183 2.38 -2.72 5.93
CA PRO A 1183 1.84 -1.56 6.64
C PRO A 1183 0.66 -0.97 5.89
N ILE A 1184 -0.46 -0.81 6.60
CA ILE A 1184 -1.70 -0.34 6.00
C ILE A 1184 -2.28 0.78 6.86
N VAL A 1185 -3.09 1.62 6.21
CA VAL A 1185 -3.81 2.69 6.89
C VAL A 1185 -5.25 2.23 7.06
N LEU A 1186 -5.70 2.17 8.32
CA LEU A 1186 -6.99 1.60 8.65
C LEU A 1186 -7.93 2.69 9.16
N SER A 1187 -9.18 2.66 8.69
CA SER A 1187 -10.25 3.52 9.19
C SER A 1187 -11.25 2.60 9.89
N PHE A 1188 -11.22 2.59 11.21
CA PHE A 1188 -11.89 1.57 12.00
C PHE A 1188 -13.00 2.19 12.84
N GLU A 1189 -14.07 1.43 13.02
CA GLU A 1189 -15.19 1.76 13.88
C GLU A 1189 -15.23 0.81 15.07
N LEU A 1190 -15.45 1.36 16.26
CA LEU A 1190 -15.52 0.52 17.45
C LEU A 1190 -16.64 -0.50 17.32
N GLU A 1191 -16.33 -1.77 17.57
CA GLU A 1191 -17.29 -2.84 17.32
C GLU A 1191 -18.45 -2.77 18.31
N ARG A 1192 -18.16 -2.63 19.59
CA ARG A 1192 -19.19 -2.50 20.59
C ARG A 1192 -19.89 -1.16 20.41
N LYS A 1193 -21.17 -1.19 20.06
CA LYS A 1193 -21.88 0.04 19.76
C LYS A 1193 -21.91 0.95 20.98
N PRO A 1194 -21.71 2.26 20.80
CA PRO A 1194 -21.64 3.16 21.96
C PRO A 1194 -22.90 3.17 22.79
N SER A 1195 -24.06 2.88 22.19
CA SER A 1195 -25.30 2.83 22.95
C SER A 1195 -25.31 1.66 23.91
N LYS A 1196 -24.70 0.53 23.54
CA LYS A 1196 -24.64 -0.63 24.43
C LYS A 1196 -23.86 -0.30 25.69
N ILE A 1197 -24.31 -0.86 26.81
CA ILE A 1197 -23.66 -0.71 28.10
C ILE A 1197 -23.61 -2.07 28.79
N VAL A 1198 -22.42 -2.50 29.17
CA VAL A 1198 -22.23 -3.78 29.85
C VAL A 1198 -20.86 -3.83 30.52
N PRO A 1199 -20.69 -3.16 31.66
CA PRO A 1199 -19.41 -3.28 32.37
C PRO A 1199 -19.33 -4.56 33.17
N LEU A 1200 -18.61 -5.57 32.65
CA LEU A 1200 -18.49 -6.86 33.31
C LEU A 1200 -17.10 -7.47 33.12
N GLU A 1201 -16.06 -6.64 33.04
CA GLU A 1201 -14.74 -7.14 32.66
C GLU A 1201 -13.73 -7.01 33.80
N PRO A 1202 -13.47 -8.08 34.54
CA PRO A 1202 -12.30 -8.09 35.43
C PRO A 1202 -11.10 -8.68 34.72
N PRO A 1203 -9.89 -8.27 35.08
CA PRO A 1203 -8.70 -8.77 34.38
C PRO A 1203 -8.55 -10.28 34.50
N ARG A 1204 -8.08 -10.89 33.42
CA ARG A 1204 -7.84 -12.32 33.36
C ARG A 1204 -6.40 -12.62 33.81
N LEU A 1205 -5.94 -13.85 33.58
CA LEU A 1205 -4.58 -14.24 33.93
C LEU A 1205 -4.12 -15.33 32.97
N GLN A 1206 -2.89 -15.19 32.48
CA GLN A 1206 -2.29 -16.20 31.60
C GLN A 1206 -0.83 -16.39 31.99
N ARG A 1207 -0.09 -17.10 31.14
CA ARG A 1207 1.23 -17.63 31.49
C ARG A 1207 2.25 -17.37 30.38
N PHE A 1208 2.35 -16.12 29.93
CA PHE A 1208 3.37 -15.77 28.96
C PHE A 1208 4.76 -16.15 29.48
N GLN A 1209 5.58 -16.73 28.59
CA GLN A 1209 6.95 -17.08 28.92
C GLN A 1209 7.86 -16.73 27.76
N CYS A 1210 9.06 -16.22 28.08
CA CYS A 1210 10.05 -15.89 27.08
C CYS A 1210 11.34 -16.68 27.26
N GLY A 1211 11.95 -16.63 28.43
CA GLY A 1211 13.22 -17.28 28.66
C GLY A 1211 13.13 -18.69 29.20
N GLU A 1212 12.26 -19.50 28.60
CA GLU A 1212 12.05 -20.88 29.03
C GLU A 1212 11.69 -20.95 30.51
N LEU A 1213 10.91 -19.98 30.98
CA LEU A 1213 10.51 -19.90 32.38
C LEU A 1213 9.14 -19.24 32.44
N PRO A 1214 8.09 -20.02 32.66
CA PRO A 1214 6.75 -19.44 32.70
C PRO A 1214 6.57 -18.48 33.88
N PHE A 1215 5.72 -17.48 33.66
CA PHE A 1215 5.33 -16.56 34.71
C PHE A 1215 3.89 -16.13 34.45
N LEU A 1216 3.21 -15.74 35.53
CA LEU A 1216 1.79 -15.41 35.47
C LEU A 1216 1.60 -13.91 35.60
N THR A 1217 0.69 -13.36 34.80
CA THR A 1217 0.43 -11.94 34.79
C THR A 1217 -1.00 -11.70 34.32
N HIS A 1218 -1.63 -10.66 34.89
CA HIS A 1218 -2.97 -10.28 34.47
C HIS A 1218 -2.92 -9.54 33.14
N VAL A 1219 -4.02 -9.64 32.39
CA VAL A 1219 -4.11 -9.02 31.07
C VAL A 1219 -5.51 -8.45 30.89
N ASN A 1220 -5.60 -7.35 30.14
CA ASN A 1220 -6.86 -6.73 29.81
C ASN A 1220 -7.56 -7.49 28.69
N PRO A 1221 -8.88 -7.39 28.59
CA PRO A 1221 -9.58 -8.01 27.46
C PRO A 1221 -9.21 -7.34 26.15
N ARG A 1222 -9.17 -8.15 25.09
CA ARG A 1222 -8.77 -7.64 23.79
C ARG A 1222 -9.86 -6.76 23.20
N LEU A 1223 -9.44 -5.65 22.61
CA LEU A 1223 -10.37 -4.75 21.94
C LEU A 1223 -10.98 -5.43 20.72
N ARG A 1224 -12.20 -5.04 20.38
CA ARG A 1224 -12.88 -5.53 19.20
C ARG A 1224 -13.27 -4.35 18.32
N LEU A 1225 -13.00 -4.45 17.03
CA LEU A 1225 -13.21 -3.37 16.09
C LEU A 1225 -13.97 -3.87 14.87
N SER A 1226 -14.31 -2.95 13.98
CA SER A 1226 -14.95 -3.28 12.71
C SER A 1226 -14.31 -2.44 11.62
N CYS A 1227 -14.37 -2.96 10.39
CA CYS A 1227 -13.67 -2.36 9.26
C CYS A 1227 -14.60 -1.48 8.46
N LEU A 1228 -14.10 -0.31 8.07
CA LEU A 1228 -14.81 0.61 7.19
C LEU A 1228 -14.12 0.79 5.85
N SER A 1229 -12.80 1.03 5.85
CA SER A 1229 -12.05 1.18 4.62
C SER A 1229 -10.59 0.86 4.90
N ILE A 1230 -9.96 0.12 3.99
CA ILE A 1230 -8.56 -0.26 4.11
C ILE A 1230 -7.84 0.18 2.85
N ARG A 1231 -6.72 0.88 3.02
CA ARG A 1231 -5.92 1.36 1.91
C ARG A 1231 -4.45 1.04 2.16
N GLU A 1232 -3.70 0.91 1.08
CA GLU A 1232 -2.27 0.61 1.17
C GLU A 1232 -1.48 1.89 1.45
N SER A 1233 -0.17 1.73 1.60
CA SER A 1233 0.72 2.86 1.86
C SER A 1233 2.11 2.62 1.28
N ARG B 13 17.93 6.13 46.11
CA ARG B 13 17.07 5.02 46.52
C ARG B 13 17.14 3.89 45.50
N CYS B 14 17.06 2.65 45.99
CA CYS B 14 17.05 1.48 45.11
C CYS B 14 15.77 1.48 44.29
N GLU B 15 15.89 1.76 42.99
CA GLU B 15 14.72 1.82 42.11
C GLU B 15 14.16 0.41 41.95
N GLU B 16 12.98 0.17 42.52
CA GLU B 16 12.34 -1.14 42.42
C GLU B 16 11.56 -1.22 41.12
N GLU B 17 11.84 -2.26 40.33
CA GLU B 17 11.06 -2.51 39.14
C GLU B 17 9.64 -2.89 39.50
N THR B 18 8.70 -2.55 38.62
CA THR B 18 7.31 -2.85 38.87
C THR B 18 7.11 -4.37 38.98
N PRO B 19 6.26 -4.83 39.90
CA PRO B 19 6.10 -6.28 40.06
C PRO B 19 5.59 -6.94 38.79
N SER B 20 6.06 -8.17 38.56
CA SER B 20 5.71 -8.88 37.34
C SER B 20 4.21 -9.16 37.24
N LEU B 21 3.48 -9.11 38.35
CA LEU B 21 2.05 -9.41 38.34
C LEU B 21 1.22 -8.31 37.70
N LEU B 22 1.82 -7.15 37.39
CA LEU B 22 1.09 -6.03 36.80
C LEU B 22 1.64 -5.61 35.44
N TRP B 23 2.48 -6.43 34.81
CA TRP B 23 3.07 -6.05 33.53
C TRP B 23 2.01 -5.95 32.44
N GLY B 24 1.09 -6.93 32.39
CA GLY B 24 0.13 -6.99 31.31
C GLY B 24 -0.86 -5.86 31.30
N LEU B 25 -1.00 -5.14 32.41
CA LEU B 25 -1.93 -4.01 32.44
C LEU B 25 -1.48 -2.90 31.48
N ASP B 26 -0.19 -2.82 31.20
CA ASP B 26 0.30 -1.88 30.20
C ASP B 26 -0.20 -2.30 28.81
N PRO B 27 -0.57 -1.34 27.95
CA PRO B 27 -0.92 -1.70 26.57
C PRO B 27 0.29 -1.98 25.69
N VAL B 28 1.51 -1.69 26.17
CA VAL B 28 2.70 -1.86 25.34
C VAL B 28 3.22 -3.29 25.36
N PHE B 29 2.83 -4.09 26.36
CA PHE B 29 3.43 -5.40 26.55
C PHE B 29 3.26 -6.30 25.34
N LEU B 30 2.08 -6.28 24.72
CA LEU B 30 1.78 -7.15 23.59
C LEU B 30 2.11 -6.52 22.24
N ALA B 31 2.68 -5.32 22.20
CA ALA B 31 2.86 -4.58 20.97
C ALA B 31 4.29 -4.66 20.48
N PHE B 32 4.49 -4.21 19.24
CA PHE B 32 5.81 -4.11 18.61
C PHE B 32 6.27 -2.67 18.73
N ALA B 33 7.15 -2.40 19.69
CA ALA B 33 7.58 -1.05 19.96
C ALA B 33 8.65 -0.60 18.98
N LYS B 34 8.68 0.70 18.71
CA LYS B 34 9.70 1.32 17.88
C LYS B 34 10.70 2.05 18.78
N LEU B 35 11.97 1.70 18.67
CA LEU B 35 13.00 2.28 19.52
C LEU B 35 14.22 2.66 18.69
N TYR B 36 14.96 3.66 19.18
CA TYR B 36 16.32 3.86 18.70
C TYR B 36 17.19 2.67 19.08
N ILE B 37 18.09 2.30 18.17
CA ILE B 37 18.96 1.16 18.40
C ILE B 37 19.92 1.43 19.55
N ARG B 38 20.37 2.68 19.72
CA ARG B 38 21.18 3.01 20.88
C ARG B 38 20.40 2.79 22.18
N ASP B 39 19.11 3.13 22.18
CA ASP B 39 18.30 2.91 23.37
C ASP B 39 18.19 1.43 23.69
N ILE B 40 17.93 0.60 22.69
CA ILE B 40 17.81 -0.84 22.95
C ILE B 40 19.15 -1.44 23.35
N LEU B 41 20.27 -0.82 22.93
CA LEU B 41 21.57 -1.27 23.40
C LEU B 41 21.80 -0.90 24.85
N ASP B 42 21.48 0.34 25.22
CA ASP B 42 21.87 0.89 26.52
C ASP B 42 20.81 0.72 27.60
N MET B 43 19.67 0.13 27.28
CA MET B 43 18.58 0.01 28.23
C MET B 43 18.67 -1.32 28.98
N LYS B 44 18.30 -1.30 30.26
CA LYS B 44 18.66 -2.36 31.18
C LYS B 44 17.67 -3.54 31.09
N GLU B 45 17.98 -4.58 31.85
CA GLU B 45 17.19 -5.80 31.93
C GLU B 45 16.52 -5.90 33.30
N SER B 46 15.76 -6.97 33.50
CA SER B 46 15.01 -7.21 34.72
C SER B 46 15.51 -8.48 35.38
N ARG B 47 15.69 -8.43 36.70
CA ARG B 47 16.23 -9.57 37.43
C ARG B 47 15.19 -10.66 37.70
N GLN B 48 13.96 -10.28 38.06
CA GLN B 48 12.98 -11.29 38.47
C GLN B 48 12.60 -12.20 37.31
N VAL B 49 12.54 -11.65 36.10
CA VAL B 49 12.28 -12.47 34.92
C VAL B 49 13.34 -12.19 33.86
N PRO B 50 14.37 -13.02 33.74
CA PRO B 50 15.30 -12.88 32.62
C PRO B 50 14.63 -13.18 31.30
N GLY B 51 15.15 -12.56 30.24
CA GLY B 51 14.58 -12.68 28.91
C GLY B 51 13.71 -11.51 28.49
N VAL B 52 13.29 -10.67 29.44
CA VAL B 52 12.51 -9.48 29.16
C VAL B 52 13.26 -8.28 29.70
N PHE B 53 13.01 -7.12 29.12
CA PHE B 53 13.76 -5.92 29.43
C PHE B 53 12.82 -4.81 29.88
N LEU B 54 13.33 -3.91 30.72
CA LEU B 54 12.54 -2.84 31.32
C LEU B 54 13.14 -1.48 30.98
N TYR B 55 12.30 -0.56 30.53
CA TYR B 55 12.74 0.78 30.13
C TYR B 55 11.76 1.81 30.65
N ASN B 56 12.22 2.66 31.57
CA ASN B 56 11.44 3.80 32.07
C ASN B 56 10.06 3.39 32.54
N GLY B 57 10.00 2.27 33.28
CA GLY B 57 8.75 1.79 33.83
C GLY B 57 7.85 1.05 32.85
N HIS B 58 8.19 1.03 31.57
CA HIS B 58 7.39 0.32 30.58
C HIS B 58 8.10 -0.95 30.17
N PRO B 59 7.65 -2.12 30.60
CA PRO B 59 8.26 -3.37 30.13
C PRO B 59 8.08 -3.51 28.63
N ILE B 60 9.11 -4.05 27.98
CA ILE B 60 9.13 -4.20 26.53
C ILE B 60 9.49 -5.65 26.21
N LYS B 61 8.69 -6.26 25.33
CA LYS B 61 8.91 -7.64 24.91
C LYS B 61 9.18 -7.79 23.42
N GLN B 62 8.78 -6.81 22.61
CA GLN B 62 8.91 -6.90 21.16
C GLN B 62 9.35 -5.56 20.61
N VAL B 63 10.23 -5.60 19.60
CA VAL B 63 10.82 -4.40 19.02
C VAL B 63 10.72 -4.47 17.51
N ASP B 64 10.84 -3.30 16.88
CA ASP B 64 10.80 -3.16 15.44
C ASP B 64 11.87 -2.17 15.01
N VAL B 65 12.75 -2.59 14.10
CA VAL B 65 13.86 -1.76 13.65
C VAL B 65 13.87 -1.72 12.14
N LEU B 66 14.52 -0.69 11.61
CA LEU B 66 14.64 -0.49 10.17
C LEU B 66 15.94 0.25 9.89
N GLY B 67 16.60 -0.10 8.79
CA GLY B 67 17.84 0.56 8.45
C GLY B 67 18.53 -0.14 7.28
N THR B 68 19.83 0.13 7.16
CA THR B 68 20.63 -0.39 6.06
C THR B 68 21.51 -1.53 6.56
N VAL B 69 21.47 -2.65 5.84
CA VAL B 69 22.28 -3.81 6.23
C VAL B 69 23.73 -3.56 5.84
N ILE B 70 24.64 -3.84 6.78
CA ILE B 70 26.07 -3.65 6.56
C ILE B 70 26.89 -4.88 6.91
N GLY B 71 26.25 -6.00 7.25
CA GLY B 71 26.97 -7.23 7.54
C GLY B 71 26.16 -8.47 7.25
N VAL B 72 26.72 -9.39 6.48
CA VAL B 72 26.03 -10.62 6.09
C VAL B 72 26.91 -11.80 6.45
N ARG B 73 26.34 -12.79 7.13
CA ARG B 73 27.02 -14.03 7.45
C ARG B 73 26.00 -15.16 7.42
N GLU B 74 26.43 -16.33 6.93
CA GLU B 74 25.56 -17.49 6.81
C GLU B 74 26.04 -18.60 7.71
N ARG B 75 25.10 -19.44 8.15
CA ARG B 75 25.42 -20.57 9.01
C ARG B 75 24.62 -21.78 8.53
N ASP B 76 24.67 -22.86 9.30
CA ASP B 76 24.04 -24.11 8.87
C ASP B 76 22.54 -23.97 8.72
N ALA B 77 21.88 -23.31 9.69
CA ALA B 77 20.43 -23.22 9.68
C ALA B 77 19.90 -21.82 9.97
N PHE B 78 20.74 -20.85 10.31
CA PHE B 78 20.29 -19.52 10.62
C PHE B 78 21.20 -18.49 9.96
N TYR B 79 20.60 -17.43 9.43
CA TYR B 79 21.37 -16.37 8.81
C TYR B 79 21.95 -15.44 9.87
N SER B 80 22.62 -14.38 9.41
CA SER B 80 23.13 -13.35 10.30
C SER B 80 23.07 -12.03 9.55
N TYR B 81 22.76 -10.95 10.27
CA TYR B 81 22.60 -9.65 9.62
C TYR B 81 22.96 -8.54 10.61
N GLY B 82 23.80 -7.61 10.16
CA GLY B 82 24.13 -6.45 10.95
C GLY B 82 23.46 -5.21 10.41
N VAL B 83 22.45 -4.71 11.13
CA VAL B 83 21.66 -3.57 10.66
C VAL B 83 22.18 -2.30 11.32
N ASP B 84 21.93 -1.17 10.67
CA ASP B 84 22.36 0.14 11.15
C ASP B 84 21.22 1.12 10.96
N ASP B 85 20.96 1.92 12.00
CA ASP B 85 19.87 2.89 11.99
C ASP B 85 20.40 4.26 12.43
N SER B 86 21.55 4.63 11.90
CA SER B 86 22.18 5.96 12.04
C SER B 86 22.63 6.26 13.46
N THR B 87 22.42 5.36 14.43
CA THR B 87 22.87 5.61 15.79
C THR B 87 23.58 4.42 16.43
N GLY B 88 23.34 3.19 15.99
CA GLY B 88 23.99 2.03 16.54
C GLY B 88 23.78 0.84 15.65
N VAL B 89 24.44 -0.27 16.00
CA VAL B 89 24.37 -1.50 15.23
C VAL B 89 24.04 -2.66 16.15
N ILE B 90 23.15 -3.54 15.69
CA ILE B 90 22.76 -4.74 16.43
C ILE B 90 22.72 -5.91 15.46
N ASN B 91 22.92 -7.11 16.00
CA ASN B 91 22.84 -8.32 15.19
C ASN B 91 21.38 -8.75 15.03
N CYS B 92 21.14 -9.54 13.98
CA CYS B 92 19.81 -10.08 13.72
C CYS B 92 19.94 -11.57 13.41
N ILE B 93 18.93 -12.33 13.82
CA ILE B 93 18.87 -13.77 13.61
C ILE B 93 17.59 -14.10 12.86
N CYS B 94 17.72 -14.80 11.74
CA CYS B 94 16.57 -15.23 10.95
C CYS B 94 16.71 -16.72 10.68
N TRP B 95 15.80 -17.51 11.25
CA TRP B 95 15.85 -18.95 11.08
C TRP B 95 15.45 -19.32 9.65
N LYS B 96 16.03 -20.42 9.16
CA LYS B 96 15.71 -20.94 7.84
C LYS B 96 14.53 -21.89 7.99
N LYS B 97 13.32 -21.40 7.69
CA LYS B 97 12.15 -22.26 7.73
C LYS B 97 12.30 -23.42 6.75
N LEU B 98 12.00 -24.63 7.22
CA LEU B 98 12.19 -25.83 6.42
C LEU B 98 11.08 -25.92 5.39
N ASN B 99 11.44 -25.83 4.11
CA ASN B 99 10.50 -26.08 3.02
C ASN B 99 10.55 -27.55 2.60
N THR B 100 10.42 -28.42 3.59
CA THR B 100 10.55 -29.86 3.38
C THR B 100 9.31 -30.40 2.67
N GLU B 101 9.52 -31.47 1.90
CA GLU B 101 8.44 -32.16 1.18
C GLU B 101 7.72 -31.21 0.21
N SER B 102 8.49 -30.77 -0.79
CA SER B 102 7.96 -29.88 -1.81
C SER B 102 6.74 -30.51 -2.48
N VAL B 103 5.69 -29.70 -2.64
CA VAL B 103 4.41 -30.21 -3.15
C VAL B 103 4.53 -30.47 -4.64
N SER B 104 4.04 -31.64 -5.07
CA SER B 104 4.05 -32.05 -6.47
C SER B 104 2.65 -31.89 -7.05
N ALA B 105 2.58 -31.25 -8.22
CA ALA B 105 1.29 -30.98 -8.86
C ALA B 105 0.79 -32.22 -9.58
N ALA B 106 -0.48 -32.16 -10.00
CA ALA B 106 -1.15 -33.23 -10.71
C ALA B 106 -1.79 -32.69 -11.99
N PRO B 107 -1.90 -33.52 -13.02
CA PRO B 107 -2.51 -33.05 -14.30
C PRO B 107 -4.03 -32.97 -14.23
N SER B 108 -4.52 -32.06 -13.39
CA SER B 108 -5.95 -31.86 -13.23
C SER B 108 -6.45 -30.92 -14.33
N ALA B 109 -7.68 -30.42 -14.16
CA ALA B 109 -8.30 -29.55 -15.15
C ALA B 109 -7.56 -28.22 -15.25
N ALA B 110 -8.01 -27.37 -16.18
CA ALA B 110 -7.34 -26.11 -16.43
C ALA B 110 -7.35 -25.18 -15.22
N ARG B 111 -8.41 -25.25 -14.41
CA ARG B 111 -8.47 -24.41 -13.21
C ARG B 111 -7.31 -24.73 -12.27
N GLU B 112 -7.04 -26.01 -12.04
CA GLU B 112 -5.94 -26.38 -11.17
C GLU B 112 -4.59 -26.02 -11.78
N LEU B 113 -4.47 -26.11 -13.10
CA LEU B 113 -3.22 -25.68 -13.75
C LEU B 113 -2.99 -24.18 -13.54
N SER B 114 -4.03 -23.37 -13.69
CA SER B 114 -3.89 -21.93 -13.44
C SER B 114 -3.56 -21.67 -11.97
N LEU B 115 -4.19 -22.41 -11.06
CA LEU B 115 -3.91 -22.22 -9.64
C LEU B 115 -2.47 -22.61 -9.30
N THR B 116 -1.96 -23.68 -9.91
CA THR B 116 -0.57 -24.06 -9.70
C THR B 116 0.38 -23.01 -10.28
N SER B 117 0.02 -22.44 -11.43
CA SER B 117 0.84 -21.36 -11.98
C SER B 117 0.87 -20.16 -11.03
N GLN B 118 -0.28 -19.80 -10.45
CA GLN B 118 -0.31 -18.71 -9.49
C GLN B 118 0.48 -19.05 -8.24
N LEU B 119 0.44 -20.32 -7.81
CA LEU B 119 1.23 -20.75 -6.66
C LEU B 119 2.73 -20.60 -6.94
N LYS B 120 3.16 -20.99 -8.14
CA LYS B 120 4.55 -20.82 -8.51
C LYS B 120 4.94 -19.35 -8.55
N LYS B 121 4.04 -18.51 -9.08
CA LYS B 121 4.30 -17.06 -9.10
C LYS B 121 4.44 -16.52 -7.68
N LEU B 122 3.57 -16.95 -6.77
CA LEU B 122 3.68 -16.50 -5.38
C LEU B 122 4.98 -16.98 -4.75
N GLN B 123 5.37 -18.23 -5.01
CA GLN B 123 6.61 -18.76 -4.45
C GLN B 123 7.82 -17.96 -4.94
N GLU B 124 7.88 -17.70 -6.24
CA GLU B 124 9.01 -16.94 -6.76
C GLU B 124 8.98 -15.49 -6.27
N THR B 125 7.80 -14.92 -6.08
CA THR B 125 7.71 -13.58 -5.51
C THR B 125 8.28 -13.55 -4.10
N ILE B 126 7.92 -14.54 -3.28
CA ILE B 126 8.45 -14.59 -1.92
C ILE B 126 9.96 -14.77 -1.94
N GLU B 127 10.45 -15.67 -2.81
CA GLU B 127 11.89 -15.91 -2.88
C GLU B 127 12.64 -14.65 -3.29
N GLN B 128 12.11 -13.92 -4.27
CA GLN B 128 12.74 -12.66 -4.67
C GLN B 128 12.68 -11.63 -3.55
N LYS B 129 11.55 -11.56 -2.85
CA LYS B 129 11.40 -10.57 -1.78
C LYS B 129 12.35 -10.82 -0.62
N THR B 130 12.64 -12.09 -0.32
CA THR B 130 13.46 -12.41 0.83
C THR B 130 14.95 -12.37 0.56
N LYS B 131 15.37 -12.19 -0.69
CA LYS B 131 16.80 -12.12 -1.00
C LYS B 131 17.38 -10.81 -0.51
N ILE B 132 18.50 -10.88 0.20
CA ILE B 132 19.11 -9.73 0.84
C ILE B 132 20.58 -9.67 0.46
N GLU B 133 21.05 -8.46 0.12
CA GLU B 133 22.46 -8.21 -0.16
C GLU B 133 22.90 -6.96 0.58
N ILE B 134 24.21 -6.76 0.67
CA ILE B 134 24.76 -5.60 1.35
C ILE B 134 24.34 -4.33 0.62
N GLY B 135 23.83 -3.36 1.37
CA GLY B 135 23.42 -2.09 0.80
C GLY B 135 21.93 -1.93 0.57
N ASP B 136 21.10 -2.82 1.08
CA ASP B 136 19.65 -2.74 0.92
C ASP B 136 19.01 -2.17 2.18
N THR B 137 17.69 -2.15 2.20
CA THR B 137 16.91 -1.68 3.34
C THR B 137 16.09 -2.84 3.89
N ILE B 138 16.26 -3.12 5.19
CA ILE B 138 15.63 -4.28 5.82
C ILE B 138 14.79 -3.82 7.00
N ARG B 139 13.66 -4.49 7.21
CA ARG B 139 12.77 -4.25 8.34
C ARG B 139 12.65 -5.53 9.14
N VAL B 140 12.77 -5.42 10.45
CA VAL B 140 12.88 -6.58 11.33
C VAL B 140 11.87 -6.44 12.46
N ARG B 141 11.14 -7.53 12.75
CA ARG B 141 10.21 -7.60 13.85
C ARG B 141 10.56 -8.79 14.73
N GLY B 142 10.60 -8.58 16.05
CA GLY B 142 10.89 -9.69 16.94
C GLY B 142 11.18 -9.20 18.34
N SER B 143 11.73 -10.11 19.15
CA SER B 143 12.01 -9.90 20.56
C SER B 143 13.51 -9.74 20.78
N ILE B 144 13.89 -9.71 22.05
CA ILE B 144 15.28 -9.47 22.46
C ILE B 144 15.79 -10.70 23.19
N ARG B 145 16.99 -11.16 22.83
CA ARG B 145 17.66 -12.23 23.54
C ARG B 145 19.12 -11.85 23.73
N THR B 146 19.69 -12.29 24.84
CA THR B 146 21.08 -12.04 25.18
C THR B 146 21.86 -13.35 25.08
N TYR B 147 22.87 -13.39 24.22
CA TYR B 147 23.69 -14.57 24.04
C TYR B 147 25.15 -14.15 23.95
N ARG B 148 26.01 -14.92 24.63
CA ARG B 148 27.45 -14.64 24.65
C ARG B 148 27.75 -13.21 25.08
N GLU B 149 27.03 -12.75 26.10
CA GLU B 149 27.23 -11.43 26.68
C GLU B 149 27.10 -10.33 25.62
N GLU B 150 26.11 -10.48 24.74
CA GLU B 150 25.80 -9.48 23.74
C GLU B 150 24.33 -9.60 23.39
N ARG B 151 23.78 -8.54 22.81
CA ARG B 151 22.36 -8.45 22.53
C ARG B 151 22.09 -8.74 21.06
N GLU B 152 20.99 -9.45 20.81
CA GLU B 152 20.58 -9.80 19.46
C GLU B 152 19.08 -9.60 19.33
N ILE B 153 18.58 -9.73 18.10
CA ILE B 153 17.17 -9.57 17.80
C ILE B 153 16.70 -10.79 17.03
N HIS B 154 15.96 -11.68 17.69
CA HIS B 154 15.30 -12.76 16.97
C HIS B 154 14.22 -12.19 16.08
N ALA B 155 14.02 -12.80 14.91
CA ALA B 155 13.12 -12.28 13.89
C ALA B 155 11.92 -13.20 13.75
N THR B 156 10.74 -12.71 14.14
CA THR B 156 9.51 -13.42 13.81
C THR B 156 9.19 -13.27 12.33
N THR B 157 9.40 -12.08 11.78
CA THR B 157 9.19 -11.84 10.36
C THR B 157 10.12 -10.73 9.91
N TYR B 158 10.43 -10.73 8.62
CA TYR B 158 11.33 -9.74 8.04
C TYR B 158 11.19 -9.77 6.53
N TYR B 159 11.44 -8.61 5.91
CA TYR B 159 11.32 -8.51 4.47
C TYR B 159 12.08 -7.27 3.99
N LYS B 160 12.49 -7.30 2.74
CA LYS B 160 13.20 -6.19 2.13
C LYS B 160 12.24 -5.10 1.72
N VAL B 161 12.63 -3.85 1.94
CA VAL B 161 11.81 -2.69 1.61
C VAL B 161 12.40 -2.01 0.39
N ASP B 162 11.57 -1.75 -0.62
CA ASP B 162 11.99 -1.10 -1.86
C ASP B 162 11.67 0.39 -1.74
N ASP B 163 12.70 1.19 -1.43
CA ASP B 163 12.56 2.63 -1.28
C ASP B 163 13.64 3.30 -2.12
N PRO B 164 13.40 3.49 -3.43
CA PRO B 164 14.40 4.12 -4.28
C PRO B 164 14.47 5.64 -4.17
N VAL B 165 13.71 6.24 -3.26
CA VAL B 165 13.69 7.69 -3.09
C VAL B 165 13.91 8.11 -1.65
N TRP B 166 13.96 7.16 -0.72
CA TRP B 166 14.04 7.44 0.72
C TRP B 166 12.87 8.30 1.19
N ASN B 167 11.67 7.70 1.07
CA ASN B 167 10.47 8.25 1.66
C ASN B 167 10.12 7.58 2.98
N ILE B 168 10.12 6.23 3.00
CA ILE B 168 9.67 5.52 4.18
C ILE B 168 10.63 5.74 5.35
N GLN B 169 11.94 5.79 5.08
CA GLN B 169 12.89 5.98 6.17
C GLN B 169 12.81 7.39 6.72
N ILE B 170 12.65 8.39 5.85
CA ILE B 170 12.49 9.76 6.30
C ILE B 170 11.23 9.88 7.14
N ALA B 171 10.14 9.27 6.69
CA ALA B 171 8.90 9.30 7.46
C ALA B 171 9.09 8.64 8.83
N ARG B 172 9.79 7.50 8.86
CA ARG B 172 10.02 6.80 10.13
C ARG B 172 10.81 7.65 11.10
N MET B 173 11.92 8.24 10.63
CA MET B 173 12.80 8.99 11.50
C MET B 173 12.30 10.41 11.76
N LEU B 174 11.22 10.84 11.09
CA LEU B 174 10.49 12.02 11.52
C LEU B 174 9.38 11.68 12.50
N GLU B 175 8.75 10.51 12.35
CA GLU B 175 7.62 10.11 13.18
C GLU B 175 8.06 9.67 14.58
N LEU B 176 9.21 9.01 14.69
CA LEU B 176 9.59 8.40 15.96
C LEU B 176 9.65 9.38 17.13
N PRO B 177 10.26 10.57 17.02
CA PRO B 177 10.31 11.46 18.19
C PRO B 177 8.93 11.84 18.72
N THR B 178 7.96 12.01 17.83
CA THR B 178 6.59 12.25 18.28
C THR B 178 6.07 11.08 19.10
N ILE B 179 6.37 9.86 18.67
CA ILE B 179 5.94 8.68 19.41
C ILE B 179 6.55 8.68 20.81
N TYR B 180 7.86 8.94 20.91
CA TYR B 180 8.47 9.07 22.23
C TYR B 180 7.74 10.12 23.07
N ARG B 181 7.73 11.36 22.59
CA ARG B 181 7.20 12.47 23.39
C ARG B 181 5.74 12.31 23.75
N LYS B 182 4.99 11.50 23.00
CA LYS B 182 3.57 11.36 23.28
C LYS B 182 3.23 10.12 24.09
N VAL B 183 4.02 9.05 24.05
CA VAL B 183 3.72 7.83 24.77
C VAL B 183 4.83 7.41 25.70
N TYR B 184 6.06 7.32 25.18
CA TYR B 184 7.11 6.63 25.93
C TYR B 184 7.64 7.45 27.09
N ASP B 185 7.84 8.75 26.90
CA ASP B 185 8.37 9.61 27.96
C ASP B 185 7.23 10.16 28.82
N GLN B 186 6.44 9.23 29.35
CA GLN B 186 5.35 9.51 30.26
C GLN B 186 5.47 8.61 31.47
N PRO B 187 4.92 9.03 32.63
CA PRO B 187 5.20 8.31 33.88
C PRO B 187 4.84 6.83 33.83
N PHE B 188 3.57 6.50 33.69
CA PHE B 188 3.12 5.11 33.64
C PHE B 188 1.66 5.08 33.22
N HIS B 189 1.06 3.90 33.28
CA HIS B 189 -0.31 3.67 32.83
C HIS B 189 -1.30 4.14 33.90
N SER B 190 -2.56 3.72 33.76
CA SER B 190 -3.57 3.94 34.80
C SER B 190 -4.40 2.65 34.89
N SER B 191 -3.98 1.74 35.76
CA SER B 191 -4.68 0.50 36.00
C SER B 191 -4.76 0.23 37.50
N ALA B 192 -5.83 -0.44 37.91
CA ALA B 192 -6.12 -0.72 39.31
C ALA B 192 -6.20 0.55 40.15
N LEU B 193 -6.32 1.70 39.51
CA LEU B 193 -6.42 3.02 40.13
C LEU B 193 -5.30 3.17 41.16
N GLU B 194 -5.57 3.95 42.21
CA GLU B 194 -4.65 4.11 43.32
C GLU B 194 -5.46 4.29 44.60
N LYS B 195 -5.08 3.54 45.65
CA LYS B 195 -5.71 3.55 46.97
C LYS B 195 -7.10 2.91 46.93
N GLU B 196 -7.61 2.53 45.75
CA GLU B 196 -8.92 1.89 45.67
C GLU B 196 -8.97 0.58 46.44
N GLU B 197 -7.82 -0.04 46.68
CA GLU B 197 -7.77 -1.18 47.60
C GLU B 197 -8.14 -0.72 49.00
N ALA B 198 -9.27 -1.21 49.50
CA ALA B 198 -9.89 -0.69 50.71
C ALA B 198 -10.11 0.81 50.51
N LEU B 199 -10.07 1.59 51.59
CA LEU B 199 -10.17 3.05 51.47
C LEU B 199 -9.22 3.76 52.42
N SER B 200 -8.12 3.11 52.80
CA SER B 200 -7.16 3.66 53.76
C SER B 200 -7.86 4.11 55.04
N ASN B 201 -8.42 3.11 55.75
CA ASN B 201 -9.26 3.25 56.93
C ASN B 201 -10.62 3.80 56.54
N PRO B 202 -11.68 3.54 57.32
CA PRO B 202 -13.03 3.94 56.90
C PRO B 202 -13.25 5.44 56.83
N GLY B 203 -12.23 6.23 57.19
CA GLY B 203 -12.38 7.67 57.16
C GLY B 203 -12.70 8.20 55.77
N ALA B 204 -11.95 7.72 54.77
CA ALA B 204 -12.15 8.11 53.37
C ALA B 204 -12.07 9.62 53.19
N LEU B 205 -12.62 10.12 52.08
CA LEU B 205 -12.63 11.56 51.79
C LEU B 205 -13.97 12.09 51.33
N ASP B 206 -14.86 11.26 50.81
CA ASP B 206 -16.15 11.70 50.27
C ASP B 206 -17.27 11.10 51.11
N LEU B 207 -18.16 11.96 51.61
CA LEU B 207 -19.28 11.49 52.42
C LEU B 207 -20.23 10.57 51.67
N PRO B 208 -20.65 10.86 50.42
CA PRO B 208 -21.39 9.84 49.68
C PRO B 208 -20.63 8.55 49.51
N SER B 209 -19.30 8.63 49.33
CA SER B 209 -18.50 7.41 49.28
C SER B 209 -18.52 6.69 50.62
N LEU B 210 -18.53 7.44 51.73
CA LEU B 210 -18.65 6.81 53.04
C LEU B 210 -19.98 6.08 53.19
N THR B 211 -21.07 6.70 52.74
CA THR B 211 -22.37 6.03 52.77
C THR B 211 -22.36 4.78 51.91
N SER B 212 -21.79 4.87 50.71
CA SER B 212 -21.71 3.71 49.84
C SER B 212 -20.93 2.58 50.48
N LEU B 213 -19.79 2.90 51.11
CA LEU B 213 -18.99 1.89 51.78
C LEU B 213 -19.75 1.27 52.96
N LEU B 214 -20.48 2.10 53.71
CA LEU B 214 -21.29 1.58 54.81
C LEU B 214 -22.39 0.65 54.30
N SER B 215 -22.87 0.87 53.08
CA SER B 215 -23.98 0.08 52.56
C SER B 215 -23.65 -1.41 52.52
N GLU B 216 -22.54 -1.79 51.87
CA GLU B 216 -22.27 -3.21 51.74
C GLU B 216 -21.86 -3.83 53.06
N LYS B 217 -21.22 -3.06 53.94
CA LYS B 217 -20.88 -3.58 55.26
C LYS B 217 -22.13 -3.91 56.06
N ALA B 218 -23.12 -3.00 56.04
CA ALA B 218 -24.38 -3.27 56.71
C ALA B 218 -25.09 -4.47 56.08
N LYS B 219 -25.06 -4.57 54.75
CA LYS B 219 -25.68 -5.70 54.08
C LYS B 219 -25.02 -7.01 54.48
N GLU B 220 -23.69 -7.03 54.54
CA GLU B 220 -22.97 -8.25 54.93
C GLU B 220 -23.25 -8.63 56.38
N PHE B 221 -23.30 -7.63 57.28
CA PHE B 221 -23.60 -7.93 58.68
C PHE B 221 -25.01 -8.46 58.84
N LEU B 222 -25.97 -7.92 58.08
CA LEU B 222 -27.32 -8.46 58.10
C LEU B 222 -27.35 -9.89 57.55
N MET B 223 -26.57 -10.14 56.49
CA MET B 223 -26.53 -11.48 55.90
C MET B 223 -25.97 -12.49 56.88
N GLU B 224 -24.91 -12.12 57.61
CA GLU B 224 -24.25 -13.04 58.52
C GLU B 224 -25.22 -13.57 59.57
N ASN B 225 -26.10 -12.71 60.07
CA ASN B 225 -27.09 -13.13 61.06
C ASN B 225 -28.34 -13.72 60.42
N ARG B 226 -28.43 -13.72 59.08
CA ARG B 226 -29.60 -14.22 58.36
C ARG B 226 -30.88 -13.52 58.85
N VAL B 227 -30.81 -12.19 58.91
CA VAL B 227 -31.90 -11.40 59.46
C VAL B 227 -33.11 -11.47 58.54
N GLN B 228 -34.28 -11.75 59.11
CA GLN B 228 -35.53 -11.74 58.37
C GLN B 228 -36.35 -10.48 58.62
N SER B 229 -36.25 -9.91 59.83
CA SER B 229 -36.90 -8.65 60.16
C SER B 229 -35.97 -7.83 61.03
N PHE B 230 -35.84 -6.54 60.73
CA PHE B 230 -34.92 -5.69 61.45
C PHE B 230 -35.48 -4.28 61.56
N TYR B 231 -35.04 -3.57 62.58
CA TYR B 231 -35.39 -2.17 62.79
C TYR B 231 -34.13 -1.32 62.66
N GLN B 232 -34.32 -0.07 62.21
CA GLN B 232 -33.17 0.79 61.94
C GLN B 232 -32.37 1.06 63.20
N GLN B 233 -33.05 1.30 64.32
CA GLN B 233 -32.33 1.52 65.58
C GLN B 233 -31.58 0.29 66.03
N GLU B 234 -32.08 -0.91 65.69
CA GLU B 234 -31.35 -2.13 66.01
C GLU B 234 -30.02 -2.20 65.28
N LEU B 235 -29.98 -1.73 64.04
CA LEU B 235 -28.72 -1.64 63.32
C LEU B 235 -27.87 -0.47 63.79
N GLU B 236 -28.51 0.61 64.26
CA GLU B 236 -27.77 1.77 64.70
C GLU B 236 -27.10 1.54 66.05
N MET B 237 -27.68 0.70 66.91
CA MET B 237 -27.05 0.39 68.18
C MET B 237 -25.85 -0.54 68.03
N VAL B 238 -25.62 -1.09 66.84
CA VAL B 238 -24.46 -1.94 66.62
C VAL B 238 -23.19 -1.09 66.69
N GLU B 239 -22.24 -1.52 67.52
CA GLU B 239 -21.04 -0.73 67.74
C GLU B 239 -20.13 -0.71 66.52
N SER B 240 -20.01 -1.84 65.82
CA SER B 240 -19.16 -1.90 64.64
C SER B 240 -19.69 -0.99 63.54
N LEU B 241 -21.01 -0.97 63.34
CA LEU B 241 -21.61 -0.09 62.33
C LEU B 241 -21.36 1.38 62.68
N LEU B 242 -21.50 1.73 63.95
CA LEU B 242 -21.22 3.10 64.37
C LEU B 242 -19.76 3.46 64.14
N SER B 243 -18.85 2.55 64.51
CA SER B 243 -17.42 2.83 64.32
C SER B 243 -17.07 3.01 62.86
N LEU B 244 -17.67 2.19 61.99
CA LEU B 244 -17.49 2.40 60.55
C LEU B 244 -18.06 3.74 60.12
N ALA B 245 -19.23 4.11 60.65
CA ALA B 245 -19.85 5.38 60.28
C ALA B 245 -19.12 6.56 60.92
N ASN B 246 -18.70 6.43 62.17
CA ASN B 246 -18.04 7.52 62.88
C ASN B 246 -16.64 7.72 62.30
N GLN B 247 -16.50 8.71 61.43
CA GLN B 247 -15.27 9.04 60.74
C GLN B 247 -15.02 10.54 60.86
N PRO B 248 -13.77 10.97 60.72
CA PRO B 248 -13.49 12.42 60.80
C PRO B 248 -14.26 13.25 59.80
N VAL B 249 -14.52 12.72 58.59
CA VAL B 249 -15.23 13.48 57.59
C VAL B 249 -16.70 13.65 57.96
N ILE B 250 -17.32 12.61 58.55
CA ILE B 250 -18.74 12.68 58.86
C ILE B 250 -19.00 13.66 60.01
N HIS B 251 -18.04 13.82 60.92
CA HIS B 251 -18.23 14.76 62.02
C HIS B 251 -18.20 16.19 61.52
N SER B 252 -17.37 16.49 60.52
CA SER B 252 -17.32 17.83 59.96
C SER B 252 -18.60 18.17 59.20
N ALA B 253 -19.21 17.17 58.57
CA ALA B 253 -20.42 17.37 57.77
C ALA B 253 -21.70 17.24 58.59
N SER B 254 -21.60 17.01 59.90
CA SER B 254 -22.76 16.88 60.76
C SER B 254 -23.01 18.14 61.58
N SER B 255 -22.60 19.30 61.08
CA SER B 255 -22.75 20.57 61.79
C SER B 255 -24.08 21.22 61.39
N ASP B 256 -25.16 20.68 61.97
CA ASP B 256 -26.50 21.21 61.75
C ASP B 256 -27.09 21.88 62.98
N GLN B 257 -26.75 21.41 64.19
CA GLN B 257 -27.20 22.02 65.43
C GLN B 257 -26.04 22.13 66.39
N VAL B 258 -26.13 23.10 67.30
CA VAL B 258 -25.08 23.39 68.27
C VAL B 258 -25.50 23.00 69.68
N ASN B 259 -26.72 23.38 70.07
CA ASN B 259 -27.21 23.04 71.40
C ASN B 259 -27.43 21.54 71.59
N PHE B 260 -27.53 20.80 70.49
CA PHE B 260 -27.80 19.37 70.50
C PHE B 260 -26.77 18.62 69.67
N LYS B 261 -25.48 18.89 69.95
CA LYS B 261 -24.41 18.31 69.17
C LYS B 261 -24.47 16.79 69.18
N LYS B 262 -24.68 16.19 70.35
CA LYS B 262 -24.87 14.75 70.41
C LYS B 262 -26.12 14.32 69.64
N ASP B 263 -27.22 15.05 69.83
CA ASP B 263 -28.46 14.71 69.13
C ASP B 263 -28.33 14.89 67.63
N THR B 264 -27.66 15.96 67.18
CA THR B 264 -27.52 16.16 65.74
C THR B 264 -26.53 15.18 65.14
N THR B 265 -25.51 14.75 65.89
CA THR B 265 -24.63 13.69 65.40
C THR B 265 -25.38 12.37 65.28
N SER B 266 -26.24 12.06 66.26
CA SER B 266 -27.08 10.88 66.17
C SER B 266 -28.04 10.97 64.97
N LYS B 267 -28.56 12.17 64.72
CA LYS B 267 -29.44 12.36 63.56
C LYS B 267 -28.68 12.15 62.25
N ALA B 268 -27.45 12.64 62.17
CA ALA B 268 -26.64 12.43 60.97
C ALA B 268 -26.33 10.95 60.76
N ILE B 269 -26.02 10.24 61.85
CA ILE B 269 -25.78 8.81 61.75
C ILE B 269 -27.06 8.08 61.31
N HIS B 270 -28.20 8.49 61.84
CA HIS B 270 -29.47 7.94 61.42
C HIS B 270 -29.71 8.19 59.94
N SER B 271 -29.38 9.39 59.47
CA SER B 271 -29.56 9.73 58.06
C SER B 271 -28.68 8.87 57.16
N ILE B 272 -27.42 8.69 57.53
CA ILE B 272 -26.54 7.89 56.69
C ILE B 272 -26.95 6.42 56.73
N PHE B 273 -27.41 5.93 57.88
CA PHE B 273 -27.91 4.55 57.96
C PHE B 273 -29.15 4.38 57.10
N LYS B 274 -30.06 5.36 57.12
CA LYS B 274 -31.24 5.29 56.26
C LYS B 274 -30.87 5.36 54.79
N ASN B 275 -29.84 6.14 54.45
CA ASN B 275 -29.37 6.18 53.08
C ASN B 275 -28.83 4.82 52.65
N ALA B 276 -28.07 4.16 53.52
CA ALA B 276 -27.61 2.81 53.21
C ALA B 276 -28.78 1.84 53.07
N ILE B 277 -29.78 1.99 53.94
CA ILE B 277 -30.94 1.10 53.89
C ILE B 277 -31.71 1.27 52.59
N GLN B 278 -31.93 2.51 52.16
CA GLN B 278 -32.63 2.73 50.89
C GLN B 278 -31.77 2.33 49.70
N LEU B 279 -30.44 2.42 49.83
CA LEU B 279 -29.56 1.88 48.79
C LEU B 279 -29.74 0.38 48.66
N LEU B 280 -29.83 -0.33 49.78
CA LEU B 280 -30.13 -1.76 49.73
C LEU B 280 -31.51 -2.01 49.15
N GLN B 281 -32.48 -1.16 49.50
CA GLN B 281 -33.84 -1.31 48.98
C GLN B 281 -33.86 -1.19 47.46
N GLU B 282 -33.12 -0.22 46.92
CA GLU B 282 -33.08 -0.04 45.47
C GLU B 282 -32.44 -1.22 44.75
N LYS B 283 -31.68 -2.04 45.46
CA LYS B 283 -31.09 -3.24 44.88
C LYS B 283 -32.00 -4.44 44.94
N GLY B 284 -33.18 -4.32 45.57
CA GLY B 284 -34.09 -5.42 45.72
C GLY B 284 -33.77 -6.37 46.85
N LEU B 285 -32.71 -6.12 47.61
CA LEU B 285 -32.35 -7.01 48.72
C LEU B 285 -33.41 -6.99 49.81
N VAL B 286 -33.94 -5.81 50.13
CA VAL B 286 -34.96 -5.65 51.17
C VAL B 286 -36.13 -4.87 50.60
N PHE B 287 -37.34 -5.31 50.92
CA PHE B 287 -38.57 -4.67 50.47
C PHE B 287 -39.26 -3.98 51.65
N GLN B 288 -40.45 -3.45 51.40
CA GLN B 288 -41.20 -2.70 52.39
C GLN B 288 -42.59 -3.31 52.57
N LYS B 289 -43.16 -3.10 53.76
CA LYS B 289 -44.49 -3.58 54.08
C LYS B 289 -45.28 -2.47 54.74
N ASP B 290 -46.61 -2.55 54.61
CA ASP B 290 -47.52 -1.56 55.22
C ASP B 290 -48.05 -2.16 56.52
N ASP B 291 -47.21 -2.14 57.56
CA ASP B 291 -47.58 -2.63 58.87
C ASP B 291 -47.55 -1.53 59.93
N GLY B 292 -47.50 -0.27 59.53
CA GLY B 292 -47.45 0.83 60.45
C GLY B 292 -46.09 1.14 61.03
N PHE B 293 -45.05 0.43 60.61
CA PHE B 293 -43.70 0.62 61.11
C PHE B 293 -42.87 1.34 60.06
N ASP B 294 -42.26 2.47 60.44
CA ASP B 294 -41.48 3.25 59.50
C ASP B 294 -40.16 2.58 59.15
N ASN B 295 -39.48 2.03 60.16
CA ASN B 295 -38.12 1.52 60.00
C ASN B 295 -38.08 -0.01 60.03
N LEU B 296 -39.09 -0.65 59.44
CA LEU B 296 -39.17 -2.10 59.39
C LEU B 296 -39.02 -2.56 57.94
N TYR B 297 -38.05 -3.44 57.69
CA TYR B 297 -37.83 -4.00 56.38
C TYR B 297 -37.47 -5.48 56.53
N TYR B 298 -37.70 -6.24 55.46
CA TYR B 298 -37.46 -7.67 55.47
C TYR B 298 -36.57 -8.03 54.28
N VAL B 299 -35.60 -8.92 54.54
CA VAL B 299 -34.69 -9.36 53.49
C VAL B 299 -35.45 -10.26 52.52
N THR B 300 -35.38 -9.93 51.23
CA THR B 300 -36.14 -10.67 50.22
C THR B 300 -35.58 -12.07 49.99
N ARG B 301 -34.33 -12.32 50.36
CA ARG B 301 -33.72 -13.61 50.06
C ARG B 301 -34.32 -14.74 50.89
N GLU B 302 -34.85 -14.42 52.08
CA GLU B 302 -35.34 -15.43 53.00
C GLU B 302 -36.85 -15.56 53.00
N ASP B 303 -37.54 -14.93 52.04
CA ASP B 303 -39.00 -15.04 51.94
C ASP B 303 -39.34 -16.32 51.19
N LYS B 304 -39.34 -17.43 51.93
CA LYS B 304 -39.58 -18.72 51.32
C LYS B 304 -41.00 -18.82 50.74
N ASP B 305 -41.98 -18.24 51.42
CA ASP B 305 -43.34 -18.27 50.92
C ASP B 305 -43.45 -17.52 49.59
N LEU B 306 -42.78 -16.37 49.48
CA LEU B 306 -42.78 -15.64 48.21
C LEU B 306 -42.13 -16.46 47.10
N HIS B 307 -41.02 -17.14 47.41
CA HIS B 307 -40.36 -17.98 46.41
C HIS B 307 -41.28 -19.10 45.95
N ARG B 308 -41.99 -19.74 46.89
CA ARG B 308 -42.92 -20.79 46.52
C ARG B 308 -44.06 -20.26 45.66
N LYS B 309 -44.58 -19.07 46.02
CA LYS B 309 -45.65 -18.47 45.23
C LYS B 309 -45.20 -18.17 43.82
N ILE B 310 -44.01 -17.60 43.66
CA ILE B 310 -43.51 -17.27 42.33
C ILE B 310 -43.23 -18.55 41.53
N HIS B 311 -42.71 -19.58 42.19
CA HIS B 311 -42.49 -20.85 41.50
C HIS B 311 -43.81 -21.44 41.02
N ARG B 312 -44.85 -21.39 41.86
CA ARG B 312 -46.15 -21.90 41.44
C ARG B 312 -46.73 -21.09 40.28
N ILE B 313 -46.63 -19.77 40.34
CA ILE B 313 -47.20 -18.95 39.28
C ILE B 313 -46.43 -19.14 37.97
N ILE B 314 -45.12 -19.39 38.05
CA ILE B 314 -44.34 -19.67 36.85
C ILE B 314 -44.72 -21.04 36.30
N GLN B 315 -44.95 -22.02 37.18
CA GLN B 315 -45.42 -23.32 36.74
C GLN B 315 -46.76 -23.21 36.03
N GLN B 316 -47.66 -22.39 36.56
CA GLN B 316 -48.93 -22.09 35.90
C GLN B 316 -48.76 -21.06 34.78
N ASP B 317 -47.53 -20.74 34.40
CA ASP B 317 -47.22 -19.89 33.25
C ASP B 317 -47.77 -18.48 33.43
N CYS B 318 -47.85 -18.01 34.67
CA CYS B 318 -48.34 -16.67 34.99
C CYS B 318 -49.69 -16.39 34.32
N GLN B 319 -50.60 -17.35 34.47
CA GLN B 319 -51.95 -17.32 33.93
C GLN B 319 -51.99 -17.26 32.41
N LYS B 320 -50.85 -17.43 31.73
CA LYS B 320 -50.87 -17.44 30.28
C LYS B 320 -51.35 -18.81 29.76
N PRO B 321 -52.02 -18.82 28.61
CA PRO B 321 -52.51 -20.09 28.06
C PRO B 321 -51.38 -21.05 27.73
N ASN B 322 -51.65 -22.35 27.92
CA ASN B 322 -50.66 -23.38 27.65
C ASN B 322 -50.38 -23.50 26.15
N HIS B 323 -51.41 -23.33 25.31
CA HIS B 323 -51.25 -23.57 23.89
C HIS B 323 -50.29 -22.59 23.22
N MET B 324 -50.10 -21.39 23.79
CA MET B 324 -49.11 -20.46 23.27
C MET B 324 -47.73 -20.90 23.76
N GLU B 325 -46.72 -20.07 23.48
CA GLU B 325 -45.35 -20.40 23.89
C GLU B 325 -45.24 -20.44 25.41
N LYS B 326 -44.57 -21.47 25.92
CA LYS B 326 -44.38 -21.60 27.35
C LYS B 326 -43.49 -20.48 27.89
N GLY B 327 -43.76 -20.06 29.12
CA GLY B 327 -43.01 -19.00 29.75
C GLY B 327 -43.57 -17.63 29.44
N CYS B 328 -43.02 -16.64 30.14
CA CYS B 328 -43.48 -15.26 30.03
C CYS B 328 -42.29 -14.32 30.04
N HIS B 329 -42.53 -13.09 29.60
CA HIS B 329 -41.51 -12.06 29.63
C HIS B 329 -41.43 -11.44 31.04
N PHE B 330 -40.38 -10.64 31.26
CA PHE B 330 -40.17 -10.03 32.56
C PHE B 330 -41.33 -9.11 32.94
N LEU B 331 -41.83 -8.33 31.98
CA LEU B 331 -42.88 -7.36 32.29
C LEU B 331 -44.18 -8.05 32.69
N HIS B 332 -44.60 -9.05 31.93
CA HIS B 332 -45.83 -9.77 32.26
C HIS B 332 -45.69 -10.51 33.59
N ILE B 333 -44.53 -11.10 33.83
CA ILE B 333 -44.30 -11.77 35.11
C ILE B 333 -44.39 -10.77 36.26
N LEU B 334 -43.80 -9.58 36.08
CA LEU B 334 -43.87 -8.55 37.12
C LEU B 334 -45.31 -8.13 37.37
N ALA B 335 -46.09 -7.92 36.31
CA ALA B 335 -47.49 -7.54 36.48
C ALA B 335 -48.28 -8.62 37.21
N CYS B 336 -48.07 -9.88 36.82
CA CYS B 336 -48.78 -10.99 37.46
C CYS B 336 -48.41 -11.10 38.93
N ALA B 337 -47.12 -10.96 39.25
CA ALA B 337 -46.70 -11.04 40.64
C ALA B 337 -47.26 -9.87 41.46
N ARG B 338 -47.29 -8.67 40.87
CA ARG B 338 -47.85 -7.52 41.58
C ARG B 338 -49.33 -7.71 41.86
N LEU B 339 -50.09 -8.18 40.86
CA LEU B 339 -51.53 -8.31 41.05
C LEU B 339 -51.89 -9.49 41.95
N SER B 340 -51.11 -10.57 41.90
CA SER B 340 -51.47 -11.78 42.62
C SER B 340 -51.20 -11.67 44.12
N ILE B 341 -50.17 -10.95 44.53
CA ILE B 341 -49.77 -10.94 45.93
C ILE B 341 -49.83 -9.54 46.52
N ARG B 342 -49.04 -8.61 45.97
CA ARG B 342 -48.90 -7.31 46.61
C ARG B 342 -48.71 -6.20 45.58
N PRO B 343 -49.57 -5.17 45.60
CA PRO B 343 -49.36 -4.03 44.69
C PRO B 343 -48.07 -3.27 44.95
N GLY B 344 -47.53 -3.35 46.16
CA GLY B 344 -46.31 -2.67 46.55
C GLY B 344 -45.03 -3.40 46.21
N LEU B 345 -45.11 -4.50 45.47
CA LEU B 345 -43.92 -5.23 45.06
C LEU B 345 -43.04 -4.35 44.18
N SER B 346 -41.75 -4.35 44.46
CA SER B 346 -40.80 -3.57 43.70
C SER B 346 -40.08 -4.48 42.70
N GLU B 347 -39.67 -3.87 41.59
CA GLU B 347 -39.21 -4.64 40.44
C GLU B 347 -37.84 -5.25 40.67
N ALA B 348 -36.96 -4.56 41.40
CA ALA B 348 -35.66 -5.13 41.74
C ALA B 348 -35.83 -6.33 42.67
N VAL B 349 -36.80 -6.27 43.58
CA VAL B 349 -37.07 -7.39 44.48
C VAL B 349 -37.48 -8.62 43.67
N LEU B 350 -38.36 -8.43 42.68
CA LEU B 350 -38.75 -9.56 41.85
C LEU B 350 -37.59 -10.07 41.00
N GLN B 351 -36.72 -9.18 40.54
CA GLN B 351 -35.53 -9.64 39.83
C GLN B 351 -34.67 -10.53 40.72
N GLN B 352 -34.46 -10.11 41.97
CA GLN B 352 -33.69 -10.92 42.90
C GLN B 352 -34.37 -12.25 43.19
N VAL B 353 -35.71 -12.23 43.31
CA VAL B 353 -36.46 -13.46 43.57
C VAL B 353 -36.28 -14.44 42.41
N LEU B 354 -36.40 -13.93 41.17
CA LEU B 354 -36.23 -14.79 40.01
C LEU B 354 -34.81 -15.34 39.94
N GLU B 355 -33.80 -14.51 40.23
CA GLU B 355 -32.42 -14.99 40.23
C GLU B 355 -32.22 -16.09 41.27
N LEU B 356 -32.75 -15.88 42.48
CA LEU B 356 -32.60 -16.89 43.53
C LEU B 356 -33.32 -18.17 43.16
N LEU B 357 -34.49 -18.07 42.54
CA LEU B 357 -35.19 -19.27 42.08
C LEU B 357 -34.37 -20.02 41.03
N GLU B 358 -33.75 -19.28 40.11
CA GLU B 358 -32.87 -19.90 39.13
C GLU B 358 -31.67 -20.56 39.79
N ASP B 359 -31.20 -20.00 40.91
CA ASP B 359 -30.07 -20.58 41.62
C ASP B 359 -30.40 -21.98 42.14
N GLN B 360 -31.62 -22.16 42.65
CA GLN B 360 -32.03 -23.44 43.22
C GLN B 360 -32.49 -24.45 42.16
N SER B 361 -32.17 -24.21 40.88
CA SER B 361 -32.55 -25.11 39.80
C SER B 361 -34.07 -25.33 39.77
N ASP B 362 -34.80 -24.23 39.89
CA ASP B 362 -36.27 -24.29 39.88
C ASP B 362 -36.86 -24.06 38.50
N ILE B 363 -36.24 -23.20 37.69
CA ILE B 363 -36.71 -22.88 36.35
C ILE B 363 -35.51 -22.80 35.41
N VAL B 364 -35.81 -22.68 34.13
CA VAL B 364 -34.80 -22.55 33.08
C VAL B 364 -35.14 -21.35 32.21
N SER B 365 -34.12 -20.60 31.81
CA SER B 365 -34.29 -19.40 31.00
C SER B 365 -33.92 -19.74 29.55
N THR B 366 -34.91 -19.71 28.66
CA THR B 366 -34.63 -19.91 27.24
C THR B 366 -33.75 -18.80 26.70
N MET B 367 -34.03 -17.56 27.09
CA MET B 367 -33.15 -16.42 26.80
C MET B 367 -33.43 -15.35 27.85
N GLU B 368 -32.88 -14.16 27.64
CA GLU B 368 -32.97 -13.10 28.62
C GLU B 368 -34.42 -12.72 28.91
N HIS B 369 -34.75 -12.61 30.20
CA HIS B 369 -36.08 -12.19 30.65
C HIS B 369 -37.18 -13.08 30.09
N TYR B 370 -36.92 -14.38 30.05
CA TYR B 370 -37.92 -15.34 29.57
C TYR B 370 -37.60 -16.68 30.19
N TYR B 371 -38.46 -17.15 31.10
CA TYR B 371 -38.19 -18.32 31.91
C TYR B 371 -39.32 -19.33 31.75
N THR B 372 -38.95 -20.60 31.67
CA THR B 372 -39.90 -21.68 31.46
C THR B 372 -39.72 -22.75 32.54
N ALA B 373 -40.73 -23.61 32.66
CA ALA B 373 -40.71 -24.69 33.62
C ALA B 373 -40.21 -25.97 32.93
N PHE B 374 -40.28 -27.09 33.64
CA PHE B 374 -39.84 -28.38 33.10
C PHE B 374 -41.01 -29.34 32.96
N LEU C 32 31.98 -6.06 14.47
CA LEU C 32 30.96 -5.04 14.22
C LEU C 32 31.58 -3.66 14.09
N PRO C 33 31.07 -2.86 13.16
CA PRO C 33 31.61 -1.52 12.95
C PRO C 33 30.93 -0.47 13.81
N LYS C 34 31.42 0.76 13.74
CA LYS C 34 30.80 1.86 14.45
C LYS C 34 29.61 2.41 13.64
N PRO C 35 28.63 3.01 14.31
CA PRO C 35 27.46 3.50 13.58
C PRO C 35 27.79 4.72 12.73
N GLY C 36 26.84 5.07 11.88
CA GLY C 36 27.03 6.20 10.98
C GLY C 36 26.13 7.38 11.30
N THR C 37 26.74 8.47 11.78
CA THR C 37 26.00 9.68 12.11
C THR C 37 25.88 10.57 10.89
N TYR C 38 24.77 11.28 10.79
CA TYR C 38 24.54 12.17 9.66
C TYR C 38 25.38 13.44 9.79
N TYR C 39 25.74 14.01 8.64
CA TYR C 39 26.52 15.24 8.60
C TYR C 39 26.23 15.94 7.28
N LEU C 40 25.80 17.19 7.35
CA LEU C 40 25.57 17.96 6.14
C LEU C 40 26.92 18.27 5.47
N PRO C 41 26.92 18.49 4.14
CA PRO C 41 28.20 18.59 3.42
C PRO C 41 29.13 19.69 3.89
N TRP C 42 28.60 20.85 4.26
CA TRP C 42 29.49 21.98 4.53
C TRP C 42 30.28 21.81 5.83
N GLU C 43 29.71 21.14 6.83
CA GLU C 43 30.46 20.91 8.07
C GLU C 43 31.67 20.01 7.81
N VAL C 44 31.46 18.88 7.13
CA VAL C 44 32.58 18.00 6.83
C VAL C 44 33.54 18.64 5.84
N SER C 45 33.05 19.56 5.00
CA SER C 45 33.93 20.30 4.10
C SER C 45 34.92 21.15 4.88
N ALA C 46 34.51 21.65 6.04
CA ALA C 46 35.37 22.47 6.88
C ALA C 46 36.20 21.65 7.86
N GLY C 47 36.08 20.33 7.83
CA GLY C 47 36.84 19.48 8.74
C GLY C 47 36.47 19.63 10.19
N GLN C 48 35.17 19.66 10.51
CA GLN C 48 34.69 19.77 11.88
C GLN C 48 34.41 18.42 12.52
N VAL C 49 35.09 17.37 12.09
CA VAL C 49 34.92 16.04 12.66
C VAL C 49 36.29 15.44 12.94
N PRO C 50 36.43 14.63 14.00
CA PRO C 50 37.74 14.01 14.28
C PRO C 50 38.11 12.99 13.22
N ASP C 51 39.41 12.83 13.02
CA ASP C 51 39.91 11.84 12.07
C ASP C 51 39.54 10.43 12.53
N GLY C 52 39.25 9.57 11.56
CA GLY C 52 38.88 8.21 11.84
C GLY C 52 37.42 8.02 12.21
N SER C 53 36.63 9.08 12.26
CA SER C 53 35.22 8.95 12.58
C SER C 53 34.46 8.35 11.40
N THR C 54 33.28 7.82 11.70
CA THR C 54 32.39 7.26 10.69
C THR C 54 31.22 8.22 10.48
N LEU C 55 30.97 8.58 9.22
CA LEU C 55 29.95 9.56 8.90
C LEU C 55 29.20 9.13 7.64
N ARG C 56 28.01 9.67 7.48
CA ARG C 56 27.20 9.46 6.29
C ARG C 56 26.67 10.80 5.82
N THR C 57 26.95 11.14 4.56
CA THR C 57 26.52 12.42 4.02
C THR C 57 25.91 12.26 2.64
N PHE C 58 25.64 13.38 1.97
CA PHE C 58 24.98 13.36 0.67
C PHE C 58 25.64 14.40 -0.24
N GLY C 59 25.26 14.36 -1.51
CA GLY C 59 25.78 15.30 -2.48
C GLY C 59 25.43 14.86 -3.89
N ARG C 60 25.92 15.65 -4.84
CA ARG C 60 25.70 15.40 -6.26
C ARG C 60 27.04 15.13 -6.93
N LEU C 61 27.11 14.05 -7.71
CA LEU C 61 28.34 13.68 -8.38
C LEU C 61 28.71 14.71 -9.44
N CYS C 62 30.02 14.92 -9.62
CA CYS C 62 30.53 15.85 -10.61
C CYS C 62 31.54 15.22 -11.57
N LEU C 63 32.35 14.28 -11.10
CA LEU C 63 33.36 13.67 -11.96
C LEU C 63 33.71 12.30 -11.41
N TYR C 64 33.99 11.35 -12.30
CA TYR C 64 34.39 9.99 -11.94
C TYR C 64 35.75 9.73 -12.57
N ASP C 65 36.82 9.91 -11.80
CA ASP C 65 38.17 9.67 -12.29
C ASP C 65 38.35 8.17 -12.41
N MET C 66 38.41 7.67 -13.65
CA MET C 66 38.33 6.24 -13.90
C MET C 66 39.57 5.51 -13.41
N ILE C 67 40.75 6.00 -13.77
CA ILE C 67 41.97 5.23 -13.56
C ILE C 67 42.34 5.17 -12.08
N GLN C 68 42.16 6.28 -11.36
CA GLN C 68 42.64 6.38 -9.99
C GLN C 68 41.59 6.03 -8.95
N SER C 69 40.39 5.65 -9.37
CA SER C 69 39.31 5.25 -8.47
C SER C 69 39.02 6.35 -7.45
N ARG C 70 38.61 7.50 -7.96
CA ARG C 70 38.31 8.67 -7.15
C ARG C 70 37.03 9.31 -7.64
N VAL C 71 36.19 9.76 -6.70
CA VAL C 71 34.90 10.36 -7.01
C VAL C 71 34.82 11.72 -6.35
N THR C 72 34.47 12.74 -7.13
CA THR C 72 34.33 14.10 -6.65
C THR C 72 32.87 14.51 -6.76
N LEU C 73 32.16 14.54 -5.64
CA LEU C 73 30.77 14.97 -5.61
C LEU C 73 30.67 16.36 -5.01
N MET C 74 29.62 17.08 -5.39
CA MET C 74 29.43 18.47 -4.99
C MET C 74 28.03 18.67 -4.45
N ALA C 75 27.90 19.65 -3.55
CA ALA C 75 26.62 20.04 -2.99
C ALA C 75 26.59 21.55 -2.84
N GLN C 76 25.48 22.17 -3.25
CA GLN C 76 25.35 23.61 -3.22
C GLN C 76 24.91 24.08 -1.84
N HIS C 77 25.29 25.32 -1.51
CA HIS C 77 24.83 25.98 -0.29
C HIS C 77 24.77 27.48 -0.59
N GLY C 78 23.59 27.95 -0.99
CA GLY C 78 23.43 29.33 -1.39
C GLY C 78 24.31 29.70 -2.57
N SER C 79 25.31 30.53 -2.32
CA SER C 79 26.29 30.90 -3.33
C SER C 79 27.59 30.12 -3.17
N ASP C 80 27.61 29.12 -2.31
CA ASP C 80 28.80 28.33 -2.03
C ASP C 80 28.63 26.90 -2.53
N GLN C 81 29.71 26.33 -3.07
CA GLN C 81 29.74 24.95 -3.51
C GLN C 81 30.88 24.24 -2.81
N HIS C 82 30.59 23.07 -2.24
CA HIS C 82 31.56 22.32 -1.46
C HIS C 82 31.84 20.99 -2.13
N GLN C 83 33.07 20.51 -1.94
CA GLN C 83 33.56 19.30 -2.61
C GLN C 83 34.04 18.30 -1.59
N VAL C 84 33.70 17.03 -1.82
CA VAL C 84 34.14 15.91 -0.99
C VAL C 84 34.74 14.85 -1.90
N LEU C 85 35.87 14.29 -1.48
CA LEU C 85 36.56 13.26 -2.25
C LEU C 85 36.20 11.89 -1.68
N VAL C 86 35.85 10.96 -2.57
CA VAL C 86 35.38 9.63 -2.17
C VAL C 86 36.24 8.59 -2.85
N CYS C 87 36.95 7.79 -2.04
CA CYS C 87 37.57 6.58 -2.57
C CYS C 87 36.51 5.52 -2.82
N THR C 88 36.70 4.74 -3.87
CA THR C 88 35.68 3.78 -4.30
C THR C 88 36.20 2.35 -4.36
N LYS C 89 37.37 2.08 -3.79
CA LYS C 89 38.06 0.82 -3.99
C LYS C 89 37.34 -0.40 -3.42
N LEU C 90 36.17 -0.20 -2.81
CA LEU C 90 35.46 -1.29 -2.16
C LEU C 90 34.06 -1.53 -2.70
N VAL C 91 33.69 -0.92 -3.82
CA VAL C 91 32.35 -1.10 -4.35
C VAL C 91 32.37 -1.41 -5.84
N GLU C 92 33.55 -1.62 -6.42
CA GLU C 92 33.59 -2.02 -7.83
C GLU C 92 32.96 -3.40 -8.01
N PRO C 93 32.24 -3.63 -9.10
CA PRO C 93 31.94 -2.69 -10.20
C PRO C 93 30.87 -1.68 -9.79
N PHE C 94 30.81 -0.52 -10.46
CA PHE C 94 29.94 0.55 -10.02
C PHE C 94 29.56 1.43 -11.20
N HIS C 95 28.27 1.45 -11.53
CA HIS C 95 27.79 2.37 -12.55
C HIS C 95 27.79 3.80 -12.03
N ALA C 96 27.99 4.75 -12.94
CA ALA C 96 28.02 6.17 -12.61
C ALA C 96 26.89 6.88 -13.33
N GLN C 97 26.19 7.74 -12.59
CA GLN C 97 25.13 8.58 -13.15
C GLN C 97 25.58 10.04 -13.00
N VAL C 98 26.03 10.63 -14.11
CA VAL C 98 26.56 11.99 -14.06
C VAL C 98 25.45 12.96 -13.68
N GLY C 99 25.78 13.90 -12.81
CA GLY C 99 24.82 14.91 -12.39
C GLY C 99 23.63 14.37 -11.62
N SER C 100 23.87 13.51 -10.63
CA SER C 100 22.81 12.92 -9.84
C SER C 100 23.21 12.92 -8.37
N LEU C 101 22.21 12.81 -7.50
CA LEU C 101 22.45 12.78 -6.08
C LEU C 101 22.95 11.39 -5.65
N TYR C 102 23.54 11.35 -4.45
CA TYR C 102 24.11 10.11 -3.94
C TYR C 102 24.12 10.16 -2.42
N ILE C 103 24.22 8.97 -1.82
CA ILE C 103 24.38 8.82 -0.38
C ILE C 103 25.60 7.94 -0.14
N VAL C 104 26.53 8.43 0.68
CA VAL C 104 27.78 7.73 0.95
C VAL C 104 27.92 7.52 2.44
N LEU C 105 28.32 6.30 2.82
CA LEU C 105 28.54 5.93 4.20
C LEU C 105 29.90 5.28 4.32
N GLY C 106 30.69 5.72 5.31
CA GLY C 106 32.02 5.15 5.49
C GLY C 106 32.79 5.86 6.57
N GLU C 107 34.12 5.77 6.46
CA GLU C 107 35.03 6.34 7.44
C GLU C 107 35.90 7.41 6.77
N LEU C 108 36.34 8.38 7.55
CA LEU C 108 37.09 9.52 7.05
C LEU C 108 38.54 9.44 7.51
N GLN C 109 39.46 9.65 6.58
CA GLN C 109 40.89 9.66 6.87
C GLN C 109 41.48 10.98 6.39
N HIS C 110 42.17 11.68 7.29
CA HIS C 110 42.77 12.97 6.97
C HIS C 110 44.12 12.73 6.31
N GLN C 111 44.15 12.81 4.98
CA GLN C 111 45.38 12.58 4.25
C GLN C 111 46.32 13.78 4.40
N GLN C 112 47.59 13.55 4.06
CA GLN C 112 48.62 14.59 4.24
C GLN C 112 48.42 15.74 3.27
N ASP C 113 48.23 15.43 1.99
CA ASP C 113 48.07 16.45 0.96
C ASP C 113 46.68 16.51 0.37
N ARG C 114 46.07 15.34 0.11
CA ARG C 114 44.74 15.30 -0.47
C ARG C 114 43.67 15.84 0.48
N GLY C 115 43.98 15.93 1.75
CA GLY C 115 43.04 16.51 2.73
C GLY C 115 42.14 15.44 3.34
N SER C 116 40.85 15.52 3.05
CA SER C 116 39.86 14.62 3.62
C SER C 116 39.25 13.76 2.52
N VAL C 117 39.30 12.45 2.72
CA VAL C 117 38.69 11.50 1.81
C VAL C 117 37.98 10.43 2.64
N VAL C 118 36.79 10.03 2.19
CA VAL C 118 35.97 9.06 2.91
C VAL C 118 36.10 7.70 2.24
N LYS C 119 36.33 6.67 3.05
CA LYS C 119 36.45 5.31 2.55
C LYS C 119 35.05 4.72 2.43
N ALA C 120 34.61 4.50 1.19
CA ALA C 120 33.25 4.03 0.95
C ALA C 120 33.07 2.59 1.43
N ARG C 121 31.94 2.33 2.05
CA ARG C 121 31.49 0.98 2.38
C ARG C 121 30.19 0.62 1.70
N VAL C 122 29.24 1.55 1.64
CA VAL C 122 28.03 1.41 0.85
C VAL C 122 27.77 2.74 0.15
N LEU C 123 27.40 2.68 -1.12
CA LEU C 123 27.20 3.90 -1.92
C LEU C 123 26.01 3.66 -2.84
N THR C 124 24.85 4.18 -2.43
CA THR C 124 23.62 4.04 -3.20
C THR C 124 23.24 5.37 -3.83
N CYS C 125 22.36 5.29 -4.83
CA CYS C 125 21.92 6.46 -5.57
C CYS C 125 20.43 6.69 -5.33
N VAL C 126 20.09 7.93 -5.00
CA VAL C 126 18.70 8.33 -4.79
C VAL C 126 18.45 9.60 -5.60
N GLU C 127 17.30 9.66 -6.26
CA GLU C 127 16.93 10.80 -7.08
C GLU C 127 15.51 11.25 -6.74
N GLY C 128 15.27 12.54 -6.87
CA GLY C 128 13.97 13.11 -6.59
C GLY C 128 13.68 13.40 -5.13
N MET C 129 14.51 12.91 -4.22
CA MET C 129 14.31 13.19 -2.81
C MET C 129 14.71 14.63 -2.51
N ASN C 130 13.78 15.40 -1.95
CA ASN C 130 14.05 16.81 -1.69
C ASN C 130 15.01 16.95 -0.50
N LEU C 131 15.98 17.84 -0.66
CA LEU C 131 16.92 18.12 0.43
C LEU C 131 16.26 18.76 1.65
N PRO C 132 15.39 19.77 1.52
CA PRO C 132 14.93 20.48 2.74
C PRO C 132 14.27 19.57 3.76
N LEU C 133 13.46 18.59 3.33
CA LEU C 133 12.87 17.66 4.28
C LEU C 133 13.95 16.91 5.05
N LEU C 134 15.00 16.46 4.35
CA LEU C 134 16.09 15.76 5.03
C LEU C 134 16.81 16.66 6.02
N GLU C 135 17.13 17.89 5.60
CA GLU C 135 17.87 18.79 6.48
C GLU C 135 17.08 19.10 7.74
N GLN C 136 15.78 19.39 7.56
CA GLN C 136 14.92 19.62 8.71
C GLN C 136 14.80 18.37 9.58
N ALA C 137 14.83 17.19 8.95
CA ALA C 137 14.72 15.94 9.70
C ALA C 137 15.91 15.75 10.64
N ILE C 138 17.13 15.88 10.12
CA ILE C 138 18.30 15.78 11.00
C ILE C 138 18.33 16.93 12.01
N ARG C 139 17.90 18.13 11.63
CA ARG C 139 17.87 19.20 12.61
C ARG C 139 16.93 18.86 13.77
N GLU C 140 15.75 18.34 13.46
CA GLU C 140 14.79 17.97 14.51
C GLU C 140 15.31 16.83 15.36
N GLN C 141 15.94 15.83 14.74
CA GLN C 141 16.47 14.71 15.51
C GLN C 141 17.58 15.17 16.45
N ARG C 142 18.46 16.04 15.97
CA ARG C 142 19.50 16.60 16.83
C ARG C 142 18.89 17.39 17.98
N LEU C 143 17.85 18.17 17.69
CA LEU C 143 17.21 18.95 18.73
C LEU C 143 16.61 18.05 19.81
N TYR C 144 15.94 16.97 19.39
CA TYR C 144 15.37 16.05 20.36
C TYR C 144 16.45 15.35 21.18
N LYS C 145 17.54 14.95 20.54
CA LYS C 145 18.63 14.32 21.28
C LYS C 145 19.22 15.28 22.32
N GLN C 146 19.41 16.54 21.94
CA GLN C 146 19.91 17.52 22.90
C GLN C 146 18.91 17.75 24.03
N GLU C 147 17.61 17.79 23.69
CA GLU C 147 16.59 18.00 24.71
C GLU C 147 16.60 16.87 25.72
N ARG C 148 16.67 15.62 25.24
CA ARG C 148 16.78 14.50 26.18
C ARG C 148 18.11 14.53 26.91
N GLY C 149 19.14 15.15 26.33
CA GLY C 149 20.40 15.32 27.01
C GLY C 149 20.41 16.39 28.08
N GLY C 150 19.34 17.19 28.17
CA GLY C 150 19.24 18.19 29.20
C GLY C 150 18.89 17.66 30.57
N SER C 151 18.43 16.41 30.66
CA SER C 151 18.11 15.79 31.94
C SER C 151 19.27 15.03 32.56
N GLN C 152 20.39 14.90 31.85
CA GLN C 152 21.54 14.17 32.36
C GLN C 152 22.85 14.82 31.92
N GLU D 16 64.54 -30.96 32.64
CA GLU D 16 63.60 -31.99 33.05
C GLU D 16 62.68 -32.37 31.89
N THR D 17 62.06 -33.54 31.98
CA THR D 17 61.21 -34.04 30.89
C THR D 17 59.93 -33.22 30.80
N PHE D 18 59.66 -32.70 29.60
CA PHE D 18 58.46 -31.89 29.39
C PHE D 18 57.22 -32.76 29.51
N ASP D 19 56.24 -32.27 30.27
CA ASP D 19 54.99 -32.97 30.46
C ASP D 19 53.83 -32.13 29.91
N PRO D 20 52.94 -32.72 29.10
CA PRO D 20 51.81 -31.95 28.55
C PRO D 20 50.80 -31.54 29.61
N THR D 21 50.87 -32.07 30.82
CA THR D 21 49.91 -31.79 31.87
C THR D 21 50.28 -30.59 32.73
N GLU D 22 51.33 -29.86 32.37
CA GLU D 22 51.78 -28.72 33.15
C GLU D 22 51.98 -27.47 32.30
N LEU D 23 51.81 -27.57 30.98
CA LEU D 23 52.09 -26.45 30.09
C LEU D 23 51.25 -25.19 30.33
N PRO D 24 49.91 -25.26 30.52
CA PRO D 24 49.11 -24.01 30.39
C PRO D 24 49.54 -22.89 31.33
N GLU D 25 49.89 -23.20 32.57
CA GLU D 25 50.31 -22.16 33.50
C GLU D 25 51.62 -21.52 33.06
N LEU D 26 52.56 -22.33 32.57
CA LEU D 26 53.80 -21.79 32.05
C LEU D 26 53.55 -20.93 30.83
N LEU D 27 52.61 -21.34 29.97
CA LEU D 27 52.27 -20.52 28.82
C LEU D 27 51.69 -19.18 29.24
N LYS D 28 50.81 -19.18 30.24
CA LYS D 28 50.25 -17.92 30.73
C LYS D 28 51.35 -17.04 31.31
N LEU D 29 52.27 -17.62 32.08
CA LEU D 29 53.37 -16.84 32.64
C LEU D 29 54.25 -16.26 31.54
N TYR D 30 54.55 -17.05 30.52
CA TYR D 30 55.36 -16.57 29.40
C TYR D 30 54.68 -15.41 28.70
N TYR D 31 53.41 -15.56 28.35
CA TYR D 31 52.68 -14.47 27.70
C TYR D 31 52.59 -13.25 28.61
N ARG D 32 52.63 -13.46 29.93
CA ARG D 32 52.56 -12.35 30.86
C ARG D 32 53.88 -11.58 30.92
N ARG D 33 55.00 -12.30 30.88
CA ARG D 33 56.29 -11.69 31.22
C ARG D 33 57.27 -11.64 30.06
N LEU D 34 57.56 -12.76 29.41
CA LEU D 34 58.77 -12.87 28.60
C LEU D 34 58.55 -12.61 27.11
N PHE D 35 57.32 -12.64 26.63
CA PHE D 35 57.09 -12.51 25.19
C PHE D 35 57.55 -11.13 24.71
N PRO D 36 58.44 -11.05 23.74
CA PRO D 36 58.96 -9.74 23.32
C PRO D 36 57.97 -8.94 22.49
N TYR D 37 56.97 -8.34 23.17
CA TYR D 37 55.94 -7.60 22.47
C TYR D 37 56.50 -6.38 21.74
N SER D 38 57.43 -5.68 22.37
CA SER D 38 57.94 -4.44 21.79
C SER D 38 58.63 -4.70 20.46
N GLN D 39 59.58 -5.64 20.44
CA GLN D 39 60.29 -5.96 19.20
C GLN D 39 59.36 -6.55 18.16
N TYR D 40 58.41 -7.38 18.60
CA TYR D 40 57.47 -8.01 17.68
C TYR D 40 56.64 -6.95 16.96
N TYR D 41 56.11 -5.99 17.72
CA TYR D 41 55.37 -4.88 17.12
C TYR D 41 56.27 -4.04 16.22
N ARG D 42 57.51 -3.79 16.66
CA ARG D 42 58.42 -2.97 15.86
C ARG D 42 58.68 -3.61 14.51
N TRP D 43 58.85 -4.94 14.48
CA TRP D 43 59.02 -5.62 13.20
C TRP D 43 57.75 -5.54 12.37
N LEU D 44 56.60 -5.86 12.97
CA LEU D 44 55.37 -5.90 12.19
C LEU D 44 54.95 -4.52 11.70
N ASN D 45 55.18 -3.48 12.51
CA ASN D 45 54.68 -2.16 12.16
C ASN D 45 55.37 -1.61 10.91
N TYR D 46 56.64 -1.94 10.72
CA TYR D 46 57.45 -1.48 9.58
C TYR D 46 57.62 0.03 9.56
N GLY D 47 57.43 0.68 10.70
CA GLY D 47 57.59 2.12 10.79
C GLY D 47 56.40 2.93 10.34
N GLY D 48 55.33 2.29 9.88
CA GLY D 48 54.13 3.01 9.49
C GLY D 48 54.31 3.94 8.32
N VAL D 49 55.15 3.58 7.36
CA VAL D 49 55.28 4.39 6.14
C VAL D 49 54.00 4.32 5.33
N ILE D 50 53.35 3.15 5.32
CA ILE D 50 52.07 2.96 4.65
C ILE D 50 50.98 2.96 5.70
N LYS D 51 49.90 3.71 5.44
CA LYS D 51 48.83 3.86 6.41
C LYS D 51 48.22 2.51 6.75
N ASN D 52 48.17 2.20 8.05
CA ASN D 52 47.49 1.00 8.57
C ASN D 52 48.06 -0.29 7.98
N TYR D 53 49.35 -0.31 7.66
CA TYR D 53 49.95 -1.53 7.12
C TYR D 53 49.87 -2.67 8.14
N PHE D 54 50.16 -2.38 9.41
CA PHE D 54 50.04 -3.39 10.44
C PHE D 54 48.58 -3.68 10.78
N GLN D 55 47.71 -2.66 10.65
CA GLN D 55 46.31 -2.81 11.04
C GLN D 55 45.54 -3.77 10.14
N HIS D 56 46.10 -4.16 9.00
CA HIS D 56 45.42 -5.02 8.04
C HIS D 56 46.09 -6.39 7.93
N ARG D 57 46.57 -6.92 9.06
CA ARG D 57 47.21 -8.22 9.10
C ARG D 57 46.23 -9.25 9.65
N GLU D 58 46.37 -10.49 9.16
CA GLU D 58 45.51 -11.59 9.56
C GLU D 58 46.27 -12.52 10.49
N PHE D 59 45.64 -12.86 11.62
CA PHE D 59 46.21 -13.79 12.59
C PHE D 59 45.29 -15.00 12.73
N SER D 60 45.87 -16.11 13.17
CA SER D 60 45.12 -17.34 13.37
C SER D 60 45.67 -18.05 14.59
N PHE D 61 44.92 -17.99 15.69
CA PHE D 61 45.33 -18.64 16.94
C PHE D 61 44.96 -20.11 16.90
N THR D 62 45.20 -20.80 18.02
CA THR D 62 44.73 -22.18 18.19
C THR D 62 44.58 -22.40 19.69
N LEU D 63 43.35 -22.34 20.18
CA LEU D 63 43.08 -22.44 21.61
C LEU D 63 43.14 -23.90 22.05
N LYS D 64 42.73 -24.16 23.29
CA LYS D 64 42.74 -25.50 23.82
C LYS D 64 41.72 -26.37 23.08
N ASP D 65 41.87 -27.68 23.25
CA ASP D 65 41.00 -28.69 22.63
C ASP D 65 41.09 -28.66 21.11
N ASP D 66 42.17 -28.08 20.57
CA ASP D 66 42.41 -28.01 19.13
C ASP D 66 41.22 -27.42 18.39
N ILE D 67 40.91 -26.17 18.73
CA ILE D 67 39.88 -25.40 18.04
C ILE D 67 40.58 -24.34 17.19
N TYR D 68 40.20 -24.26 15.92
CA TYR D 68 40.90 -23.45 14.94
C TYR D 68 40.12 -22.16 14.69
N ILE D 69 40.75 -21.03 14.94
CA ILE D 69 40.18 -19.72 14.65
C ILE D 69 41.20 -18.91 13.85
N ARG D 70 40.70 -17.90 13.15
CA ARG D 70 41.55 -17.06 12.32
C ARG D 70 40.90 -15.69 12.18
N TYR D 71 41.55 -14.83 11.40
CA TYR D 71 41.07 -13.47 11.13
C TYR D 71 40.89 -12.68 12.42
N GLN D 72 42.00 -12.47 13.12
CA GLN D 72 42.04 -11.70 14.36
C GLN D 72 43.00 -10.53 14.18
N SER D 73 42.50 -9.41 13.70
CA SER D 73 43.30 -8.21 13.57
C SER D 73 43.53 -7.60 14.95
N PHE D 74 44.29 -6.49 14.97
CA PHE D 74 44.58 -5.81 16.21
C PHE D 74 44.75 -4.32 15.94
N ASN D 75 44.01 -3.50 16.69
CA ASN D 75 44.03 -2.07 16.45
C ASN D 75 45.37 -1.45 16.80
N ASN D 76 45.98 -1.87 17.90
CA ASN D 76 47.22 -1.26 18.36
C ASN D 76 47.98 -2.26 19.22
N GLN D 77 49.20 -1.87 19.59
CA GLN D 77 50.07 -2.75 20.35
C GLN D 77 49.48 -3.07 21.73
N SER D 78 48.91 -2.07 22.40
CA SER D 78 48.32 -2.30 23.72
C SER D 78 47.16 -3.27 23.63
N ASP D 79 46.30 -3.12 22.61
CA ASP D 79 45.22 -4.05 22.41
C ASP D 79 45.74 -5.46 22.13
N LEU D 80 46.82 -5.56 21.35
CA LEU D 80 47.43 -6.85 21.10
C LEU D 80 47.92 -7.50 22.40
N GLU D 81 48.57 -6.72 23.26
CA GLU D 81 49.04 -7.25 24.53
C GLU D 81 47.89 -7.72 25.39
N LYS D 82 46.84 -6.91 25.48
CA LYS D 82 45.69 -7.28 26.31
C LYS D 82 45.02 -8.54 25.80
N GLU D 83 44.81 -8.63 24.48
CA GLU D 83 44.17 -9.81 23.92
C GLU D 83 45.05 -11.04 24.08
N MET D 84 46.36 -10.90 23.93
CA MET D 84 47.27 -12.02 24.15
C MET D 84 47.21 -12.50 25.59
N GLN D 85 47.19 -11.56 26.54
CA GLN D 85 47.12 -11.93 27.95
C GLN D 85 45.81 -12.65 28.25
N LYS D 86 44.69 -12.16 27.71
CA LYS D 86 43.40 -12.77 27.99
C LYS D 86 43.26 -14.14 27.32
N MET D 87 43.61 -14.22 26.04
CA MET D 87 43.24 -15.39 25.24
C MET D 87 44.10 -16.60 25.57
N ASN D 88 45.41 -16.41 25.73
CA ASN D 88 46.36 -17.48 25.98
C ASN D 88 46.23 -18.58 24.93
N PRO D 89 46.67 -18.34 23.70
CA PRO D 89 46.61 -19.37 22.66
C PRO D 89 47.88 -20.22 22.61
N TYR D 90 47.81 -21.28 21.82
CA TYR D 90 48.92 -22.23 21.71
C TYR D 90 49.88 -21.86 20.59
N LYS D 91 49.38 -21.78 19.35
CA LYS D 91 50.19 -21.52 18.19
C LYS D 91 49.89 -20.13 17.64
N ILE D 92 50.92 -19.45 17.18
CA ILE D 92 50.80 -18.11 16.61
C ILE D 92 51.20 -18.18 15.15
N ASP D 93 50.42 -17.53 14.29
CA ASP D 93 50.65 -17.59 12.86
C ASP D 93 50.48 -16.20 12.26
N ILE D 94 51.01 -16.01 11.05
CA ILE D 94 50.98 -14.74 10.36
C ILE D 94 50.42 -14.96 8.96
N GLY D 95 49.47 -14.13 8.56
CA GLY D 95 48.87 -14.17 7.25
C GLY D 95 49.41 -13.10 6.33
N ALA D 96 48.55 -12.61 5.45
CA ALA D 96 48.91 -11.58 4.48
C ALA D 96 48.17 -10.28 4.81
N VAL D 97 48.57 -9.21 4.13
CA VAL D 97 47.96 -7.89 4.30
C VAL D 97 46.82 -7.76 3.30
N TYR D 98 45.65 -7.40 3.78
CA TYR D 98 44.47 -7.23 2.95
C TYR D 98 44.07 -5.76 2.87
N SER D 99 43.07 -5.50 2.04
CA SER D 99 42.60 -4.13 1.83
C SER D 99 41.66 -3.65 2.92
N HIS D 100 41.25 -4.51 3.85
CA HIS D 100 40.34 -4.12 4.91
C HIS D 100 40.66 -4.92 6.17
N ARG D 101 40.15 -4.43 7.29
CA ARG D 101 40.41 -5.09 8.57
C ARG D 101 39.83 -6.50 8.55
N PRO D 102 40.64 -7.53 8.82
CA PRO D 102 40.14 -8.90 8.72
C PRO D 102 38.96 -9.21 9.63
N ASN D 103 38.92 -8.63 10.84
CA ASN D 103 37.83 -8.94 11.75
C ASN D 103 36.48 -8.44 11.26
N GLN D 104 36.46 -7.55 10.27
CA GLN D 104 35.22 -7.07 9.67
C GLN D 104 35.08 -7.54 8.22
N HIS D 105 35.57 -8.74 7.93
CA HIS D 105 35.60 -9.24 6.56
C HIS D 105 34.22 -9.43 5.97
N ASN D 106 33.20 -9.62 6.79
CA ASN D 106 31.84 -9.80 6.28
C ASN D 106 31.14 -8.49 5.98
N THR D 107 31.78 -7.35 6.24
CA THR D 107 31.16 -6.06 6.04
C THR D 107 31.45 -5.47 4.66
N VAL D 108 32.12 -6.20 3.79
CA VAL D 108 32.47 -5.72 2.46
C VAL D 108 31.96 -6.72 1.43
N LYS D 109 31.58 -6.20 0.27
CA LYS D 109 31.04 -7.05 -0.80
C LYS D 109 32.04 -8.14 -1.18
N LEU D 110 31.52 -9.34 -1.43
CA LEU D 110 32.37 -10.47 -1.76
C LEU D 110 33.15 -10.21 -3.05
N GLY D 111 34.42 -10.61 -3.05
CA GLY D 111 35.29 -10.45 -4.19
C GLY D 111 36.19 -9.23 -4.13
N ALA D 112 35.87 -8.25 -3.28
CA ALA D 112 36.71 -7.08 -3.11
C ALA D 112 37.64 -7.19 -1.90
N PHE D 113 37.65 -8.33 -1.22
CA PHE D 113 38.49 -8.57 -0.05
C PHE D 113 39.54 -9.59 -0.47
N GLN D 114 40.67 -9.09 -0.96
CA GLN D 114 41.71 -9.94 -1.54
C GLN D 114 43.04 -9.68 -0.85
N ALA D 115 43.86 -10.72 -0.77
CA ALA D 115 45.20 -10.58 -0.21
C ALA D 115 46.06 -9.71 -1.13
N GLN D 116 46.92 -8.90 -0.51
CA GLN D 116 47.72 -7.95 -1.26
C GLN D 116 49.21 -8.20 -1.14
N GLU D 117 49.76 -8.28 0.06
CA GLU D 117 51.18 -8.56 0.24
C GLU D 117 51.41 -9.55 1.37
N LYS D 118 52.51 -10.29 1.26
CA LYS D 118 52.96 -11.17 2.32
C LYS D 118 54.44 -11.43 2.11
N GLU D 119 55.11 -11.91 3.16
CA GLU D 119 56.53 -12.19 3.10
C GLU D 119 56.79 -13.55 2.44
N LEU D 120 57.82 -13.59 1.61
CA LEU D 120 58.21 -14.85 0.97
C LEU D 120 58.82 -15.79 2.01
N VAL D 121 58.39 -17.04 2.00
CA VAL D 121 58.86 -18.03 2.97
C VAL D 121 59.18 -19.34 2.27
N PHE D 122 60.09 -20.10 2.88
CA PHE D 122 60.38 -21.47 2.48
C PHE D 122 60.36 -22.36 3.72
N ASP D 123 60.08 -23.64 3.51
CA ASP D 123 60.07 -24.61 4.59
C ASP D 123 60.95 -25.78 4.21
N ILE D 124 61.56 -26.40 5.23
CA ILE D 124 62.39 -27.58 5.07
C ILE D 124 61.95 -28.60 6.11
N ASP D 125 61.53 -29.76 5.64
CA ASP D 125 61.06 -30.83 6.53
C ASP D 125 62.15 -31.88 6.67
N MET D 126 62.55 -32.14 7.92
CA MET D 126 63.62 -33.09 8.18
C MET D 126 63.18 -34.51 7.87
N THR D 127 61.90 -34.81 8.06
CA THR D 127 61.37 -36.15 7.85
C THR D 127 61.30 -36.56 6.38
N ASP D 128 61.49 -35.62 5.45
CA ASP D 128 61.41 -35.93 4.02
C ASP D 128 62.66 -36.63 3.50
N TYR D 129 63.52 -37.13 4.38
CA TYR D 129 64.76 -37.78 3.97
C TYR D 129 64.85 -39.20 4.50
N ASP D 130 63.71 -39.81 4.83
CA ASP D 130 63.71 -41.13 5.47
C ASP D 130 64.32 -42.18 4.56
N ASP D 131 63.97 -42.17 3.27
CA ASP D 131 64.47 -43.18 2.34
C ASP D 131 65.98 -43.09 2.15
N VAL D 132 66.59 -41.95 2.46
CA VAL D 132 68.02 -41.75 2.29
C VAL D 132 68.76 -41.89 3.62
N ARG D 133 68.23 -41.31 4.68
CA ARG D 133 68.90 -41.30 5.97
C ARG D 133 68.68 -42.61 6.71
N ARG D 134 69.64 -42.94 7.58
CA ARG D 134 69.56 -44.15 8.39
C ARG D 134 69.95 -43.94 9.85
N CYS D 135 70.31 -42.72 10.25
CA CYS D 135 70.73 -42.48 11.63
C CYS D 135 69.61 -42.76 12.61
N CYS D 136 68.41 -42.29 12.32
CA CYS D 136 67.28 -42.46 13.24
C CYS D 136 66.09 -43.06 12.51
N SER D 137 64.95 -43.13 13.18
CA SER D 137 63.73 -43.69 12.60
C SER D 137 62.58 -42.72 12.81
N SER D 138 61.85 -42.42 11.73
CA SER D 138 60.66 -41.59 11.77
C SER D 138 60.92 -40.22 12.40
N ALA D 139 60.37 -39.99 13.59
CA ALA D 139 60.40 -38.68 14.24
C ALA D 139 61.52 -38.57 15.29
N ASP D 140 62.65 -39.23 15.05
CA ASP D 140 63.79 -39.16 15.95
C ASP D 140 64.92 -38.36 15.30
N ILE D 141 65.72 -37.71 16.13
CA ILE D 141 66.81 -36.87 15.66
C ILE D 141 68.09 -37.26 16.39
N CYS D 142 69.22 -36.96 15.75
CA CYS D 142 70.54 -37.19 16.30
C CYS D 142 71.42 -35.99 15.98
N PRO D 143 72.44 -35.74 16.80
CA PRO D 143 73.36 -34.64 16.48
C PRO D 143 74.12 -34.84 15.17
N LYS D 144 74.26 -36.08 14.71
CA LYS D 144 74.99 -36.34 13.48
C LYS D 144 74.21 -35.86 12.25
N CYS D 145 72.89 -35.95 12.28
CA CYS D 145 72.08 -35.57 11.12
C CYS D 145 71.79 -34.07 11.05
N TRP D 146 72.21 -33.29 12.05
CA TRP D 146 71.97 -31.86 12.01
C TRP D 146 72.77 -31.19 10.89
N THR D 147 73.88 -31.80 10.48
CA THR D 147 74.65 -31.29 9.37
C THR D 147 73.81 -31.20 8.11
N LEU D 148 72.79 -32.05 7.98
CA LEU D 148 71.90 -31.99 6.83
C LEU D 148 71.26 -30.61 6.71
N MET D 149 70.49 -30.20 7.72
CA MET D 149 69.85 -28.90 7.63
C MET D 149 70.87 -27.77 7.71
N THR D 150 72.03 -28.01 8.33
CA THR D 150 73.06 -26.97 8.35
C THR D 150 73.54 -26.64 6.93
N MET D 151 73.93 -27.67 6.18
CA MET D 151 74.37 -27.44 4.80
C MET D 151 73.22 -26.98 3.91
N ALA D 152 71.99 -27.43 4.19
CA ALA D 152 70.84 -26.90 3.45
C ALA D 152 70.69 -25.40 3.69
N ILE D 153 70.82 -24.98 4.95
CA ILE D 153 70.72 -23.56 5.29
C ILE D 153 71.81 -22.79 4.55
N ARG D 154 73.04 -23.30 4.58
CA ARG D 154 74.12 -22.61 3.90
C ARG D 154 73.85 -22.46 2.41
N ILE D 155 73.40 -23.55 1.77
CA ILE D 155 73.15 -23.51 0.33
C ILE D 155 72.07 -22.49 -0.01
N ILE D 156 70.93 -22.57 0.67
CA ILE D 156 69.82 -21.68 0.35
C ILE D 156 70.18 -20.24 0.65
N ASP D 157 70.83 -19.99 1.79
CA ASP D 157 71.17 -18.62 2.15
C ASP D 157 72.16 -18.02 1.16
N ARG D 158 73.18 -18.80 0.77
CA ARG D 158 74.14 -18.29 -0.20
C ARG D 158 73.46 -18.00 -1.54
N ALA D 159 72.59 -18.92 -1.99
CA ALA D 159 71.92 -18.71 -3.27
C ALA D 159 71.07 -17.45 -3.24
N LEU D 160 70.31 -17.25 -2.17
CA LEU D 160 69.49 -16.04 -2.07
C LEU D 160 70.34 -14.79 -1.99
N LYS D 161 71.42 -14.82 -1.20
CA LYS D 161 72.24 -13.63 -1.02
C LYS D 161 72.94 -13.22 -2.31
N GLU D 162 73.43 -14.19 -3.08
CA GLU D 162 74.21 -13.87 -4.26
C GLU D 162 73.35 -13.74 -5.52
N ASP D 163 72.61 -14.81 -5.87
CA ASP D 163 71.94 -14.85 -7.16
C ASP D 163 70.89 -13.76 -7.30
N PHE D 164 70.07 -13.57 -6.26
CA PHE D 164 69.01 -12.58 -6.31
C PHE D 164 69.34 -11.29 -5.58
N GLY D 165 70.24 -11.34 -4.60
CA GLY D 165 70.63 -10.14 -3.89
C GLY D 165 69.67 -9.64 -2.85
N PHE D 166 68.77 -10.50 -2.36
CA PHE D 166 67.89 -10.09 -1.27
C PHE D 166 68.71 -9.72 -0.05
N LYS D 167 68.38 -8.58 0.55
CA LYS D 167 69.23 -8.02 1.61
C LYS D 167 68.94 -8.67 2.95
N HIS D 168 67.71 -8.57 3.43
CA HIS D 168 67.37 -8.99 4.78
C HIS D 168 66.88 -10.42 4.78
N ARG D 169 67.41 -11.22 5.71
CA ARG D 169 66.99 -12.60 5.89
C ARG D 169 66.96 -12.90 7.38
N LEU D 170 66.06 -13.81 7.76
CA LEU D 170 65.89 -14.14 9.17
C LEU D 170 65.50 -15.61 9.26
N TRP D 171 66.41 -16.42 9.81
CA TRP D 171 66.21 -17.86 9.90
C TRP D 171 65.68 -18.21 11.28
N VAL D 172 64.62 -19.02 11.31
CA VAL D 172 63.96 -19.40 12.56
C VAL D 172 63.92 -20.92 12.63
N TYR D 173 64.32 -21.47 13.77
CA TYR D 173 64.24 -22.91 14.00
C TYR D 173 62.86 -23.23 14.55
N SER D 174 62.14 -24.14 13.87
CA SER D 174 60.75 -24.39 14.22
C SER D 174 60.60 -24.91 15.63
N GLY D 175 61.47 -25.84 16.04
CA GLY D 175 61.41 -26.38 17.37
C GLY D 175 61.58 -27.88 17.43
N ARG D 176 61.10 -28.60 16.42
CA ARG D 176 61.20 -30.05 16.38
C ARG D 176 62.10 -30.55 15.26
N ARG D 177 61.80 -30.22 14.01
CA ARG D 177 62.55 -30.76 12.90
C ARG D 177 62.79 -29.80 11.74
N GLY D 178 62.33 -28.55 11.83
CA GLY D 178 62.31 -27.68 10.69
C GLY D 178 62.95 -26.34 10.96
N VAL D 179 63.31 -25.67 9.87
CA VAL D 179 63.81 -24.31 9.89
C VAL D 179 63.10 -23.54 8.78
N HIS D 180 62.67 -22.32 9.08
CA HIS D 180 61.89 -21.52 8.16
C HIS D 180 62.66 -20.29 7.73
N CYS D 181 62.40 -19.84 6.50
CA CYS D 181 63.02 -18.64 5.95
C CYS D 181 61.99 -17.52 5.93
N TRP D 182 62.37 -16.36 6.43
CA TRP D 182 61.50 -15.19 6.45
C TRP D 182 62.21 -14.07 5.70
N VAL D 183 62.06 -14.05 4.38
CA VAL D 183 62.55 -12.95 3.57
C VAL D 183 61.64 -11.75 3.79
N CYS D 184 62.22 -10.62 4.17
CA CYS D 184 61.43 -9.45 4.57
C CYS D 184 61.96 -8.19 3.94
N ASP D 185 62.43 -8.28 2.70
CA ASP D 185 62.86 -7.10 1.98
C ASP D 185 61.65 -6.30 1.48
N GLU D 186 61.92 -5.18 0.83
CA GLU D 186 60.86 -4.29 0.38
C GLU D 186 60.34 -4.67 -0.99
N SER D 187 61.23 -4.78 -1.98
CA SER D 187 60.82 -5.06 -3.35
C SER D 187 60.38 -6.51 -3.57
N VAL D 188 60.26 -7.31 -2.51
CA VAL D 188 59.80 -8.69 -2.64
C VAL D 188 58.38 -8.88 -2.14
N ARG D 189 57.92 -8.06 -1.20
CA ARG D 189 56.58 -8.23 -0.64
C ARG D 189 55.47 -8.01 -1.67
N LYS D 190 55.77 -7.31 -2.76
CA LYS D 190 54.76 -6.96 -3.75
C LYS D 190 54.70 -7.96 -4.91
N LEU D 191 55.47 -9.04 -4.85
CA LEU D 191 55.52 -9.97 -5.97
C LEU D 191 54.23 -10.77 -6.09
N SER D 192 53.94 -11.21 -7.31
CA SER D 192 52.74 -12.00 -7.58
C SER D 192 53.02 -13.46 -7.24
N SER D 193 52.06 -14.34 -7.56
CA SER D 193 52.22 -15.76 -7.27
C SER D 193 53.15 -16.43 -8.29
N ALA D 194 53.07 -16.02 -9.55
CA ALA D 194 53.88 -16.66 -10.59
C ALA D 194 55.36 -16.46 -10.33
N VAL D 195 55.76 -15.27 -9.87
CA VAL D 195 57.17 -15.01 -9.62
C VAL D 195 57.68 -15.88 -8.48
N ARG D 196 56.88 -16.04 -7.42
CA ARG D 196 57.29 -16.91 -6.32
C ARG D 196 57.37 -18.35 -6.76
N SER D 197 56.43 -18.81 -7.59
CA SER D 197 56.51 -20.15 -8.14
C SER D 197 57.78 -20.34 -8.94
N GLY D 198 58.16 -19.33 -9.73
CA GLY D 198 59.40 -19.39 -10.47
C GLY D 198 60.62 -19.46 -9.56
N ILE D 199 60.62 -18.69 -8.48
CA ILE D 199 61.69 -18.75 -7.50
C ILE D 199 61.84 -20.18 -6.98
N VAL D 200 60.73 -20.76 -6.54
CA VAL D 200 60.79 -22.08 -5.92
C VAL D 200 61.20 -23.14 -6.95
N GLU D 201 60.72 -23.00 -8.19
CA GLU D 201 61.13 -23.93 -9.24
C GLU D 201 62.62 -23.84 -9.51
N TYR D 202 63.16 -22.62 -9.56
CA TYR D 202 64.58 -22.45 -9.82
C TYR D 202 65.43 -22.96 -8.66
N LEU D 203 64.92 -22.89 -7.44
CA LEU D 203 65.66 -23.34 -6.27
C LEU D 203 65.51 -24.84 -6.00
N SER D 204 64.71 -25.55 -6.79
CA SER D 204 64.44 -26.96 -6.55
C SER D 204 65.17 -27.82 -7.58
N LEU D 205 65.81 -28.89 -7.10
CA LEU D 205 66.52 -29.82 -7.97
C LEU D 205 66.07 -31.27 -7.78
N VAL D 206 65.76 -31.67 -6.55
CA VAL D 206 65.31 -33.04 -6.30
C VAL D 206 63.86 -33.15 -6.79
N LYS D 207 63.67 -33.80 -7.93
CA LYS D 207 62.37 -33.85 -8.59
C LYS D 207 61.92 -35.30 -8.74
N GLY D 208 60.64 -35.53 -8.50
CA GLY D 208 60.07 -36.85 -8.67
C GLY D 208 59.26 -37.33 -7.49
N GLY D 209 58.35 -38.28 -7.73
CA GLY D 209 57.53 -38.84 -6.69
C GLY D 209 58.12 -40.09 -6.09
N GLN D 210 57.27 -40.87 -5.42
CA GLN D 210 57.73 -42.11 -4.79
C GLN D 210 58.20 -43.12 -5.83
N ASP D 211 57.49 -43.22 -6.96
CA ASP D 211 57.81 -44.23 -7.97
C ASP D 211 59.19 -44.01 -8.60
N VAL D 212 59.69 -42.79 -8.59
CA VAL D 212 60.96 -42.48 -9.24
C VAL D 212 62.10 -42.72 -8.27
N LYS D 213 63.17 -43.35 -8.76
CA LYS D 213 64.35 -43.61 -7.95
C LYS D 213 65.39 -42.51 -8.09
N LYS D 214 65.86 -42.27 -9.31
CA LYS D 214 66.86 -41.23 -9.54
C LYS D 214 66.19 -39.86 -9.52
N LYS D 215 66.73 -38.95 -8.71
CA LYS D 215 66.17 -37.62 -8.54
C LYS D 215 66.85 -36.56 -9.38
N VAL D 216 67.82 -36.95 -10.21
CA VAL D 216 68.59 -36.00 -11.00
C VAL D 216 68.81 -36.57 -12.40
N HIS D 217 68.59 -35.73 -13.41
CA HIS D 217 68.88 -36.05 -14.80
C HIS D 217 69.64 -34.86 -15.38
N LEU D 218 70.96 -34.89 -15.24
CA LEU D 218 71.82 -33.78 -15.65
C LEU D 218 72.57 -34.14 -16.93
N SER D 219 72.60 -33.20 -17.86
CA SER D 219 73.33 -33.38 -19.11
C SER D 219 74.80 -33.06 -18.89
N GLU D 220 75.57 -32.99 -19.99
CA GLU D 220 76.97 -32.63 -19.88
C GLU D 220 77.15 -31.21 -19.35
N LYS D 221 76.33 -30.28 -19.84
CA LYS D 221 76.42 -28.91 -19.39
C LYS D 221 75.97 -28.79 -17.93
N ILE D 222 76.65 -27.92 -17.18
CA ILE D 222 76.36 -27.71 -15.77
C ILE D 222 76.11 -26.22 -15.55
N HIS D 223 75.02 -25.91 -14.87
CA HIS D 223 74.68 -24.51 -14.59
C HIS D 223 75.66 -23.93 -13.56
N PRO D 224 75.89 -22.61 -13.61
CA PRO D 224 76.73 -22.00 -12.56
C PRO D 224 76.20 -22.22 -11.15
N PHE D 225 74.88 -22.25 -10.97
CA PHE D 225 74.33 -22.54 -9.65
C PHE D 225 74.70 -23.94 -9.19
N ILE D 226 74.59 -24.93 -10.07
CA ILE D 226 74.98 -26.29 -9.73
C ILE D 226 76.46 -26.36 -9.44
N ARG D 227 77.27 -25.62 -10.20
CA ARG D 227 78.70 -25.61 -9.98
C ARG D 227 79.04 -25.04 -8.60
N LYS D 228 78.39 -23.93 -8.23
CA LYS D 228 78.63 -23.35 -6.90
C LYS D 228 78.19 -24.31 -5.81
N SER D 229 77.03 -24.96 -5.99
CA SER D 229 76.53 -25.89 -4.99
C SER D 229 77.49 -27.06 -4.80
N ILE D 230 77.97 -27.64 -5.92
CA ILE D 230 78.86 -28.78 -5.80
C ILE D 230 80.20 -28.36 -5.22
N ASN D 231 80.66 -27.14 -5.51
CA ASN D 231 81.91 -26.66 -4.91
C ASN D 231 81.76 -26.46 -3.41
N ILE D 232 80.63 -25.90 -2.96
CA ILE D 232 80.44 -25.66 -1.53
C ILE D 232 79.90 -26.87 -0.79
N ILE D 233 79.65 -27.97 -1.50
CA ILE D 233 79.09 -29.16 -0.87
C ILE D 233 80.15 -30.24 -0.64
N LYS D 234 81.31 -30.15 -1.29
CA LYS D 234 82.34 -31.17 -1.15
C LYS D 234 82.89 -31.22 0.27
N LYS D 235 83.14 -30.05 0.88
CA LYS D 235 83.81 -30.00 2.18
C LYS D 235 82.98 -30.64 3.28
N TYR D 236 81.69 -30.87 3.05
CA TYR D 236 80.83 -31.48 4.06
C TYR D 236 80.41 -32.90 3.70
N PHE D 237 80.33 -33.24 2.42
CA PHE D 237 79.84 -34.56 2.03
C PHE D 237 80.75 -35.67 2.53
N GLU D 238 82.06 -35.49 2.41
CA GLU D 238 83.01 -36.56 2.70
C GLU D 238 82.84 -37.09 4.12
N GLU D 239 83.13 -36.26 5.11
CA GLU D 239 83.10 -36.70 6.50
C GLU D 239 81.74 -37.29 6.85
N TYR D 240 80.69 -36.47 6.77
CA TYR D 240 79.36 -36.91 7.15
C TYR D 240 78.99 -38.23 6.47
N ALA D 241 78.98 -38.23 5.13
CA ALA D 241 78.48 -39.38 4.40
C ALA D 241 79.31 -40.63 4.68
N LEU D 242 80.63 -40.55 4.52
CA LEU D 242 81.46 -41.75 4.61
C LEU D 242 81.53 -42.26 6.05
N VAL D 243 81.81 -41.38 7.01
CA VAL D 243 82.07 -41.83 8.38
C VAL D 243 80.76 -41.99 9.14
N ASN D 244 79.95 -40.92 9.21
CA ASN D 244 78.84 -40.90 10.16
C ASN D 244 77.73 -41.85 9.72
N GLN D 245 77.11 -41.60 8.56
CA GLN D 245 75.97 -42.41 8.16
C GLN D 245 76.40 -43.77 7.63
N ASP D 246 77.52 -43.83 6.91
CA ASP D 246 78.02 -45.08 6.32
C ASP D 246 76.98 -45.67 5.36
N ILE D 247 76.74 -44.92 4.29
CA ILE D 247 75.71 -45.30 3.31
C ILE D 247 76.01 -46.67 2.71
N LEU D 248 77.29 -46.97 2.47
CA LEU D 248 77.69 -48.19 1.77
C LEU D 248 78.09 -49.30 2.72
N GLU D 249 77.40 -49.41 3.87
CA GLU D 249 77.82 -50.37 4.89
C GLU D 249 77.34 -51.79 4.56
N ASN D 250 76.03 -51.99 4.46
CA ASN D 250 75.46 -53.32 4.35
C ASN D 250 75.30 -53.74 2.89
N LYS D 251 74.87 -54.99 2.69
CA LYS D 251 74.66 -55.51 1.35
C LYS D 251 73.49 -54.80 0.67
N GLU D 252 72.34 -54.72 1.34
CA GLU D 252 71.19 -54.05 0.76
C GLU D 252 71.48 -52.57 0.50
N SER D 253 72.41 -51.99 1.25
CA SER D 253 72.81 -50.61 1.02
C SER D 253 73.30 -50.41 -0.41
N TRP D 254 74.38 -51.10 -0.79
CA TRP D 254 74.86 -50.95 -2.16
C TRP D 254 73.92 -51.62 -3.16
N ASP D 255 73.06 -52.54 -2.72
CA ASP D 255 72.05 -53.09 -3.60
C ASP D 255 71.09 -52.00 -4.08
N LYS D 256 70.64 -51.13 -3.17
CA LYS D 256 69.84 -49.99 -3.58
C LYS D 256 70.68 -48.88 -4.19
N ILE D 257 71.97 -48.83 -3.88
CA ILE D 257 72.86 -47.86 -4.53
C ILE D 257 72.95 -48.12 -6.02
N LEU D 258 73.17 -49.39 -6.40
CA LEU D 258 73.43 -49.71 -7.81
C LEU D 258 72.23 -49.44 -8.70
N ALA D 259 71.03 -49.28 -8.12
CA ALA D 259 69.88 -48.89 -8.93
C ALA D 259 70.03 -47.49 -9.50
N LEU D 260 70.93 -46.68 -8.96
CA LEU D 260 71.17 -45.32 -9.42
C LEU D 260 72.14 -45.25 -10.59
N VAL D 261 72.71 -46.38 -11.00
CA VAL D 261 73.72 -46.39 -12.06
C VAL D 261 73.31 -47.42 -13.11
N PRO D 262 73.81 -47.27 -14.34
CA PRO D 262 73.47 -48.25 -15.38
C PRO D 262 73.92 -49.65 -15.02
N GLU D 263 73.16 -50.63 -15.52
CA GLU D 263 73.40 -52.04 -15.19
C GLU D 263 74.66 -52.59 -15.80
N THR D 264 75.33 -51.85 -16.70
CA THR D 264 76.48 -52.37 -17.41
C THR D 264 77.64 -52.72 -16.48
N ILE D 265 77.67 -52.17 -15.27
CA ILE D 265 78.79 -52.41 -14.35
C ILE D 265 78.25 -52.84 -12.99
N HIS D 266 76.99 -53.26 -12.94
CA HIS D 266 76.38 -53.64 -11.68
C HIS D 266 77.11 -54.81 -11.03
N ASP D 267 77.36 -55.86 -11.81
CA ASP D 267 78.03 -57.04 -11.27
C ASP D 267 79.47 -56.72 -10.86
N GLU D 268 80.17 -55.92 -11.68
CA GLU D 268 81.55 -55.57 -11.34
C GLU D 268 81.60 -54.77 -10.03
N LEU D 269 80.70 -53.80 -9.86
CA LEU D 269 80.69 -53.03 -8.63
C LEU D 269 80.28 -53.88 -7.44
N GLN D 270 79.34 -54.81 -7.63
CA GLN D 270 78.97 -55.71 -6.54
C GLN D 270 80.15 -56.57 -6.11
N GLN D 271 80.91 -57.08 -7.09
CA GLN D 271 82.10 -57.86 -6.76
C GLN D 271 83.14 -57.00 -6.04
N SER D 272 83.31 -55.75 -6.47
CA SER D 272 84.25 -54.86 -5.81
C SER D 272 83.83 -54.59 -4.37
N PHE D 273 82.53 -54.37 -4.15
CA PHE D 273 82.05 -54.18 -2.78
C PHE D 273 82.25 -55.43 -1.93
N GLN D 274 82.03 -56.61 -2.52
CA GLN D 274 82.28 -57.85 -1.81
C GLN D 274 83.76 -57.96 -1.41
N LYS D 275 84.66 -57.61 -2.32
CA LYS D 275 86.08 -57.63 -2.00
C LYS D 275 86.42 -56.62 -0.91
N SER D 276 85.83 -55.43 -0.97
CA SER D 276 86.18 -54.37 -0.05
C SER D 276 85.69 -54.70 1.36
N HIS D 277 86.14 -53.89 2.32
CA HIS D 277 85.82 -54.09 3.73
C HIS D 277 85.05 -52.93 4.33
N ASN D 278 85.49 -51.70 4.09
CA ASN D 278 84.84 -50.51 4.64
C ASN D 278 84.24 -49.66 3.52
N SER D 279 83.46 -48.67 3.93
CA SER D 279 82.79 -47.81 2.96
C SER D 279 83.77 -46.91 2.22
N LEU D 280 84.89 -46.55 2.85
CA LEU D 280 85.88 -45.71 2.18
C LEU D 280 86.43 -46.37 0.93
N GLN D 281 86.82 -47.65 1.05
CA GLN D 281 87.34 -48.37 -0.10
C GLN D 281 86.29 -48.52 -1.19
N ARG D 282 85.04 -48.80 -0.79
CA ARG D 282 83.97 -48.93 -1.78
C ARG D 282 83.74 -47.62 -2.50
N TRP D 283 83.76 -46.50 -1.78
CA TRP D 283 83.58 -45.20 -2.42
C TRP D 283 84.73 -44.88 -3.36
N GLU D 284 85.96 -45.20 -2.96
CA GLU D 284 87.10 -44.97 -3.83
C GLU D 284 87.00 -45.81 -5.11
N HIS D 285 86.59 -47.08 -4.96
CA HIS D 285 86.42 -47.93 -6.14
C HIS D 285 85.30 -47.44 -7.03
N LEU D 286 84.22 -46.94 -6.43
CA LEU D 286 83.15 -46.32 -7.21
C LEU D 286 83.67 -45.12 -8.00
N LYS D 287 84.47 -44.28 -7.35
CA LYS D 287 85.04 -43.11 -8.03
C LYS D 287 85.93 -43.55 -9.19
N LYS D 288 86.78 -44.56 -8.96
CA LYS D 288 87.66 -45.04 -10.02
C LYS D 288 86.87 -45.60 -11.18
N VAL D 289 85.83 -46.39 -10.90
CA VAL D 289 85.02 -46.98 -11.95
C VAL D 289 84.30 -45.90 -12.74
N ALA D 290 83.75 -44.90 -12.04
CA ALA D 290 83.06 -43.80 -12.72
C ALA D 290 84.03 -43.05 -13.62
N SER D 291 85.22 -42.72 -13.11
CA SER D 291 86.21 -42.02 -13.92
C SER D 291 86.60 -42.84 -15.13
N ARG D 292 86.76 -44.16 -14.96
CA ARG D 292 87.07 -45.02 -16.10
C ARG D 292 85.95 -45.01 -17.13
N TYR D 293 84.70 -45.02 -16.67
CA TYR D 293 83.57 -45.02 -17.62
C TYR D 293 83.45 -43.69 -18.34
N GLN D 294 83.78 -42.58 -17.69
CA GLN D 294 83.71 -41.29 -18.36
C GLN D 294 84.67 -41.23 -19.55
N ASN D 295 85.88 -41.75 -19.38
CA ASN D 295 86.82 -41.83 -20.49
C ASN D 295 86.39 -42.84 -21.54
N ASN D 296 85.51 -43.77 -21.18
CA ASN D 296 85.04 -44.82 -22.08
C ASN D 296 83.53 -44.70 -22.32
N ILE D 297 83.05 -43.47 -22.48
CA ILE D 297 81.63 -43.26 -22.76
C ILE D 297 81.32 -43.74 -24.17
N LYS D 298 80.31 -44.61 -24.29
CA LYS D 298 79.94 -45.20 -25.58
C LYS D 298 78.42 -45.30 -25.63
N ASN D 299 77.78 -44.28 -26.22
CA ASN D 299 76.34 -44.25 -26.45
C ASN D 299 75.56 -44.49 -25.15
N ASP D 300 75.76 -43.59 -24.20
CA ASP D 300 75.06 -43.64 -22.92
C ASP D 300 74.28 -42.36 -22.72
N LYS D 301 72.97 -42.51 -22.43
CA LYS D 301 72.12 -41.37 -22.15
C LYS D 301 72.41 -40.72 -20.81
N TYR D 302 73.19 -41.37 -19.95
CA TYR D 302 73.45 -40.85 -18.62
C TYR D 302 74.43 -39.69 -18.66
N GLY D 303 74.35 -38.84 -17.63
CA GLY D 303 75.22 -37.70 -17.52
C GLY D 303 76.64 -38.11 -17.14
N PRO D 304 77.58 -37.18 -17.32
CA PRO D 304 78.98 -37.52 -17.04
C PRO D 304 79.38 -37.26 -15.60
N TRP D 305 78.39 -37.11 -14.72
CA TRP D 305 78.62 -36.71 -13.34
C TRP D 305 77.93 -37.67 -12.37
N LEU D 306 78.17 -38.97 -12.55
CA LEU D 306 77.57 -39.99 -11.70
C LEU D 306 77.80 -39.68 -10.22
N GLU D 307 79.06 -39.41 -9.85
CA GLU D 307 79.37 -39.08 -8.46
C GLU D 307 78.65 -37.80 -8.02
N TRP D 308 78.68 -36.77 -8.88
CA TRP D 308 78.01 -35.53 -8.53
C TRP D 308 76.51 -35.74 -8.36
N GLU D 309 75.89 -36.49 -9.28
CA GLU D 309 74.44 -36.64 -9.20
C GLU D 309 74.04 -37.50 -8.00
N ILE D 310 74.83 -38.51 -7.64
CA ILE D 310 74.47 -39.29 -6.46
C ILE D 310 74.64 -38.47 -5.19
N MET D 311 75.69 -37.64 -5.12
CA MET D 311 75.84 -36.78 -3.94
C MET D 311 74.69 -35.81 -3.83
N LEU D 312 74.29 -35.18 -4.93
CA LEU D 312 73.13 -34.29 -4.89
C LEU D 312 71.85 -35.05 -4.51
N GLN D 313 71.67 -36.25 -5.04
CA GLN D 313 70.46 -37.00 -4.75
C GLN D 313 70.36 -37.34 -3.26
N TYR D 314 71.47 -37.73 -2.65
CA TYR D 314 71.45 -38.09 -1.23
C TYR D 314 71.81 -36.94 -0.30
N CYS D 315 72.01 -35.73 -0.83
CA CYS D 315 72.54 -34.64 -0.02
C CYS D 315 71.81 -33.32 -0.19
N PHE D 316 71.13 -33.08 -1.31
CA PHE D 316 70.49 -31.79 -1.55
C PHE D 316 69.22 -31.65 -0.70
N PRO D 317 68.88 -30.43 -0.30
CA PRO D 317 67.62 -30.20 0.43
C PRO D 317 66.42 -30.30 -0.49
N ARG D 318 65.26 -30.53 0.11
CA ARG D 318 64.00 -30.64 -0.60
C ARG D 318 63.01 -29.61 -0.06
N LEU D 319 62.43 -28.82 -0.96
CA LEU D 319 61.45 -27.80 -0.61
C LEU D 319 60.04 -28.32 -0.90
N ASP D 320 59.05 -27.43 -0.77
CA ASP D 320 57.66 -27.74 -1.08
C ASP D 320 57.05 -26.52 -1.73
N ILE D 321 56.59 -26.67 -2.97
CA ILE D 321 56.10 -25.51 -3.72
C ILE D 321 54.80 -24.98 -3.13
N ASN D 322 54.06 -25.83 -2.40
CA ASN D 322 52.74 -25.42 -1.94
C ASN D 322 52.81 -24.35 -0.86
N VAL D 323 53.85 -24.37 -0.02
CA VAL D 323 53.92 -23.42 1.07
C VAL D 323 54.27 -22.02 0.57
N SER D 324 54.85 -21.91 -0.63
CA SER D 324 55.24 -20.61 -1.16
C SER D 324 54.38 -20.15 -2.34
N LYS D 325 53.67 -21.05 -3.01
CA LYS D 325 52.83 -20.63 -4.13
C LYS D 325 51.65 -19.79 -3.65
N GLY D 326 50.98 -20.23 -2.58
CA GLY D 326 49.85 -19.48 -2.08
C GLY D 326 50.27 -18.15 -1.48
N ILE D 327 49.36 -17.18 -1.55
CA ILE D 327 49.60 -15.86 -0.98
C ILE D 327 48.83 -15.64 0.31
N ASN D 328 47.77 -16.39 0.57
CA ASN D 328 47.03 -16.30 1.81
C ASN D 328 47.35 -17.44 2.76
N HIS D 329 48.42 -18.20 2.51
CA HIS D 329 48.74 -19.34 3.34
C HIS D 329 49.31 -18.88 4.68
N LEU D 330 49.43 -19.83 5.60
CA LEU D 330 49.81 -19.55 6.97
C LEU D 330 51.02 -20.39 7.36
N LEU D 331 51.84 -19.85 8.27
CA LEU D 331 53.03 -20.54 8.72
C LEU D 331 53.35 -20.07 10.13
N LYS D 332 53.96 -20.96 10.91
CA LYS D 332 54.19 -20.71 12.34
C LYS D 332 55.03 -19.47 12.56
N SER D 333 54.58 -18.62 13.48
CA SER D 333 55.30 -17.42 13.86
C SER D 333 56.48 -17.76 14.76
N PRO D 334 57.53 -16.95 14.75
CA PRO D 334 58.66 -17.18 15.66
C PRO D 334 58.24 -16.99 17.12
N PHE D 335 59.12 -17.44 18.01
CA PHE D 335 58.91 -17.37 19.46
C PHE D 335 57.68 -18.17 19.88
N SER D 336 57.31 -19.18 19.11
CA SER D 336 56.18 -20.02 19.45
C SER D 336 56.57 -21.01 20.54
N VAL D 337 55.63 -21.87 20.92
CA VAL D 337 55.86 -22.91 21.91
C VAL D 337 55.32 -24.21 21.35
N HIS D 338 56.20 -25.11 20.96
CA HIS D 338 55.77 -26.40 20.45
C HIS D 338 55.18 -27.23 21.59
N PRO D 339 53.99 -27.80 21.42
CA PRO D 339 53.33 -28.53 22.50
C PRO D 339 53.88 -29.93 22.75
N LYS D 340 55.03 -30.27 22.20
CA LYS D 340 55.59 -31.61 22.38
C LYS D 340 56.93 -31.61 23.10
N THR D 341 57.79 -30.62 22.84
CA THR D 341 59.09 -30.54 23.47
C THR D 341 59.32 -29.27 24.27
N GLY D 342 58.45 -28.27 24.15
CA GLY D 342 58.58 -27.05 24.92
C GLY D 342 59.72 -26.16 24.52
N ARG D 343 60.43 -26.49 23.44
CA ARG D 343 61.52 -25.65 22.96
C ARG D 343 60.94 -24.42 22.26
N ILE D 344 61.43 -23.25 22.64
CA ILE D 344 60.92 -22.01 22.08
C ILE D 344 61.63 -21.73 20.77
N SER D 345 60.86 -21.43 19.73
CA SER D 345 61.43 -21.13 18.42
C SER D 345 62.25 -19.84 18.51
N VAL D 346 63.53 -19.93 18.19
CA VAL D 346 64.43 -18.79 18.33
C VAL D 346 65.14 -18.54 17.01
N PRO D 347 65.57 -17.31 16.73
CA PRO D 347 66.36 -17.06 15.52
C PRO D 347 67.71 -17.76 15.60
N ILE D 348 68.27 -18.02 14.42
CA ILE D 348 69.56 -18.68 14.29
C ILE D 348 70.55 -17.68 13.71
N ASP D 349 71.67 -17.50 14.38
CA ASP D 349 72.68 -16.56 13.91
C ASP D 349 73.27 -17.03 12.58
N LEU D 350 73.48 -16.08 11.68
CA LEU D 350 73.98 -16.42 10.35
C LEU D 350 75.46 -16.76 10.38
N GLN D 351 76.23 -16.15 11.27
CA GLN D 351 77.68 -16.33 11.32
C GLN D 351 78.12 -17.42 12.27
N LYS D 352 77.19 -18.11 12.93
CA LYS D 352 77.53 -19.18 13.87
C LYS D 352 76.61 -20.38 13.65
N VAL D 353 76.30 -20.67 12.38
CA VAL D 353 75.38 -21.76 12.07
C VAL D 353 75.99 -23.10 12.44
N ASP D 354 77.31 -23.25 12.28
CA ASP D 354 77.97 -24.51 12.57
C ASP D 354 78.05 -24.82 14.05
N GLN D 355 77.73 -23.86 14.93
CA GLN D 355 77.77 -24.05 16.37
C GLN D 355 76.37 -24.03 16.98
N PHE D 356 75.37 -24.47 16.24
CA PHE D 356 73.98 -24.46 16.67
C PHE D 356 73.54 -25.89 16.98
N ASP D 357 73.58 -26.25 18.25
CA ASP D 357 73.09 -27.56 18.65
C ASP D 357 71.59 -27.48 18.93
N PRO D 358 70.77 -28.30 18.27
CA PRO D 358 69.32 -28.23 18.51
C PRO D 358 68.93 -28.54 19.95
N PHE D 359 69.69 -29.39 20.64
CA PHE D 359 69.31 -29.84 21.97
C PHE D 359 69.61 -28.82 23.06
N THR D 360 70.38 -27.77 22.77
CA THR D 360 70.75 -26.77 23.76
C THR D 360 69.81 -25.58 23.79
N VAL D 361 68.80 -25.54 22.94
CA VAL D 361 67.87 -24.41 22.94
C VAL D 361 67.06 -24.42 24.22
N PRO D 362 66.96 -23.30 24.95
CA PRO D 362 66.21 -23.29 26.21
C PRO D 362 64.74 -23.63 26.00
N THR D 363 64.17 -24.29 26.99
CA THR D 363 62.78 -24.73 26.95
C THR D 363 61.93 -23.89 27.89
N ILE D 364 60.62 -24.12 27.82
CA ILE D 364 59.68 -23.33 28.61
C ILE D 364 59.79 -23.67 30.10
N SER D 365 59.98 -24.94 30.43
CA SER D 365 60.12 -25.31 31.84
C SER D 365 61.42 -24.77 32.42
N PHE D 366 62.52 -24.90 31.67
CA PHE D 366 63.79 -24.37 32.14
C PHE D 366 63.73 -22.85 32.29
N ILE D 367 63.09 -22.17 31.34
CA ILE D 367 63.01 -20.72 31.44
C ILE D 367 62.08 -20.29 32.57
N CYS D 368 61.08 -21.11 32.88
CA CYS D 368 60.22 -20.78 34.02
C CYS D 368 60.97 -20.96 35.35
N ARG D 369 61.77 -22.02 35.46
CA ARG D 369 62.60 -22.16 36.64
C ARG D 369 63.63 -21.04 36.72
N GLU D 370 64.14 -20.60 35.56
CA GLU D 370 65.04 -19.45 35.55
C GLU D 370 64.33 -18.20 36.04
N LEU D 371 63.07 -18.01 35.65
CA LEU D 371 62.29 -16.88 36.14
C LEU D 371 62.10 -16.96 37.65
N ASP D 372 61.86 -18.17 38.17
CA ASP D 372 61.73 -18.33 39.61
C ASP D 372 63.03 -17.97 40.32
N ALA D 373 64.17 -18.41 39.80
CA ALA D 373 65.46 -18.03 40.37
C ALA D 373 65.71 -16.54 40.22
N ILE D 374 65.23 -15.94 39.14
CA ILE D 374 65.37 -14.50 38.94
C ILE D 374 64.60 -13.74 40.01
N SER D 375 63.38 -14.19 40.31
CA SER D 375 62.62 -13.60 41.41
C SER D 375 63.33 -13.81 42.74
N THR D 376 63.95 -14.98 42.93
CA THR D 376 64.71 -15.23 44.14
C THR D 376 65.85 -14.23 44.29
N ASN D 377 66.57 -13.96 43.19
CA ASN D 377 67.62 -12.94 43.23
C ASN D 377 67.04 -11.56 43.48
N GLU D 378 65.90 -11.24 42.86
CA GLU D 378 65.24 -9.97 43.05
C GLU D 378 64.79 -9.77 44.50
N GLU D 379 64.62 -10.85 45.25
CA GLU D 379 64.28 -10.73 46.67
C GLU D 379 65.36 -10.00 47.46
N GLU D 380 66.59 -9.95 46.94
CA GLU D 380 67.68 -9.29 47.66
C GLU D 380 68.51 -8.38 46.77
N LYS D 381 68.11 -8.13 45.53
CA LYS D 381 68.88 -7.29 44.62
C LYS D 381 68.09 -6.12 44.05
N GLU D 382 66.82 -6.31 43.73
CA GLU D 382 65.98 -5.25 43.18
C GLU D 382 64.73 -5.12 44.05
N GLU D 383 64.66 -4.04 44.82
CA GLU D 383 63.54 -3.80 45.71
C GLU D 383 63.11 -2.34 45.64
N ASN D 384 61.84 -2.09 45.95
CA ASN D 384 61.26 -0.75 46.02
C ASN D 384 61.45 0.00 44.69
N GLU D 385 60.83 -0.56 43.65
CA GLU D 385 60.86 0.04 42.31
C GLU D 385 59.44 0.43 41.92
N ALA D 386 59.24 1.71 41.65
CA ALA D 386 57.94 2.23 41.21
C ALA D 386 57.92 2.40 39.69
N GLU D 387 58.18 1.30 38.99
CA GLU D 387 58.20 1.30 37.54
C GLU D 387 56.96 0.63 36.98
N SER D 388 56.65 0.93 35.73
CA SER D 388 55.54 0.29 35.04
C SER D 388 55.93 -1.14 34.67
N ASP D 389 54.97 -1.86 34.09
CA ASP D 389 55.23 -3.23 33.67
C ASP D 389 56.26 -3.31 32.55
N VAL D 390 56.44 -2.23 31.79
CA VAL D 390 57.35 -2.26 30.64
C VAL D 390 58.78 -2.50 31.11
N LYS D 391 59.24 -1.70 32.07
CA LYS D 391 60.63 -1.84 32.53
C LYS D 391 60.83 -3.12 33.31
N HIS D 392 59.84 -3.52 34.11
CA HIS D 392 59.94 -4.77 34.86
C HIS D 392 60.06 -5.95 33.91
N ARG D 393 59.24 -6.01 32.87
CA ARG D 393 59.34 -7.08 31.89
C ARG D 393 60.62 -6.98 31.08
N THR D 394 61.10 -5.76 30.84
CA THR D 394 62.37 -5.59 30.13
C THR D 394 63.51 -6.23 30.91
N ARG D 395 63.64 -5.90 32.19
CA ARG D 395 64.67 -6.52 33.00
C ARG D 395 64.40 -8.01 33.20
N ASP D 396 63.13 -8.42 33.17
CA ASP D 396 62.80 -9.83 33.30
C ASP D 396 63.35 -10.64 32.14
N TYR D 397 63.07 -10.22 30.90
CA TYR D 397 63.61 -10.99 29.78
C TYR D 397 65.08 -10.68 29.52
N LYS D 398 65.62 -9.61 30.12
CA LYS D 398 67.07 -9.43 30.11
C LYS D 398 67.75 -10.47 30.99
N LYS D 399 67.19 -10.75 32.15
CA LYS D 399 67.80 -11.69 33.09
C LYS D 399 67.64 -13.15 32.68
N THR D 400 66.83 -13.43 31.66
CA THR D 400 66.55 -14.81 31.27
C THR D 400 67.65 -15.33 30.33
N SER D 401 67.45 -16.53 29.80
CA SER D 401 68.37 -17.14 28.86
C SER D 401 68.10 -16.77 27.41
N LEU D 402 67.04 -16.00 27.14
CA LEU D 402 66.70 -15.60 25.79
C LEU D 402 67.49 -14.38 25.32
N ALA D 403 68.34 -13.82 26.17
CA ALA D 403 69.05 -12.58 25.84
C ALA D 403 69.83 -12.65 24.52
N PRO D 404 70.62 -13.69 24.23
CA PRO D 404 71.28 -13.74 22.91
C PRO D 404 70.29 -13.76 21.75
N TYR D 405 69.17 -14.46 21.91
CA TYR D 405 68.21 -14.56 20.81
C TYR D 405 67.55 -13.22 20.54
N VAL D 406 67.08 -12.53 21.59
CA VAL D 406 66.51 -11.22 21.41
C VAL D 406 67.56 -10.24 20.91
N LYS D 407 68.82 -10.43 21.31
CA LYS D 407 69.88 -9.58 20.80
C LYS D 407 70.06 -9.74 19.30
N VAL D 408 70.02 -10.99 18.82
CA VAL D 408 70.11 -11.24 17.38
C VAL D 408 68.90 -10.63 16.66
N PHE D 409 67.71 -10.79 17.24
CA PHE D 409 66.52 -10.19 16.65
C PHE D 409 66.64 -8.68 16.58
N GLU D 410 67.14 -8.06 17.64
CA GLU D 410 67.34 -6.62 17.66
C GLU D 410 68.38 -6.18 16.63
N HIS D 411 69.44 -6.97 16.46
CA HIS D 411 70.45 -6.64 15.46
C HIS D 411 69.87 -6.69 14.05
N PHE D 412 69.06 -7.71 13.76
CA PHE D 412 68.36 -7.75 12.48
C PHE D 412 67.43 -6.55 12.31
N LEU D 413 66.70 -6.19 13.37
CA LEU D 413 65.81 -5.04 13.27
C LEU D 413 66.59 -3.76 13.04
N GLU D 414 67.76 -3.63 13.67
CA GLU D 414 68.62 -2.48 13.46
C GLU D 414 69.13 -2.44 12.02
N ASN D 415 69.47 -3.59 11.46
CA ASN D 415 69.86 -3.64 10.06
C ASN D 415 68.72 -3.18 9.15
N LEU D 416 67.50 -3.65 9.43
CA LEU D 416 66.36 -3.23 8.63
C LEU D 416 66.10 -1.74 8.78
N ASP D 417 66.28 -1.21 10.00
CA ASP D 417 66.10 0.21 10.22
C ASP D 417 67.15 1.03 9.47
N LYS D 418 68.39 0.55 9.45
CA LYS D 418 69.43 1.22 8.68
C LYS D 418 69.11 1.19 7.20
N SER D 419 68.56 0.08 6.72
CA SER D 419 68.14 0.02 5.32
C SER D 419 67.03 1.02 5.03
N ARG D 420 66.07 1.15 5.95
CA ARG D 420 65.02 2.14 5.78
C ARG D 420 65.59 3.55 5.78
N LYS D 421 66.58 3.81 6.64
CA LYS D 421 67.24 5.11 6.65
C LYS D 421 67.92 5.38 5.32
N GLY D 422 68.62 4.38 4.78
CA GLY D 422 69.26 4.55 3.49
C GLY D 422 68.26 4.80 2.37
N GLU D 423 67.15 4.07 2.37
CA GLU D 423 66.15 4.24 1.32
C GLU D 423 65.48 5.61 1.41
N LEU D 424 65.21 6.08 2.63
CA LEU D 424 64.61 7.41 2.77
C LEU D 424 65.61 8.50 2.41
N LEU D 425 66.89 8.30 2.69
CA LEU D 425 67.90 9.27 2.27
C LEU D 425 68.03 9.28 0.74
N LYS D 426 67.94 8.11 0.10
CA LYS D 426 67.94 8.07 -1.36
C LYS D 426 66.72 8.79 -1.93
N LYS D 427 65.55 8.60 -1.30
CA LYS D 427 64.35 9.30 -1.73
C LYS D 427 64.51 10.81 -1.54
N SER D 428 65.16 11.23 -0.45
CA SER D 428 65.43 12.65 -0.25
C SER D 428 66.36 13.19 -1.33
N ASP D 429 67.39 12.42 -1.69
CA ASP D 429 68.30 12.84 -2.76
C ASP D 429 67.57 12.97 -4.08
N LEU D 430 66.68 12.01 -4.39
CA LEU D 430 65.94 12.07 -5.65
C LEU D 430 64.94 13.21 -5.65
N GLN D 431 64.29 13.46 -4.51
CA GLN D 431 63.24 14.47 -4.40
C GLN D 431 63.77 15.87 -4.13
N LYS D 432 65.09 16.03 -4.01
CA LYS D 432 65.71 17.34 -3.83
C LYS D 432 65.19 18.06 -2.59
N ASP D 433 64.97 17.31 -1.51
CA ASP D 433 64.49 17.85 -0.24
C ASP D 433 65.59 17.67 0.81
N PHE D 434 66.28 18.75 1.14
CA PHE D 434 67.34 18.71 2.14
C PHE D 434 67.21 19.86 3.13
N ASP E 30 46.30 12.36 -43.37
CA ASP E 30 46.95 11.06 -43.48
C ASP E 30 46.52 10.14 -42.34
N GLN E 31 45.19 10.00 -42.17
CA GLN E 31 44.67 9.18 -41.09
C GLN E 31 45.03 7.70 -41.28
N ARG E 32 44.96 7.21 -42.52
CA ARG E 32 45.18 5.79 -42.78
C ARG E 32 46.58 5.36 -42.40
N ASN E 33 47.60 6.07 -42.90
CA ASN E 33 48.98 5.70 -42.59
C ASN E 33 49.31 5.92 -41.13
N ALA E 34 48.88 7.05 -40.56
CA ALA E 34 49.18 7.35 -39.17
C ALA E 34 48.57 6.32 -38.23
N SER E 35 47.36 5.86 -38.54
CA SER E 35 46.70 4.87 -37.69
C SER E 35 47.47 3.55 -37.66
N TYR E 36 47.96 3.10 -38.81
CA TYR E 36 48.50 1.75 -38.96
C TYR E 36 49.86 1.80 -39.63
N PRO E 37 50.93 1.97 -38.85
CA PRO E 37 52.28 2.02 -39.45
C PRO E 37 52.91 0.66 -39.65
N HIS E 38 52.51 -0.33 -38.86
CA HIS E 38 53.15 -1.64 -38.89
C HIS E 38 52.10 -2.73 -38.72
N CYS E 39 52.48 -3.95 -39.12
CA CYS E 39 51.59 -5.10 -38.98
C CYS E 39 51.45 -5.56 -37.54
N LEU E 40 52.29 -5.09 -36.64
CA LEU E 40 52.21 -5.44 -35.23
C LEU E 40 51.93 -4.20 -34.40
N GLN E 41 51.24 -4.40 -33.28
CA GLN E 41 50.78 -3.28 -32.47
C GLN E 41 50.41 -3.81 -31.09
N PHE E 42 50.87 -3.13 -30.03
CA PHE E 42 50.52 -3.49 -28.67
C PHE E 42 49.06 -3.19 -28.33
N TYR E 43 48.31 -2.56 -29.22
CA TYR E 43 46.90 -2.27 -29.01
C TYR E 43 46.69 -1.39 -27.78
N LEU E 44 47.24 -0.18 -27.86
CA LEU E 44 47.17 0.77 -26.76
C LEU E 44 46.25 1.95 -27.03
N GLN E 45 45.79 2.13 -28.27
CA GLN E 45 44.96 3.29 -28.63
C GLN E 45 43.60 2.82 -29.10
N PRO E 46 42.56 2.95 -28.28
CA PRO E 46 41.19 2.67 -28.75
C PRO E 46 40.84 3.58 -29.92
N PRO E 47 40.12 3.06 -30.91
CA PRO E 47 39.82 3.87 -32.10
C PRO E 47 38.76 4.93 -31.84
N SER E 48 38.42 5.71 -32.87
CA SER E 48 37.44 6.77 -32.72
C SER E 48 36.45 6.86 -33.87
N GLU E 49 36.55 6.00 -34.88
CA GLU E 49 35.66 6.06 -36.03
C GLU E 49 34.30 5.45 -35.67
N ASN E 50 33.44 5.27 -36.68
CA ASN E 50 32.09 4.79 -36.48
C ASN E 50 31.82 3.63 -37.42
N ILE E 51 31.18 2.57 -36.89
CA ILE E 51 30.99 1.33 -37.61
C ILE E 51 29.53 0.91 -37.53
N SER E 52 29.05 0.26 -38.58
CA SER E 52 27.72 -0.32 -38.60
C SER E 52 27.66 -1.59 -37.74
N LEU E 53 26.45 -1.90 -37.28
CA LEU E 53 26.28 -3.00 -36.32
C LEU E 53 26.65 -4.35 -36.93
N ILE E 54 26.25 -4.58 -38.18
CA ILE E 54 26.51 -5.88 -38.81
C ILE E 54 28.01 -6.12 -38.95
N GLU E 55 28.75 -5.07 -39.33
CA GLU E 55 30.20 -5.19 -39.44
C GLU E 55 30.82 -5.47 -38.07
N PHE E 56 30.29 -4.83 -37.03
CA PHE E 56 30.71 -5.10 -35.65
C PHE E 56 30.58 -6.59 -35.33
N GLU E 57 29.39 -7.14 -35.56
CA GLU E 57 29.15 -8.55 -35.26
C GLU E 57 30.06 -9.46 -36.09
N ASN E 58 30.24 -9.13 -37.37
CA ASN E 58 31.09 -9.94 -38.23
C ASN E 58 32.52 -9.95 -37.74
N LEU E 59 33.06 -8.79 -37.36
CA LEU E 59 34.42 -8.75 -36.84
C LEU E 59 34.54 -9.56 -35.55
N ALA E 60 33.57 -9.43 -34.66
CA ALA E 60 33.62 -10.18 -33.41
C ALA E 60 33.66 -11.68 -33.68
N ILE E 61 32.74 -12.18 -34.49
CA ILE E 61 32.66 -13.62 -34.72
C ILE E 61 33.89 -14.10 -35.48
N ASP E 62 34.38 -13.30 -36.43
CA ASP E 62 35.54 -13.72 -37.20
C ASP E 62 36.77 -13.85 -36.31
N ARG E 63 37.01 -12.86 -35.46
CA ARG E 63 38.20 -12.94 -34.62
C ARG E 63 38.07 -14.04 -33.56
N VAL E 64 36.87 -14.28 -33.03
CA VAL E 64 36.76 -15.37 -32.06
C VAL E 64 36.97 -16.71 -32.75
N LYS E 65 36.50 -16.86 -33.99
CA LYS E 65 36.78 -18.08 -34.74
C LYS E 65 38.27 -18.26 -34.98
N LEU E 66 38.96 -17.17 -35.37
CA LEU E 66 40.40 -17.26 -35.60
C LEU E 66 41.14 -17.64 -34.33
N LEU E 67 40.74 -17.05 -33.20
CA LEU E 67 41.40 -17.37 -31.93
C LEU E 67 41.18 -18.82 -31.54
N LYS E 68 39.96 -19.33 -31.71
CA LYS E 68 39.72 -20.74 -31.40
C LYS E 68 40.54 -21.65 -32.31
N SER E 69 40.61 -21.30 -33.60
CA SER E 69 41.36 -22.13 -34.54
C SER E 69 42.85 -22.15 -34.18
N VAL E 70 43.42 -20.98 -33.84
CA VAL E 70 44.83 -20.96 -33.51
C VAL E 70 45.08 -21.69 -32.19
N GLU E 71 44.15 -21.62 -31.24
CA GLU E 71 44.28 -22.40 -30.01
C GLU E 71 44.33 -23.89 -30.32
N ASN E 72 43.42 -24.37 -31.16
CA ASN E 72 43.39 -25.79 -31.50
C ASN E 72 44.66 -26.21 -32.22
N LEU E 73 45.12 -25.38 -33.17
CA LEU E 73 46.33 -25.72 -33.91
C LEU E 73 47.54 -25.75 -32.99
N GLY E 74 47.61 -24.82 -32.03
CA GLY E 74 48.72 -24.82 -31.09
C GLY E 74 48.69 -26.03 -30.18
N VAL E 75 47.51 -26.44 -29.72
CA VAL E 75 47.45 -27.59 -28.82
C VAL E 75 47.64 -28.90 -29.57
N SER E 76 47.38 -28.95 -30.88
CA SER E 76 47.55 -30.19 -31.62
C SER E 76 49.02 -30.44 -31.96
N TYR E 77 49.61 -29.56 -32.76
CA TYR E 77 51.01 -29.70 -33.16
C TYR E 77 51.92 -29.07 -32.11
N VAL E 78 53.19 -28.92 -32.45
CA VAL E 78 54.18 -28.28 -31.60
C VAL E 78 54.61 -26.97 -32.24
N LYS E 79 55.24 -26.12 -31.44
CA LYS E 79 55.67 -24.81 -31.91
C LYS E 79 56.76 -24.94 -32.98
N GLY E 80 56.78 -23.98 -33.88
CA GLY E 80 57.79 -23.97 -34.94
C GLY E 80 57.38 -24.85 -36.10
N THR E 81 58.29 -25.73 -36.52
CA THR E 81 58.09 -26.63 -37.64
C THR E 81 57.68 -25.87 -38.90
N GLU E 82 57.01 -26.54 -39.82
CA GLU E 82 56.52 -25.87 -41.03
C GLU E 82 55.04 -26.09 -41.26
N GLN E 83 54.51 -27.28 -40.95
CA GLN E 83 53.09 -27.55 -41.18
C GLN E 83 52.21 -26.69 -40.28
N TYR E 84 52.58 -26.56 -39.00
CA TYR E 84 51.76 -25.78 -38.07
C TYR E 84 51.72 -24.32 -38.47
N GLN E 85 52.88 -23.72 -38.73
CA GLN E 85 52.92 -22.32 -39.13
C GLN E 85 52.26 -22.10 -40.48
N SER E 86 52.41 -23.05 -41.40
CA SER E 86 51.77 -22.92 -42.70
C SER E 86 50.25 -22.96 -42.57
N LYS E 87 49.73 -23.86 -41.75
CA LYS E 87 48.28 -23.93 -41.54
C LYS E 87 47.78 -22.67 -40.85
N LEU E 88 48.53 -22.14 -39.89
CA LEU E 88 48.13 -20.90 -39.23
C LEU E 88 48.11 -19.74 -40.22
N GLU E 89 49.11 -19.66 -41.09
CA GLU E 89 49.13 -18.62 -42.13
C GLU E 89 47.95 -18.77 -43.07
N SER E 90 47.62 -20.01 -43.44
CA SER E 90 46.45 -20.25 -44.29
C SER E 90 45.17 -19.79 -43.61
N GLU E 91 45.04 -20.08 -42.31
CA GLU E 91 43.88 -19.63 -41.57
C GLU E 91 43.80 -18.11 -41.52
N LEU E 92 44.93 -17.45 -41.30
CA LEU E 92 44.94 -15.99 -41.29
C LEU E 92 44.54 -15.41 -42.65
N ARG E 93 45.07 -15.99 -43.73
CA ARG E 93 44.76 -15.46 -45.06
C ARG E 93 43.30 -15.72 -45.42
N LYS E 94 42.75 -16.86 -44.99
CA LYS E 94 41.35 -17.17 -45.28
C LYS E 94 40.43 -16.18 -44.58
N LEU E 95 40.73 -15.83 -43.33
CA LEU E 95 39.85 -14.98 -42.54
C LEU E 95 40.14 -13.50 -42.72
N LYS E 96 40.73 -13.11 -43.85
CA LYS E 96 40.87 -11.71 -44.28
C LYS E 96 41.37 -10.81 -43.15
N PHE E 97 42.40 -11.29 -42.46
CA PHE E 97 43.10 -10.52 -41.44
C PHE E 97 44.49 -10.13 -41.96
N SER E 98 45.28 -9.51 -41.10
CA SER E 98 46.63 -9.07 -41.44
C SER E 98 47.63 -10.09 -40.90
N TYR E 99 48.39 -10.71 -41.81
CA TYR E 99 49.37 -11.71 -41.41
C TYR E 99 50.76 -11.47 -41.98
N ARG E 100 50.85 -11.01 -43.22
CA ARG E 100 52.14 -10.76 -43.84
C ARG E 100 52.44 -9.27 -43.83
N GLU E 101 53.55 -8.90 -44.44
CA GLU E 101 53.96 -7.49 -44.50
C GLU E 101 54.33 -7.10 -45.92
N ASN E 102 53.44 -7.40 -46.88
CA ASN E 102 53.50 -6.70 -48.16
C ASN E 102 53.27 -5.22 -47.90
N LEU E 103 54.10 -4.38 -48.50
CA LEU E 103 54.04 -2.95 -48.16
C LEU E 103 52.89 -2.23 -48.85
N GLU E 104 51.89 -2.92 -49.39
CA GLU E 104 50.78 -2.30 -50.09
C GLU E 104 49.46 -2.82 -49.54
N ASP E 105 48.50 -1.92 -49.39
CA ASP E 105 47.12 -2.24 -49.06
C ASP E 105 47.01 -3.10 -47.79
N GLU E 106 47.49 -2.53 -46.69
CA GLU E 106 47.33 -3.13 -45.38
C GLU E 106 46.38 -2.34 -44.48
N TYR E 107 45.78 -1.27 -45.00
CA TYR E 107 44.88 -0.46 -44.20
C TYR E 107 43.69 -1.27 -43.67
N GLU E 108 43.00 -1.97 -44.57
CA GLU E 108 41.81 -2.72 -44.18
C GLU E 108 42.10 -3.83 -43.19
N PRO E 109 43.07 -4.73 -43.42
CA PRO E 109 43.31 -5.80 -42.44
C PRO E 109 43.78 -5.28 -41.09
N ARG E 110 44.65 -4.27 -41.08
CA ARG E 110 45.11 -3.70 -39.81
C ARG E 110 43.95 -3.09 -39.04
N ARG E 111 43.10 -2.33 -39.74
CA ARG E 111 41.94 -1.73 -39.07
C ARG E 111 41.01 -2.80 -38.51
N ARG E 112 40.74 -3.85 -39.29
CA ARG E 112 39.86 -4.91 -38.82
C ARG E 112 40.44 -5.62 -37.61
N ASP E 113 41.74 -5.91 -37.64
CA ASP E 113 42.39 -6.55 -36.49
C ASP E 113 42.27 -5.67 -35.26
N HIS E 114 42.56 -4.37 -35.41
CA HIS E 114 42.48 -3.44 -34.28
C HIS E 114 41.08 -3.43 -33.67
N ILE E 115 40.06 -3.24 -34.51
CA ILE E 115 38.69 -3.14 -34.02
C ILE E 115 38.27 -4.43 -33.34
N SER E 116 38.51 -5.56 -34.00
CA SER E 116 38.05 -6.84 -33.46
C SER E 116 38.77 -7.19 -32.16
N HIS E 117 40.07 -6.87 -32.07
CA HIS E 117 40.80 -7.15 -30.85
C HIS E 117 40.24 -6.34 -29.69
N PHE E 118 39.95 -5.06 -29.89
CA PHE E 118 39.34 -4.31 -28.79
C PHE E 118 37.92 -4.75 -28.49
N ILE E 119 37.19 -5.26 -29.49
CA ILE E 119 35.85 -5.77 -29.20
C ILE E 119 35.95 -7.00 -28.29
N LEU E 120 36.86 -7.91 -28.59
CA LEU E 120 37.02 -9.06 -27.69
C LEU E 120 37.62 -8.64 -26.34
N ARG E 121 38.41 -7.56 -26.30
CA ARG E 121 38.85 -7.04 -25.02
C ARG E 121 37.67 -6.60 -24.18
N LEU E 122 36.70 -5.91 -24.80
CA LEU E 122 35.46 -5.60 -24.10
C LEU E 122 34.71 -6.86 -23.70
N ALA E 123 34.78 -7.90 -24.53
CA ALA E 123 33.98 -9.10 -24.28
C ALA E 123 34.51 -9.88 -23.09
N TYR E 124 35.76 -10.33 -23.14
CA TYR E 124 36.31 -11.27 -22.17
C TYR E 124 36.82 -10.53 -20.93
N CYS E 125 35.88 -10.02 -20.14
CA CYS E 125 36.21 -9.34 -18.89
C CYS E 125 35.20 -9.69 -17.81
N GLN E 126 34.87 -10.97 -17.66
CA GLN E 126 33.90 -11.41 -16.67
C GLN E 126 34.52 -12.24 -15.56
N SER E 127 35.23 -13.31 -15.89
CA SER E 127 35.84 -14.18 -14.90
C SER E 127 37.34 -14.25 -15.10
N GLU E 128 38.06 -14.56 -14.02
CA GLU E 128 39.52 -14.59 -14.07
C GLU E 128 40.02 -15.64 -15.06
N GLU E 129 39.39 -16.81 -15.07
CA GLU E 129 39.84 -17.88 -15.97
C GLU E 129 39.64 -17.48 -17.44
N LEU E 130 38.53 -16.82 -17.74
CA LEU E 130 38.32 -16.31 -19.09
C LEU E 130 39.42 -15.33 -19.48
N ARG E 131 39.77 -14.43 -18.56
CA ARG E 131 40.86 -13.50 -18.82
C ARG E 131 42.16 -14.23 -19.08
N ARG E 132 42.46 -15.26 -18.29
CA ARG E 132 43.69 -16.02 -18.48
C ARG E 132 43.71 -16.69 -19.85
N TRP E 133 42.58 -17.29 -20.25
CA TRP E 133 42.51 -17.94 -21.55
C TRP E 133 42.72 -16.93 -22.68
N PHE E 134 42.07 -15.77 -22.57
CA PHE E 134 42.23 -14.73 -23.59
C PHE E 134 43.68 -14.27 -23.68
N ILE E 135 44.32 -14.06 -22.52
CA ILE E 135 45.71 -13.62 -22.51
C ILE E 135 46.60 -14.66 -23.15
N GLN E 136 46.38 -15.93 -22.82
CA GLN E 136 47.22 -16.99 -23.38
C GLN E 136 47.09 -17.06 -24.90
N GLN E 137 45.85 -17.00 -25.41
CA GLN E 137 45.66 -17.10 -26.84
C GLN E 137 46.24 -15.89 -27.57
N GLU E 138 46.03 -14.70 -27.01
CA GLU E 138 46.63 -13.51 -27.61
C GLU E 138 48.15 -13.60 -27.59
N MET E 139 48.72 -14.15 -26.50
CA MET E 139 50.16 -14.33 -26.44
C MET E 139 50.64 -15.25 -27.54
N ASP E 140 49.91 -16.35 -27.79
CA ASP E 140 50.29 -17.27 -28.87
C ASP E 140 50.28 -16.56 -30.21
N LEU E 141 49.19 -15.82 -30.49
CA LEU E 141 49.10 -15.12 -31.77
C LEU E 141 50.23 -14.12 -31.94
N LEU E 142 50.53 -13.35 -30.89
CA LEU E 142 51.59 -12.36 -30.97
C LEU E 142 52.95 -13.04 -31.16
N ARG E 143 53.17 -14.17 -30.49
CA ARG E 143 54.43 -14.90 -30.67
C ARG E 143 54.59 -15.34 -32.12
N PHE E 144 53.51 -15.85 -32.72
CA PHE E 144 53.57 -16.24 -34.12
C PHE E 144 53.92 -15.06 -35.02
N ARG E 145 53.17 -13.96 -34.87
CA ARG E 145 53.40 -12.81 -35.73
C ARG E 145 54.81 -12.25 -35.57
N PHE E 146 55.32 -12.24 -34.34
CA PHE E 146 56.69 -11.78 -34.13
C PHE E 146 57.69 -12.77 -34.70
N SER E 147 57.37 -14.06 -34.67
CA SER E 147 58.24 -15.07 -35.26
C SER E 147 58.30 -14.98 -36.77
N ILE E 148 57.36 -14.26 -37.40
CA ILE E 148 57.45 -14.05 -38.84
C ILE E 148 57.83 -12.59 -39.13
N LEU E 149 58.60 -11.98 -38.25
CA LEU E 149 58.95 -10.57 -38.37
C LEU E 149 60.45 -10.41 -38.59
N PRO E 150 60.88 -9.68 -39.63
CA PRO E 150 62.31 -9.51 -39.88
C PRO E 150 63.00 -8.65 -38.83
N LYS E 151 64.30 -8.89 -38.66
CA LYS E 151 65.05 -8.32 -37.54
C LYS E 151 65.10 -6.80 -37.59
N ASP E 152 65.38 -6.24 -38.77
CA ASP E 152 65.29 -4.78 -38.88
C ASP E 152 63.90 -4.29 -38.54
N LYS E 153 62.87 -5.05 -38.94
CA LYS E 153 61.51 -4.69 -38.60
C LYS E 153 61.23 -4.85 -37.10
N ILE E 154 61.83 -5.85 -36.44
CA ILE E 154 61.62 -5.94 -35.00
C ILE E 154 62.28 -4.74 -34.31
N GLN E 155 63.43 -4.30 -34.81
CA GLN E 155 64.08 -3.15 -34.20
C GLN E 155 63.25 -1.88 -34.39
N ASP E 156 62.70 -1.69 -35.59
CA ASP E 156 61.84 -0.54 -35.83
C ASP E 156 60.58 -0.60 -34.97
N PHE E 157 60.01 -1.80 -34.83
CA PHE E 157 58.80 -1.98 -34.03
C PHE E 157 59.06 -1.69 -32.55
N LEU E 158 60.22 -2.10 -32.05
CA LEU E 158 60.62 -1.71 -30.70
C LEU E 158 60.83 -0.21 -30.58
N LYS E 159 61.42 0.41 -31.61
CA LYS E 159 61.64 1.85 -31.57
C LYS E 159 60.30 2.59 -31.47
N ASP E 160 59.30 2.15 -32.24
CA ASP E 160 57.99 2.76 -32.13
C ASP E 160 57.32 2.41 -30.80
N SER E 161 57.71 1.30 -30.19
CA SER E 161 57.18 0.92 -28.89
C SER E 161 57.80 1.77 -27.79
N GLN E 162 57.08 1.89 -26.67
CA GLN E 162 57.55 2.63 -25.50
C GLN E 162 58.31 1.68 -24.56
N LEU E 163 59.41 1.15 -25.07
CA LEU E 163 60.24 0.22 -24.33
C LEU E 163 61.69 0.67 -24.34
N GLN E 164 62.38 0.42 -23.23
CA GLN E 164 63.77 0.78 -23.07
C GLN E 164 64.60 -0.46 -22.76
N PHE E 165 65.68 -0.64 -23.51
CA PHE E 165 66.64 -1.70 -23.28
C PHE E 165 68.02 -1.11 -23.05
N GLU E 166 68.87 -1.88 -22.37
CA GLU E 166 70.22 -1.45 -22.03
C GLU E 166 71.23 -2.44 -22.57
N ALA E 167 72.36 -1.93 -23.03
CA ALA E 167 73.43 -2.73 -23.60
C ALA E 167 74.66 -2.64 -22.71
N ILE E 168 75.17 -3.78 -22.26
CA ILE E 168 76.37 -3.82 -21.43
C ILE E 168 77.59 -3.67 -22.32
N SER E 169 78.75 -3.43 -21.72
CA SER E 169 79.97 -3.18 -22.46
C SER E 169 80.76 -4.47 -22.65
N ASP E 170 81.58 -4.51 -23.70
CA ASP E 170 82.33 -5.72 -24.04
C ASP E 170 83.29 -6.12 -22.93
N GLU E 171 83.67 -5.19 -22.07
CA GLU E 171 84.54 -5.50 -20.94
C GLU E 171 83.89 -6.53 -20.04
N GLU E 172 82.72 -6.20 -19.48
CA GLU E 172 82.02 -7.17 -18.64
C GLU E 172 81.44 -8.32 -19.46
N LYS E 173 81.24 -8.09 -20.76
CA LYS E 173 80.82 -9.18 -21.64
C LYS E 173 81.86 -10.28 -21.65
N THR E 174 83.13 -9.90 -21.77
CA THR E 174 84.23 -10.86 -21.71
C THR E 174 84.47 -11.34 -20.27
N LEU E 175 84.23 -10.48 -19.29
CA LEU E 175 84.44 -10.86 -17.89
C LEU E 175 83.53 -12.03 -17.50
N ARG E 176 82.28 -12.00 -17.95
CA ARG E 176 81.29 -13.01 -17.60
C ARG E 176 81.06 -14.00 -18.74
N GLU E 177 82.12 -14.33 -19.47
CA GLU E 177 82.01 -15.27 -20.59
C GLU E 177 81.63 -16.67 -20.10
N GLN E 178 82.29 -17.13 -19.04
CA GLN E 178 82.12 -18.52 -18.60
C GLN E 178 80.70 -18.79 -18.14
N GLU E 179 80.11 -17.88 -17.36
CA GLU E 179 78.75 -18.09 -16.89
C GLU E 179 77.75 -18.05 -18.05
N ILE E 180 77.92 -17.10 -18.97
CA ILE E 180 76.98 -16.97 -20.08
C ILE E 180 77.14 -18.11 -21.08
N VAL E 181 78.26 -18.81 -21.08
CA VAL E 181 78.39 -19.97 -21.96
C VAL E 181 77.97 -21.26 -21.26
N ALA E 182 78.15 -21.35 -19.94
CA ALA E 182 77.72 -22.52 -19.19
C ALA E 182 76.24 -22.51 -18.86
N SER E 183 75.57 -21.37 -19.01
CA SER E 183 74.11 -21.35 -18.84
C SER E 183 73.40 -22.12 -19.95
N SER E 184 74.06 -22.34 -21.07
CA SER E 184 73.50 -23.06 -22.21
C SER E 184 72.14 -22.53 -22.66
N PRO E 185 72.03 -21.25 -23.04
CA PRO E 185 70.79 -20.77 -23.68
C PRO E 185 70.75 -21.14 -25.16
N SER E 186 70.79 -22.45 -25.43
CA SER E 186 70.91 -22.99 -26.79
C SER E 186 72.18 -22.49 -27.47
N LEU E 187 73.17 -22.08 -26.68
CA LEU E 187 74.42 -21.60 -27.22
C LEU E 187 75.30 -22.77 -27.67
N SER E 188 76.13 -22.52 -28.67
CA SER E 188 76.97 -23.56 -29.28
C SER E 188 78.44 -23.16 -29.17
N GLY E 189 79.06 -23.54 -28.06
CA GLY E 189 80.51 -23.43 -27.90
C GLY E 189 81.12 -22.06 -28.12
N LEU E 190 80.80 -21.11 -27.25
CA LEU E 190 81.38 -19.76 -27.28
C LEU E 190 81.13 -19.09 -28.63
N LYS E 191 79.85 -18.85 -28.89
CA LYS E 191 79.41 -18.13 -30.06
C LYS E 191 79.09 -16.66 -29.76
N LEU E 192 79.57 -16.16 -28.62
CA LEU E 192 79.25 -14.81 -28.19
C LEU E 192 79.88 -13.72 -29.07
N GLY E 193 80.80 -14.09 -29.95
CA GLY E 193 81.33 -13.14 -30.91
C GLY E 193 80.24 -12.53 -31.76
N PHE E 194 80.29 -11.21 -31.95
CA PHE E 194 79.26 -10.46 -32.67
C PHE E 194 77.90 -10.70 -32.01
N GLU E 195 77.79 -10.22 -30.77
CA GLU E 195 76.55 -10.31 -30.01
C GLU E 195 76.43 -9.09 -29.11
N SER E 196 75.19 -8.74 -28.79
CA SER E 196 74.88 -7.69 -27.84
C SER E 196 74.09 -8.29 -26.68
N ILE E 197 74.51 -8.01 -25.46
CA ILE E 197 73.92 -8.60 -24.27
C ILE E 197 73.18 -7.53 -23.51
N TYR E 198 71.90 -7.79 -23.21
CA TYR E 198 71.05 -6.85 -22.49
C TYR E 198 70.89 -7.27 -21.05
N LYS E 199 70.80 -6.29 -20.16
CA LYS E 199 70.64 -6.53 -18.73
C LYS E 199 69.21 -6.17 -18.33
N ILE E 200 68.50 -7.13 -17.74
CA ILE E 200 67.07 -6.98 -17.46
C ILE E 200 66.80 -7.38 -16.01
N PRO E 201 65.94 -6.66 -15.29
CA PRO E 201 65.54 -7.10 -13.96
C PRO E 201 64.85 -8.46 -14.00
N PHE E 202 64.99 -9.22 -12.91
CA PHE E 202 64.56 -10.61 -12.90
C PHE E 202 63.04 -10.74 -13.06
N ALA E 203 62.28 -9.80 -12.49
CA ALA E 203 60.82 -9.93 -12.47
C ALA E 203 60.18 -9.72 -13.83
N ASP E 204 60.94 -9.58 -14.92
CA ASP E 204 60.37 -9.40 -16.24
C ASP E 204 60.69 -10.53 -17.22
N ALA E 205 61.57 -11.47 -16.84
CA ALA E 205 61.97 -12.54 -17.75
C ALA E 205 61.60 -13.90 -17.16
N LEU E 206 60.36 -14.04 -16.72
CA LEU E 206 59.97 -15.22 -15.94
C LEU E 206 60.15 -16.51 -16.73
N ASP E 207 59.90 -16.48 -18.04
CA ASP E 207 59.92 -17.71 -18.84
C ASP E 207 61.31 -18.34 -18.84
N LEU E 208 62.33 -17.56 -19.20
CA LEU E 208 63.70 -18.06 -19.11
C LEU E 208 64.19 -18.13 -17.67
N PHE E 209 63.57 -17.37 -16.77
CA PHE E 209 63.92 -17.43 -15.35
C PHE E 209 63.64 -18.80 -14.77
N ARG E 210 62.48 -19.38 -15.10
CA ARG E 210 62.05 -20.62 -14.47
C ARG E 210 62.90 -21.81 -14.90
N GLY E 211 63.20 -21.90 -16.20
CA GLY E 211 63.87 -23.06 -16.74
C GLY E 211 65.34 -23.18 -16.44
N ARG E 212 65.93 -22.24 -15.70
CA ARG E 212 67.35 -22.25 -15.36
C ARG E 212 68.20 -22.25 -16.63
N LYS E 213 67.99 -21.23 -17.46
CA LYS E 213 68.71 -21.09 -18.72
C LYS E 213 69.45 -19.76 -18.82
N VAL E 214 69.49 -18.98 -17.74
CA VAL E 214 70.09 -17.65 -17.76
C VAL E 214 70.87 -17.45 -16.47
N TYR E 215 72.08 -16.89 -16.59
CA TYR E 215 72.87 -16.56 -15.41
C TYR E 215 72.19 -15.45 -14.61
N LEU E 216 72.29 -15.52 -13.30
CA LEU E 216 71.65 -14.57 -12.41
C LEU E 216 72.68 -13.99 -11.45
N GLU E 217 72.46 -12.73 -11.06
CA GLU E 217 73.36 -12.05 -10.14
C GLU E 217 72.63 -10.86 -9.54
N ASP E 218 72.52 -10.85 -8.21
CA ASP E 218 71.92 -9.77 -7.42
C ASP E 218 70.71 -9.14 -8.13
N GLY E 219 69.75 -9.99 -8.46
CA GLY E 219 68.51 -9.53 -9.08
C GLY E 219 68.69 -8.97 -10.47
N PHE E 220 69.50 -9.61 -11.31
CA PHE E 220 69.69 -9.17 -12.68
C PHE E 220 69.93 -10.39 -13.55
N ALA E 221 69.69 -10.21 -14.85
CA ALA E 221 69.81 -11.31 -15.81
C ALA E 221 70.67 -10.87 -16.99
N TYR E 222 71.68 -11.66 -17.31
CA TYR E 222 72.48 -11.48 -18.51
C TYR E 222 72.08 -12.55 -19.52
N VAL E 223 71.79 -12.12 -20.74
CA VAL E 223 71.01 -12.95 -21.66
C VAL E 223 71.52 -12.77 -23.08
N PRO E 224 71.32 -13.79 -23.94
CA PRO E 224 71.58 -13.63 -25.37
C PRO E 224 70.55 -12.72 -26.01
N LEU E 225 70.52 -12.62 -27.34
CA LEU E 225 69.64 -11.65 -27.99
C LEU E 225 68.24 -12.19 -28.23
N LYS E 226 68.11 -13.20 -29.09
CA LYS E 226 66.83 -13.50 -29.72
C LYS E 226 65.80 -14.03 -28.73
N ASP E 227 66.18 -15.05 -27.96
CA ASP E 227 65.22 -15.67 -27.05
C ASP E 227 64.75 -14.68 -26.01
N ILE E 228 65.67 -13.88 -25.46
CA ILE E 228 65.27 -12.98 -24.39
C ILE E 228 64.44 -11.82 -24.94
N VAL E 229 64.75 -11.33 -26.15
CA VAL E 229 63.92 -10.24 -26.65
C VAL E 229 62.50 -10.74 -26.90
N ALA E 230 62.37 -11.95 -27.47
CA ALA E 230 61.04 -12.52 -27.66
C ALA E 230 60.32 -12.65 -26.31
N ILE E 231 60.99 -13.23 -25.32
CA ILE E 231 60.34 -13.53 -24.05
C ILE E 231 60.02 -12.26 -23.27
N ILE E 232 60.93 -11.28 -23.30
CA ILE E 232 60.70 -10.01 -22.61
C ILE E 232 59.50 -9.29 -23.22
N LEU E 233 59.45 -9.25 -24.56
CA LEU E 233 58.28 -8.66 -25.21
C LEU E 233 57.01 -9.39 -24.79
N ASN E 234 57.06 -10.72 -24.77
CA ASN E 234 55.89 -11.49 -24.38
C ASN E 234 55.45 -11.16 -22.96
N GLU E 235 56.39 -11.10 -22.02
CA GLU E 235 56.05 -10.90 -20.62
C GLU E 235 55.51 -9.50 -20.38
N PHE E 236 56.15 -8.49 -20.96
CA PHE E 236 55.63 -7.13 -20.78
C PHE E 236 54.26 -6.98 -21.43
N ARG E 237 54.06 -7.61 -22.60
CA ARG E 237 52.75 -7.57 -23.23
C ARG E 237 51.70 -8.21 -22.33
N ALA E 238 52.03 -9.34 -21.71
CA ALA E 238 51.09 -10.00 -20.82
C ALA E 238 50.75 -9.10 -19.63
N LYS E 239 51.76 -8.47 -19.03
CA LYS E 239 51.49 -7.59 -17.89
C LYS E 239 50.63 -6.41 -18.29
N LEU E 240 50.93 -5.78 -19.41
CA LEU E 240 50.18 -4.59 -19.83
C LEU E 240 48.74 -4.96 -20.20
N SER E 241 48.55 -6.10 -20.87
CA SER E 241 47.20 -6.55 -21.17
C SER E 241 46.43 -6.88 -19.90
N LYS E 242 47.10 -7.47 -18.90
CA LYS E 242 46.44 -7.72 -17.63
C LYS E 242 45.98 -6.42 -16.98
N ALA E 243 46.85 -5.40 -16.98
CA ALA E 243 46.48 -4.12 -16.39
C ALA E 243 45.31 -3.49 -17.14
N LEU E 244 45.33 -3.55 -18.47
CA LEU E 244 44.23 -2.96 -19.24
C LEU E 244 42.93 -3.73 -19.03
N ALA E 245 42.99 -5.05 -18.92
CA ALA E 245 41.80 -5.82 -18.62
C ALA E 245 41.24 -5.47 -17.25
N LEU E 246 42.12 -5.30 -16.27
CA LEU E 246 41.68 -4.86 -14.94
C LEU E 246 40.99 -3.51 -15.02
N THR E 247 41.56 -2.58 -15.79
CA THR E 247 40.93 -1.27 -15.94
C THR E 247 39.56 -1.39 -16.60
N ALA E 248 39.46 -2.19 -17.67
CA ALA E 248 38.21 -2.33 -18.40
C ALA E 248 37.16 -3.13 -17.63
N ARG E 249 37.57 -3.85 -16.57
CA ARG E 249 36.60 -4.61 -15.78
C ARG E 249 35.47 -3.73 -15.24
N SER E 250 35.75 -2.48 -14.92
CA SER E 250 34.77 -1.60 -14.31
C SER E 250 33.90 -0.87 -15.32
N LEU E 251 34.07 -1.16 -16.61
CA LEU E 251 33.25 -0.56 -17.67
C LEU E 251 31.87 -1.21 -17.79
N PRO E 252 31.74 -2.54 -17.81
CA PRO E 252 30.41 -3.14 -18.03
C PRO E 252 29.34 -2.67 -17.06
N ALA E 253 29.69 -1.97 -15.99
CA ALA E 253 28.67 -1.40 -15.12
C ALA E 253 27.84 -0.36 -15.86
N VAL E 254 28.39 0.23 -16.91
CA VAL E 254 27.68 1.23 -17.70
C VAL E 254 27.32 0.70 -19.09
N GLN E 255 27.53 -0.60 -19.33
CA GLN E 255 27.16 -1.21 -20.60
C GLN E 255 25.73 -1.74 -20.51
N SER E 256 24.80 -0.79 -20.35
CA SER E 256 23.38 -1.08 -20.26
C SER E 256 22.66 -0.92 -21.58
N ASP E 257 23.41 -0.73 -22.67
CA ASP E 257 22.80 -0.56 -23.98
C ASP E 257 22.02 -1.82 -24.37
N GLU E 258 20.80 -1.62 -24.86
CA GLU E 258 19.99 -2.76 -25.30
C GLU E 258 20.65 -3.48 -26.47
N ARG E 259 21.21 -2.72 -27.41
CA ARG E 259 21.94 -3.33 -28.51
C ARG E 259 23.23 -3.96 -28.00
N LEU E 260 23.73 -4.92 -28.79
CA LEU E 260 24.96 -5.67 -28.52
C LEU E 260 24.78 -6.65 -27.37
N GLN E 261 23.64 -6.58 -26.69
CA GLN E 261 23.37 -7.53 -25.62
C GLN E 261 23.31 -8.97 -26.10
N PRO E 262 22.60 -9.31 -27.20
CA PRO E 262 22.65 -10.70 -27.69
C PRO E 262 24.06 -11.14 -28.04
N LEU E 263 24.87 -10.24 -28.58
CA LEU E 263 26.24 -10.58 -28.97
C LEU E 263 27.09 -10.90 -27.74
N LEU E 264 26.99 -10.06 -26.70
CA LEU E 264 27.71 -10.33 -25.46
C LEU E 264 27.23 -11.63 -24.82
N ASN E 265 25.92 -11.87 -24.82
CA ASN E 265 25.40 -13.11 -24.26
C ASN E 265 25.93 -14.32 -25.04
N HIS E 266 25.96 -14.21 -26.37
CA HIS E 266 26.47 -15.27 -27.23
C HIS E 266 27.93 -15.57 -26.92
N LEU E 267 28.74 -14.52 -26.78
CA LEU E 267 30.16 -14.73 -26.47
C LEU E 267 30.36 -15.24 -25.05
N SER E 268 29.39 -14.98 -24.15
CA SER E 268 29.47 -15.46 -22.78
C SER E 268 29.13 -16.95 -22.77
N HIS E 269 30.12 -17.77 -23.13
CA HIS E 269 29.99 -19.22 -23.22
C HIS E 269 28.73 -19.61 -23.99
N SER E 270 27.61 -19.73 -23.29
CA SER E 270 26.35 -20.15 -23.90
C SER E 270 25.86 -19.15 -24.94
N GLY E 280 27.34 -36.47 -14.52
CA GLY E 280 28.00 -36.46 -13.23
C GLY E 280 27.04 -36.44 -12.06
N ASN E 281 25.85 -36.98 -12.27
CA ASN E 281 24.80 -37.04 -11.24
C ASN E 281 24.18 -38.43 -11.20
N VAL E 282 25.04 -39.45 -11.25
CA VAL E 282 24.55 -40.83 -11.23
C VAL E 282 23.90 -41.13 -9.89
N GLY E 283 22.93 -42.05 -9.91
CA GLY E 283 22.17 -42.39 -8.72
C GLY E 283 23.04 -42.95 -7.60
N LYS E 284 22.40 -43.09 -6.44
CA LYS E 284 23.12 -43.50 -5.24
C LYS E 284 23.65 -44.92 -5.36
N ILE E 285 24.80 -45.16 -4.72
CA ILE E 285 25.49 -46.43 -4.76
C ILE E 285 25.78 -46.88 -3.33
N SER E 286 26.09 -48.16 -3.18
CA SER E 286 26.34 -48.76 -1.88
C SER E 286 27.75 -48.40 -1.40
N LEU E 287 28.14 -48.97 -0.25
CA LEU E 287 29.46 -48.73 0.32
C LEU E 287 30.38 -49.95 0.21
N ASP E 288 29.92 -51.04 -0.40
CA ASP E 288 30.71 -52.25 -0.53
C ASP E 288 31.05 -52.62 -1.97
N GLN E 289 30.38 -52.01 -2.95
CA GLN E 289 30.68 -52.24 -4.36
C GLN E 289 31.85 -51.39 -4.85
N ILE E 290 32.40 -50.53 -3.98
CA ILE E 290 33.48 -49.64 -4.38
C ILE E 290 34.71 -50.42 -4.79
N ASP E 291 35.00 -51.53 -4.08
CA ASP E 291 36.17 -52.33 -4.42
C ASP E 291 36.05 -52.92 -5.82
N LEU E 292 34.90 -53.50 -6.14
CA LEU E 292 34.71 -54.09 -7.47
C LEU E 292 34.72 -53.02 -8.55
N LEU E 293 34.08 -51.88 -8.30
CA LEU E 293 34.09 -50.81 -9.28
C LEU E 293 35.50 -50.29 -9.50
N SER E 294 36.29 -50.18 -8.43
CA SER E 294 37.68 -49.77 -8.54
C SER E 294 38.48 -50.76 -9.38
N THR E 295 38.29 -52.05 -9.14
CA THR E 295 38.92 -53.06 -9.99
C THR E 295 38.38 -53.05 -11.40
N LYS E 296 37.25 -52.38 -11.64
CA LYS E 296 36.62 -52.34 -12.95
C LYS E 296 36.61 -50.95 -13.59
N SER E 297 36.23 -49.92 -12.84
CA SER E 297 35.85 -48.64 -13.45
C SER E 297 36.82 -47.50 -13.17
N PHE E 298 37.80 -47.67 -12.28
CA PHE E 298 38.71 -46.57 -11.98
C PHE E 298 39.71 -46.39 -13.10
N PRO E 299 39.87 -45.18 -13.64
CA PRO E 299 40.88 -44.94 -14.68
C PRO E 299 42.28 -45.01 -14.09
N PRO E 300 43.31 -45.13 -14.94
CA PRO E 300 44.68 -45.19 -14.40
C PRO E 300 45.07 -43.97 -13.58
N CYS E 301 44.53 -42.79 -13.90
CA CYS E 301 44.93 -41.57 -13.22
C CYS E 301 44.49 -41.57 -11.76
N MET E 302 43.69 -42.57 -11.38
CA MET E 302 43.26 -42.69 -9.99
C MET E 302 43.34 -44.12 -9.45
N ARG E 303 43.60 -45.12 -10.30
CA ARG E 303 43.73 -46.49 -9.81
C ARG E 303 44.89 -46.63 -8.85
N GLN E 304 46.02 -45.97 -9.13
CA GLN E 304 47.15 -46.02 -8.22
C GLN E 304 46.80 -45.41 -6.87
N LEU E 305 46.07 -44.29 -6.88
CA LEU E 305 45.65 -43.67 -5.62
C LEU E 305 44.74 -44.60 -4.84
N HIS E 306 43.81 -45.25 -5.53
CA HIS E 306 42.92 -46.19 -4.84
C HIS E 306 43.71 -47.36 -4.26
N LYS E 307 44.67 -47.89 -5.02
CA LYS E 307 45.46 -49.02 -4.54
C LYS E 307 46.27 -48.63 -3.31
N ALA E 308 46.89 -47.44 -3.33
CA ALA E 308 47.65 -46.99 -2.18
C ALA E 308 46.75 -46.79 -0.97
N LEU E 309 45.54 -46.23 -1.18
CA LEU E 309 44.62 -46.04 -0.09
C LEU E 309 44.18 -47.38 0.51
N ARG E 310 43.91 -48.37 -0.35
CA ARG E 310 43.51 -49.68 0.13
C ARG E 310 44.66 -50.44 0.77
N GLU E 311 45.91 -50.07 0.47
CA GLU E 311 47.05 -50.76 1.05
C GLU E 311 47.45 -50.16 2.40
N ASN E 312 47.77 -48.86 2.42
CA ASN E 312 48.28 -48.23 3.63
C ASN E 312 47.18 -47.63 4.50
N HIS E 313 45.96 -47.51 3.99
CA HIS E 313 44.83 -46.96 4.76
C HIS E 313 45.10 -45.53 5.24
N HIS E 314 46.01 -44.82 4.57
CA HIS E 314 46.35 -43.47 4.95
C HIS E 314 46.85 -42.72 3.73
N LEU E 315 46.49 -41.45 3.62
CA LEU E 315 46.86 -40.66 2.47
C LEU E 315 47.01 -39.20 2.89
N ARG E 316 47.83 -38.47 2.15
CA ARG E 316 48.11 -37.08 2.45
C ARG E 316 47.15 -36.16 1.70
N HIS E 317 47.35 -34.85 1.87
CA HIS E 317 46.38 -33.86 1.39
C HIS E 317 46.13 -33.99 -0.12
N GLY E 318 47.21 -33.98 -0.91
CA GLY E 318 47.06 -33.93 -2.35
C GLY E 318 46.23 -35.08 -2.89
N GLY E 319 46.47 -36.29 -2.40
CA GLY E 319 45.62 -37.41 -2.78
C GLY E 319 44.26 -37.36 -2.12
N ARG E 320 44.19 -36.86 -0.89
CA ARG E 320 42.94 -36.93 -0.15
C ARG E 320 41.86 -36.07 -0.78
N MET E 321 42.17 -34.81 -1.09
CA MET E 321 41.14 -33.97 -1.72
C MET E 321 40.74 -34.52 -3.09
N GLN E 322 41.71 -35.02 -3.86
CA GLN E 322 41.39 -35.58 -5.17
C GLN E 322 40.45 -36.77 -5.05
N TYR E 323 40.75 -37.70 -4.14
CA TYR E 323 39.92 -38.87 -3.96
C TYR E 323 38.53 -38.49 -3.45
N GLY E 324 38.47 -37.56 -2.50
CA GLY E 324 37.18 -37.12 -1.98
C GLY E 324 36.32 -36.45 -3.04
N LEU E 325 36.93 -35.58 -3.85
CA LEU E 325 36.19 -34.94 -4.93
C LEU E 325 35.69 -35.95 -5.94
N PHE E 326 36.52 -36.94 -6.29
CA PHE E 326 36.09 -37.95 -7.24
C PHE E 326 34.92 -38.77 -6.69
N LEU E 327 35.01 -39.20 -5.43
CA LEU E 327 33.93 -39.99 -4.87
C LEU E 327 32.65 -39.16 -4.72
N LYS E 328 32.79 -37.86 -4.44
CA LYS E 328 31.62 -36.99 -4.42
C LYS E 328 31.00 -36.89 -5.81
N GLY E 329 31.83 -36.82 -6.85
CA GLY E 329 31.33 -36.63 -8.20
C GLY E 329 30.77 -37.86 -8.87
N ILE E 330 30.80 -39.01 -8.22
CA ILE E 330 30.29 -40.26 -8.80
C ILE E 330 29.09 -40.78 -8.02
N GLY E 331 28.46 -39.95 -7.20
CA GLY E 331 27.23 -40.35 -6.53
C GLY E 331 27.42 -40.99 -5.17
N LEU E 332 28.17 -40.33 -4.28
CA LEU E 332 28.33 -40.78 -2.91
C LEU E 332 27.81 -39.69 -1.97
N THR E 333 26.93 -40.10 -1.06
CA THR E 333 26.30 -39.17 -0.14
C THR E 333 27.26 -38.76 0.97
N LEU E 334 26.84 -37.75 1.74
CA LEU E 334 27.65 -37.30 2.86
C LEU E 334 27.81 -38.39 3.91
N GLU E 335 26.72 -39.07 4.27
CA GLU E 335 26.76 -40.10 5.30
C GLU E 335 27.57 -41.31 4.84
N GLN E 336 27.36 -41.73 3.59
CA GLN E 336 28.11 -42.86 3.06
C GLN E 336 29.61 -42.56 3.03
N ALA E 337 29.98 -41.36 2.59
CA ALA E 337 31.39 -40.99 2.55
C ALA E 337 31.98 -40.90 3.95
N LEU E 338 31.23 -40.36 4.91
CA LEU E 338 31.70 -40.31 6.29
C LEU E 338 31.95 -41.72 6.83
N GLN E 339 31.02 -42.65 6.58
CA GLN E 339 31.22 -44.02 7.05
C GLN E 339 32.43 -44.65 6.36
N PHE E 340 32.58 -44.42 5.05
CA PHE E 340 33.72 -44.98 4.33
C PHE E 340 35.05 -44.48 4.88
N TRP E 341 35.16 -43.16 5.08
CA TRP E 341 36.39 -42.59 5.59
C TRP E 341 36.68 -43.07 7.00
N LYS E 342 35.64 -43.11 7.86
CA LYS E 342 35.86 -43.55 9.23
C LYS E 342 36.28 -45.02 9.27
N GLN E 343 35.72 -45.85 8.39
CA GLN E 343 36.13 -47.26 8.35
C GLN E 343 37.58 -47.40 7.89
N GLU E 344 37.91 -46.76 6.76
CA GLU E 344 39.26 -46.90 6.20
C GLU E 344 40.31 -46.24 7.07
N PHE E 345 39.93 -45.34 7.97
CA PHE E 345 40.89 -44.74 8.88
C PHE E 345 40.92 -45.44 10.24
N ILE E 346 39.83 -46.11 10.63
CA ILE E 346 39.88 -47.03 11.77
C ILE E 346 40.79 -48.20 11.45
N LYS E 347 40.79 -48.65 10.19
CA LYS E 347 41.77 -49.64 9.77
C LYS E 347 43.19 -49.10 9.85
N GLY E 348 43.34 -47.78 9.97
CA GLY E 348 44.64 -47.14 10.13
C GLY E 348 45.05 -46.85 11.57
N LYS E 349 44.36 -47.44 12.55
CA LYS E 349 44.72 -47.32 13.97
C LYS E 349 44.73 -45.85 14.42
N MET E 350 43.53 -45.28 14.43
CA MET E 350 43.32 -43.95 14.98
C MET E 350 42.42 -44.04 16.22
N ASP E 351 42.04 -42.88 16.74
CA ASP E 351 41.05 -42.76 17.80
C ASP E 351 39.79 -42.11 17.25
N PRO E 352 38.60 -42.65 17.54
CA PRO E 352 37.37 -42.06 16.99
C PRO E 352 37.16 -40.60 17.35
N ASP E 353 37.52 -40.20 18.57
CA ASP E 353 37.42 -38.79 18.94
C ASP E 353 38.35 -37.93 18.10
N LYS E 354 39.59 -38.40 17.89
CA LYS E 354 40.50 -37.68 17.01
C LYS E 354 39.97 -37.63 15.59
N PHE E 355 39.33 -38.70 15.14
CA PHE E 355 38.71 -38.68 13.81
C PHE E 355 37.65 -37.60 13.73
N ASP E 356 36.74 -37.57 14.69
CA ASP E 356 35.67 -36.57 14.67
C ASP E 356 36.26 -35.16 14.72
N LYS E 357 37.33 -34.97 15.50
CA LYS E 357 37.90 -33.63 15.66
C LYS E 357 38.60 -33.18 14.38
N GLY E 358 39.41 -34.03 13.77
CA GLY E 358 40.13 -33.62 12.56
C GLY E 358 39.55 -34.02 11.21
N TYR E 359 39.34 -35.32 11.01
CA TYR E 359 39.17 -35.84 9.65
C TYR E 359 37.75 -35.69 9.15
N SER E 360 36.75 -36.18 9.90
CA SER E 360 35.36 -35.93 9.53
C SER E 360 35.07 -34.43 9.56
N TYR E 361 35.76 -33.71 10.44
CA TYR E 361 35.64 -32.25 10.50
C TYR E 361 36.08 -31.61 9.18
N ASN E 362 37.19 -32.08 8.62
CA ASN E 362 37.61 -31.59 7.31
C ASN E 362 36.66 -32.06 6.21
N ILE E 363 36.18 -33.31 6.32
CA ILE E 363 35.33 -33.88 5.29
C ILE E 363 34.01 -33.11 5.19
N ARG E 364 33.49 -32.62 6.31
CA ARG E 364 32.23 -31.90 6.29
C ARG E 364 32.29 -30.68 5.38
N HIS E 365 33.38 -29.91 5.47
CA HIS E 365 33.55 -28.80 4.55
C HIS E 365 34.08 -29.24 3.20
N SER E 366 34.61 -30.47 3.11
CA SER E 366 35.02 -30.99 1.80
C SER E 366 33.83 -31.14 0.87
N PHE E 367 32.66 -31.41 1.41
CA PHE E 367 31.43 -31.51 0.63
C PHE E 367 30.58 -30.25 0.72
N GLY E 368 31.08 -29.21 1.37
CA GLY E 368 30.29 -28.00 1.56
C GLY E 368 29.08 -28.17 2.45
N LYS E 369 29.22 -28.92 3.54
CA LYS E 369 28.12 -29.06 4.49
C LYS E 369 27.96 -27.80 5.34
N GLU E 370 29.05 -27.22 5.81
CA GLU E 370 29.02 -26.02 6.63
C GLU E 370 30.18 -25.12 6.23
N GLY E 371 30.41 -24.07 7.01
CA GLY E 371 31.44 -23.11 6.65
C GLY E 371 31.00 -22.25 5.49
N LYS E 372 31.95 -21.94 4.60
CA LYS E 372 31.61 -21.16 3.41
C LYS E 372 30.69 -21.95 2.48
N ARG E 373 30.76 -23.27 2.52
CA ARG E 373 29.88 -24.17 1.77
C ARG E 373 29.98 -23.98 0.26
N THR E 374 31.06 -23.38 -0.21
CA THR E 374 31.30 -23.27 -1.65
C THR E 374 31.60 -24.67 -2.18
N ASP E 375 30.60 -25.28 -2.82
CA ASP E 375 30.76 -26.64 -3.29
C ASP E 375 31.81 -26.70 -4.40
N TYR E 376 32.69 -27.69 -4.31
CA TYR E 376 33.86 -27.78 -5.17
C TYR E 376 33.65 -28.85 -6.24
N THR E 377 34.00 -28.50 -7.48
CA THR E 377 33.96 -29.48 -8.55
C THR E 377 35.24 -30.32 -8.54
N PRO E 378 35.16 -31.58 -8.96
CA PRO E 378 36.37 -32.42 -8.98
C PRO E 378 37.40 -31.91 -9.98
N PHE E 379 38.67 -32.18 -9.67
CA PHE E 379 39.75 -31.78 -10.55
C PHE E 379 39.64 -32.47 -11.91
N SER E 380 40.01 -31.75 -12.96
CA SER E 380 39.99 -32.31 -14.30
C SER E 380 41.26 -33.12 -14.54
N CYS E 381 41.23 -33.94 -15.60
CA CYS E 381 42.41 -34.71 -15.98
C CYS E 381 43.57 -33.79 -16.32
N LEU E 382 43.31 -32.74 -17.10
CA LEU E 382 44.36 -31.79 -17.46
C LEU E 382 44.93 -31.10 -16.23
N LYS E 383 44.07 -30.68 -15.31
CA LYS E 383 44.54 -30.02 -14.10
C LYS E 383 45.38 -30.97 -13.25
N ILE E 384 44.93 -32.22 -13.10
CA ILE E 384 45.67 -33.19 -12.30
C ILE E 384 47.03 -33.47 -12.92
N ILE E 385 47.08 -33.64 -14.25
CA ILE E 385 48.36 -33.88 -14.90
C ILE E 385 49.27 -32.67 -14.74
N LEU E 386 48.71 -31.46 -14.79
CA LEU E 386 49.47 -30.23 -14.61
C LEU E 386 49.31 -29.65 -13.21
N SER E 387 49.11 -30.50 -12.21
CA SER E 387 48.96 -30.07 -10.83
C SER E 387 50.32 -30.02 -10.14
N ASN E 388 50.30 -29.86 -8.82
CA ASN E 388 51.54 -29.87 -8.06
C ASN E 388 52.21 -31.23 -8.18
N PRO E 389 53.51 -31.26 -8.50
CA PRO E 389 54.21 -32.55 -8.62
C PRO E 389 54.31 -33.24 -7.28
N PRO E 390 53.87 -34.49 -7.19
CA PRO E 390 53.94 -35.22 -5.93
C PRO E 390 55.39 -35.50 -5.52
N SER E 391 55.59 -35.59 -4.21
CA SER E 391 56.89 -35.90 -3.62
C SER E 391 56.79 -37.20 -2.83
N GLN E 392 57.85 -37.51 -2.09
CA GLN E 392 57.85 -38.71 -1.25
C GLN E 392 56.72 -38.65 -0.24
N GLY E 393 56.09 -39.80 -0.01
CA GLY E 393 54.91 -39.86 0.84
C GLY E 393 53.63 -39.41 0.18
N ASP E 394 53.63 -39.22 -1.13
CA ASP E 394 52.44 -38.79 -1.86
C ASP E 394 52.23 -39.70 -3.06
N TYR E 395 50.96 -39.88 -3.43
CA TYR E 395 50.59 -40.76 -4.53
C TYR E 395 49.66 -40.11 -5.54
N HIS E 396 49.24 -38.87 -5.32
CA HIS E 396 48.35 -38.20 -6.25
C HIS E 396 49.06 -37.93 -7.58
N GLY E 397 48.29 -37.89 -8.65
CA GLY E 397 48.84 -37.64 -9.96
C GLY E 397 48.76 -38.88 -10.84
N CYS E 398 48.43 -38.67 -12.11
CA CYS E 398 48.30 -39.78 -13.04
C CYS E 398 49.67 -40.44 -13.26
N PRO E 399 49.74 -41.78 -13.21
CA PRO E 399 51.03 -42.44 -13.45
C PRO E 399 51.60 -42.21 -14.83
N PHE E 400 50.77 -41.83 -15.80
CA PHE E 400 51.27 -41.58 -17.15
C PHE E 400 52.21 -40.39 -17.21
N ARG E 401 52.23 -39.55 -16.19
CA ARG E 401 53.06 -38.35 -16.17
C ARG E 401 54.12 -38.36 -15.09
N HIS E 402 53.86 -39.01 -13.94
CA HIS E 402 54.75 -38.94 -12.78
C HIS E 402 55.06 -40.33 -12.26
N SER E 403 55.46 -41.23 -13.16
CA SER E 403 55.86 -42.57 -12.75
C SER E 403 56.98 -43.06 -13.64
N ASP E 404 57.76 -44.01 -13.11
CA ASP E 404 58.85 -44.59 -13.88
C ASP E 404 58.30 -45.50 -14.98
N PRO E 405 58.96 -45.54 -16.14
CA PRO E 405 58.48 -46.44 -17.20
C PRO E 405 58.45 -47.90 -16.80
N GLU E 406 59.45 -48.36 -16.03
CA GLU E 406 59.48 -49.75 -15.60
C GLU E 406 58.36 -50.05 -14.61
N LEU E 407 58.14 -49.15 -13.64
CA LEU E 407 57.04 -49.34 -12.71
C LEU E 407 55.69 -49.27 -13.43
N LEU E 408 55.58 -48.37 -14.41
CA LEU E 408 54.35 -48.30 -15.20
C LEU E 408 54.10 -49.59 -15.95
N LYS E 409 55.15 -50.16 -16.56
CA LYS E 409 55.00 -51.43 -17.26
C LYS E 409 54.62 -52.55 -16.31
N GLN E 410 55.24 -52.58 -15.12
CA GLN E 410 54.91 -53.61 -14.13
C GLN E 410 53.46 -53.50 -13.70
N LYS E 411 52.98 -52.28 -13.44
CA LYS E 411 51.60 -52.09 -13.02
C LYS E 411 50.62 -52.43 -14.13
N LEU E 412 50.99 -52.12 -15.39
CA LEU E 412 50.16 -52.54 -16.51
C LEU E 412 50.09 -54.05 -16.60
N GLN E 413 51.22 -54.73 -16.42
CA GLN E 413 51.22 -56.19 -16.43
C GLN E 413 50.38 -56.76 -15.29
N SER E 414 50.34 -56.07 -14.15
CA SER E 414 49.48 -56.49 -13.06
C SER E 414 48.01 -56.39 -13.43
N TYR E 415 47.66 -55.58 -14.44
CA TYR E 415 46.30 -55.45 -14.93
C TYR E 415 46.02 -56.34 -16.13
N LYS E 416 46.97 -57.21 -16.51
CA LYS E 416 46.83 -58.12 -17.63
C LYS E 416 46.59 -57.35 -18.94
N ILE E 417 47.58 -56.56 -19.32
CA ILE E 417 47.57 -55.80 -20.57
C ILE E 417 48.40 -56.56 -21.59
N SER E 418 47.87 -56.65 -22.82
CA SER E 418 48.55 -57.39 -23.87
C SER E 418 49.87 -56.73 -24.23
N PRO E 419 50.87 -57.51 -24.64
CA PRO E 419 52.17 -56.91 -25.00
C PRO E 419 52.06 -55.87 -26.10
N GLY E 420 51.18 -56.09 -27.09
CA GLY E 420 50.94 -55.05 -28.08
C GLY E 420 50.33 -53.80 -27.47
N GLY E 421 49.36 -53.99 -26.57
CA GLY E 421 48.81 -52.85 -25.84
C GLY E 421 49.85 -52.17 -24.99
N ILE E 422 50.76 -52.96 -24.38
CA ILE E 422 51.84 -52.38 -23.58
C ILE E 422 52.73 -51.52 -24.45
N SER E 423 53.10 -52.02 -25.63
CA SER E 423 53.96 -51.26 -26.54
C SER E 423 53.26 -49.99 -27.01
N GLN E 424 51.96 -50.09 -27.33
CA GLN E 424 51.22 -48.90 -27.75
C GLN E 424 51.15 -47.87 -26.63
N ILE E 425 50.93 -48.32 -25.39
CA ILE E 425 50.90 -47.40 -24.26
C ILE E 425 52.25 -46.74 -24.07
N LEU E 426 53.34 -47.51 -24.21
CA LEU E 426 54.67 -46.92 -24.09
C LEU E 426 54.92 -45.89 -25.17
N ASP E 427 54.52 -46.18 -26.41
CA ASP E 427 54.70 -45.22 -27.50
C ASP E 427 53.89 -43.95 -27.24
N LEU E 428 52.65 -44.10 -26.77
CA LEU E 428 51.83 -42.94 -26.46
C LEU E 428 52.44 -42.10 -25.35
N VAL E 429 52.98 -42.77 -24.32
CA VAL E 429 53.65 -42.06 -23.23
C VAL E 429 54.86 -41.30 -23.76
N LYS E 430 55.63 -41.93 -24.65
CA LYS E 430 56.78 -41.25 -25.25
C LYS E 430 56.34 -40.02 -26.03
N GLY E 431 55.18 -40.09 -26.69
CA GLY E 431 54.61 -38.97 -27.39
C GLY E 431 53.89 -37.96 -26.53
N THR E 432 53.95 -38.13 -25.20
CA THR E 432 53.30 -37.24 -24.23
C THR E 432 51.79 -37.17 -24.41
N HIS E 433 51.20 -38.19 -25.04
CA HIS E 433 49.75 -38.25 -25.22
C HIS E 433 49.14 -39.11 -24.12
N TYR E 434 49.09 -38.53 -22.92
CA TYR E 434 48.61 -39.25 -21.75
C TYR E 434 47.13 -39.60 -21.89
N GLN E 435 46.34 -38.69 -22.47
CA GLN E 435 44.92 -38.96 -22.64
C GLN E 435 44.68 -40.13 -23.59
N VAL E 436 45.47 -40.23 -24.65
CA VAL E 436 45.33 -41.36 -25.57
C VAL E 436 45.73 -42.65 -24.89
N ALA E 437 46.73 -42.61 -24.02
CA ALA E 437 47.10 -43.79 -23.25
C ALA E 437 45.98 -44.22 -22.32
N CYS E 438 45.32 -43.24 -21.69
CA CYS E 438 44.18 -43.55 -20.84
C CYS E 438 43.04 -44.17 -21.67
N GLN E 439 42.82 -43.65 -22.88
CA GLN E 439 41.84 -44.22 -23.78
C GLN E 439 42.17 -45.67 -24.11
N LYS E 440 43.44 -45.95 -24.40
CA LYS E 440 43.86 -47.31 -24.70
C LYS E 440 43.66 -48.23 -23.50
N TYR E 441 43.98 -47.75 -22.30
CA TYR E 441 43.77 -48.55 -21.11
C TYR E 441 42.28 -48.85 -20.91
N PHE E 442 41.42 -47.85 -21.12
CA PHE E 442 39.99 -48.06 -21.02
C PHE E 442 39.53 -49.12 -22.01
N GLU E 443 40.00 -49.01 -23.25
CA GLU E 443 39.59 -49.96 -24.28
C GLU E 443 40.06 -51.38 -23.95
N MET E 444 41.27 -51.51 -23.41
CA MET E 444 41.78 -52.83 -23.07
C MET E 444 41.03 -53.44 -21.90
N ILE E 445 40.76 -52.65 -20.85
CA ILE E 445 40.11 -53.20 -19.67
C ILE E 445 38.65 -53.53 -19.97
N HIS E 446 37.98 -52.72 -20.78
CA HIS E 446 36.58 -52.93 -21.09
C HIS E 446 36.36 -53.77 -22.34
N ASN E 447 37.43 -54.25 -22.97
CA ASN E 447 37.36 -55.13 -24.14
C ASN E 447 36.53 -54.50 -25.26
N VAL E 448 36.68 -53.19 -25.45
CA VAL E 448 36.02 -52.46 -26.52
C VAL E 448 37.08 -51.99 -27.50
N ASP E 449 36.83 -52.20 -28.80
CA ASP E 449 37.82 -51.84 -29.80
C ASP E 449 38.04 -50.33 -29.84
N ASP E 450 36.97 -49.55 -29.75
CA ASP E 450 37.05 -48.10 -29.77
C ASP E 450 36.25 -47.53 -28.60
N CYS E 451 36.86 -46.62 -27.85
CA CYS E 451 36.15 -45.93 -26.78
C CYS E 451 35.06 -45.03 -27.36
N GLY E 452 35.41 -44.20 -28.34
CA GLY E 452 34.46 -43.34 -29.01
C GLY E 452 34.21 -42.00 -28.35
N PHE E 453 34.83 -41.73 -27.20
CA PHE E 453 34.66 -40.46 -26.52
C PHE E 453 36.01 -39.96 -26.04
N SER E 454 36.25 -38.66 -26.23
CA SER E 454 37.50 -38.06 -25.78
C SER E 454 37.50 -37.92 -24.27
N LEU E 455 38.60 -38.32 -23.64
CA LEU E 455 38.72 -38.28 -22.18
C LEU E 455 39.18 -36.91 -21.73
N ASN E 456 38.41 -36.30 -20.83
CA ASN E 456 38.76 -35.00 -20.26
C ASN E 456 38.62 -34.92 -18.75
N HIS E 457 37.82 -35.80 -18.13
CA HIS E 457 37.56 -35.72 -16.70
C HIS E 457 37.29 -37.13 -16.18
N PRO E 458 37.75 -37.45 -14.97
CA PRO E 458 37.48 -38.79 -14.42
C PRO E 458 36.00 -39.10 -14.27
N ASN E 459 35.14 -38.10 -14.09
CA ASN E 459 33.71 -38.34 -14.04
C ASN E 459 33.21 -38.90 -15.36
N GLN E 460 33.73 -38.40 -16.48
CA GLN E 460 33.40 -38.97 -17.78
C GLN E 460 33.76 -40.44 -17.84
N PHE E 461 34.97 -40.78 -17.38
CA PHE E 461 35.42 -42.17 -17.38
C PHE E 461 34.49 -43.04 -16.56
N PHE E 462 34.17 -42.60 -15.34
CA PHE E 462 33.33 -43.41 -14.46
C PHE E 462 31.92 -43.55 -14.99
N CYS E 463 31.35 -42.47 -15.54
CA CYS E 463 29.98 -42.55 -16.06
C CYS E 463 29.91 -43.46 -17.28
N GLU E 464 30.92 -43.38 -18.16
CA GLU E 464 30.93 -44.29 -19.31
C GLU E 464 31.10 -45.74 -18.86
N SER E 465 31.94 -45.97 -17.85
CA SER E 465 32.10 -47.33 -17.33
C SER E 465 30.80 -47.85 -16.74
N GLN E 466 30.08 -47.00 -16.00
CA GLN E 466 28.79 -47.41 -15.44
C GLN E 466 27.77 -47.68 -16.54
N ARG E 467 27.80 -46.87 -17.61
CA ARG E 467 26.95 -47.13 -18.76
C ARG E 467 27.27 -48.49 -19.38
N ILE E 468 28.55 -48.84 -19.47
CA ILE E 468 28.95 -50.14 -19.98
C ILE E 468 28.42 -51.25 -19.07
N LEU E 469 28.56 -51.07 -17.76
CA LEU E 469 28.06 -52.05 -16.80
C LEU E 469 26.54 -52.13 -16.82
N VAL F 388 -33.66 -30.97 55.13
CA VAL F 388 -32.33 -31.06 55.72
C VAL F 388 -31.85 -29.69 56.15
N ASP F 389 -31.83 -29.44 57.46
CA ASP F 389 -31.38 -28.17 57.98
C ASP F 389 -29.88 -28.01 57.78
N SER F 390 -29.46 -26.80 57.41
CA SER F 390 -28.05 -26.50 57.14
C SER F 390 -27.35 -25.86 58.31
N SER F 391 -28.01 -25.70 59.45
CA SER F 391 -27.42 -25.07 60.62
C SER F 391 -26.82 -26.08 61.60
N HIS F 392 -26.89 -27.37 61.30
CA HIS F 392 -26.32 -28.41 62.15
C HIS F 392 -25.55 -29.41 61.30
N LEU F 393 -24.52 -30.00 61.91
CA LEU F 393 -23.70 -31.01 61.24
C LEU F 393 -24.00 -32.37 61.84
N PRO F 394 -24.27 -33.38 61.02
CA PRO F 394 -24.59 -34.72 61.56
C PRO F 394 -23.37 -35.41 62.14
N LEU F 395 -22.91 -34.97 63.31
CA LEU F 395 -21.76 -35.58 63.95
C LEU F 395 -22.11 -36.94 64.53
N VAL F 396 -21.13 -37.84 64.52
CA VAL F 396 -21.30 -39.20 65.04
C VAL F 396 -20.45 -39.33 66.28
N LYS F 397 -21.07 -39.75 67.38
CA LYS F 397 -20.35 -39.93 68.63
C LYS F 397 -19.44 -41.15 68.56
N GLY F 398 -18.26 -41.05 69.16
CA GLY F 398 -17.30 -42.13 69.16
C GLY F 398 -16.90 -42.58 70.56
N ALA F 399 -15.84 -43.37 70.64
CA ALA F 399 -15.37 -43.87 71.92
C ALA F 399 -14.81 -42.77 72.81
N ASP F 400 -14.44 -41.63 72.22
CA ASP F 400 -13.89 -40.49 72.98
C ASP F 400 -14.97 -39.50 73.40
N GLU F 401 -16.22 -39.96 73.54
CA GLU F 401 -17.37 -39.15 73.99
C GLU F 401 -17.43 -37.80 73.26
N GLU F 402 -16.90 -37.74 72.04
CA GLU F 402 -16.92 -36.53 71.24
C GLU F 402 -17.77 -36.75 70.00
N GLN F 403 -18.70 -35.84 69.76
CA GLN F 403 -19.51 -35.90 68.55
C GLN F 403 -18.66 -35.51 67.34
N VAL F 404 -18.07 -36.50 66.69
CA VAL F 404 -17.13 -36.27 65.60
C VAL F 404 -17.81 -36.62 64.27
N PHE F 405 -17.13 -36.29 63.18
CA PHE F 405 -17.65 -36.50 61.83
C PHE F 405 -16.90 -37.64 61.17
N HIS F 406 -17.64 -38.66 60.72
CA HIS F 406 -17.08 -39.79 59.99
C HIS F 406 -17.61 -39.77 58.56
N PHE F 407 -16.70 -39.82 57.59
CA PHE F 407 -17.09 -39.80 56.20
C PHE F 407 -16.02 -40.49 55.36
N TYR F 408 -16.44 -40.97 54.19
CA TYR F 408 -15.57 -41.61 53.22
C TYR F 408 -15.24 -40.59 52.15
N TRP F 409 -14.04 -40.03 52.20
CA TRP F 409 -13.64 -39.02 51.25
C TRP F 409 -13.44 -39.62 49.86
N LEU F 410 -13.79 -38.85 48.84
CA LEU F 410 -13.64 -39.29 47.46
C LEU F 410 -12.69 -38.41 46.65
N ASP F 411 -12.89 -37.10 46.65
CA ASP F 411 -12.15 -36.20 45.77
C ASP F 411 -11.45 -35.12 46.57
N ALA F 412 -10.34 -34.63 46.03
CA ALA F 412 -9.56 -33.55 46.62
C ALA F 412 -9.35 -32.45 45.60
N TYR F 413 -9.44 -31.20 46.06
CA TYR F 413 -9.29 -30.04 45.18
C TYR F 413 -8.46 -28.98 45.89
N GLU F 414 -7.80 -28.14 45.09
CA GLU F 414 -6.96 -27.08 45.62
C GLU F 414 -6.87 -25.96 44.60
N ASP F 415 -6.52 -24.76 45.08
CA ASP F 415 -6.33 -23.61 44.21
C ASP F 415 -5.30 -22.69 44.88
N GLN F 416 -4.03 -22.83 44.47
CA GLN F 416 -2.97 -22.03 45.08
C GLN F 416 -2.88 -20.63 44.50
N TYR F 417 -3.36 -20.41 43.27
CA TYR F 417 -3.27 -19.08 42.67
C TYR F 417 -4.27 -18.11 43.27
N ASN F 418 -5.40 -18.62 43.77
CA ASN F 418 -6.45 -17.78 44.34
C ASN F 418 -6.51 -17.84 45.85
N GLN F 419 -6.53 -19.05 46.43
CA GLN F 419 -6.56 -19.24 47.88
C GLN F 419 -5.48 -20.24 48.25
N PRO F 420 -4.22 -19.81 48.31
CA PRO F 420 -3.13 -20.74 48.61
C PRO F 420 -3.28 -21.34 50.00
N GLY F 421 -2.85 -22.59 50.13
CA GLY F 421 -2.99 -23.28 51.41
C GLY F 421 -4.39 -23.71 51.76
N VAL F 422 -5.26 -23.87 50.76
CA VAL F 422 -6.64 -24.26 50.97
C VAL F 422 -6.89 -25.57 50.24
N VAL F 423 -7.40 -26.56 50.97
CA VAL F 423 -7.63 -27.90 50.43
C VAL F 423 -9.09 -28.26 50.61
N PHE F 424 -9.75 -28.64 49.52
CA PHE F 424 -11.14 -29.08 49.55
C PHE F 424 -11.20 -30.59 49.49
N LEU F 425 -12.04 -31.19 50.34
CA LEU F 425 -12.23 -32.63 50.37
C LEU F 425 -13.71 -32.94 50.19
N PHE F 426 -14.00 -33.93 49.35
CA PHE F 426 -15.36 -34.34 49.07
C PHE F 426 -15.55 -35.80 49.45
N GLY F 427 -16.73 -36.12 49.96
CA GLY F 427 -17.02 -37.48 50.36
C GLY F 427 -18.51 -37.66 50.65
N LYS F 428 -18.82 -38.82 51.22
CA LYS F 428 -20.19 -39.18 51.57
C LYS F 428 -20.28 -39.46 53.07
N VAL F 429 -21.35 -38.98 53.69
CA VAL F 429 -21.60 -39.16 55.11
C VAL F 429 -22.98 -39.77 55.29
N TRP F 430 -23.08 -40.76 56.18
CA TRP F 430 -24.35 -41.41 56.44
C TRP F 430 -25.31 -40.47 57.16
N ILE F 431 -26.59 -40.57 56.83
CA ILE F 431 -27.64 -39.82 57.49
C ILE F 431 -28.64 -40.81 58.05
N GLU F 432 -28.88 -40.74 59.37
CA GLU F 432 -29.82 -41.67 59.99
C GLU F 432 -31.27 -41.29 59.69
N SER F 433 -31.56 -39.99 59.63
CA SER F 433 -32.92 -39.55 59.34
C SER F 433 -33.36 -40.00 57.95
N ALA F 434 -32.47 -39.88 56.96
CA ALA F 434 -32.77 -40.31 55.61
C ALA F 434 -32.38 -41.75 55.33
N GLU F 435 -31.69 -42.40 56.28
CA GLU F 435 -31.27 -43.81 56.15
C GLU F 435 -30.46 -44.03 54.88
N THR F 436 -29.58 -43.09 54.57
CA THR F 436 -28.74 -43.17 53.37
C THR F 436 -27.50 -42.31 53.58
N HIS F 437 -26.76 -42.07 52.51
CA HIS F 437 -25.55 -41.28 52.52
C HIS F 437 -25.69 -40.11 51.57
N VAL F 438 -25.19 -38.94 52.00
CA VAL F 438 -25.24 -37.73 51.20
C VAL F 438 -23.83 -37.15 51.06
N SER F 439 -23.65 -36.35 50.02
CA SER F 439 -22.36 -35.72 49.78
C SER F 439 -22.05 -34.70 50.86
N CYS F 440 -20.81 -34.70 51.33
CA CYS F 440 -20.37 -33.78 52.37
C CYS F 440 -19.10 -33.06 51.92
N CYS F 441 -18.99 -31.78 52.30
CA CYS F 441 -17.85 -30.96 51.95
C CYS F 441 -17.09 -30.58 53.20
N VAL F 442 -15.79 -30.91 53.22
CA VAL F 442 -14.90 -30.53 54.32
C VAL F 442 -13.68 -29.85 53.71
N MET F 443 -13.34 -28.67 54.23
CA MET F 443 -12.21 -27.91 53.75
C MET F 443 -11.33 -27.51 54.93
N VAL F 444 -10.02 -27.63 54.76
CA VAL F 444 -9.06 -27.44 55.83
C VAL F 444 -8.18 -26.25 55.50
N LYS F 445 -8.00 -25.36 56.47
CA LYS F 445 -7.17 -24.18 56.33
C LYS F 445 -5.91 -24.32 57.19
N ASN F 446 -5.10 -23.25 57.19
CA ASN F 446 -3.90 -23.15 58.02
C ASN F 446 -2.93 -24.30 57.71
N ILE F 447 -2.43 -24.29 56.49
CA ILE F 447 -1.45 -25.27 56.03
C ILE F 447 -0.07 -24.62 56.03
N GLU F 448 0.88 -25.27 56.70
CA GLU F 448 2.23 -24.74 56.86
C GLU F 448 3.17 -25.47 55.91
N ARG F 449 3.98 -24.71 55.18
CA ARG F 449 4.94 -25.31 54.25
C ARG F 449 6.05 -26.01 55.01
N THR F 450 6.68 -26.97 54.34
CA THR F 450 7.78 -27.74 54.90
C THR F 450 9.00 -27.60 53.98
N LEU F 451 10.14 -27.27 54.58
CA LEU F 451 11.39 -27.10 53.85
C LEU F 451 12.47 -27.96 54.49
N TYR F 452 13.45 -28.37 53.67
CA TYR F 452 14.58 -29.16 54.13
C TYR F 452 15.85 -28.53 53.54
N PHE F 453 16.44 -27.60 54.29
CA PHE F 453 17.68 -26.97 53.85
C PHE F 453 18.82 -27.99 53.83
N LEU F 454 19.68 -27.88 52.81
CA LEU F 454 20.81 -28.78 52.66
C LEU F 454 22.07 -28.07 53.12
N PRO F 455 22.54 -28.31 54.34
CA PRO F 455 23.70 -27.57 54.86
C PRO F 455 24.99 -27.99 54.17
N ARG F 456 25.94 -27.05 54.17
CA ARG F 456 27.27 -27.29 53.62
C ARG F 456 28.22 -27.65 54.75
N GLU F 457 29.14 -28.58 54.47
CA GLU F 457 30.12 -28.97 55.47
C GLU F 457 31.08 -27.84 55.80
N MET F 458 31.31 -26.93 54.86
CA MET F 458 32.24 -25.83 55.03
C MET F 458 31.58 -24.53 54.61
N LYS F 459 31.96 -23.45 55.29
CA LYS F 459 31.43 -22.13 54.96
C LYS F 459 31.92 -21.71 53.58
N ILE F 460 31.01 -21.18 52.76
CA ILE F 460 31.32 -20.74 51.41
C ILE F 460 30.75 -19.33 51.23
N ASP F 461 31.61 -18.39 50.84
CA ASP F 461 31.17 -17.02 50.63
C ASP F 461 30.24 -16.94 49.43
N LEU F 462 29.17 -16.15 49.58
CA LEU F 462 28.17 -16.02 48.54
C LEU F 462 28.51 -14.95 47.50
N ASN F 463 29.56 -14.16 47.74
CA ASN F 463 29.96 -13.11 46.80
C ASN F 463 31.33 -13.34 46.18
N THR F 464 32.24 -14.01 46.88
CA THR F 464 33.55 -14.33 46.34
C THR F 464 33.75 -15.81 46.08
N GLY F 465 32.88 -16.67 46.59
CA GLY F 465 33.00 -18.10 46.35
C GLY F 465 34.24 -18.73 46.94
N LYS F 466 34.60 -18.34 48.16
CA LYS F 466 35.77 -18.89 48.83
C LYS F 466 35.44 -19.18 50.28
N GLU F 467 36.18 -20.13 50.86
CA GLU F 467 35.97 -20.50 52.25
C GLU F 467 36.50 -19.41 53.17
N THR F 468 35.69 -19.05 54.17
CA THR F 468 36.08 -18.03 55.14
C THR F 468 36.84 -18.60 56.33
N GLY F 469 37.04 -19.92 56.39
CA GLY F 469 37.84 -20.51 57.44
C GLY F 469 37.11 -20.80 58.74
N THR F 470 35.79 -20.96 58.70
CA THR F 470 35.03 -21.24 59.91
C THR F 470 34.16 -22.47 59.71
N PRO F 471 33.94 -23.25 60.78
CA PRO F 471 33.06 -24.42 60.66
C PRO F 471 31.59 -24.05 60.57
N ILE F 472 30.72 -25.05 60.54
CA ILE F 472 29.28 -24.85 60.38
C ILE F 472 28.58 -25.45 61.58
N SER F 473 27.68 -24.66 62.18
CA SER F 473 26.84 -25.10 63.30
C SER F 473 25.40 -24.72 63.02
N MET F 474 24.47 -25.44 63.67
CA MET F 474 23.06 -25.22 63.44
C MET F 474 22.65 -23.80 63.79
N LYS F 475 23.19 -23.26 64.89
CA LYS F 475 22.89 -21.90 65.29
C LYS F 475 23.36 -20.90 64.24
N ASP F 476 24.54 -21.15 63.64
CA ASP F 476 25.03 -20.28 62.58
C ASP F 476 24.10 -20.30 61.37
N VAL F 477 23.61 -21.48 61.00
CA VAL F 477 22.68 -21.58 59.88
C VAL F 477 21.40 -20.81 60.19
N TYR F 478 20.87 -20.98 61.40
CA TYR F 478 19.65 -20.27 61.76
C TYR F 478 19.86 -18.76 61.74
N GLU F 479 20.99 -18.29 62.27
CA GLU F 479 21.26 -16.86 62.29
C GLU F 479 21.40 -16.30 60.89
N GLU F 480 22.13 -17.01 60.01
CA GLU F 480 22.25 -16.55 58.63
C GLU F 480 20.90 -16.52 57.94
N PHE F 481 20.07 -17.55 58.17
CA PHE F 481 18.74 -17.56 57.59
C PHE F 481 17.93 -16.36 58.06
N ASP F 482 17.91 -16.12 59.37
CA ASP F 482 17.13 -15.02 59.91
C ASP F 482 17.61 -13.67 59.38
N GLU F 483 18.91 -13.48 59.27
CA GLU F 483 19.45 -12.18 58.88
C GLU F 483 19.49 -11.97 57.37
N LYS F 484 19.35 -13.01 56.56
CA LYS F 484 19.38 -12.84 55.12
C LYS F 484 18.06 -13.24 54.45
N ILE F 485 17.62 -14.48 54.63
CA ILE F 485 16.48 -15.00 53.87
C ILE F 485 15.20 -14.29 54.30
N ALA F 486 14.96 -14.22 55.61
CA ALA F 486 13.75 -13.56 56.10
C ALA F 486 13.80 -12.06 55.86
N THR F 487 14.99 -11.46 55.88
CA THR F 487 15.10 -10.03 55.65
C THR F 487 14.76 -9.67 54.21
N LYS F 488 15.34 -10.40 53.25
CA LYS F 488 15.11 -10.05 51.85
C LYS F 488 13.85 -10.68 51.27
N TYR F 489 13.22 -11.61 51.98
CA TYR F 489 11.99 -12.24 51.51
C TYR F 489 10.78 -11.94 52.39
N LYS F 490 10.95 -11.13 53.44
CA LYS F 490 9.86 -10.68 54.29
C LYS F 490 9.11 -11.87 54.91
N ILE F 491 9.84 -12.61 55.75
CA ILE F 491 9.31 -13.77 56.44
C ILE F 491 9.17 -13.43 57.91
N MET F 492 7.93 -13.46 58.41
CA MET F 492 7.63 -13.13 59.80
C MET F 492 7.61 -14.36 60.70
N LYS F 493 6.74 -15.32 60.40
CA LYS F 493 6.57 -16.52 61.21
C LYS F 493 7.39 -17.65 60.62
N PHE F 494 8.15 -18.33 61.48
CA PHE F 494 9.01 -19.42 61.03
C PHE F 494 9.33 -20.33 62.22
N LYS F 495 9.29 -21.63 61.97
CA LYS F 495 9.65 -22.64 62.96
C LYS F 495 10.77 -23.49 62.40
N SER F 496 11.87 -23.62 63.16
CA SER F 496 13.05 -24.33 62.70
C SER F 496 13.49 -25.32 63.77
N LYS F 497 14.02 -26.46 63.30
CA LYS F 497 14.54 -27.51 64.17
C LYS F 497 15.43 -28.44 63.37
N PRO F 498 16.61 -28.79 63.86
CA PRO F 498 17.51 -29.66 63.10
C PRO F 498 16.93 -31.08 63.00
N VAL F 499 16.95 -31.63 61.79
CA VAL F 499 16.39 -32.93 61.50
C VAL F 499 17.39 -33.73 60.67
N GLU F 500 17.06 -34.99 60.43
CA GLU F 500 17.87 -35.88 59.61
C GLU F 500 16.98 -36.62 58.63
N LYS F 501 17.53 -36.89 57.44
CA LYS F 501 16.80 -37.58 56.39
C LYS F 501 17.77 -38.41 55.58
N ASN F 502 17.24 -39.16 54.62
CA ASN F 502 18.02 -40.04 53.77
C ASN F 502 17.85 -39.64 52.31
N TYR F 503 18.96 -39.63 51.57
CA TYR F 503 18.97 -39.25 50.17
C TYR F 503 19.71 -40.31 49.36
N ALA F 504 19.02 -40.90 48.38
CA ALA F 504 19.63 -41.87 47.49
C ALA F 504 19.15 -41.68 46.06
N PHE F 505 18.83 -40.45 45.67
CA PHE F 505 18.29 -40.16 44.36
C PHE F 505 19.43 -39.83 43.38
N GLU F 506 19.07 -39.40 42.18
CA GLU F 506 20.04 -39.07 41.14
C GLU F 506 20.57 -37.65 41.23
N ILE F 507 20.03 -36.83 42.13
CA ILE F 507 20.46 -35.43 42.24
C ILE F 507 21.83 -35.39 42.90
N PRO F 508 22.83 -34.79 42.26
CA PRO F 508 24.16 -34.72 42.87
C PRO F 508 24.30 -33.56 43.85
N ASP F 509 25.52 -33.36 44.35
CA ASP F 509 25.83 -32.28 45.30
C ASP F 509 25.04 -32.41 46.59
N VAL F 510 24.68 -33.64 46.95
CA VAL F 510 23.96 -33.92 48.19
C VAL F 510 24.67 -35.05 48.93
N PRO F 511 25.05 -34.87 50.18
CA PRO F 511 25.64 -35.97 50.93
C PRO F 511 24.62 -37.08 51.16
N GLU F 512 25.13 -38.31 51.27
CA GLU F 512 24.26 -39.46 51.43
C GLU F 512 23.45 -39.37 52.72
N LYS F 513 24.10 -38.97 53.82
CA LYS F 513 23.42 -38.78 55.09
C LYS F 513 23.94 -37.50 55.74
N SER F 514 23.02 -36.65 56.20
CA SER F 514 23.40 -35.39 56.82
C SER F 514 22.28 -34.93 57.74
N GLU F 515 22.60 -33.97 58.59
CA GLU F 515 21.64 -33.40 59.53
C GLU F 515 21.12 -32.10 58.93
N TYR F 516 19.90 -32.15 58.40
CA TYR F 516 19.30 -31.01 57.72
C TYR F 516 18.47 -30.18 58.71
N LEU F 517 17.78 -29.17 58.20
CA LEU F 517 16.94 -28.30 59.00
C LEU F 517 15.56 -28.22 58.37
N GLU F 518 14.53 -28.28 59.21
CA GLU F 518 13.14 -28.19 58.76
C GLU F 518 12.59 -26.83 59.14
N VAL F 519 12.20 -26.04 58.13
CA VAL F 519 11.64 -24.71 58.33
C VAL F 519 10.16 -24.77 57.98
N LYS F 520 9.31 -24.43 58.95
CA LYS F 520 7.86 -24.47 58.77
C LYS F 520 7.34 -23.04 58.73
N TYR F 521 6.67 -22.68 57.63
CA TYR F 521 6.12 -21.35 57.47
C TYR F 521 4.91 -21.44 56.56
N SER F 522 4.03 -20.44 56.67
CA SER F 522 2.80 -20.44 55.88
C SER F 522 3.10 -20.11 54.42
N ALA F 523 2.14 -20.41 53.56
CA ALA F 523 2.27 -20.14 52.14
C ALA F 523 1.93 -18.70 51.77
N GLU F 524 1.44 -17.90 52.72
CA GLU F 524 1.07 -16.52 52.42
C GLU F 524 2.29 -15.70 51.99
N MET F 525 3.41 -15.88 52.67
CA MET F 525 4.64 -15.23 52.25
C MET F 525 5.16 -15.87 50.96
N PRO F 526 5.89 -15.11 50.13
CA PRO F 526 6.33 -15.64 48.85
C PRO F 526 7.23 -16.86 49.01
N GLN F 527 7.08 -17.81 48.09
CA GLN F 527 7.90 -19.01 48.11
C GLN F 527 9.35 -18.66 47.79
N LEU F 528 10.27 -19.28 48.52
CA LEU F 528 11.69 -19.06 48.28
C LEU F 528 12.09 -19.65 46.93
N PRO F 529 13.11 -19.10 46.29
CA PRO F 529 13.56 -19.64 45.00
C PRO F 529 13.99 -21.10 45.14
N GLN F 530 13.70 -21.88 44.11
CA GLN F 530 13.98 -23.32 44.16
C GLN F 530 15.48 -23.61 44.20
N ASP F 531 16.29 -22.73 43.59
CA ASP F 531 17.74 -22.89 43.57
C ASP F 531 18.43 -22.01 44.61
N LEU F 532 17.80 -21.83 45.76
CA LEU F 532 18.36 -20.97 46.81
C LEU F 532 19.63 -21.58 47.37
N LYS F 533 20.68 -20.76 47.48
CA LYS F 533 21.96 -21.17 48.04
C LYS F 533 22.42 -20.14 49.05
N GLY F 534 22.98 -20.61 50.17
CA GLY F 534 23.45 -19.74 51.22
C GLY F 534 24.88 -20.07 51.61
N GLU F 535 25.39 -19.29 52.57
CA GLU F 535 26.75 -19.50 53.06
C GLU F 535 26.90 -20.87 53.72
N THR F 536 25.91 -21.26 54.52
CA THR F 536 25.94 -22.55 55.21
C THR F 536 25.12 -23.62 54.52
N PHE F 537 24.09 -23.25 53.77
CA PHE F 537 23.22 -24.21 53.09
C PHE F 537 23.40 -24.10 51.58
N SER F 538 23.52 -25.25 50.91
CA SER F 538 23.69 -25.29 49.47
C SER F 538 22.38 -25.51 48.71
N HIS F 539 21.33 -25.94 49.39
CA HIS F 539 20.05 -26.21 48.73
C HIS F 539 18.98 -26.32 49.80
N VAL F 540 17.72 -26.25 49.35
CA VAL F 540 16.57 -26.50 50.21
C VAL F 540 15.60 -27.39 49.43
N PHE F 541 15.04 -28.38 50.14
CA PHE F 541 14.18 -29.38 49.52
C PHE F 541 12.70 -29.05 49.75
N GLY F 542 11.87 -29.55 48.85
CA GLY F 542 10.44 -29.33 48.94
C GLY F 542 10.00 -27.89 48.76
N THR F 543 10.62 -27.18 47.81
CA THR F 543 10.29 -25.77 47.63
C THR F 543 8.89 -25.58 47.07
N ASN F 544 8.53 -26.32 46.02
CA ASN F 544 7.28 -26.12 45.31
C ASN F 544 6.36 -27.33 45.39
N THR F 545 6.54 -28.18 46.39
CA THR F 545 5.66 -29.34 46.56
C THR F 545 4.25 -28.89 46.88
N SER F 546 3.27 -29.60 46.31
CA SER F 546 1.87 -29.21 46.47
C SER F 546 1.42 -29.38 47.91
N SER F 547 0.54 -28.47 48.36
CA SER F 547 0.01 -28.54 49.72
C SER F 547 -0.86 -29.77 49.91
N LEU F 548 -1.58 -30.18 48.88
CA LEU F 548 -2.43 -31.36 48.99
C LEU F 548 -1.61 -32.60 49.32
N GLU F 549 -0.47 -32.76 48.66
CA GLU F 549 0.37 -33.95 48.86
C GLU F 549 0.87 -34.01 50.29
N LEU F 550 1.42 -32.90 50.80
CA LEU F 550 1.92 -32.87 52.17
C LEU F 550 0.79 -33.07 53.17
N PHE F 551 -0.36 -32.43 52.93
CA PHE F 551 -1.51 -32.61 53.82
C PHE F 551 -1.93 -34.06 53.92
N LEU F 552 -2.07 -34.74 52.78
CA LEU F 552 -2.51 -36.12 52.81
C LEU F 552 -1.43 -37.05 53.36
N MET F 553 -0.16 -36.74 53.09
CA MET F 553 0.92 -37.64 53.49
C MET F 553 1.27 -37.51 54.97
N ASN F 554 1.02 -36.35 55.58
CA ASN F 554 1.27 -36.18 57.00
C ASN F 554 0.31 -36.98 57.86
N ARG F 555 -0.76 -37.52 57.27
CA ARG F 555 -1.73 -38.32 58.02
C ARG F 555 -1.76 -39.77 57.57
N LYS F 556 -0.90 -40.17 56.63
CA LYS F 556 -0.80 -41.56 56.17
C LYS F 556 -2.14 -42.06 55.63
N ILE F 557 -2.60 -41.41 54.57
CA ILE F 557 -3.87 -41.72 53.93
C ILE F 557 -3.59 -42.46 52.62
N LYS F 558 -4.29 -43.57 52.41
CA LYS F 558 -4.15 -44.39 51.21
C LYS F 558 -5.48 -44.38 50.46
N GLY F 559 -5.67 -43.38 49.60
CA GLY F 559 -6.83 -43.30 48.77
C GLY F 559 -8.10 -43.02 49.55
N PRO F 560 -9.26 -43.27 48.94
CA PRO F 560 -10.54 -43.07 49.64
C PRO F 560 -10.68 -44.03 50.80
N CYS F 561 -10.88 -43.48 52.00
CA CYS F 561 -11.02 -44.29 53.19
C CYS F 561 -11.84 -43.51 54.22
N TRP F 562 -12.40 -44.25 55.18
CA TRP F 562 -13.13 -43.62 56.27
C TRP F 562 -12.19 -42.77 57.11
N LEU F 563 -12.69 -41.62 57.54
CA LEU F 563 -11.89 -40.68 58.33
C LEU F 563 -12.69 -40.19 59.51
N GLU F 564 -11.97 -39.78 60.55
CA GLU F 564 -12.56 -39.21 61.76
C GLU F 564 -12.22 -37.73 61.81
N VAL F 565 -13.24 -36.89 61.91
CA VAL F 565 -13.09 -35.44 61.86
C VAL F 565 -13.49 -34.86 63.21
N LYS F 566 -12.57 -34.17 63.86
CA LYS F 566 -12.79 -33.56 65.16
C LYS F 566 -12.89 -32.05 65.03
N SER F 567 -13.47 -31.43 66.06
CA SER F 567 -13.63 -29.98 66.15
C SER F 567 -14.36 -29.44 64.92
N PRO F 568 -15.65 -29.76 64.74
CA PRO F 568 -16.37 -29.25 63.58
C PRO F 568 -16.75 -27.79 63.74
N GLN F 569 -16.69 -27.05 62.63
CA GLN F 569 -17.07 -25.65 62.60
C GLN F 569 -18.13 -25.45 61.53
N LEU F 570 -19.15 -24.65 61.84
CA LEU F 570 -20.20 -24.36 60.89
C LEU F 570 -19.71 -23.35 59.84
N LEU F 571 -20.36 -23.39 58.67
CA LEU F 571 -20.03 -22.50 57.57
C LEU F 571 -21.18 -21.52 57.36
N ASN F 572 -20.85 -20.22 57.40
CA ASN F 572 -21.89 -19.21 57.22
C ASN F 572 -22.39 -19.17 55.79
N GLN F 573 -21.49 -19.17 54.83
CA GLN F 573 -21.85 -19.06 53.41
C GLN F 573 -21.47 -20.32 52.67
N PRO F 574 -22.42 -21.18 52.30
CA PRO F 574 -22.07 -22.39 51.55
C PRO F 574 -21.42 -22.04 50.22
N VAL F 575 -20.43 -22.86 49.84
CA VAL F 575 -19.66 -22.62 48.62
C VAL F 575 -19.76 -23.77 47.62
N SER F 576 -20.38 -24.89 47.98
CA SER F 576 -20.51 -26.03 47.09
C SER F 576 -21.98 -26.40 46.96
N TRP F 577 -22.26 -27.37 46.09
CA TRP F 577 -23.61 -27.88 45.90
C TRP F 577 -23.91 -29.09 46.79
N CYS F 578 -22.96 -29.51 47.62
CA CYS F 578 -23.17 -30.66 48.48
C CYS F 578 -24.21 -30.36 49.54
N LYS F 579 -24.88 -31.43 50.01
CA LYS F 579 -25.87 -31.26 51.06
C LYS F 579 -25.24 -30.81 52.36
N VAL F 580 -24.04 -31.29 52.67
CA VAL F 580 -23.34 -30.99 53.91
C VAL F 580 -22.04 -30.28 53.59
N GLU F 581 -21.79 -29.16 54.27
CA GLU F 581 -20.54 -28.44 54.15
C GLU F 581 -19.95 -28.24 55.55
N ALA F 582 -18.64 -28.43 55.66
CA ALA F 582 -17.96 -28.39 56.96
C ALA F 582 -16.75 -27.46 56.87
N MET F 583 -16.41 -26.88 58.01
CA MET F 583 -15.28 -25.97 58.16
C MET F 583 -14.27 -26.62 59.09
N ALA F 584 -13.10 -26.98 58.55
CA ALA F 584 -12.04 -27.61 59.33
C ALA F 584 -10.88 -26.64 59.48
N LEU F 585 -10.39 -26.49 60.71
CA LEU F 585 -9.39 -25.47 61.03
C LEU F 585 -7.96 -25.99 60.98
N LYS F 586 -7.72 -27.21 61.47
CA LYS F 586 -6.35 -27.69 61.54
C LYS F 586 -6.20 -29.02 60.82
N PRO F 587 -5.03 -29.27 60.21
CA PRO F 587 -4.83 -30.54 59.50
C PRO F 587 -4.70 -31.75 60.40
N ASP F 588 -4.53 -31.58 61.71
CA ASP F 588 -4.28 -32.69 62.61
C ASP F 588 -5.55 -33.32 63.16
N LEU F 589 -6.73 -32.88 62.71
CA LEU F 589 -8.00 -33.35 63.24
C LEU F 589 -8.56 -34.55 62.46
N VAL F 590 -7.70 -35.31 61.78
CA VAL F 590 -8.15 -36.43 60.97
C VAL F 590 -7.34 -37.68 61.31
N ASN F 591 -8.02 -38.81 61.40
CA ASN F 591 -7.39 -40.11 61.60
C ASN F 591 -7.96 -41.10 60.59
N VAL F 592 -7.15 -42.09 60.24
CA VAL F 592 -7.51 -43.03 59.18
C VAL F 592 -8.31 -44.18 59.77
N ILE F 593 -9.46 -44.46 59.18
CA ILE F 593 -10.34 -45.55 59.59
C ILE F 593 -10.57 -46.47 58.40
N LYS F 594 -10.40 -47.77 58.61
CA LYS F 594 -10.52 -48.74 57.53
C LYS F 594 -11.29 -49.97 57.99
N ASP F 595 -12.40 -49.77 58.70
CA ASP F 595 -13.17 -50.86 59.26
C ASP F 595 -14.58 -51.01 58.70
N VAL F 596 -14.99 -50.15 57.77
CA VAL F 596 -16.34 -50.18 57.21
C VAL F 596 -16.25 -50.16 55.69
N SER F 597 -17.05 -50.99 55.05
CA SER F 597 -17.10 -51.01 53.59
C SER F 597 -17.63 -49.67 53.08
N PRO F 598 -17.14 -49.17 51.95
CA PRO F 598 -17.59 -47.88 51.46
C PRO F 598 -19.06 -47.92 51.11
N PRO F 599 -19.77 -46.81 51.28
CA PRO F 599 -21.21 -46.78 50.99
C PRO F 599 -21.45 -46.79 49.49
N PRO F 600 -22.68 -47.09 49.05
CA PRO F 600 -22.98 -47.06 47.63
C PRO F 600 -22.87 -45.65 47.06
N LEU F 601 -22.50 -45.58 45.79
CA LEU F 601 -22.32 -44.32 45.07
C LEU F 601 -23.39 -44.17 43.99
N VAL F 602 -23.27 -43.11 43.21
CA VAL F 602 -24.19 -42.81 42.11
C VAL F 602 -23.41 -42.89 40.81
N VAL F 603 -23.86 -43.73 39.89
CA VAL F 603 -23.21 -43.92 38.60
C VAL F 603 -24.21 -43.50 37.52
N MET F 604 -23.77 -42.60 36.63
CA MET F 604 -24.62 -42.06 35.58
C MET F 604 -23.96 -42.28 34.23
N ALA F 605 -24.71 -42.83 33.28
CA ALA F 605 -24.24 -43.06 31.92
C ALA F 605 -25.12 -42.27 30.96
N PHE F 606 -24.48 -41.57 30.02
CA PHE F 606 -25.22 -40.72 29.10
C PHE F 606 -24.41 -40.53 27.82
N SER F 607 -25.09 -40.06 26.78
CA SER F 607 -24.49 -39.76 25.50
C SER F 607 -25.38 -38.75 24.79
N MET F 608 -24.97 -38.35 23.59
CA MET F 608 -25.71 -37.33 22.85
C MET F 608 -25.41 -37.50 21.36
N LYS F 609 -26.06 -36.65 20.56
CA LYS F 609 -25.81 -36.56 19.12
C LYS F 609 -25.26 -35.17 18.82
N THR F 610 -24.33 -35.11 17.87
CA THR F 610 -23.66 -33.88 17.50
C THR F 610 -23.88 -33.57 16.03
N MET F 611 -24.18 -32.30 15.73
CA MET F 611 -24.39 -31.83 14.37
C MET F 611 -23.41 -30.69 14.11
N GLN F 612 -22.76 -30.73 12.95
CA GLN F 612 -21.77 -29.73 12.58
C GLN F 612 -22.42 -28.71 11.65
N ASN F 613 -22.36 -27.44 12.04
CA ASN F 613 -22.90 -26.38 11.22
C ASN F 613 -22.10 -26.24 9.93
N ALA F 614 -22.80 -26.05 8.81
CA ALA F 614 -22.13 -25.94 7.53
C ALA F 614 -21.47 -24.58 7.33
N LYS F 615 -22.08 -23.52 7.86
CA LYS F 615 -21.60 -22.17 7.56
C LYS F 615 -20.27 -21.88 8.24
N ASN F 616 -20.09 -22.30 9.50
CA ASN F 616 -18.90 -21.95 10.25
C ASN F 616 -18.28 -23.14 10.99
N HIS F 617 -18.68 -24.37 10.66
CA HIS F 617 -18.11 -25.57 11.28
C HIS F 617 -18.21 -25.52 12.80
N GLN F 618 -19.34 -25.04 13.30
CA GLN F 618 -19.60 -24.97 14.73
C GLN F 618 -20.50 -26.16 15.09
N ASN F 619 -19.94 -27.13 15.80
CA ASN F 619 -20.70 -28.30 16.20
C ASN F 619 -21.73 -27.92 17.27
N GLU F 620 -22.80 -28.70 17.32
CA GLU F 620 -23.86 -28.47 18.30
C GLU F 620 -24.46 -29.81 18.70
N ILE F 621 -25.10 -29.82 19.86
CA ILE F 621 -25.64 -31.04 20.45
C ILE F 621 -27.15 -31.05 20.29
N ILE F 622 -27.70 -32.20 19.92
CA ILE F 622 -29.12 -32.29 19.57
C ILE F 622 -29.94 -32.82 20.74
N ALA F 623 -29.64 -34.04 21.21
CA ALA F 623 -30.52 -34.75 22.12
C ALA F 623 -29.75 -35.27 23.34
N MET F 624 -30.48 -35.40 24.45
CA MET F 624 -29.98 -36.00 25.67
C MET F 624 -30.54 -37.41 25.84
N ALA F 625 -29.78 -38.24 26.54
CA ALA F 625 -30.22 -39.59 26.90
C ALA F 625 -29.33 -40.10 28.01
N ALA F 626 -29.92 -40.61 29.08
CA ALA F 626 -29.16 -41.06 30.23
C ALA F 626 -29.94 -42.13 30.98
N LEU F 627 -29.21 -43.06 31.60
CA LEU F 627 -29.78 -44.09 32.44
C LEU F 627 -29.33 -43.88 33.88
N VAL F 628 -30.26 -43.97 34.81
CA VAL F 628 -30.05 -43.56 36.19
C VAL F 628 -30.03 -44.78 37.10
N HIS F 629 -28.98 -44.88 37.91
CA HIS F 629 -28.92 -45.85 39.01
C HIS F 629 -28.57 -45.10 40.29
N HIS F 630 -29.23 -45.47 41.39
CA HIS F 630 -29.14 -44.71 42.63
C HIS F 630 -28.12 -45.28 43.62
N SER F 631 -28.16 -46.59 43.87
CA SER F 631 -27.38 -47.20 44.94
C SER F 631 -26.50 -48.33 44.40
N PHE F 632 -25.77 -48.03 43.32
CA PHE F 632 -24.87 -49.02 42.74
C PHE F 632 -23.81 -49.44 43.76
N ALA F 633 -23.62 -50.75 43.92
CA ALA F 633 -22.66 -51.27 44.86
C ALA F 633 -21.23 -51.12 44.33
N LEU F 634 -20.28 -51.06 45.25
CA LEU F 634 -18.86 -50.95 44.93
C LEU F 634 -18.05 -52.09 45.52
N ASP F 635 -18.70 -53.20 45.87
CA ASP F 635 -18.00 -54.31 46.51
C ASP F 635 -18.44 -55.67 45.97
N LYS F 636 -19.09 -55.71 44.81
CA LYS F 636 -19.57 -56.96 44.25
C LYS F 636 -19.73 -56.79 42.75
N ALA F 637 -20.40 -57.74 42.11
CA ALA F 637 -20.63 -57.70 40.67
C ALA F 637 -21.72 -56.67 40.35
N ALA F 638 -22.09 -56.59 39.08
CA ALA F 638 -23.08 -55.63 38.64
C ALA F 638 -24.47 -56.06 39.10
N PRO F 639 -25.17 -55.25 39.89
CA PRO F 639 -26.53 -55.62 40.29
C PRO F 639 -27.52 -55.51 39.14
N LYS F 640 -28.63 -56.22 39.28
CA LYS F 640 -29.71 -56.19 38.32
C LYS F 640 -31.00 -55.76 39.01
N PRO F 641 -31.74 -54.80 38.45
CA PRO F 641 -31.48 -54.08 37.20
C PRO F 641 -30.37 -53.04 37.34
N PRO F 642 -29.61 -52.81 36.27
CA PRO F 642 -28.51 -51.84 36.33
C PRO F 642 -28.96 -50.39 36.28
N PHE F 643 -30.26 -50.13 36.16
CA PHE F 643 -30.76 -48.77 36.06
C PHE F 643 -32.14 -48.70 36.68
N GLN F 644 -32.56 -47.49 37.03
CA GLN F 644 -33.87 -47.24 37.60
C GLN F 644 -34.78 -46.39 36.73
N SER F 645 -34.22 -45.45 35.97
CA SER F 645 -35.03 -44.59 35.13
C SER F 645 -34.16 -44.02 34.02
N HIS F 646 -34.81 -43.50 32.99
CA HIS F 646 -34.12 -42.86 31.87
C HIS F 646 -34.94 -41.70 31.37
N PHE F 647 -34.26 -40.66 30.88
CA PHE F 647 -34.91 -39.47 30.38
C PHE F 647 -34.20 -38.98 29.13
N CYS F 648 -34.95 -38.25 28.29
CA CYS F 648 -34.42 -37.73 27.05
C CYS F 648 -35.06 -36.38 26.74
N VAL F 649 -34.35 -35.57 25.98
CA VAL F 649 -34.86 -34.29 25.49
C VAL F 649 -34.14 -33.96 24.19
N VAL F 650 -34.89 -33.44 23.22
CA VAL F 650 -34.37 -33.16 21.89
C VAL F 650 -34.79 -31.76 21.47
N SER F 651 -34.02 -31.17 20.56
CA SER F 651 -34.30 -29.83 20.05
C SER F 651 -34.31 -29.81 18.53
N LYS F 652 -34.36 -28.61 17.96
CA LYS F 652 -34.43 -28.40 16.53
C LYS F 652 -33.32 -27.45 16.08
N PRO F 653 -32.87 -27.56 14.83
CA PRO F 653 -31.82 -26.65 14.35
C PRO F 653 -32.34 -25.26 14.09
N LYS F 654 -31.48 -24.38 13.57
CA LYS F 654 -31.85 -22.99 13.34
C LYS F 654 -32.59 -22.77 12.04
N ASP F 655 -32.73 -23.80 11.20
CA ASP F 655 -33.45 -23.69 9.95
C ASP F 655 -34.68 -24.58 9.89
N CYS F 656 -34.54 -25.87 10.18
CA CYS F 656 -35.65 -26.79 10.08
C CYS F 656 -36.61 -26.59 11.25
N ILE F 657 -37.78 -27.23 11.15
CA ILE F 657 -38.83 -27.12 12.14
C ILE F 657 -39.28 -28.51 12.56
N PHE F 658 -39.93 -28.58 13.72
CA PHE F 658 -40.41 -29.84 14.24
C PHE F 658 -41.58 -30.36 13.39
N PRO F 659 -41.80 -31.68 13.39
CA PRO F 659 -42.95 -32.22 12.67
C PRO F 659 -44.26 -31.78 13.30
N TYR F 660 -45.31 -31.81 12.50
CA TYR F 660 -46.62 -31.33 12.95
C TYR F 660 -47.12 -32.14 14.14
N ALA F 661 -47.76 -31.45 15.09
CA ALA F 661 -48.40 -32.08 16.23
C ALA F 661 -47.45 -32.99 16.99
N PHE F 662 -46.22 -32.51 17.20
CA PHE F 662 -45.23 -33.32 17.92
C PHE F 662 -45.69 -33.60 19.35
N LYS F 663 -46.29 -32.60 20.00
CA LYS F 663 -46.83 -32.81 21.34
C LYS F 663 -47.94 -33.85 21.32
N GLU F 664 -48.81 -33.81 20.30
CA GLU F 664 -49.86 -34.81 20.18
C GLU F 664 -49.28 -36.20 19.95
N VAL F 665 -48.24 -36.29 19.13
CA VAL F 665 -47.60 -37.59 18.90
C VAL F 665 -47.00 -38.13 20.19
N ILE F 666 -46.34 -37.26 20.96
CA ILE F 666 -45.76 -37.68 22.24
C ILE F 666 -46.86 -38.15 23.19
N GLU F 667 -47.97 -37.41 23.24
CA GLU F 667 -49.07 -37.81 24.11
C GLU F 667 -49.65 -39.17 23.70
N LYS F 668 -49.83 -39.38 22.40
CA LYS F 668 -50.30 -40.68 21.93
C LYS F 668 -49.29 -41.78 22.24
N LYS F 669 -48.00 -41.52 22.02
CA LYS F 669 -46.98 -42.52 22.32
C LYS F 669 -46.76 -42.67 23.81
N ASN F 670 -46.95 -41.59 24.58
CA ASN F 670 -46.75 -41.58 26.03
C ASN F 670 -45.33 -42.01 26.39
N VAL F 671 -44.36 -41.22 25.90
CA VAL F 671 -42.95 -41.45 26.16
C VAL F 671 -42.41 -40.23 26.91
N LYS F 672 -41.68 -40.50 27.99
CA LYS F 672 -41.16 -39.43 28.83
C LYS F 672 -39.99 -38.71 28.18
N VAL F 673 -40.26 -38.00 27.08
CA VAL F 673 -39.26 -37.26 26.35
C VAL F 673 -39.65 -35.78 26.34
N GLU F 674 -38.74 -34.92 26.77
CA GLU F 674 -38.96 -33.49 26.80
C GLU F 674 -38.60 -32.87 25.45
N VAL F 675 -39.27 -31.77 25.11
CA VAL F 675 -38.98 -31.02 23.90
C VAL F 675 -38.21 -29.77 24.30
N ALA F 676 -37.04 -29.57 23.69
CA ALA F 676 -36.19 -28.43 23.99
C ALA F 676 -36.50 -27.31 23.00
N ALA F 677 -37.03 -26.20 23.50
CA ALA F 677 -37.35 -25.07 22.63
C ALA F 677 -36.09 -24.47 22.02
N THR F 678 -35.04 -24.30 22.81
CA THR F 678 -33.80 -23.70 22.36
C THR F 678 -32.62 -24.46 22.93
N GLU F 679 -31.44 -24.20 22.36
CA GLU F 679 -30.23 -24.85 22.84
C GLU F 679 -29.92 -24.46 24.28
N ARG F 680 -30.12 -23.18 24.62
CA ARG F 680 -29.99 -22.77 26.01
C ARG F 680 -30.98 -23.51 26.90
N THR F 681 -32.19 -23.75 26.38
CA THR F 681 -33.19 -24.48 27.16
C THR F 681 -32.74 -25.90 27.46
N LEU F 682 -32.24 -26.60 26.44
CA LEU F 682 -31.78 -27.98 26.67
C LEU F 682 -30.58 -28.00 27.60
N LEU F 683 -29.67 -27.05 27.44
CA LEU F 683 -28.49 -26.99 28.32
C LEU F 683 -28.92 -26.77 29.76
N GLY F 684 -29.83 -25.82 29.98
CA GLY F 684 -30.31 -25.58 31.34
C GLY F 684 -31.03 -26.77 31.93
N PHE F 685 -31.89 -27.41 31.14
CA PHE F 685 -32.60 -28.59 31.63
C PHE F 685 -31.64 -29.71 31.98
N PHE F 686 -30.64 -29.96 31.12
CA PHE F 686 -29.68 -31.02 31.38
C PHE F 686 -28.87 -30.73 32.64
N LEU F 687 -28.37 -29.51 32.78
CA LEU F 687 -27.59 -29.17 33.97
C LEU F 687 -28.44 -29.22 35.23
N ALA F 688 -29.70 -28.79 35.14
CA ALA F 688 -30.59 -28.85 36.30
C ALA F 688 -30.87 -30.29 36.71
N LYS F 689 -31.10 -31.17 35.72
CA LYS F 689 -31.32 -32.58 36.04
C LYS F 689 -30.07 -33.18 36.68
N VAL F 690 -28.89 -32.85 36.16
CA VAL F 690 -27.66 -33.37 36.75
C VAL F 690 -27.51 -32.87 38.18
N HIS F 691 -27.76 -31.58 38.42
CA HIS F 691 -27.63 -31.02 39.76
C HIS F 691 -28.61 -31.65 40.73
N LYS F 692 -29.86 -31.84 40.31
CA LYS F 692 -30.85 -32.48 41.18
C LYS F 692 -30.46 -33.92 41.48
N ILE F 693 -30.00 -34.66 40.46
CA ILE F 693 -29.55 -36.02 40.68
C ILE F 693 -28.28 -36.02 41.54
N ASP F 694 -27.37 -35.09 41.27
CA ASP F 694 -26.09 -34.99 41.96
C ASP F 694 -25.31 -36.30 41.82
N PRO F 695 -24.84 -36.64 40.63
CA PRO F 695 -24.13 -37.91 40.44
C PRO F 695 -22.72 -37.85 41.00
N ASP F 696 -22.10 -39.02 41.07
CA ASP F 696 -20.73 -39.15 41.55
C ASP F 696 -19.81 -39.77 40.53
N ILE F 697 -20.28 -40.78 39.78
CA ILE F 697 -19.50 -41.44 38.74
C ILE F 697 -20.20 -41.19 37.42
N ILE F 698 -19.49 -40.59 36.47
CA ILE F 698 -20.01 -40.33 35.13
C ILE F 698 -19.15 -41.08 34.12
N VAL F 699 -19.81 -41.60 33.08
CA VAL F 699 -19.17 -42.47 32.11
C VAL F 699 -19.67 -42.13 30.72
N GLY F 700 -18.86 -42.51 29.72
CA GLY F 700 -19.23 -42.25 28.34
C GLY F 700 -18.13 -42.72 27.41
N HIS F 701 -18.28 -42.35 26.14
CA HIS F 701 -17.36 -42.76 25.09
C HIS F 701 -16.56 -41.55 24.62
N ASN F 702 -15.23 -41.62 24.77
CA ASN F 702 -14.32 -40.58 24.29
C ASN F 702 -14.70 -39.21 24.84
N ILE F 703 -15.09 -39.18 26.13
CA ILE F 703 -15.59 -37.94 26.71
C ILE F 703 -14.50 -36.88 26.73
N TYR F 704 -13.32 -37.22 27.25
CA TYR F 704 -12.21 -36.27 27.31
C TYR F 704 -11.79 -35.82 25.91
N GLY F 705 -11.73 -36.75 24.96
CA GLY F 705 -11.24 -36.40 23.64
C GLY F 705 -12.11 -35.38 22.94
N PHE F 706 -13.41 -35.62 22.90
CA PHE F 706 -14.32 -34.75 22.17
C PHE F 706 -15.43 -34.16 23.03
N GLU F 707 -16.12 -35.00 23.81
CA GLU F 707 -17.41 -34.61 24.37
C GLU F 707 -17.27 -33.53 25.43
N LEU F 708 -16.22 -33.63 26.27
CA LEU F 708 -16.07 -32.67 27.36
C LEU F 708 -15.89 -31.26 26.82
N GLU F 709 -14.96 -31.09 25.87
CA GLU F 709 -14.72 -29.75 25.34
C GLU F 709 -15.86 -29.30 24.44
N VAL F 710 -16.56 -30.22 23.76
CA VAL F 710 -17.73 -29.81 23.00
C VAL F 710 -18.80 -29.25 23.92
N LEU F 711 -19.05 -29.94 25.05
CA LEU F 711 -20.03 -29.45 26.01
C LEU F 711 -19.61 -28.10 26.58
N LEU F 712 -18.32 -27.95 26.92
CA LEU F 712 -17.86 -26.68 27.46
C LEU F 712 -18.01 -25.54 26.46
N GLN F 713 -17.65 -25.79 25.20
CA GLN F 713 -17.80 -24.76 24.18
C GLN F 713 -19.27 -24.40 23.96
N ARG F 714 -20.15 -25.41 23.96
CA ARG F 714 -21.57 -25.12 23.79
C ARG F 714 -22.11 -24.31 24.96
N ILE F 715 -21.67 -24.64 26.17
CA ILE F 715 -22.11 -23.88 27.34
C ILE F 715 -21.64 -22.44 27.24
N ASN F 716 -20.37 -22.24 26.88
CA ASN F 716 -19.83 -20.88 26.80
C ASN F 716 -20.52 -20.07 25.71
N VAL F 717 -20.74 -20.67 24.54
CA VAL F 717 -21.36 -19.94 23.45
C VAL F 717 -22.81 -19.59 23.78
N CYS F 718 -23.56 -20.55 24.33
CA CYS F 718 -24.95 -20.30 24.68
C CYS F 718 -25.08 -19.45 25.94
N LYS F 719 -23.98 -19.19 26.64
CA LYS F 719 -24.00 -18.39 27.87
C LYS F 719 -24.97 -18.95 28.90
N ALA F 720 -24.93 -20.27 29.08
CA ALA F 720 -25.80 -20.90 30.07
C ALA F 720 -25.42 -20.45 31.46
N PRO F 721 -26.35 -19.94 32.25
CA PRO F 721 -26.01 -19.43 33.59
C PRO F 721 -25.56 -20.56 34.52
N HIS F 722 -24.63 -20.22 35.40
CA HIS F 722 -24.12 -21.13 36.43
C HIS F 722 -23.60 -22.42 35.80
N TRP F 723 -22.55 -22.28 35.00
CA TRP F 723 -21.93 -23.44 34.36
C TRP F 723 -21.33 -24.40 35.38
N SER F 724 -21.01 -23.92 36.58
CA SER F 724 -20.31 -24.73 37.57
C SER F 724 -21.15 -25.88 38.10
N LYS F 725 -22.45 -25.91 37.82
CA LYS F 725 -23.31 -26.95 38.36
C LYS F 725 -22.96 -28.34 37.86
N ILE F 726 -22.17 -28.44 36.78
CA ILE F 726 -21.74 -29.76 36.31
C ILE F 726 -20.85 -30.43 37.34
N GLY F 727 -19.93 -29.68 37.95
CA GLY F 727 -19.08 -30.20 39.00
C GLY F 727 -19.74 -30.10 40.36
N ARG F 728 -18.99 -29.64 41.36
CA ARG F 728 -19.52 -29.46 42.71
C ARG F 728 -19.19 -28.12 43.34
N LEU F 729 -18.15 -27.43 42.89
CA LEU F 729 -17.79 -26.13 43.44
C LEU F 729 -18.48 -25.02 42.65
N LYS F 730 -18.89 -23.97 43.35
CA LYS F 730 -19.51 -22.81 42.71
C LYS F 730 -18.42 -21.89 42.20
N ARG F 731 -18.25 -21.84 40.88
CA ARG F 731 -17.20 -21.05 40.26
C ARG F 731 -17.77 -20.37 39.02
N SER F 732 -17.06 -19.32 38.56
CA SER F 732 -17.46 -18.61 37.36
C SER F 732 -16.29 -18.49 36.39
N ASN F 733 -15.07 -18.45 36.91
CA ASN F 733 -13.87 -18.30 36.09
C ASN F 733 -13.48 -19.67 35.55
N MET F 734 -14.10 -20.04 34.43
CA MET F 734 -13.80 -21.32 33.81
C MET F 734 -12.38 -21.31 33.24
N PRO F 735 -11.66 -22.43 33.33
CA PRO F 735 -10.29 -22.47 32.81
C PRO F 735 -10.27 -22.40 31.29
N LYS F 736 -9.17 -21.85 30.77
CA LYS F 736 -9.00 -21.67 29.33
C LYS F 736 -9.09 -23.01 28.60
N LEU F 737 -10.13 -23.19 27.81
CA LEU F 737 -10.31 -24.43 27.06
C LEU F 737 -9.36 -24.44 25.85
N GLY F 738 -9.40 -25.53 25.11
CA GLY F 738 -8.56 -25.68 23.94
C GLY F 738 -7.13 -26.09 24.22
N GLY F 739 -6.78 -26.33 25.48
CA GLY F 739 -5.46 -26.80 25.81
C GLY F 739 -5.14 -28.13 25.17
N ARG F 740 -3.98 -28.21 24.52
CA ARG F 740 -3.62 -29.44 23.81
C ARG F 740 -3.46 -30.60 24.78
N SER F 741 -2.86 -30.36 25.94
CA SER F 741 -2.75 -31.38 26.97
C SER F 741 -4.07 -31.62 27.70
N GLY F 742 -5.02 -30.68 27.60
CA GLY F 742 -6.30 -30.84 28.26
C GLY F 742 -6.29 -30.65 29.76
N PHE F 743 -5.30 -29.92 30.29
CA PHE F 743 -5.20 -29.74 31.73
C PHE F 743 -6.41 -28.99 32.28
N GLY F 744 -6.84 -27.94 31.60
CA GLY F 744 -8.02 -27.21 32.04
C GLY F 744 -9.28 -28.06 32.01
N GLU F 745 -9.37 -28.99 31.06
CA GLU F 745 -10.53 -29.87 30.97
C GLU F 745 -10.67 -30.72 32.24
N ARG F 746 -9.58 -31.31 32.71
CA ARG F 746 -9.65 -32.11 33.92
C ARG F 746 -9.77 -31.23 35.16
N ASN F 747 -9.19 -30.02 35.13
CA ASN F 747 -9.32 -29.12 36.25
C ASN F 747 -10.77 -28.70 36.47
N ALA F 748 -11.48 -28.39 35.39
CA ALA F 748 -12.85 -27.92 35.52
C ALA F 748 -13.79 -29.01 36.02
N THR F 749 -13.46 -30.28 35.77
CA THR F 749 -14.33 -31.40 36.10
C THR F 749 -14.14 -31.89 37.54
N CYS F 750 -13.61 -31.04 38.42
CA CYS F 750 -13.39 -31.44 39.80
C CYS F 750 -14.70 -31.66 40.52
N GLY F 751 -14.67 -32.56 41.51
CA GLY F 751 -15.81 -32.84 42.35
C GLY F 751 -16.54 -34.14 42.03
N ARG F 752 -16.29 -34.73 40.86
CA ARG F 752 -16.99 -35.93 40.46
C ARG F 752 -16.01 -36.87 39.74
N MET F 753 -16.39 -38.14 39.66
CA MET F 753 -15.57 -39.16 39.02
C MET F 753 -15.99 -39.33 37.57
N ILE F 754 -15.02 -39.24 36.67
CA ILE F 754 -15.26 -39.33 35.24
C ILE F 754 -14.48 -40.52 34.69
N CYS F 755 -15.17 -41.39 33.95
CA CYS F 755 -14.55 -42.58 33.39
C CYS F 755 -14.83 -42.63 31.89
N ASP F 756 -13.83 -43.04 31.12
CA ASP F 756 -13.94 -43.18 29.68
C ASP F 756 -13.81 -44.65 29.30
N VAL F 757 -14.74 -45.11 28.46
CA VAL F 757 -14.76 -46.53 28.10
C VAL F 757 -13.55 -46.89 27.24
N GLU F 758 -13.06 -45.96 26.42
CA GLU F 758 -11.97 -46.27 25.50
C GLU F 758 -10.69 -46.61 26.26
N ILE F 759 -10.31 -45.77 27.22
CA ILE F 759 -9.10 -46.02 27.99
C ILE F 759 -9.24 -47.27 28.84
N SER F 760 -10.42 -47.50 29.41
CA SER F 760 -10.66 -48.71 30.19
C SER F 760 -10.50 -49.96 29.33
N ALA F 761 -11.07 -49.95 28.13
CA ALA F 761 -10.92 -51.10 27.23
C ALA F 761 -9.47 -51.28 26.81
N LYS F 762 -8.76 -50.18 26.55
CA LYS F 762 -7.35 -50.27 26.17
C LYS F 762 -6.51 -50.89 27.28
N GLU F 763 -6.77 -50.50 28.53
CA GLU F 763 -5.99 -50.99 29.66
C GLU F 763 -6.47 -52.32 30.19
N LEU F 764 -7.64 -52.81 29.77
CA LEU F 764 -8.15 -54.08 30.26
C LEU F 764 -7.74 -55.25 29.35
N ILE F 765 -8.18 -55.22 28.09
CA ILE F 765 -7.92 -56.30 27.15
C ILE F 765 -7.45 -55.70 25.83
N ARG F 766 -7.23 -56.57 24.85
CA ARG F 766 -6.82 -56.18 23.51
C ARG F 766 -7.96 -56.43 22.54
N CYS F 767 -8.23 -55.46 21.67
CA CYS F 767 -9.34 -55.53 20.74
C CYS F 767 -8.85 -55.21 19.34
N LYS F 768 -9.65 -55.64 18.34
CA LYS F 768 -9.29 -55.38 16.95
C LYS F 768 -9.25 -53.89 16.66
N SER F 769 -10.24 -53.14 17.16
CA SER F 769 -10.24 -51.69 17.00
C SER F 769 -11.02 -51.07 18.16
N TYR F 770 -10.76 -49.79 18.39
CA TYR F 770 -11.34 -49.06 19.51
C TYR F 770 -12.71 -48.47 19.20
N HIS F 771 -13.21 -48.64 17.99
CA HIS F 771 -14.52 -48.10 17.64
C HIS F 771 -15.61 -48.77 18.47
N LEU F 772 -16.65 -47.99 18.79
CA LEU F 772 -17.70 -48.47 19.68
C LEU F 772 -18.42 -49.69 19.09
N SER F 773 -18.69 -49.66 17.79
CA SER F 773 -19.35 -50.80 17.15
C SER F 773 -18.49 -52.05 17.25
N GLU F 774 -17.17 -51.91 17.12
CA GLU F 774 -16.29 -53.06 17.26
C GLU F 774 -16.35 -53.64 18.67
N LEU F 775 -16.38 -52.77 19.68
CA LEU F 775 -16.49 -53.25 21.06
C LEU F 775 -17.81 -53.96 21.29
N VAL F 776 -18.91 -53.41 20.75
CA VAL F 776 -20.21 -54.05 20.89
C VAL F 776 -20.21 -55.41 20.21
N GLN F 777 -19.59 -55.50 19.03
CA GLN F 777 -19.49 -56.79 18.35
C GLN F 777 -18.66 -57.78 19.16
N GLN F 778 -17.57 -57.30 19.78
CA GLN F 778 -16.73 -58.18 20.59
C GLN F 778 -17.39 -58.61 21.88
N ILE F 779 -18.38 -57.85 22.37
CA ILE F 779 -19.05 -58.15 23.64
C ILE F 779 -20.51 -58.53 23.43
N LEU F 780 -21.31 -57.61 22.88
CA LEU F 780 -22.74 -57.85 22.73
C LEU F 780 -23.11 -58.46 21.38
N LYS F 781 -22.20 -58.41 20.39
CA LYS F 781 -22.46 -58.95 19.05
C LYS F 781 -23.71 -58.30 18.44
N THR F 782 -23.86 -57.00 18.64
CA THR F 782 -25.02 -56.25 18.17
C THR F 782 -24.57 -55.16 17.19
N GLU F 783 -25.31 -55.03 16.10
CA GLU F 783 -25.01 -54.02 15.10
C GLU F 783 -25.33 -52.62 15.65
N ARG F 784 -24.48 -51.66 15.32
CA ARG F 784 -24.66 -50.27 15.72
C ARG F 784 -24.73 -49.41 14.47
N VAL F 785 -25.74 -48.53 14.41
CA VAL F 785 -26.01 -47.73 13.23
C VAL F 785 -25.23 -46.42 13.33
N VAL F 786 -24.52 -46.07 12.26
CA VAL F 786 -23.84 -44.79 12.13
C VAL F 786 -24.61 -43.96 11.11
N ILE F 787 -25.17 -42.85 11.55
CA ILE F 787 -26.07 -42.03 10.74
C ILE F 787 -25.33 -40.75 10.35
N PRO F 788 -24.98 -40.57 9.08
CA PRO F 788 -24.38 -39.30 8.65
C PRO F 788 -25.41 -38.19 8.59
N MET F 789 -24.92 -36.97 8.35
CA MET F 789 -25.79 -35.80 8.36
C MET F 789 -26.82 -35.82 7.24
N GLU F 790 -26.58 -36.56 6.16
CA GLU F 790 -27.54 -36.61 5.07
C GLU F 790 -28.88 -37.15 5.55
N ASN F 791 -28.87 -38.19 6.37
CA ASN F 791 -30.11 -38.69 6.97
C ASN F 791 -30.59 -37.80 8.12
N ILE F 792 -29.66 -37.14 8.81
CA ILE F 792 -30.04 -36.31 9.96
C ILE F 792 -30.86 -35.11 9.51
N GLN F 793 -30.49 -34.50 8.39
CA GLN F 793 -31.18 -33.29 7.94
C GLN F 793 -32.66 -33.56 7.65
N ASN F 794 -32.95 -34.66 6.98
CA ASN F 794 -34.33 -35.05 6.69
C ASN F 794 -34.93 -35.91 7.79
N MET F 795 -34.17 -36.19 8.85
CA MET F 795 -34.68 -36.99 9.96
C MET F 795 -35.83 -36.28 10.66
N TYR F 796 -35.82 -34.94 10.67
CA TYR F 796 -36.85 -34.09 11.27
C TYR F 796 -38.17 -34.10 10.50
N SER F 797 -38.33 -34.91 9.47
CA SER F 797 -39.55 -34.86 8.66
C SER F 797 -40.77 -35.31 9.45
N GLU F 798 -40.67 -36.45 10.13
CA GLU F 798 -41.81 -37.01 10.84
C GLU F 798 -41.44 -37.27 12.29
N SER F 799 -42.45 -37.17 13.17
CA SER F 799 -42.23 -37.38 14.60
C SER F 799 -41.77 -38.79 14.89
N SER F 800 -42.36 -39.78 14.21
CA SER F 800 -41.98 -41.17 14.46
C SER F 800 -40.51 -41.42 14.15
N GLN F 801 -39.98 -40.73 13.14
CA GLN F 801 -38.56 -40.86 12.82
C GLN F 801 -37.69 -40.33 13.95
N LEU F 802 -38.07 -39.21 14.56
CA LEU F 802 -37.35 -38.71 15.73
C LEU F 802 -37.47 -39.68 16.90
N LEU F 803 -38.65 -40.30 17.07
CA LEU F 803 -38.80 -41.31 18.10
C LEU F 803 -37.85 -42.47 17.86
N TYR F 804 -37.71 -42.91 16.61
CA TYR F 804 -36.77 -43.95 16.27
C TYR F 804 -35.33 -43.54 16.59
N LEU F 805 -34.97 -42.30 16.26
CA LEU F 805 -33.61 -41.83 16.53
C LEU F 805 -33.32 -41.77 18.02
N LEU F 806 -34.27 -41.26 18.82
CA LEU F 806 -34.05 -41.19 20.26
C LEU F 806 -34.04 -42.58 20.88
N GLU F 807 -34.84 -43.50 20.35
CA GLU F 807 -34.76 -44.89 20.80
C GLU F 807 -33.39 -45.48 20.49
N HIS F 808 -32.84 -45.16 19.32
CA HIS F 808 -31.49 -45.59 18.98
C HIS F 808 -30.46 -45.04 19.97
N THR F 809 -30.58 -43.76 20.32
CA THR F 809 -29.65 -43.16 21.28
C THR F 809 -29.77 -43.82 22.65
N TRP F 810 -31.01 -44.05 23.10
CA TRP F 810 -31.22 -44.70 24.39
C TRP F 810 -30.67 -46.13 24.38
N LYS F 811 -30.86 -46.85 23.27
CA LYS F 811 -30.30 -48.19 23.16
C LYS F 811 -28.77 -48.16 23.19
N ASP F 812 -28.16 -47.17 22.54
CA ASP F 812 -26.72 -47.03 22.59
C ASP F 812 -26.24 -46.81 24.02
N ALA F 813 -26.93 -45.93 24.76
CA ALA F 813 -26.56 -45.67 26.14
C ALA F 813 -26.70 -46.94 26.98
N LYS F 814 -27.80 -47.67 26.79
CA LYS F 814 -27.99 -48.92 27.54
C LYS F 814 -26.91 -49.94 27.21
N PHE F 815 -26.53 -50.05 25.93
CA PHE F 815 -25.50 -50.99 25.54
C PHE F 815 -24.15 -50.63 26.17
N ILE F 816 -23.81 -49.34 26.16
CA ILE F 816 -22.55 -48.93 26.77
C ILE F 816 -22.58 -49.19 28.28
N LEU F 817 -23.71 -48.93 28.93
CA LEU F 817 -23.84 -49.22 30.36
C LEU F 817 -23.67 -50.70 30.63
N GLN F 818 -24.29 -51.56 29.82
CA GLN F 818 -24.12 -53.00 30.00
C GLN F 818 -22.67 -53.42 29.78
N ILE F 819 -22.02 -52.84 28.78
CA ILE F 819 -20.63 -53.18 28.48
C ILE F 819 -19.74 -52.83 29.66
N MET F 820 -19.94 -51.65 30.25
CA MET F 820 -19.10 -51.26 31.38
C MET F 820 -19.44 -52.06 32.64
N CYS F 821 -20.72 -52.40 32.84
CA CYS F 821 -21.11 -53.09 34.06
C CYS F 821 -20.62 -54.54 34.05
N GLU F 822 -20.70 -55.21 32.90
CA GLU F 822 -20.17 -56.57 32.82
C GLU F 822 -18.66 -56.57 32.97
N LEU F 823 -17.98 -55.48 32.60
CA LEU F 823 -16.54 -55.40 32.75
C LEU F 823 -16.12 -55.14 34.19
N ASN F 824 -16.98 -54.50 34.98
CA ASN F 824 -16.70 -54.16 36.38
C ASN F 824 -15.40 -53.37 36.51
N VAL F 825 -15.24 -52.37 35.65
CA VAL F 825 -14.03 -51.55 35.66
C VAL F 825 -13.92 -50.76 36.95
N LEU F 826 -15.04 -50.22 37.45
CA LEU F 826 -14.99 -49.38 38.64
C LEU F 826 -14.50 -50.10 39.89
N PRO F 827 -15.00 -51.31 40.23
CA PRO F 827 -14.41 -52.00 41.38
C PRO F 827 -12.93 -52.30 41.21
N LEU F 828 -12.50 -52.63 39.99
CA LEU F 828 -11.09 -52.87 39.74
C LEU F 828 -10.27 -51.61 39.98
N ALA F 829 -10.76 -50.46 39.52
CA ALA F 829 -10.07 -49.20 39.76
C ALA F 829 -10.03 -48.87 41.25
N LEU F 830 -11.11 -49.16 41.97
CA LEU F 830 -11.14 -48.94 43.41
C LEU F 830 -10.09 -49.79 44.11
N GLN F 831 -10.00 -51.06 43.74
CA GLN F 831 -8.99 -51.94 44.33
C GLN F 831 -7.58 -51.46 43.99
N ILE F 832 -7.37 -51.01 42.74
CA ILE F 832 -6.06 -50.49 42.34
C ILE F 832 -5.69 -49.28 43.18
N THR F 833 -6.65 -48.37 43.38
CA THR F 833 -6.39 -47.19 44.20
C THR F 833 -6.10 -47.56 45.63
N ASN F 834 -6.83 -48.53 46.18
CA ASN F 834 -6.57 -48.98 47.55
C ASN F 834 -5.18 -49.56 47.68
N ILE F 835 -4.76 -50.35 46.69
CA ILE F 835 -3.41 -50.93 46.72
C ILE F 835 -2.36 -49.84 46.64
N ALA F 836 -2.51 -48.93 45.67
CA ALA F 836 -1.52 -47.87 45.47
C ALA F 836 -1.63 -46.76 46.51
N GLY F 837 -2.84 -46.47 46.98
CA GLY F 837 -3.03 -45.39 47.92
C GLY F 837 -3.00 -44.00 47.35
N ASN F 838 -3.01 -43.86 46.02
CA ASN F 838 -2.94 -42.56 45.37
C ASN F 838 -4.34 -41.99 45.18
N ILE F 839 -4.45 -40.91 44.40
CA ILE F 839 -5.74 -40.26 44.18
C ILE F 839 -6.62 -41.15 43.31
N MET F 840 -7.89 -41.25 43.71
CA MET F 840 -8.84 -42.09 42.97
C MET F 840 -9.05 -41.59 41.55
N SER F 841 -9.20 -40.27 41.37
CA SER F 841 -9.52 -39.73 40.05
C SER F 841 -8.37 -39.96 39.07
N ARG F 842 -7.13 -39.75 39.52
CA ARG F 842 -5.99 -39.87 38.61
C ARG F 842 -5.83 -41.26 38.04
N THR F 843 -6.37 -42.29 38.72
CA THR F 843 -6.32 -43.64 38.17
C THR F 843 -7.22 -43.78 36.95
N LEU F 844 -8.33 -43.05 36.91
CA LEU F 844 -9.30 -43.19 35.83
C LEU F 844 -8.75 -42.75 34.48
N MET F 845 -7.71 -41.91 34.47
CA MET F 845 -7.10 -41.47 33.22
C MET F 845 -5.98 -42.40 32.75
N GLY F 846 -5.76 -43.52 33.43
CA GLY F 846 -4.71 -44.42 33.03
C GLY F 846 -3.31 -43.94 33.35
N GLY F 847 -3.16 -43.07 34.33
CA GLY F 847 -1.86 -42.54 34.68
C GLY F 847 -1.06 -43.49 35.55
N ARG F 848 -0.51 -44.54 34.92
CA ARG F 848 0.30 -45.49 35.67
C ARG F 848 1.55 -44.83 36.24
N SER F 849 2.14 -43.88 35.52
CA SER F 849 3.30 -43.18 36.02
C SER F 849 2.99 -42.44 37.32
N GLU F 850 1.84 -41.77 37.38
CA GLU F 850 1.46 -41.03 38.59
C GLU F 850 1.24 -41.98 39.77
N ARG F 851 0.54 -43.09 39.55
CA ARG F 851 0.27 -44.01 40.65
C ARG F 851 1.56 -44.66 41.14
N ASN F 852 2.47 -45.03 40.22
CA ASN F 852 3.75 -45.58 40.62
C ASN F 852 4.57 -44.55 41.39
N GLU F 853 4.55 -43.29 40.93
CA GLU F 853 5.26 -42.24 41.63
C GLU F 853 4.73 -42.04 43.03
N PHE F 854 3.40 -42.07 43.20
CA PHE F 854 2.82 -41.89 44.53
C PHE F 854 3.12 -43.08 45.43
N LEU F 855 3.14 -44.29 44.86
CA LEU F 855 3.54 -45.46 45.65
C LEU F 855 4.98 -45.34 46.12
N LEU F 856 5.88 -44.88 45.23
CA LEU F 856 7.26 -44.65 45.62
C LEU F 856 7.35 -43.58 46.70
N LEU F 857 6.54 -42.53 46.58
CA LEU F 857 6.50 -41.48 47.59
C LEU F 857 6.09 -42.04 48.95
N HIS F 858 5.05 -42.87 48.98
CA HIS F 858 4.64 -43.49 50.23
C HIS F 858 5.75 -44.35 50.80
N ALA F 859 6.38 -45.18 49.96
CA ALA F 859 7.43 -46.07 50.43
C ALA F 859 8.60 -45.30 51.00
N PHE F 860 9.03 -44.22 50.33
CA PHE F 860 10.19 -43.48 50.78
C PHE F 860 9.89 -42.59 51.98
N TYR F 861 8.67 -42.05 52.08
CA TYR F 861 8.30 -41.31 53.29
C TYR F 861 8.19 -42.24 54.48
N GLU F 862 7.72 -43.47 54.29
CA GLU F 862 7.72 -44.43 55.38
C GLU F 862 9.14 -44.84 55.79
N ASN F 863 10.14 -44.55 54.96
CA ASN F 863 11.54 -44.81 55.29
C ASN F 863 12.32 -43.53 55.55
N ASN F 864 11.63 -42.39 55.70
CA ASN F 864 12.26 -41.10 56.02
C ASN F 864 13.27 -40.70 54.95
N TYR F 865 12.76 -40.47 53.75
CA TYR F 865 13.55 -40.04 52.60
C TYR F 865 13.01 -38.72 52.05
N ILE F 866 13.86 -38.03 51.30
CA ILE F 866 13.50 -36.79 50.62
C ILE F 866 13.45 -37.07 49.12
N VAL F 867 12.36 -36.63 48.48
CA VAL F 867 12.16 -36.85 47.05
C VAL F 867 12.41 -35.54 46.31
N PRO F 868 12.85 -35.59 45.05
CA PRO F 868 13.10 -34.35 44.30
C PRO F 868 11.80 -33.67 43.90
N ASP F 869 11.95 -32.45 43.38
CA ASP F 869 10.81 -31.65 42.96
C ASP F 869 10.37 -32.07 41.55
N LYS F 870 9.38 -31.35 41.02
CA LYS F 870 8.81 -31.63 39.71
C LYS F 870 8.90 -30.39 38.84
N GLN F 871 9.23 -30.61 37.56
CA GLN F 871 9.32 -29.52 36.59
C GLN F 871 7.98 -28.81 36.43
N GLY F 906 14.85 -52.41 23.83
CA GLY F 906 14.27 -53.56 23.16
C GLY F 906 15.15 -54.12 22.06
N LEU F 907 15.45 -55.42 22.15
CA LEU F 907 16.29 -56.10 21.18
C LEU F 907 15.46 -57.12 20.41
N VAL F 908 15.58 -57.12 19.09
CA VAL F 908 14.94 -58.11 18.23
C VAL F 908 15.95 -59.21 17.94
N LEU F 909 15.52 -60.45 18.08
CA LEU F 909 16.40 -61.60 17.86
C LEU F 909 16.44 -61.97 16.39
N ASP F 910 17.60 -62.47 15.96
CA ASP F 910 17.82 -62.91 14.58
C ASP F 910 18.35 -64.33 14.61
N PRO F 911 17.48 -65.31 14.86
CA PRO F 911 17.92 -66.70 14.91
C PRO F 911 17.99 -67.32 13.52
N LYS F 912 18.21 -68.64 13.46
CA LYS F 912 18.28 -69.32 12.18
C LYS F 912 17.01 -69.09 11.38
N VAL F 913 17.18 -68.65 10.14
CA VAL F 913 16.07 -68.25 9.29
C VAL F 913 15.52 -69.46 8.56
N GLY F 914 14.21 -69.66 8.65
CA GLY F 914 13.58 -70.78 7.97
C GLY F 914 12.08 -70.74 8.21
N PHE F 915 11.38 -71.60 7.47
CA PHE F 915 9.93 -71.71 7.57
C PHE F 915 9.58 -73.15 7.89
N TYR F 916 8.74 -73.34 8.90
CA TYR F 916 8.34 -74.68 9.36
C TYR F 916 6.83 -74.73 9.48
N ASP F 917 6.21 -75.62 8.71
CA ASP F 917 4.76 -75.74 8.66
C ASP F 917 4.21 -76.75 9.67
N LYS F 918 5.06 -77.35 10.49
CA LYS F 918 4.61 -78.31 11.49
C LYS F 918 4.23 -77.57 12.78
N PHE F 919 4.04 -78.32 13.86
CA PHE F 919 3.61 -77.73 15.12
C PHE F 919 4.66 -76.77 15.66
N ILE F 920 4.20 -75.64 16.17
CA ILE F 920 5.06 -74.61 16.76
C ILE F 920 4.56 -74.32 18.17
N LEU F 921 5.44 -74.47 19.16
CA LEU F 921 5.11 -74.25 20.56
C LEU F 921 5.66 -72.91 21.01
N LEU F 922 4.77 -72.06 21.53
CA LEU F 922 5.13 -70.69 21.91
C LEU F 922 5.00 -70.51 23.42
N LEU F 923 6.02 -69.89 24.02
CA LEU F 923 6.04 -69.62 25.45
C LEU F 923 6.46 -68.18 25.69
N ASP F 924 6.11 -67.67 26.87
CA ASP F 924 6.45 -66.31 27.25
C ASP F 924 6.75 -66.25 28.74
N PHE F 925 7.84 -65.59 29.10
CA PHE F 925 8.20 -65.44 30.50
C PHE F 925 7.25 -64.48 31.20
N ASN F 926 7.24 -64.56 32.54
CA ASN F 926 6.37 -63.73 33.36
C ASN F 926 7.21 -62.76 34.18
N SER F 927 6.93 -61.47 34.03
CA SER F 927 7.55 -60.42 34.81
C SER F 927 9.08 -60.49 34.74
N LEU F 928 9.60 -60.30 33.52
CA LEU F 928 11.04 -60.38 33.31
C LEU F 928 11.77 -59.29 34.09
N TYR F 929 11.34 -58.03 33.95
CA TYR F 929 11.97 -56.95 34.70
C TYR F 929 11.80 -57.08 36.20
N PRO F 930 10.61 -57.37 36.74
CA PRO F 930 10.53 -57.61 38.19
C PRO F 930 11.38 -58.77 38.67
N SER F 931 11.49 -59.83 37.88
CA SER F 931 12.36 -60.95 38.26
C SER F 931 13.81 -60.53 38.27
N ILE F 932 14.23 -59.73 37.29
CA ILE F 932 15.60 -59.23 37.26
C ILE F 932 15.87 -58.37 38.49
N ILE F 933 14.94 -57.49 38.83
CA ILE F 933 15.11 -56.62 39.99
C ILE F 933 15.20 -57.45 41.27
N GLN F 934 14.32 -58.45 41.41
CA GLN F 934 14.31 -59.28 42.60
C GLN F 934 15.61 -60.07 42.74
N GLU F 935 16.08 -60.67 41.64
CA GLU F 935 17.25 -61.54 41.71
C GLU F 935 18.51 -60.76 42.06
N PHE F 936 18.68 -59.57 41.49
CA PHE F 936 19.91 -58.81 41.63
C PHE F 936 19.77 -57.60 42.55
N ASN F 937 18.61 -57.45 43.21
CA ASN F 937 18.38 -56.37 44.18
C ASN F 937 18.62 -55.01 43.55
N ILE F 938 17.80 -54.69 42.55
CA ILE F 938 17.87 -53.42 41.84
C ILE F 938 17.06 -52.39 42.63
N CYS F 939 17.75 -51.40 43.19
CA CYS F 939 17.08 -50.34 43.95
C CYS F 939 17.99 -49.12 43.97
N PHE F 940 17.37 -47.96 44.19
CA PHE F 940 18.14 -46.72 44.23
C PHE F 940 19.14 -46.71 45.38
N THR F 941 18.73 -47.22 46.54
CA THR F 941 19.59 -47.21 47.71
C THR F 941 20.65 -48.30 47.70
N THR F 942 20.60 -49.22 46.74
CA THR F 942 21.54 -50.33 46.68
C THR F 942 22.35 -50.40 45.41
N VAL F 943 22.19 -49.44 44.49
CA VAL F 943 22.89 -49.44 43.21
C VAL F 943 23.75 -48.18 43.14
N GLN F 944 25.04 -48.35 42.89
CA GLN F 944 25.96 -47.25 42.68
C GLN F 944 26.16 -47.02 41.18
N ARG F 945 26.83 -45.92 40.86
CA ARG F 945 27.01 -45.47 39.49
C ARG F 945 28.48 -45.24 39.18
N VAL F 946 29.32 -46.19 39.55
CA VAL F 946 30.76 -46.12 39.31
C VAL F 946 31.11 -47.29 38.39
N ALA F 947 31.17 -47.03 37.09
CA ALA F 947 31.53 -48.04 36.10
C ALA F 947 31.90 -47.32 34.80
N SER F 948 32.14 -48.09 33.75
CA SER F 948 32.30 -47.55 32.40
C SER F 948 31.68 -48.48 31.37
N GLU F 949 30.47 -48.98 31.65
CA GLU F 949 29.98 -50.12 30.85
C GLU F 949 29.35 -49.67 29.53
N ALA F 950 28.18 -49.04 29.55
CA ALA F 950 27.56 -48.67 28.27
C ALA F 950 26.80 -47.34 28.20
N GLN F 951 26.29 -46.76 29.30
CA GLN F 951 25.22 -45.78 29.19
C GLN F 951 25.60 -44.36 29.66
N LYS F 952 26.02 -44.18 30.90
CA LYS F 952 26.06 -42.85 31.52
C LYS F 952 27.49 -42.32 31.59
N VAL F 953 27.96 -41.76 30.48
CA VAL F 953 29.23 -41.01 30.42
C VAL F 953 29.02 -39.89 29.41
N THR F 954 29.85 -38.84 29.52
CA THR F 954 29.80 -37.73 28.57
C THR F 954 30.13 -38.19 27.15
N GLU F 955 30.08 -37.26 26.20
CA GLU F 955 30.15 -37.58 24.78
C GLU F 955 31.57 -37.94 24.30
N ASP F 956 32.48 -38.27 25.21
CA ASP F 956 33.85 -38.62 24.83
C ASP F 956 33.89 -40.01 24.21
N GLY F 957 33.63 -40.11 22.91
CA GLY F 957 33.70 -41.38 22.22
C GLY F 957 32.44 -42.20 22.36
N GLU F 958 32.46 -43.38 21.75
CA GLU F 958 31.33 -44.30 21.78
C GLU F 958 31.45 -45.30 22.92
N GLN F 959 31.64 -44.79 24.13
CA GLN F 959 31.74 -45.62 25.33
C GLN F 959 31.16 -44.85 26.50
N GLU F 960 30.32 -45.52 27.29
CA GLU F 960 29.61 -44.87 28.39
C GLU F 960 29.48 -45.87 29.54
N GLN F 961 28.64 -45.54 30.53
CA GLN F 961 28.61 -46.24 31.81
C GLN F 961 27.24 -46.84 32.09
N ILE F 962 27.21 -48.17 32.27
CA ILE F 962 26.05 -48.85 32.88
C ILE F 962 26.47 -49.32 34.26
N PRO F 963 25.66 -49.11 35.30
CA PRO F 963 26.01 -49.64 36.62
C PRO F 963 26.09 -51.16 36.59
N GLU F 964 27.06 -51.71 37.32
CA GLU F 964 27.26 -53.14 37.36
C GLU F 964 26.21 -53.77 38.27
N LEU F 965 26.33 -55.08 38.46
CA LEU F 965 25.39 -55.80 39.32
C LEU F 965 25.65 -55.41 40.78
N PRO F 966 24.65 -54.88 41.48
CA PRO F 966 24.85 -54.60 42.91
C PRO F 966 25.07 -55.88 43.69
N ASP F 967 25.86 -55.78 44.75
CA ASP F 967 26.26 -56.95 45.52
C ASP F 967 25.04 -57.56 46.22
N PRO F 968 24.71 -58.82 45.98
CA PRO F 968 23.58 -59.44 46.70
C PRO F 968 23.78 -59.48 48.20
N SER F 969 25.03 -59.54 48.67
CA SER F 969 25.31 -59.55 50.10
C SER F 969 24.99 -58.21 50.77
N LEU F 970 24.78 -57.16 49.99
CA LEU F 970 24.41 -55.87 50.56
C LEU F 970 22.99 -55.93 51.12
N GLU F 971 22.63 -54.89 51.88
CA GLU F 971 21.29 -54.81 52.46
C GLU F 971 20.24 -54.82 51.36
N MET F 972 19.19 -55.62 51.55
CA MET F 972 18.15 -55.77 50.55
C MET F 972 17.42 -54.45 50.37
N GLY F 973 17.07 -54.14 49.12
CA GLY F 973 16.64 -52.81 48.74
C GLY F 973 15.26 -52.45 49.22
N ILE F 974 14.80 -51.29 48.77
CA ILE F 974 13.54 -50.70 49.22
C ILE F 974 12.39 -51.13 48.30
N LEU F 975 12.46 -50.74 47.03
CA LEU F 975 11.42 -51.16 46.09
C LEU F 975 11.32 -52.66 45.91
N PRO F 976 12.41 -53.45 45.89
CA PRO F 976 12.23 -54.90 45.88
C PRO F 976 11.45 -55.41 47.08
N ARG F 977 11.53 -54.73 48.23
CA ARG F 977 10.73 -55.12 49.38
C ARG F 977 9.24 -55.01 49.06
N GLU F 978 8.83 -53.90 48.43
CA GLU F 978 7.42 -53.73 48.10
C GLU F 978 6.97 -54.70 47.02
N ILE F 979 7.81 -54.95 46.01
CA ILE F 979 7.39 -55.89 44.97
C ILE F 979 7.34 -57.31 45.54
N ARG F 980 8.22 -57.64 46.47
CA ARG F 980 8.15 -58.95 47.14
C ARG F 980 6.91 -59.05 48.01
N LYS F 981 6.52 -57.95 48.66
CA LYS F 981 5.27 -57.95 49.41
C LYS F 981 4.09 -58.19 48.49
N LEU F 982 4.09 -57.57 47.31
CA LEU F 982 3.03 -57.78 46.33
C LEU F 982 3.01 -59.24 45.88
N VAL F 983 4.18 -59.82 45.63
CA VAL F 983 4.25 -61.23 45.23
C VAL F 983 3.72 -62.14 46.32
N GLU F 984 4.07 -61.84 47.57
CA GLU F 984 3.55 -62.62 48.70
C GLU F 984 2.03 -62.53 48.80
N ARG F 985 1.49 -61.32 48.62
CA ARG F 985 0.04 -61.16 48.68
C ARG F 985 -0.64 -61.90 47.53
N ARG F 986 -0.04 -61.88 46.34
CA ARG F 986 -0.57 -62.63 45.22
C ARG F 986 -0.56 -64.13 45.50
N LYS F 987 0.53 -64.62 46.10
CA LYS F 987 0.62 -66.03 46.45
C LYS F 987 -0.44 -66.41 47.49
N GLN F 988 -0.64 -65.53 48.48
CA GLN F 988 -1.69 -65.78 49.47
C GLN F 988 -3.07 -65.81 48.82
N VAL F 989 -3.31 -64.90 47.87
CA VAL F 989 -4.60 -64.88 47.17
C VAL F 989 -4.81 -66.17 46.38
N LYS F 990 -3.77 -66.60 45.64
CA LYS F 990 -3.89 -67.81 44.84
C LYS F 990 -3.94 -69.06 45.70
N GLN F 991 -3.48 -68.99 46.95
CA GLN F 991 -3.74 -70.07 47.89
C GLN F 991 -5.16 -70.01 48.42
N LEU F 992 -5.72 -68.81 48.58
CA LEU F 992 -7.07 -68.66 49.12
C LEU F 992 -8.12 -69.12 48.13
N MET F 993 -7.94 -68.84 46.84
CA MET F 993 -9.00 -69.11 45.88
C MET F 993 -9.24 -70.60 45.67
N LYS F 994 -8.23 -71.44 45.92
CA LYS F 994 -8.39 -72.88 45.71
C LYS F 994 -9.42 -73.50 46.66
N GLN F 995 -9.70 -72.85 47.78
CA GLN F 995 -10.71 -73.36 48.71
C GLN F 995 -12.11 -73.19 48.11
N GLN F 996 -12.97 -74.16 48.37
CA GLN F 996 -14.30 -74.20 47.78
C GLN F 996 -15.34 -73.74 48.79
N ASP F 997 -16.60 -73.68 48.34
CA ASP F 997 -17.74 -73.22 49.14
C ASP F 997 -17.56 -71.76 49.58
N LEU F 998 -17.46 -70.89 48.58
CA LEU F 998 -17.41 -69.44 48.81
C LEU F 998 -18.43 -68.77 47.91
N ASN F 999 -18.82 -67.55 48.31
CA ASN F 999 -19.75 -66.77 47.51
C ASN F 999 -19.07 -66.36 46.20
N PRO F 1000 -19.79 -66.39 45.07
CA PRO F 1000 -19.17 -66.00 43.80
C PRO F 1000 -18.62 -64.59 43.78
N ASP F 1001 -19.26 -63.65 44.49
CA ASP F 1001 -18.74 -62.29 44.54
C ASP F 1001 -17.38 -62.25 45.22
N LEU F 1002 -17.16 -63.08 46.23
CA LEU F 1002 -15.85 -63.16 46.85
C LEU F 1002 -14.80 -63.67 45.87
N ILE F 1003 -15.17 -64.66 45.05
CA ILE F 1003 -14.24 -65.16 44.04
C ILE F 1003 -13.91 -64.07 43.03
N LEU F 1004 -14.92 -63.30 42.61
CA LEU F 1004 -14.68 -62.19 41.69
C LEU F 1004 -13.77 -61.14 42.32
N GLN F 1005 -13.97 -60.84 43.60
CA GLN F 1005 -13.10 -59.90 44.29
C GLN F 1005 -11.66 -60.40 44.33
N TYR F 1006 -11.47 -61.70 44.60
CA TYR F 1006 -10.13 -62.25 44.61
C TYR F 1006 -9.49 -62.16 43.22
N ASP F 1007 -10.26 -62.46 42.18
CA ASP F 1007 -9.72 -62.43 40.82
C ASP F 1007 -9.33 -61.01 40.43
N ILE F 1008 -10.19 -60.04 40.70
CA ILE F 1008 -9.85 -58.66 40.36
C ILE F 1008 -8.70 -58.17 41.22
N ARG F 1009 -8.59 -58.64 42.46
CA ARG F 1009 -7.47 -58.25 43.32
C ARG F 1009 -6.15 -58.75 42.75
N GLN F 1010 -6.14 -60.02 42.34
CA GLN F 1010 -4.89 -60.59 41.78
C GLN F 1010 -4.55 -59.81 40.51
N LYS F 1011 -5.54 -59.63 39.64
CA LYS F 1011 -5.27 -58.93 38.40
C LYS F 1011 -4.74 -57.53 38.66
N ALA F 1012 -5.27 -56.84 39.66
CA ALA F 1012 -4.74 -55.53 40.04
C ALA F 1012 -3.28 -55.66 40.49
N LEU F 1013 -2.98 -56.73 41.24
CA LEU F 1013 -1.61 -56.95 41.66
C LEU F 1013 -0.68 -57.19 40.47
N LYS F 1014 -1.13 -57.96 39.48
CA LYS F 1014 -0.29 -58.22 38.32
C LYS F 1014 -0.09 -56.97 37.48
N LEU F 1015 -1.13 -56.13 37.34
CA LEU F 1015 -0.97 -54.86 36.65
C LEU F 1015 -0.03 -53.94 37.41
N THR F 1016 -0.09 -53.95 38.74
CA THR F 1016 0.85 -53.16 39.53
C THR F 1016 2.28 -53.64 39.32
N ALA F 1017 2.48 -54.96 39.29
CA ALA F 1017 3.80 -55.51 39.01
C ALA F 1017 4.29 -55.09 37.63
N ASN F 1018 3.40 -55.09 36.64
CA ASN F 1018 3.77 -54.62 35.31
C ASN F 1018 4.17 -53.15 35.34
N SER F 1019 3.41 -52.33 36.07
CA SER F 1019 3.70 -50.90 36.13
C SER F 1019 4.95 -50.58 36.94
N MET F 1020 5.42 -51.52 37.77
CA MET F 1020 6.67 -51.30 38.49
C MET F 1020 7.81 -50.95 37.54
N TYR F 1021 7.95 -51.70 36.44
CA TYR F 1021 9.00 -51.38 35.48
C TYR F 1021 8.74 -50.06 34.78
N GLY F 1022 7.49 -49.82 34.35
CA GLY F 1022 7.15 -48.59 33.67
C GLY F 1022 7.32 -47.35 34.53
N CYS F 1023 7.39 -47.54 35.85
CA CYS F 1023 7.65 -46.40 36.73
C CYS F 1023 8.94 -45.69 36.35
N LEU F 1024 10.00 -46.45 36.03
CA LEU F 1024 11.27 -45.87 35.62
C LEU F 1024 11.52 -45.98 34.12
N GLY F 1025 10.80 -46.85 33.42
CA GLY F 1025 10.97 -46.96 31.98
C GLY F 1025 10.52 -45.70 31.25
N PHE F 1026 9.40 -45.13 31.66
CA PHE F 1026 8.89 -43.91 31.02
C PHE F 1026 9.82 -42.74 31.27
N SER F 1027 10.08 -41.96 30.22
CA SER F 1027 11.02 -40.85 30.33
C SER F 1027 10.50 -39.77 31.27
N TYR F 1028 9.20 -39.50 31.24
CA TYR F 1028 8.60 -38.41 32.01
C TYR F 1028 8.50 -38.70 33.50
N SER F 1029 9.11 -39.76 34.01
CA SER F 1029 9.06 -40.05 35.44
C SER F 1029 9.77 -38.97 36.24
N ARG F 1030 9.17 -38.59 37.38
CA ARG F 1030 9.82 -37.63 38.27
C ARG F 1030 11.13 -38.18 38.81
N PHE F 1031 11.15 -39.46 39.18
CA PHE F 1031 12.35 -40.12 39.69
C PHE F 1031 13.02 -40.97 38.61
N TYR F 1032 13.00 -40.48 37.37
CA TYR F 1032 13.60 -41.21 36.26
C TYR F 1032 15.08 -41.43 36.51
N ALA F 1033 15.53 -42.67 36.31
CA ALA F 1033 16.92 -43.05 36.52
C ALA F 1033 17.38 -43.88 35.33
N LYS F 1034 18.08 -43.22 34.39
CA LYS F 1034 18.59 -43.92 33.22
C LYS F 1034 19.53 -45.08 33.55
N PRO F 1035 20.46 -44.98 34.51
CA PRO F 1035 21.32 -46.15 34.79
C PRO F 1035 20.55 -47.40 35.15
N LEU F 1036 19.46 -47.29 35.93
CA LEU F 1036 18.69 -48.47 36.30
C LEU F 1036 18.01 -49.09 35.08
N ALA F 1037 17.45 -48.25 34.21
CA ALA F 1037 16.82 -48.76 32.99
C ALA F 1037 17.85 -49.43 32.09
N ALA F 1038 19.03 -48.84 31.96
CA ALA F 1038 20.08 -49.44 31.13
C ALA F 1038 20.52 -50.78 31.70
N LEU F 1039 20.68 -50.86 33.03
CA LEU F 1039 21.03 -52.13 33.65
C LEU F 1039 19.94 -53.18 33.44
N VAL F 1040 18.68 -52.76 33.54
CA VAL F 1040 17.57 -53.69 33.33
C VAL F 1040 17.59 -54.21 31.89
N THR F 1041 17.81 -53.32 30.92
CA THR F 1041 17.87 -53.76 29.53
C THR F 1041 19.03 -54.72 29.29
N TYR F 1042 20.20 -54.40 29.86
CA TYR F 1042 21.36 -55.28 29.68
C TYR F 1042 21.11 -56.66 30.30
N LYS F 1043 20.52 -56.69 31.49
CA LYS F 1043 20.22 -57.97 32.12
C LYS F 1043 19.17 -58.75 31.34
N GLY F 1044 18.17 -58.06 30.81
CA GLY F 1044 17.18 -58.74 29.99
C GLY F 1044 17.78 -59.34 28.72
N ARG F 1045 18.66 -58.60 28.06
CA ARG F 1045 19.33 -59.12 26.87
C ARG F 1045 20.22 -60.31 27.23
N GLU F 1046 20.94 -60.23 28.34
CA GLU F 1046 21.78 -61.34 28.77
C GLU F 1046 20.95 -62.59 29.07
N ILE F 1047 19.82 -62.41 29.76
CA ILE F 1047 18.96 -63.54 30.06
C ILE F 1047 18.37 -64.14 28.78
N LEU F 1048 17.98 -63.27 27.84
CA LEU F 1048 17.44 -63.75 26.57
C LEU F 1048 18.47 -64.59 25.81
N MET F 1049 19.71 -64.08 25.71
CA MET F 1049 20.73 -64.82 24.98
C MET F 1049 21.08 -66.13 25.68
N HIS F 1050 21.18 -66.11 27.01
CA HIS F 1050 21.46 -67.34 27.75
C HIS F 1050 20.35 -68.37 27.53
N THR F 1051 19.09 -67.93 27.61
CA THR F 1051 17.98 -68.85 27.43
C THR F 1051 17.95 -69.42 26.03
N LYS F 1052 18.16 -68.59 25.02
CA LYS F 1052 18.19 -69.08 23.65
C LYS F 1052 19.31 -70.09 23.44
N GLU F 1053 20.50 -69.79 23.96
CA GLU F 1053 21.61 -70.71 23.78
C GLU F 1053 21.37 -72.04 24.48
N MET F 1054 20.89 -72.00 25.73
CA MET F 1054 20.69 -73.27 26.45
C MET F 1054 19.52 -74.06 25.89
N VAL F 1055 18.54 -73.38 25.30
CA VAL F 1055 17.44 -74.09 24.64
C VAL F 1055 17.95 -74.75 23.36
N GLN F 1056 18.74 -74.03 22.57
CA GLN F 1056 19.24 -74.58 21.32
C GLN F 1056 20.31 -75.65 21.54
N LYS F 1057 20.92 -75.70 22.72
CA LYS F 1057 21.88 -76.76 23.02
C LYS F 1057 21.21 -78.12 23.12
N MET F 1058 19.88 -78.16 23.25
CA MET F 1058 19.12 -79.39 23.40
C MET F 1058 18.56 -79.87 22.04
N ASN F 1059 19.18 -79.42 20.95
CA ASN F 1059 18.72 -79.70 19.59
C ASN F 1059 17.29 -79.20 19.38
N LEU F 1060 17.03 -77.98 19.85
CA LEU F 1060 15.75 -77.31 19.68
C LEU F 1060 16.01 -75.95 19.04
N GLU F 1061 15.93 -75.90 17.71
CA GLU F 1061 16.13 -74.63 17.00
C GLU F 1061 15.04 -73.64 17.39
N VAL F 1062 15.46 -72.41 17.68
CA VAL F 1062 14.53 -71.32 17.97
C VAL F 1062 14.29 -70.54 16.69
N ILE F 1063 13.03 -70.39 16.31
CA ILE F 1063 12.70 -69.67 15.08
C ILE F 1063 12.58 -68.17 15.32
N TYR F 1064 12.17 -67.75 16.51
CA TYR F 1064 12.07 -66.34 16.84
C TYR F 1064 12.01 -66.19 18.35
N GLY F 1065 12.38 -65.00 18.81
CA GLY F 1065 12.26 -64.65 20.21
C GLY F 1065 12.26 -63.16 20.38
N ASP F 1066 11.59 -62.68 21.43
CA ASP F 1066 11.48 -61.24 21.66
C ASP F 1066 11.44 -61.01 23.17
N THR F 1067 12.59 -60.60 23.72
CA THR F 1067 12.70 -60.19 25.12
C THR F 1067 12.38 -61.32 26.07
N ASP F 1068 11.10 -61.70 26.14
CA ASP F 1068 10.67 -62.80 26.99
C ASP F 1068 9.69 -63.75 26.32
N SER F 1069 9.11 -63.41 25.18
CA SER F 1069 8.20 -64.29 24.45
C SER F 1069 8.99 -64.98 23.36
N ILE F 1070 9.23 -66.28 23.54
CA ILE F 1070 10.05 -67.06 22.62
C ILE F 1070 9.31 -68.36 22.29
N MET F 1071 9.27 -68.71 21.02
CA MET F 1071 8.71 -69.98 20.57
C MET F 1071 9.83 -70.84 20.01
N ILE F 1072 9.72 -72.15 20.22
CA ILE F 1072 10.76 -73.11 19.85
C ILE F 1072 10.19 -74.04 18.78
N ASN F 1073 10.93 -74.18 17.68
CA ASN F 1073 10.52 -75.09 16.61
C ASN F 1073 10.48 -76.53 17.13
N THR F 1074 9.40 -77.23 16.81
CA THR F 1074 9.21 -78.61 17.24
C THR F 1074 9.23 -79.61 16.10
N ASN F 1075 8.66 -79.26 14.94
CA ASN F 1075 8.63 -80.14 13.77
C ASN F 1075 7.96 -81.48 14.09
N SER F 1076 6.92 -81.44 14.92
CA SER F 1076 6.19 -82.62 15.33
C SER F 1076 4.71 -82.45 15.01
N THR F 1077 3.94 -83.48 15.31
CA THR F 1077 2.49 -83.46 15.12
C THR F 1077 1.71 -83.83 16.37
N ASN F 1078 2.22 -84.76 17.16
CA ASN F 1078 1.51 -85.17 18.38
C ASN F 1078 1.55 -84.06 19.42
N LEU F 1079 0.39 -83.80 20.04
CA LEU F 1079 0.32 -82.74 21.04
C LEU F 1079 0.96 -83.15 22.35
N GLU F 1080 0.97 -84.44 22.67
CA GLU F 1080 1.59 -84.90 23.90
C GLU F 1080 3.09 -84.61 23.90
N GLU F 1081 3.75 -84.81 22.76
CA GLU F 1081 5.16 -84.47 22.65
C GLU F 1081 5.38 -82.98 22.86
N VAL F 1082 4.50 -82.14 22.31
CA VAL F 1082 4.62 -80.70 22.49
C VAL F 1082 4.49 -80.34 23.97
N PHE F 1083 3.50 -80.91 24.65
CA PHE F 1083 3.31 -80.63 26.07
C PHE F 1083 4.51 -81.06 26.90
N LYS F 1084 5.02 -82.27 26.64
CA LYS F 1084 6.17 -82.77 27.39
C LYS F 1084 7.41 -81.93 27.12
N LEU F 1085 7.63 -81.54 25.87
CA LEU F 1085 8.77 -80.70 25.53
C LEU F 1085 8.66 -79.34 26.20
N GLY F 1086 7.46 -78.76 26.23
CA GLY F 1086 7.27 -77.50 26.94
C GLY F 1086 7.55 -77.62 28.42
N ASN F 1087 7.07 -78.70 29.04
CA ASN F 1087 7.35 -78.92 30.47
C ASN F 1087 8.85 -79.08 30.70
N LYS F 1088 9.53 -79.81 29.83
CA LYS F 1088 10.98 -79.97 29.97
C LYS F 1088 11.70 -78.63 29.82
N VAL F 1089 11.26 -77.80 28.89
CA VAL F 1089 11.86 -76.47 28.72
C VAL F 1089 11.64 -75.64 29.97
N LYS F 1090 10.43 -75.71 30.55
CA LYS F 1090 10.16 -74.98 31.78
C LYS F 1090 11.08 -75.45 32.91
N SER F 1091 11.26 -76.77 33.03
CA SER F 1091 12.15 -77.31 34.05
C SER F 1091 13.59 -76.84 33.82
N GLU F 1092 14.01 -76.76 32.56
CA GLU F 1092 15.39 -76.37 32.27
C GLU F 1092 15.63 -74.88 32.57
N VAL F 1093 14.70 -74.02 32.17
CA VAL F 1093 14.94 -72.58 32.26
C VAL F 1093 14.97 -72.11 33.70
N ASN F 1094 14.15 -72.74 34.56
CA ASN F 1094 14.02 -72.27 35.96
C ASN F 1094 15.27 -72.56 36.77
N LYS F 1095 16.11 -73.49 36.31
CA LYS F 1095 17.28 -73.91 37.09
C LYS F 1095 18.20 -72.73 37.38
N LEU F 1096 18.47 -71.91 36.36
CA LEU F 1096 19.34 -70.75 36.57
C LEU F 1096 18.63 -69.64 37.34
N TYR F 1097 17.36 -69.39 37.01
CA TYR F 1097 16.57 -68.35 37.64
C TYR F 1097 15.35 -68.99 38.30
N LYS F 1098 15.39 -69.08 39.63
CA LYS F 1098 14.25 -69.63 40.36
C LYS F 1098 13.06 -68.68 40.32
N LEU F 1099 13.32 -67.38 40.43
CA LEU F 1099 12.24 -66.39 40.46
C LEU F 1099 11.59 -66.19 39.09
N LEU F 1100 12.31 -66.45 38.00
CA LEU F 1100 11.80 -66.27 36.66
C LEU F 1100 11.25 -67.60 36.14
N GLU F 1101 10.00 -67.59 35.70
CA GLU F 1101 9.35 -68.78 35.19
C GLU F 1101 8.65 -68.46 33.88
N ILE F 1102 8.45 -69.49 33.06
CA ILE F 1102 7.83 -69.34 31.76
C ILE F 1102 6.51 -70.10 31.75
N ASP F 1103 5.60 -69.65 30.89
CA ASP F 1103 4.24 -70.17 30.83
C ASP F 1103 3.89 -70.53 29.38
N ILE F 1104 2.95 -71.46 29.24
CA ILE F 1104 2.47 -71.88 27.91
C ILE F 1104 1.61 -70.76 27.36
N ASP F 1105 2.17 -69.97 26.43
CA ASP F 1105 1.39 -68.92 25.81
C ASP F 1105 0.44 -69.50 24.76
N GLY F 1106 0.88 -70.51 24.04
CA GLY F 1106 0.04 -71.14 23.04
C GLY F 1106 0.84 -72.12 22.20
N VAL F 1107 0.11 -72.90 21.41
CA VAL F 1107 0.69 -73.88 20.51
C VAL F 1107 0.07 -73.67 19.13
N PHE F 1108 0.89 -73.70 18.09
CA PHE F 1108 0.43 -73.54 16.71
C PHE F 1108 0.50 -74.88 16.00
N LYS F 1109 -0.62 -75.28 15.39
CA LYS F 1109 -0.64 -76.55 14.65
C LYS F 1109 0.21 -76.47 13.39
N SER F 1110 0.04 -75.40 12.60
CA SER F 1110 0.78 -75.25 11.35
C SER F 1110 1.02 -73.75 11.14
N LEU F 1111 2.20 -73.29 11.54
CA LEU F 1111 2.55 -71.88 11.46
C LEU F 1111 3.21 -71.58 10.12
N LEU F 1112 2.78 -70.50 9.48
CA LEU F 1112 3.39 -70.02 8.25
C LEU F 1112 3.81 -68.57 8.44
N LEU F 1113 5.01 -68.24 7.96
CA LEU F 1113 5.56 -66.90 8.09
C LEU F 1113 5.48 -66.18 6.74
N LEU F 1114 5.02 -64.93 6.79
CA LEU F 1114 4.82 -64.15 5.57
C LEU F 1114 5.78 -62.96 5.50
N LYS F 1115 5.77 -62.09 6.50
CA LYS F 1115 6.60 -60.89 6.49
C LYS F 1115 6.75 -60.41 7.94
N LYS F 1116 7.25 -59.18 8.09
CA LYS F 1116 7.45 -58.61 9.42
C LYS F 1116 6.12 -58.42 10.12
N LYS F 1117 6.05 -58.85 11.38
CA LYS F 1117 4.85 -58.72 12.22
C LYS F 1117 3.63 -59.36 11.57
N LYS F 1118 3.84 -60.45 10.83
CA LYS F 1118 2.76 -61.18 10.20
C LYS F 1118 3.03 -62.67 10.30
N TYR F 1119 1.99 -63.44 10.62
CA TYR F 1119 2.12 -64.89 10.74
C TYR F 1119 0.76 -65.53 10.54
N ALA F 1120 0.76 -66.71 9.92
CA ALA F 1120 -0.44 -67.50 9.71
C ALA F 1120 -0.27 -68.84 10.40
N ALA F 1121 -1.19 -69.19 11.29
CA ALA F 1121 -1.07 -70.42 12.06
C ALA F 1121 -2.44 -70.88 12.50
N LEU F 1122 -2.57 -72.20 12.67
CA LEU F 1122 -3.76 -72.82 13.24
C LEU F 1122 -3.49 -73.02 14.73
N VAL F 1123 -4.05 -72.14 15.56
CA VAL F 1123 -3.76 -72.16 16.99
C VAL F 1123 -4.35 -73.43 17.61
N VAL F 1124 -3.62 -74.01 18.56
CA VAL F 1124 -4.04 -75.22 19.24
C VAL F 1124 -4.76 -74.85 20.52
N GLU F 1125 -5.97 -75.38 20.69
CA GLU F 1125 -6.77 -75.17 21.89
C GLU F 1125 -7.22 -76.54 22.40
N PRO F 1126 -6.34 -77.24 23.14
CA PRO F 1126 -6.65 -78.61 23.55
C PRO F 1126 -7.82 -78.66 24.52
N THR F 1127 -8.57 -79.77 24.44
CA THR F 1127 -9.67 -80.05 25.32
C THR F 1127 -9.21 -80.95 26.46
N SER F 1128 -10.16 -81.46 27.24
CA SER F 1128 -9.85 -82.33 28.37
C SER F 1128 -9.74 -83.80 27.98
N ASP F 1129 -9.92 -84.13 26.70
CA ASP F 1129 -9.83 -85.50 26.22
C ASP F 1129 -8.50 -85.81 25.58
N GLY F 1130 -7.52 -84.92 25.70
CA GLY F 1130 -6.22 -85.11 25.09
C GLY F 1130 -6.12 -84.71 23.63
N ASN F 1131 -7.23 -84.29 23.03
CA ASN F 1131 -7.25 -83.83 21.65
C ASN F 1131 -7.27 -82.31 21.60
N TYR F 1132 -7.13 -81.78 20.39
CA TYR F 1132 -7.04 -80.33 20.19
C TYR F 1132 -7.92 -79.91 19.03
N VAL F 1133 -8.34 -78.64 19.05
CA VAL F 1133 -9.14 -78.04 18.00
C VAL F 1133 -8.29 -76.99 17.31
N THR F 1134 -8.18 -77.08 15.98
CA THR F 1134 -7.36 -76.16 15.20
C THR F 1134 -8.18 -74.94 14.83
N LYS F 1135 -7.79 -73.78 15.35
CA LYS F 1135 -8.47 -72.52 15.07
C LYS F 1135 -7.47 -71.58 14.40
N GLN F 1136 -7.92 -70.91 13.33
CA GLN F 1136 -7.04 -70.11 12.50
C GLN F 1136 -6.99 -68.67 13.00
N GLU F 1137 -5.78 -68.11 13.08
CA GLU F 1137 -5.59 -66.72 13.45
C GLU F 1137 -4.56 -66.09 12.52
N LEU F 1138 -4.88 -64.92 11.99
CA LEU F 1138 -4.01 -64.20 11.06
C LEU F 1138 -3.85 -62.76 11.51
N LYS F 1139 -2.69 -62.19 11.21
CA LYS F 1139 -2.43 -60.78 11.49
C LYS F 1139 -1.24 -60.28 10.67
N GLN F 1330 18.77 -16.27 -37.27
CA GLN F 1330 18.03 -17.09 -36.32
C GLN F 1330 16.53 -16.99 -36.55
N LEU F 1331 15.95 -15.86 -36.15
CA LEU F 1331 14.53 -15.65 -36.31
C LEU F 1331 14.16 -15.52 -37.79
N THR F 1332 13.01 -16.08 -38.16
CA THR F 1332 12.56 -16.05 -39.53
C THR F 1332 11.93 -14.69 -39.85
N ASP F 1333 11.45 -14.55 -41.09
CA ASP F 1333 10.81 -13.29 -41.50
C ASP F 1333 9.51 -13.06 -40.75
N GLU F 1334 8.77 -14.12 -40.42
CA GLU F 1334 7.51 -13.98 -39.71
C GLU F 1334 7.73 -13.37 -38.33
N GLU F 1335 8.71 -13.88 -37.59
CA GLU F 1335 9.02 -13.31 -36.28
C GLU F 1335 9.63 -11.91 -36.42
N LYS F 1336 10.43 -11.70 -37.46
CA LYS F 1336 11.12 -10.42 -37.63
C LYS F 1336 10.13 -9.28 -37.83
N TYR F 1337 9.11 -9.49 -38.65
CA TYR F 1337 8.16 -8.44 -39.03
C TYR F 1337 6.73 -8.82 -38.67
N ARG F 1338 6.57 -9.44 -37.49
CA ARG F 1338 5.23 -9.85 -37.06
C ARG F 1338 4.32 -8.64 -36.81
N ASP F 1339 4.87 -7.59 -36.21
CA ASP F 1339 4.07 -6.45 -35.76
C ASP F 1339 4.19 -5.24 -36.68
N CYS F 1340 4.71 -5.41 -37.90
CA CYS F 1340 4.85 -4.31 -38.83
C CYS F 1340 3.62 -4.19 -39.72
N GLU F 1341 3.29 -2.95 -40.07
CA GLU F 1341 2.16 -2.70 -40.95
C GLU F 1341 2.53 -3.07 -42.39
N ARG F 1342 1.67 -3.87 -43.02
CA ARG F 1342 1.88 -4.24 -44.41
C ARG F 1342 1.54 -3.07 -45.32
N PHE F 1343 2.29 -2.95 -46.42
CA PHE F 1343 2.11 -1.83 -47.33
C PHE F 1343 0.77 -1.94 -48.06
N LYS F 1344 0.10 -0.80 -48.23
CA LYS F 1344 -1.18 -0.73 -48.90
C LYS F 1344 -1.15 0.37 -49.96
N CYS F 1345 -1.79 0.10 -51.09
CA CYS F 1345 -1.86 1.07 -52.19
C CYS F 1345 -3.01 0.72 -53.13
N PRO F 1346 -3.87 1.68 -53.46
CA PRO F 1346 -4.97 1.38 -54.39
C PRO F 1346 -4.50 1.40 -55.83
N CYS F 1347 -5.08 0.51 -56.63
CA CYS F 1347 -4.75 0.46 -58.05
C CYS F 1347 -5.30 1.70 -58.76
N PRO F 1348 -4.48 2.43 -59.52
CA PRO F 1348 -4.96 3.66 -60.16
C PRO F 1348 -6.13 3.45 -61.12
N THR F 1349 -6.17 2.32 -61.82
CA THR F 1349 -7.18 2.10 -62.85
C THR F 1349 -8.41 1.37 -62.30
N CYS F 1350 -8.23 0.17 -61.78
CA CYS F 1350 -9.35 -0.63 -61.30
C CYS F 1350 -9.87 -0.20 -59.93
N GLY F 1351 -9.13 0.64 -59.22
CA GLY F 1351 -9.61 1.17 -57.96
C GLY F 1351 -9.61 0.19 -56.80
N THR F 1352 -8.95 -0.94 -56.92
CA THR F 1352 -8.88 -1.94 -55.86
C THR F 1352 -7.56 -1.78 -55.11
N GLU F 1353 -7.65 -1.76 -53.78
CA GLU F 1353 -6.45 -1.65 -52.96
C GLU F 1353 -5.58 -2.88 -53.12
N ASN F 1354 -4.26 -2.67 -53.11
CA ASN F 1354 -3.28 -3.73 -53.28
C ASN F 1354 -2.54 -3.93 -51.97
N ILE F 1355 -2.38 -5.18 -51.56
CA ILE F 1355 -1.66 -5.54 -50.34
C ILE F 1355 -0.39 -6.29 -50.71
N TYR F 1356 0.70 -5.96 -50.04
CA TYR F 1356 2.00 -6.57 -50.30
C TYR F 1356 2.65 -6.95 -48.98
N ASP F 1357 3.10 -8.20 -48.89
CA ASP F 1357 3.79 -8.70 -47.71
C ASP F 1357 5.08 -9.45 -48.03
N ASN F 1358 5.24 -9.95 -49.25
CA ASN F 1358 6.45 -10.67 -49.64
C ASN F 1358 6.80 -10.29 -51.07
N VAL F 1359 8.00 -10.70 -51.49
CA VAL F 1359 8.44 -10.40 -52.85
C VAL F 1359 7.58 -11.12 -53.88
N PHE F 1360 7.15 -12.34 -53.54
CA PHE F 1360 6.44 -13.19 -54.48
C PHE F 1360 4.99 -13.40 -54.02
N ASP F 1361 4.14 -13.73 -54.98
CA ASP F 1361 2.73 -14.00 -54.70
C ASP F 1361 2.51 -15.51 -54.60
N GLY F 1362 1.93 -15.95 -53.49
CA GLY F 1362 1.68 -17.36 -53.31
C GLY F 1362 2.97 -18.14 -53.07
N SER F 1363 2.85 -19.45 -53.24
CA SER F 1363 3.98 -20.35 -53.06
C SER F 1363 3.71 -21.65 -53.80
N GLY F 1364 4.75 -22.45 -53.98
CA GLY F 1364 4.59 -23.73 -54.64
C GLY F 1364 4.25 -23.57 -56.11
N THR F 1365 3.20 -24.27 -56.54
CA THR F 1365 2.78 -24.22 -57.94
C THR F 1365 2.23 -22.86 -58.35
N ASP F 1366 1.96 -21.97 -57.40
CA ASP F 1366 1.50 -20.62 -57.68
C ASP F 1366 2.64 -19.62 -57.59
N MET F 1367 3.84 -20.04 -58.02
CA MET F 1367 5.04 -19.24 -57.84
C MET F 1367 5.05 -18.07 -58.82
N GLU F 1368 4.38 -16.98 -58.45
CA GLU F 1368 4.25 -15.80 -59.30
C GLU F 1368 4.61 -14.55 -58.49
N PRO F 1369 5.07 -13.50 -59.16
CA PRO F 1369 5.35 -12.25 -58.46
C PRO F 1369 4.08 -11.58 -57.97
N SER F 1370 4.21 -10.81 -56.88
CA SER F 1370 3.07 -10.06 -56.36
C SER F 1370 2.74 -8.88 -57.25
N LEU F 1371 3.77 -8.25 -57.84
CA LEU F 1371 3.59 -7.08 -58.69
C LEU F 1371 3.39 -7.45 -60.15
N TYR F 1372 3.30 -8.75 -60.46
CA TYR F 1372 3.12 -9.16 -61.86
C TYR F 1372 1.70 -8.86 -62.35
N ARG F 1373 0.70 -9.14 -61.52
CA ARG F 1373 -0.70 -8.98 -61.92
C ARG F 1373 -1.46 -8.24 -60.84
N CYS F 1374 -2.54 -7.58 -61.26
CA CYS F 1374 -3.37 -6.78 -60.36
C CYS F 1374 -4.26 -7.69 -59.52
N SER F 1375 -5.00 -7.08 -58.59
CA SER F 1375 -5.84 -7.85 -57.67
C SER F 1375 -7.07 -8.40 -58.38
N ASN F 1376 -7.73 -7.58 -59.20
CA ASN F 1376 -8.94 -8.02 -59.88
C ASN F 1376 -8.62 -9.08 -60.93
N ILE F 1377 -9.50 -10.07 -61.04
CA ILE F 1377 -9.30 -11.13 -62.01
C ILE F 1377 -9.36 -10.58 -63.44
N ASP F 1378 -10.34 -9.73 -63.71
CA ASP F 1378 -10.49 -9.18 -65.05
C ASP F 1378 -9.47 -8.09 -65.35
N CYS F 1379 -8.81 -7.55 -64.34
CA CYS F 1379 -7.86 -6.47 -64.56
C CYS F 1379 -6.60 -7.00 -65.22
N LYS F 1380 -6.34 -6.55 -66.45
CA LYS F 1380 -5.15 -6.93 -67.18
C LYS F 1380 -3.98 -5.98 -66.95
N ALA F 1381 -4.14 -4.99 -66.09
CA ALA F 1381 -3.10 -3.98 -65.88
C ALA F 1381 -1.94 -4.57 -65.09
N SER F 1382 -0.73 -4.35 -65.59
CA SER F 1382 0.47 -4.79 -64.89
C SER F 1382 0.83 -3.81 -63.78
N PRO F 1383 0.93 -4.23 -62.53
CA PRO F 1383 1.34 -3.31 -61.46
C PRO F 1383 2.72 -2.72 -61.66
N LEU F 1384 3.58 -3.36 -62.47
CA LEU F 1384 4.89 -2.81 -62.77
C LEU F 1384 4.81 -1.46 -63.47
N THR F 1385 3.68 -1.17 -64.13
CA THR F 1385 3.50 0.10 -64.82
C THR F 1385 3.41 1.28 -63.85
N PHE F 1386 3.15 1.02 -62.57
CA PHE F 1386 2.92 2.06 -61.57
C PHE F 1386 4.08 2.20 -60.59
N THR F 1387 5.31 2.12 -61.12
CA THR F 1387 6.50 2.27 -60.28
C THR F 1387 6.52 3.64 -59.61
N VAL F 1388 6.22 4.70 -60.36
CA VAL F 1388 6.24 6.04 -59.80
C VAL F 1388 5.19 6.18 -58.70
N GLN F 1389 4.00 5.64 -58.95
CA GLN F 1389 2.94 5.69 -57.95
C GLN F 1389 3.33 4.93 -56.68
N LEU F 1390 3.95 3.75 -56.85
CA LEU F 1390 4.38 2.98 -55.70
C LEU F 1390 5.42 3.73 -54.87
N SER F 1391 6.40 4.33 -55.55
CA SER F 1391 7.42 5.09 -54.84
C SER F 1391 6.82 6.30 -54.13
N ASN F 1392 5.89 7.00 -54.80
CA ASN F 1392 5.29 8.18 -54.21
C ASN F 1392 4.38 7.83 -53.04
N LYS F 1393 3.83 6.61 -53.03
CA LYS F 1393 3.11 6.16 -51.84
C LYS F 1393 4.05 5.76 -50.72
N LEU F 1394 5.18 5.12 -51.08
CA LEU F 1394 6.14 4.69 -50.07
C LEU F 1394 6.75 5.87 -49.32
N ILE F 1395 7.07 6.95 -50.05
CA ILE F 1395 7.67 8.11 -49.38
C ILE F 1395 6.67 8.72 -48.41
N MET F 1396 5.39 8.82 -48.80
CA MET F 1396 4.35 9.30 -47.90
C MET F 1396 4.23 8.41 -46.68
N ASP F 1397 4.26 7.10 -46.87
CA ASP F 1397 4.15 6.18 -45.74
C ASP F 1397 5.32 6.36 -44.77
N ILE F 1398 6.54 6.47 -45.31
CA ILE F 1398 7.71 6.66 -44.46
C ILE F 1398 7.61 7.97 -43.68
N ARG F 1399 7.16 9.04 -44.35
CA ARG F 1399 6.95 10.29 -43.66
C ARG F 1399 5.94 10.15 -42.54
N ARG F 1400 4.86 9.38 -42.78
CA ARG F 1400 3.87 9.15 -41.75
C ARG F 1400 4.46 8.41 -40.55
N PHE F 1401 5.27 7.38 -40.81
CA PHE F 1401 5.91 6.65 -39.71
C PHE F 1401 6.83 7.55 -38.89
N ILE F 1402 7.65 8.37 -39.55
CA ILE F 1402 8.58 9.20 -38.79
C ILE F 1402 7.81 10.27 -38.01
N LYS F 1403 6.75 10.82 -38.60
CA LYS F 1403 5.91 11.78 -37.88
C LYS F 1403 5.29 11.14 -36.65
N LYS F 1404 4.83 9.90 -36.78
CA LYS F 1404 4.28 9.19 -35.63
C LYS F 1404 5.35 8.97 -34.56
N TYR F 1405 6.57 8.63 -34.99
CA TYR F 1405 7.63 8.35 -34.03
C TYR F 1405 7.99 9.59 -33.22
N TYR F 1406 8.13 10.73 -33.90
CA TYR F 1406 8.48 11.97 -33.19
C TYR F 1406 7.30 12.58 -32.45
N ASP F 1407 6.19 11.86 -32.29
CA ASP F 1407 5.07 12.40 -31.50
C ASP F 1407 5.44 12.53 -30.03
N GLY F 1408 6.31 11.64 -29.53
CA GLY F 1408 6.75 11.73 -28.15
C GLY F 1408 5.73 11.31 -27.12
N TRP F 1409 4.73 10.52 -27.51
CA TRP F 1409 3.73 10.08 -26.55
C TRP F 1409 4.33 9.08 -25.56
N LEU F 1410 3.91 9.18 -24.30
CA LEU F 1410 4.37 8.30 -23.24
C LEU F 1410 3.16 7.77 -22.46
N ILE F 1411 3.35 6.61 -21.84
CA ILE F 1411 2.30 5.96 -21.08
C ILE F 1411 2.83 5.59 -19.70
N CYS F 1412 2.00 5.78 -18.68
CA CYS F 1412 2.36 5.37 -17.32
C CYS F 1412 2.37 3.86 -17.20
N GLU F 1413 3.25 3.35 -16.33
CA GLU F 1413 3.40 1.91 -16.16
C GLU F 1413 2.50 1.34 -15.07
N GLU F 1414 1.80 2.18 -14.32
CA GLU F 1414 0.91 1.69 -13.27
C GLU F 1414 -0.31 1.03 -13.90
N PRO F 1415 -0.62 -0.22 -13.57
CA PRO F 1415 -1.78 -0.87 -14.21
C PRO F 1415 -3.10 -0.16 -13.96
N THR F 1416 -3.25 0.53 -12.83
CA THR F 1416 -4.48 1.24 -12.53
C THR F 1416 -4.49 2.67 -13.04
N CYS F 1417 -3.35 3.18 -13.51
CA CYS F 1417 -3.29 4.55 -14.00
C CYS F 1417 -3.45 4.61 -15.53
N ARG F 1418 -2.53 3.97 -16.25
CA ARG F 1418 -2.53 3.96 -17.72
C ARG F 1418 -2.63 5.37 -18.29
N ASN F 1419 -1.93 6.31 -17.65
CA ASN F 1419 -1.97 7.69 -18.07
C ASN F 1419 -1.27 7.87 -19.42
N ARG F 1420 -1.78 8.82 -20.21
CA ARG F 1420 -1.19 9.18 -21.49
C ARG F 1420 -0.88 10.67 -21.48
N THR F 1421 0.33 11.03 -21.88
CA THR F 1421 0.75 12.42 -21.82
C THR F 1421 1.89 12.66 -22.80
N ARG F 1422 2.14 13.94 -23.06
CA ARG F 1422 3.25 14.37 -23.90
C ARG F 1422 4.21 15.31 -23.19
N HIS F 1423 3.90 15.73 -21.97
CA HIS F 1423 4.77 16.62 -21.20
C HIS F 1423 5.77 15.76 -20.44
N LEU F 1424 6.99 15.67 -20.97
CA LEU F 1424 8.03 14.87 -20.34
C LEU F 1424 8.59 15.64 -19.15
N PRO F 1425 8.56 15.08 -17.94
CA PRO F 1425 8.95 15.87 -16.75
C PRO F 1425 10.44 16.10 -16.66
N LEU F 1426 10.88 16.75 -15.57
CA LEU F 1426 12.28 17.06 -15.38
C LEU F 1426 12.90 16.37 -14.18
N GLN F 1427 12.17 15.49 -13.51
CA GLN F 1427 12.68 14.74 -12.36
C GLN F 1427 12.72 13.26 -12.71
N PHE F 1428 13.90 12.66 -12.64
CA PHE F 1428 14.09 11.25 -12.94
C PHE F 1428 14.16 10.44 -11.65
N SER F 1429 14.43 9.15 -11.82
CA SER F 1429 14.64 8.20 -10.74
C SER F 1429 15.76 7.27 -11.15
N ARG F 1430 15.88 6.14 -10.47
CA ARG F 1430 16.92 5.18 -10.80
C ARG F 1430 16.75 4.54 -12.17
N THR F 1431 15.57 4.69 -12.79
CA THR F 1431 15.31 4.07 -14.09
C THR F 1431 14.97 5.07 -15.19
N GLY F 1432 14.40 6.23 -14.85
CA GLY F 1432 14.03 7.20 -15.85
C GLY F 1432 13.02 8.21 -15.36
N PRO F 1433 12.24 8.77 -16.27
CA PRO F 1433 11.25 9.78 -15.88
C PRO F 1433 10.18 9.20 -14.96
N LEU F 1434 9.69 10.05 -14.07
CA LEU F 1434 8.63 9.68 -13.13
C LEU F 1434 7.29 10.18 -13.64
N CYS F 1435 6.28 9.35 -13.50
CA CYS F 1435 4.94 9.72 -13.92
C CYS F 1435 4.41 10.85 -13.04
N PRO F 1436 4.03 12.00 -13.61
CA PRO F 1436 3.58 13.12 -12.77
C PRO F 1436 2.19 12.92 -12.21
N ALA F 1437 1.59 11.75 -12.44
CA ALA F 1437 0.25 11.45 -11.95
C ALA F 1437 0.25 10.48 -10.79
N CYS F 1438 0.87 9.31 -10.94
CA CYS F 1438 0.85 8.29 -9.89
C CYS F 1438 1.97 8.45 -8.89
N MET F 1439 3.04 9.18 -9.23
CA MET F 1439 4.18 9.45 -8.36
C MET F 1439 4.90 8.18 -7.89
N LYS F 1440 4.62 7.04 -8.51
CA LYS F 1440 5.28 5.80 -8.10
C LYS F 1440 5.92 5.06 -9.27
N ALA F 1441 5.31 5.10 -10.44
CA ALA F 1441 5.81 4.37 -11.61
C ALA F 1441 6.60 5.32 -12.51
N THR F 1442 7.02 4.80 -13.66
CA THR F 1442 7.83 5.54 -14.61
C THR F 1442 7.06 5.70 -15.93
N LEU F 1443 7.74 6.24 -16.93
CA LEU F 1443 7.16 6.49 -18.24
C LEU F 1443 7.98 5.77 -19.30
N GLN F 1444 7.29 5.22 -20.30
CA GLN F 1444 7.92 4.53 -21.41
C GLN F 1444 7.43 5.12 -22.73
N PRO F 1445 8.27 5.10 -23.77
CA PRO F 1445 7.82 5.60 -25.07
C PRO F 1445 6.67 4.79 -25.62
N GLU F 1446 5.75 5.47 -26.28
CA GLU F 1446 4.63 4.79 -26.92
C GLU F 1446 5.04 4.07 -28.20
N TYR F 1447 6.09 4.56 -28.87
CA TYR F 1447 6.53 3.97 -30.13
C TYR F 1447 8.05 4.11 -30.18
N SER F 1448 8.76 3.07 -29.80
CA SER F 1448 10.20 3.12 -29.65
C SER F 1448 10.89 3.06 -31.01
N ASP F 1449 12.20 3.33 -30.98
CA ASP F 1449 13.01 3.29 -32.19
C ASP F 1449 13.07 1.90 -32.79
N LYS F 1450 12.97 0.86 -31.95
CA LYS F 1450 13.07 -0.51 -32.44
C LYS F 1450 11.97 -0.81 -33.45
N SER F 1451 10.74 -0.39 -33.15
CA SER F 1451 9.63 -0.61 -34.08
C SER F 1451 9.85 0.11 -35.40
N LEU F 1452 10.36 1.35 -35.35
CA LEU F 1452 10.62 2.11 -36.56
C LEU F 1452 11.67 1.41 -37.42
N TYR F 1453 12.76 0.98 -36.80
CA TYR F 1453 13.81 0.31 -37.57
C TYR F 1453 13.31 -1.01 -38.14
N THR F 1454 12.50 -1.73 -37.37
CA THR F 1454 11.92 -2.98 -37.87
C THR F 1454 11.01 -2.72 -39.06
N GLN F 1455 10.21 -1.64 -39.00
CA GLN F 1455 9.34 -1.31 -40.12
C GLN F 1455 10.14 -0.94 -41.37
N LEU F 1456 11.22 -0.17 -41.20
CA LEU F 1456 12.05 0.17 -42.35
C LEU F 1456 12.72 -1.07 -42.93
N CYS F 1457 13.19 -1.98 -42.07
CA CYS F 1457 13.77 -3.22 -42.56
C CYS F 1457 12.74 -4.06 -43.30
N PHE F 1458 11.50 -4.07 -42.80
CA PHE F 1458 10.43 -4.79 -43.49
C PHE F 1458 10.17 -4.19 -44.86
N TYR F 1459 10.17 -2.86 -44.95
CA TYR F 1459 10.03 -2.21 -46.26
C TYR F 1459 11.15 -2.61 -47.19
N ARG F 1460 12.39 -2.63 -46.70
CA ARG F 1460 13.51 -3.06 -47.52
C ARG F 1460 13.45 -4.56 -47.84
N TYR F 1461 12.66 -5.32 -47.07
CA TYR F 1461 12.66 -6.77 -47.22
C TYR F 1461 11.97 -7.20 -48.51
N ILE F 1462 10.89 -6.53 -48.89
CA ILE F 1462 10.11 -6.94 -50.06
C ILE F 1462 10.71 -6.51 -51.38
N PHE F 1463 11.79 -5.73 -51.35
CA PHE F 1463 12.41 -5.22 -52.57
C PHE F 1463 13.81 -5.79 -52.79
N ASP F 1464 14.13 -6.92 -52.17
CA ASP F 1464 15.41 -7.59 -52.35
C ASP F 1464 15.16 -8.93 -53.03
N ALA F 1465 15.09 -8.90 -54.36
CA ALA F 1465 14.91 -10.14 -55.11
C ALA F 1465 16.15 -11.01 -55.08
N GLU F 1466 17.33 -10.40 -54.92
CA GLU F 1466 18.56 -11.18 -54.86
C GLU F 1466 18.59 -12.10 -53.65
N CYS F 1467 18.18 -11.60 -52.49
CA CYS F 1467 18.15 -12.43 -51.29
C CYS F 1467 17.12 -13.55 -51.43
N ALA F 1468 15.97 -13.25 -52.03
CA ALA F 1468 14.96 -14.28 -52.26
C ALA F 1468 15.49 -15.37 -53.19
N LEU F 1469 16.19 -14.97 -54.26
CA LEU F 1469 16.78 -15.94 -55.16
C LEU F 1469 17.84 -16.79 -54.46
N GLU F 1470 18.64 -16.15 -53.60
CA GLU F 1470 19.64 -16.90 -52.84
C GLU F 1470 18.99 -17.90 -51.91
N LYS F 1471 17.88 -17.52 -51.28
CA LYS F 1471 17.18 -18.40 -50.36
C LYS F 1471 16.52 -19.59 -51.06
N LEU F 1472 16.39 -19.56 -52.39
CA LEU F 1472 15.77 -20.65 -53.12
C LEU F 1472 16.65 -21.89 -53.02
N THR F 1473 16.23 -22.86 -52.21
CA THR F 1473 17.05 -24.06 -51.98
C THR F 1473 17.20 -24.88 -53.25
N THR F 1474 16.11 -25.07 -53.99
CA THR F 1474 16.14 -25.88 -55.21
C THR F 1474 16.75 -25.05 -56.34
N ASP F 1475 17.94 -25.45 -56.80
CA ASP F 1475 18.62 -24.70 -57.85
C ASP F 1475 17.85 -24.75 -59.16
N HIS F 1476 17.32 -25.93 -59.51
CA HIS F 1476 16.62 -26.07 -60.79
C HIS F 1476 15.39 -25.17 -60.86
N GLU F 1477 14.60 -25.14 -59.78
CA GLU F 1477 13.41 -24.29 -59.77
C GLU F 1477 13.80 -22.82 -59.78
N LYS F 1478 14.89 -22.46 -59.08
CA LYS F 1478 15.36 -21.08 -59.10
C LYS F 1478 15.74 -20.65 -60.51
N ASP F 1479 16.49 -21.50 -61.21
CA ASP F 1479 16.85 -21.19 -62.59
C ASP F 1479 15.63 -21.10 -63.49
N LYS F 1480 14.67 -22.01 -63.30
CA LYS F 1480 13.46 -22.00 -64.12
C LYS F 1480 12.69 -20.71 -63.92
N LEU F 1481 12.51 -20.29 -62.67
CA LEU F 1481 11.80 -19.04 -62.39
C LEU F 1481 12.55 -17.84 -62.94
N LYS F 1482 13.88 -17.82 -62.78
CA LYS F 1482 14.64 -16.68 -63.28
C LYS F 1482 14.57 -16.57 -64.80
N LYS F 1483 14.66 -17.70 -65.50
CA LYS F 1483 14.69 -17.67 -66.96
C LYS F 1483 13.31 -17.46 -67.56
N GLN F 1484 12.27 -18.04 -66.95
CA GLN F 1484 10.95 -18.04 -67.59
C GLN F 1484 10.31 -16.65 -67.53
N PHE F 1485 10.54 -15.90 -66.47
CA PHE F 1485 9.83 -14.63 -66.30
C PHE F 1485 10.76 -13.46 -66.02
N PHE F 1486 11.84 -13.68 -65.29
CA PHE F 1486 12.63 -12.59 -64.73
C PHE F 1486 13.68 -12.14 -65.73
N THR F 1487 13.34 -11.10 -66.48
CA THR F 1487 14.32 -10.40 -67.30
C THR F 1487 15.18 -9.50 -66.41
N PRO F 1488 16.39 -9.17 -66.85
CA PRO F 1488 17.21 -8.24 -66.06
C PRO F 1488 16.57 -6.88 -65.87
N LYS F 1489 15.69 -6.47 -66.77
CA LYS F 1489 14.99 -5.20 -66.59
C LYS F 1489 14.08 -5.22 -65.37
N VAL F 1490 13.45 -6.37 -65.10
CA VAL F 1490 12.64 -6.51 -63.89
C VAL F 1490 13.51 -6.34 -62.65
N LEU F 1491 14.71 -6.93 -62.67
CA LEU F 1491 15.64 -6.76 -61.56
C LEU F 1491 16.06 -5.31 -61.42
N GLN F 1492 16.26 -4.61 -62.53
CA GLN F 1492 16.59 -3.19 -62.47
C GLN F 1492 15.45 -2.38 -61.85
N ASP F 1493 14.21 -2.71 -62.21
CA ASP F 1493 13.06 -2.04 -61.60
C ASP F 1493 12.99 -2.32 -60.10
N TYR F 1494 13.25 -3.57 -59.70
CA TYR F 1494 13.24 -3.89 -58.27
C TYR F 1494 14.33 -3.11 -57.55
N ARG F 1495 15.51 -2.98 -58.16
CA ARG F 1495 16.58 -2.18 -57.56
C ARG F 1495 16.16 -0.72 -57.45
N LYS F 1496 15.48 -0.20 -58.47
CA LYS F 1496 15.00 1.18 -58.42
C LYS F 1496 14.03 1.38 -57.27
N LEU F 1497 13.11 0.44 -57.07
CA LEU F 1497 12.20 0.53 -55.93
C LEU F 1497 12.96 0.44 -54.61
N LYS F 1498 13.95 -0.46 -54.52
CA LYS F 1498 14.70 -0.62 -53.29
C LYS F 1498 15.55 0.62 -52.98
N ASN F 1499 15.91 1.38 -54.01
CA ASN F 1499 16.76 2.55 -53.81
C ASN F 1499 16.10 3.58 -52.89
N THR F 1500 14.82 3.87 -53.14
CA THR F 1500 14.13 4.85 -52.31
C THR F 1500 14.02 4.39 -50.86
N ALA F 1501 13.73 3.10 -50.65
CA ALA F 1501 13.66 2.58 -49.29
C ALA F 1501 15.01 2.67 -48.60
N GLU F 1502 16.09 2.33 -49.32
CA GLU F 1502 17.42 2.39 -48.73
C GLU F 1502 17.90 3.83 -48.52
N GLN F 1503 17.30 4.80 -49.23
CA GLN F 1503 17.73 6.18 -49.11
C GLN F 1503 17.58 6.69 -47.68
N PHE F 1504 16.44 6.40 -47.05
CA PHE F 1504 16.25 6.81 -45.66
C PHE F 1504 17.07 5.95 -44.69
N LEU F 1505 17.47 4.75 -45.11
CA LEU F 1505 18.24 3.88 -44.24
C LEU F 1505 19.65 4.41 -44.03
N SER F 1506 20.18 5.16 -45.00
CA SER F 1506 21.55 5.65 -44.90
C SER F 1506 21.71 6.64 -43.75
N ARG F 1507 20.72 7.51 -43.54
CA ARG F 1507 20.78 8.52 -42.50
C ARG F 1507 20.25 8.04 -41.16
N SER F 1508 19.85 6.78 -41.05
CA SER F 1508 19.30 6.26 -39.80
C SER F 1508 20.43 6.04 -38.79
N GLY F 1509 20.30 6.64 -37.62
CA GLY F 1509 21.31 6.51 -36.59
C GLY F 1509 21.24 5.25 -35.76
N TYR F 1510 20.14 4.50 -35.85
CA TYR F 1510 19.99 3.29 -35.05
C TYR F 1510 21.00 2.21 -35.44
N SER F 1511 21.49 2.24 -36.68
CA SER F 1511 22.46 1.26 -37.15
C SER F 1511 23.86 1.87 -37.24
N GLU F 1512 24.18 2.73 -36.30
CA GLU F 1512 25.48 3.41 -36.29
C GLU F 1512 25.95 3.52 -34.85
N VAL F 1513 27.09 2.90 -34.54
CA VAL F 1513 27.63 2.85 -33.19
C VAL F 1513 28.85 3.76 -33.12
N ASN F 1514 28.88 4.65 -32.13
CA ASN F 1514 30.00 5.56 -31.94
C ASN F 1514 31.02 4.91 -31.02
N LEU F 1515 32.21 4.63 -31.55
CA LEU F 1515 33.23 3.94 -30.78
C LEU F 1515 33.87 4.83 -29.72
N SER F 1516 33.82 6.15 -29.90
CA SER F 1516 34.46 7.05 -28.95
C SER F 1516 33.83 6.94 -27.56
N LYS F 1517 32.50 6.80 -27.50
CA LYS F 1517 31.83 6.71 -26.21
C LYS F 1517 32.22 5.44 -25.47
N LEU F 1518 32.36 4.33 -26.18
CA LEU F 1518 32.54 3.03 -25.53
C LEU F 1518 33.83 2.98 -24.72
N PHE F 1519 34.93 3.45 -25.30
CA PHE F 1519 36.25 3.30 -24.69
C PHE F 1519 36.77 4.60 -24.10
N ALA F 1520 35.90 5.59 -23.91
CA ALA F 1520 36.34 6.87 -23.36
C ALA F 1520 36.89 6.74 -21.95
N GLY F 1521 36.54 5.66 -21.24
CA GLY F 1521 37.02 5.49 -19.88
C GLY F 1521 38.53 5.37 -19.81
N CYS F 1522 39.12 4.57 -20.70
CA CYS F 1522 40.56 4.41 -20.72
C CYS F 1522 41.23 5.72 -21.14
N ALA F 1523 42.25 6.13 -20.39
CA ALA F 1523 42.97 7.36 -20.71
C ALA F 1523 44.48 7.22 -20.52
N VAL F 1524 45.00 6.01 -20.30
CA VAL F 1524 46.43 5.84 -20.10
C VAL F 1524 47.19 6.16 -21.39
N LYS F 1525 46.72 5.61 -22.51
CA LYS F 1525 47.37 5.78 -23.81
C LYS F 1525 46.32 6.14 -24.87
N SER F 1526 45.51 7.15 -24.55
CA SER F 1526 44.46 7.63 -25.45
C SER F 1526 43.46 6.52 -25.77
N HIS G 157 5.00 29.42 -72.90
CA HIS G 157 6.28 28.73 -72.77
C HIS G 157 6.61 28.43 -71.31
N GLN G 158 5.70 27.73 -70.63
CA GLN G 158 5.95 27.32 -69.26
C GLN G 158 7.09 26.30 -69.24
N LEU G 159 8.21 26.68 -68.62
CA LEU G 159 9.38 25.81 -68.59
C LEU G 159 9.09 24.50 -67.87
N LEU G 160 8.40 24.58 -66.72
CA LEU G 160 7.87 23.37 -66.10
C LEU G 160 6.70 22.84 -66.93
N SER G 161 6.45 21.55 -66.81
CA SER G 161 5.46 20.85 -67.64
C SER G 161 4.46 20.15 -66.74
N PRO G 162 3.52 20.88 -66.15
CA PRO G 162 2.49 20.23 -65.31
C PRO G 162 1.65 19.23 -66.06
N SER G 163 1.39 19.47 -67.35
CA SER G 163 0.58 18.55 -68.14
C SER G 163 1.25 17.18 -68.26
N SER G 164 2.57 17.17 -68.46
CA SER G 164 3.29 15.90 -68.52
C SER G 164 3.22 15.16 -67.19
N PHE G 165 3.33 15.89 -66.08
CA PHE G 165 3.26 15.26 -64.77
C PHE G 165 1.83 14.84 -64.42
N SER G 166 0.84 15.60 -64.88
CA SER G 166 -0.56 15.28 -64.63
C SER G 166 -1.39 15.82 -65.79
N PRO G 167 -1.79 14.96 -66.73
CA PRO G 167 -2.53 15.44 -67.91
C PRO G 167 -4.03 15.55 -67.67
N SER G 168 -4.45 15.49 -66.41
CA SER G 168 -5.88 15.54 -66.05
C SER G 168 -6.18 16.77 -65.20
N ALA G 169 -5.64 17.92 -65.60
CA ALA G 169 -5.83 19.17 -64.87
C ALA G 169 -6.49 20.20 -65.78
N THR G 170 -7.48 20.91 -65.23
CA THR G 170 -8.14 22.00 -65.94
C THR G 170 -7.80 23.33 -65.28
N PRO G 171 -7.33 24.31 -66.03
CA PRO G 171 -6.94 25.59 -65.41
C PRO G 171 -8.12 26.27 -64.73
N SER G 172 -7.81 26.93 -63.61
CA SER G 172 -8.80 27.68 -62.84
C SER G 172 -8.66 29.16 -63.15
N GLN G 173 -9.76 29.78 -63.58
CA GLN G 173 -9.75 31.18 -63.99
C GLN G 173 -9.96 32.14 -62.82
N LYS G 174 -10.14 31.63 -61.60
CA LYS G 174 -10.30 32.51 -60.44
C LYS G 174 -9.07 33.38 -60.24
N TYR G 175 -7.88 32.78 -60.32
CA TYR G 175 -6.65 33.57 -60.25
C TYR G 175 -6.50 34.45 -61.48
N ASN G 176 -6.89 33.94 -62.66
CA ASN G 176 -6.80 34.72 -63.88
C ASN G 176 -7.83 35.85 -63.94
N SER G 177 -8.83 35.82 -63.06
CA SER G 177 -9.86 36.84 -62.99
C SER G 177 -9.51 37.97 -62.03
N ARG G 178 -8.26 38.05 -61.57
CA ARG G 178 -7.87 39.11 -60.66
C ARG G 178 -7.98 40.46 -61.33
N SER G 179 -8.45 41.46 -60.58
CA SER G 179 -8.63 42.81 -61.09
C SER G 179 -7.83 43.86 -60.34
N ASN G 180 -7.36 43.57 -59.13
CA ASN G 180 -6.55 44.49 -58.33
C ASN G 180 -5.07 44.17 -58.42
N ARG G 181 -4.61 43.73 -59.60
CA ARG G 181 -3.21 43.42 -59.81
C ARG G 181 -2.34 44.65 -59.57
N GLY G 182 -1.20 44.43 -58.91
CA GLY G 182 -0.26 45.50 -58.66
C GLY G 182 -0.64 46.44 -57.54
N GLU G 183 -1.63 46.10 -56.72
CA GLU G 183 -2.08 46.96 -55.66
C GLU G 183 -1.23 46.79 -54.41
N VAL G 184 -0.82 47.91 -53.82
CA VAL G 184 -0.04 47.91 -52.59
C VAL G 184 -1.01 47.91 -51.42
N VAL G 185 -1.13 46.77 -50.74
CA VAL G 185 -2.11 46.65 -49.66
C VAL G 185 -1.67 47.46 -48.44
N THR G 186 -0.37 47.46 -48.13
CA THR G 186 0.13 48.15 -46.96
C THR G 186 1.58 48.53 -47.16
N SER G 187 2.06 49.46 -46.33
CA SER G 187 3.42 49.93 -46.44
C SER G 187 3.86 50.49 -45.09
N PHE G 188 5.17 50.67 -44.95
CA PHE G 188 5.76 51.24 -43.74
C PHE G 188 7.01 52.01 -44.12
N GLY G 189 7.23 53.13 -43.45
CA GLY G 189 8.42 53.93 -43.69
C GLY G 189 8.24 54.93 -44.82
N LEU G 190 9.38 55.36 -45.35
CA LEU G 190 9.42 56.36 -46.42
C LEU G 190 9.27 55.68 -47.79
N ALA G 191 8.09 55.09 -47.99
CA ALA G 191 7.78 54.36 -49.22
C ALA G 191 7.08 55.23 -50.26
N GLN G 192 6.89 56.53 -49.98
CA GLN G 192 6.20 57.43 -50.88
C GLN G 192 7.22 58.18 -51.73
N GLY G 193 7.01 58.17 -53.05
CA GLY G 193 7.90 58.87 -53.94
C GLY G 193 9.25 58.23 -54.15
N VAL G 194 9.38 56.93 -53.87
CA VAL G 194 10.62 56.19 -54.05
C VAL G 194 10.37 55.08 -55.06
N SER G 195 11.21 55.02 -56.10
CA SER G 195 11.05 54.01 -57.13
C SER G 195 11.34 52.62 -56.57
N TRP G 196 10.51 51.64 -56.95
CA TRP G 196 10.63 50.27 -56.47
C TRP G 196 11.23 49.43 -57.60
N SER G 197 12.55 49.30 -57.58
CA SER G 197 13.26 48.52 -58.59
C SER G 197 14.64 48.19 -58.04
N GLY G 198 15.38 47.39 -58.80
CA GLY G 198 16.72 47.00 -58.43
C GLY G 198 17.64 46.96 -59.64
N ARG G 199 18.91 46.66 -59.37
CA ARG G 199 19.92 46.56 -60.42
C ARG G 199 20.08 45.13 -60.96
N GLY G 200 19.29 44.18 -60.47
CA GLY G 200 19.41 42.81 -60.93
C GLY G 200 20.73 42.16 -60.57
N GLY G 201 21.21 42.38 -59.35
CA GLY G 201 22.46 41.80 -58.93
C GLY G 201 23.69 42.33 -59.62
N ALA G 202 23.64 43.57 -60.12
CA ALA G 202 24.76 44.17 -60.82
C ALA G 202 25.69 44.95 -59.89
N GLY G 203 25.38 45.01 -58.60
CA GLY G 203 26.18 45.73 -57.63
C GLY G 203 27.04 44.81 -56.79
N ASN G 204 27.29 45.24 -55.55
CA ASN G 204 28.10 44.47 -54.61
C ASN G 204 27.18 43.84 -53.56
N ILE G 205 27.30 42.53 -53.39
CA ILE G 205 26.47 41.78 -52.45
C ILE G 205 27.38 40.94 -51.57
N SER G 206 27.18 41.02 -50.26
CA SER G 206 27.93 40.25 -49.28
C SER G 206 26.97 39.33 -48.54
N LEU G 207 27.35 38.06 -48.41
CA LEU G 207 26.53 37.06 -47.73
C LEU G 207 27.29 36.52 -46.53
N LYS G 208 26.61 36.45 -45.39
CA LYS G 208 27.20 35.96 -44.15
C LYS G 208 26.15 35.16 -43.39
N VAL G 209 26.38 33.87 -43.23
CA VAL G 209 25.47 33.00 -42.50
C VAL G 209 25.95 32.93 -41.06
N LEU G 210 25.09 33.33 -40.12
CA LEU G 210 25.42 33.39 -38.71
C LEU G 210 24.50 32.45 -37.93
N GLY G 211 24.60 32.52 -36.60
CA GLY G 211 23.83 31.64 -35.74
C GLY G 211 24.73 30.83 -34.82
N CYS G 212 24.71 29.52 -34.98
CA CYS G 212 25.64 28.66 -34.27
C CYS G 212 27.07 28.96 -34.74
N PRO G 213 28.06 28.83 -33.85
CA PRO G 213 29.46 28.99 -34.29
C PRO G 213 29.83 28.07 -35.45
N GLU G 214 29.26 26.86 -35.49
CA GLU G 214 29.40 25.96 -36.64
C GLU G 214 28.03 25.89 -37.32
N ALA G 215 27.84 26.73 -38.33
CA ALA G 215 26.56 26.77 -39.03
C ALA G 215 26.29 25.43 -39.73
N LEU G 216 25.01 25.06 -39.76
CA LEU G 216 24.62 23.78 -40.34
C LEU G 216 25.04 23.72 -41.81
N THR G 217 25.66 22.60 -42.19
CA THR G 217 26.18 22.47 -43.55
C THR G 217 25.70 21.18 -44.21
N GLY G 218 25.59 20.10 -43.44
CA GLY G 218 25.28 18.80 -43.99
C GLY G 218 24.17 18.11 -43.21
N SER G 219 24.17 16.78 -43.31
CA SER G 219 23.15 15.94 -42.70
C SER G 219 23.64 15.35 -41.38
N TYR G 220 22.71 14.76 -40.64
CA TYR G 220 23.01 14.13 -39.37
C TYR G 220 21.98 13.05 -39.10
N LYS G 221 22.35 12.11 -38.23
CA LYS G 221 21.45 11.02 -37.89
C LYS G 221 20.29 11.53 -37.04
N SER G 222 19.09 11.04 -37.34
CA SER G 222 17.87 11.57 -36.73
C SER G 222 17.13 10.55 -35.87
N MET G 223 16.84 9.37 -36.42
CA MET G 223 15.93 8.42 -35.77
C MET G 223 16.64 7.65 -34.66
N PHE G 224 17.10 8.41 -33.66
CA PHE G 224 17.71 7.81 -32.46
C PHE G 224 17.67 8.86 -31.36
N GLN G 225 16.86 8.62 -30.33
CA GLN G 225 16.65 9.61 -29.29
C GLN G 225 16.60 8.92 -27.93
N LYS G 226 17.18 9.56 -26.92
CA LYS G 226 17.19 9.04 -25.56
C LYS G 226 16.76 10.13 -24.58
N LEU G 227 15.94 9.74 -23.61
CA LEU G 227 15.38 10.70 -22.67
C LEU G 227 16.42 11.49 -21.87
N PRO G 228 17.49 10.89 -21.35
CA PRO G 228 18.48 11.71 -20.62
C PRO G 228 19.07 12.83 -21.46
N ASP G 229 19.20 12.64 -22.77
CA ASP G 229 19.64 13.72 -23.64
C ASP G 229 18.66 14.89 -23.60
N ILE G 230 17.36 14.58 -23.66
CA ILE G 230 16.34 15.63 -23.61
C ILE G 230 16.40 16.36 -22.28
N ARG G 231 16.53 15.61 -21.17
CA ARG G 231 16.61 16.26 -19.87
C ARG G 231 17.84 17.15 -19.78
N GLU G 232 18.98 16.67 -20.28
CA GLU G 232 20.20 17.47 -20.25
C GLU G 232 20.06 18.75 -21.04
N VAL G 233 19.47 18.66 -22.24
CA VAL G 233 19.31 19.85 -23.07
C VAL G 233 18.39 20.86 -22.38
N LEU G 234 17.25 20.38 -21.87
CA LEU G 234 16.30 21.26 -21.23
C LEU G 234 16.92 21.95 -20.02
N THR G 235 17.59 21.19 -19.16
CA THR G 235 18.16 21.78 -17.96
C THR G 235 19.31 22.72 -18.29
N CYS G 236 20.11 22.41 -19.32
CA CYS G 236 21.19 23.32 -19.70
C CYS G 236 20.64 24.65 -20.18
N LYS G 237 19.63 24.61 -21.04
CA LYS G 237 19.04 25.86 -21.53
C LYS G 237 18.41 26.64 -20.39
N ILE G 238 17.67 25.96 -19.51
CA ILE G 238 16.99 26.63 -18.42
C ILE G 238 18.00 27.30 -17.49
N GLU G 239 19.06 26.56 -17.13
CA GLU G 239 20.05 27.11 -16.20
C GLU G 239 20.83 28.26 -16.83
N GLU G 240 21.15 28.15 -18.13
CA GLU G 240 21.87 29.24 -18.78
C GLU G 240 21.03 30.52 -18.79
N LEU G 241 19.76 30.41 -19.19
CA LEU G 241 18.94 31.61 -19.23
C LEU G 241 18.67 32.17 -17.83
N GLY G 242 18.49 31.28 -16.84
CA GLY G 242 18.32 31.76 -15.48
C GLY G 242 19.54 32.48 -14.95
N SER G 243 20.74 31.96 -15.24
CA SER G 243 21.97 32.63 -14.82
C SER G 243 22.10 33.99 -15.50
N GLU G 244 21.78 34.05 -16.80
CA GLU G 244 21.84 35.34 -17.49
C GLU G 244 20.87 36.34 -16.88
N LEU G 245 19.65 35.91 -16.56
CA LEU G 245 18.69 36.83 -15.94
C LEU G 245 19.15 37.27 -14.56
N LYS G 246 19.75 36.34 -13.79
CA LYS G 246 20.27 36.69 -12.47
C LYS G 246 21.37 37.72 -12.57
N GLU G 247 22.27 37.56 -13.55
CA GLU G 247 23.32 38.56 -13.75
C GLU G 247 22.74 39.89 -14.18
N HIS G 248 21.69 39.87 -15.02
CA HIS G 248 21.13 41.12 -15.53
C HIS G 248 20.42 41.90 -14.43
N TYR G 249 19.56 41.26 -13.66
CA TYR G 249 18.68 41.95 -12.73
C TYR G 249 19.20 41.94 -11.28
N LYS G 250 20.44 41.53 -11.06
CA LYS G 250 21.09 41.62 -9.75
C LYS G 250 20.32 40.85 -8.67
N ILE G 251 19.90 39.63 -9.00
CA ILE G 251 19.31 38.75 -8.00
C ILE G 251 20.41 38.20 -7.11
N GLU G 252 20.21 38.28 -5.80
CA GLU G 252 21.25 37.82 -4.87
C GLU G 252 21.30 36.30 -4.80
N ALA G 253 20.16 35.64 -4.77
CA ALA G 253 20.12 34.18 -4.62
C ALA G 253 18.75 33.66 -5.02
N PHE G 254 18.69 32.35 -5.22
CA PHE G 254 17.46 31.65 -5.56
C PHE G 254 17.11 30.67 -4.44
N THR G 255 15.86 30.71 -4.00
CA THR G 255 15.37 29.78 -2.99
C THR G 255 14.93 28.47 -3.65
N PRO G 256 15.21 27.32 -3.02
CA PRO G 256 14.68 26.07 -3.54
C PRO G 256 13.16 26.07 -3.55
N LEU G 257 12.58 25.35 -4.53
CA LEU G 257 11.15 25.42 -4.78
C LEU G 257 10.34 24.86 -3.62
N LEU G 258 10.78 23.74 -3.04
CA LEU G 258 10.01 23.06 -2.01
C LEU G 258 10.28 23.58 -0.61
N ALA G 259 11.12 24.58 -0.44
CA ALA G 259 11.40 25.11 0.88
C ALA G 259 10.20 25.87 1.40
N PRO G 260 9.60 25.46 2.53
CA PRO G 260 8.47 26.22 3.08
C PRO G 260 8.91 27.37 3.96
N ALA G 261 8.56 28.59 3.57
CA ALA G 261 8.93 29.77 4.34
C ALA G 261 7.84 30.83 4.19
N GLN G 262 7.48 31.46 5.31
CA GLN G 262 6.45 32.50 5.27
C GLN G 262 6.95 33.75 4.54
N GLU G 263 8.23 34.08 4.68
CA GLU G 263 8.77 35.25 4.00
C GLU G 263 8.77 35.01 2.49
N PRO G 264 8.32 35.98 1.70
CA PRO G 264 8.30 35.79 0.23
C PRO G 264 9.70 35.55 -0.31
N VAL G 265 9.79 34.66 -1.29
CA VAL G 265 11.07 34.28 -1.89
C VAL G 265 10.91 34.25 -3.41
N THR G 266 12.05 34.25 -4.10
CA THR G 266 12.10 34.24 -5.55
C THR G 266 12.50 32.85 -6.02
N LEU G 267 11.71 32.29 -6.94
CA LEU G 267 11.96 30.96 -7.49
C LEU G 267 12.19 31.06 -8.99
N LEU G 268 13.01 30.14 -9.50
CA LEU G 268 13.33 30.06 -10.92
C LEU G 268 12.82 28.73 -11.46
N GLY G 269 12.09 28.78 -12.57
CA GLY G 269 11.54 27.56 -13.14
C GLY G 269 10.93 27.81 -14.49
N GLN G 270 10.53 26.72 -15.14
CA GLN G 270 9.91 26.76 -16.45
C GLN G 270 8.40 26.84 -16.32
N ILE G 271 7.76 27.46 -17.31
CA ILE G 271 6.32 27.63 -17.33
C ILE G 271 5.70 26.48 -18.09
N GLY G 272 4.77 25.77 -17.44
CA GLY G 272 4.10 24.64 -18.08
C GLY G 272 2.68 24.52 -17.58
N CYS G 273 1.88 23.78 -18.34
CA CYS G 273 0.48 23.55 -18.04
C CYS G 273 0.28 22.09 -17.66
N ASP G 274 -0.28 21.86 -16.47
CA ASP G 274 -0.51 20.49 -16.01
C ASP G 274 -1.57 19.78 -16.84
N SER G 275 -2.63 20.50 -17.22
CA SER G 275 -3.71 19.89 -17.97
C SER G 275 -3.24 19.50 -19.37
N ASN G 276 -3.77 18.38 -19.86
CA ASN G 276 -3.43 17.93 -21.22
C ASN G 276 -3.98 18.86 -22.29
N GLY G 277 -5.03 19.63 -21.98
CA GLY G 277 -5.62 20.53 -22.93
C GLY G 277 -4.86 21.83 -23.05
N LYS G 278 -5.52 22.82 -23.65
CA LYS G 278 -4.91 24.12 -23.86
C LYS G 278 -4.64 24.81 -22.52
N LEU G 279 -3.61 25.65 -22.51
CA LEU G 279 -3.23 26.36 -21.30
C LEU G 279 -4.33 27.33 -20.87
N ASN G 280 -4.48 27.50 -19.56
CA ASN G 280 -5.44 28.44 -19.01
C ASN G 280 -4.92 28.91 -17.66
N ASN G 281 -5.45 30.05 -17.21
CA ASN G 281 -4.98 30.68 -15.99
C ASN G 281 -5.26 29.85 -14.74
N LYS G 282 -6.10 28.83 -14.83
CA LYS G 282 -6.40 27.96 -13.71
C LYS G 282 -5.66 26.63 -13.78
N SER G 283 -4.73 26.49 -14.74
CA SER G 283 -4.00 25.24 -14.93
C SER G 283 -2.52 25.53 -15.16
N VAL G 284 -1.95 26.41 -14.36
CA VAL G 284 -0.55 26.80 -14.47
C VAL G 284 0.24 26.12 -13.36
N ILE G 285 1.36 25.51 -13.72
CA ILE G 285 2.27 24.87 -12.77
C ILE G 285 3.70 25.29 -13.09
N LEU G 286 4.50 25.48 -12.05
CA LEU G 286 5.90 25.86 -12.21
C LEU G 286 6.78 24.63 -12.06
N GLU G 287 7.67 24.42 -13.03
CA GLU G 287 8.57 23.28 -13.04
C GLU G 287 10.00 23.78 -12.83
N GLY G 288 10.67 23.22 -11.82
CA GLY G 288 11.99 23.67 -11.43
C GLY G 288 13.09 23.10 -12.30
N ASP G 289 14.31 23.22 -11.81
CA ASP G 289 15.50 22.80 -12.53
C ASP G 289 16.29 21.80 -11.68
N ARG G 290 17.17 21.06 -12.36
CA ARG G 290 17.93 20.00 -11.70
C ARG G 290 18.86 20.58 -10.64
N GLU G 291 19.54 21.68 -10.93
CA GLU G 291 20.56 22.20 -10.03
C GLU G 291 19.99 22.77 -8.74
N HIS G 292 18.68 22.95 -8.65
CA HIS G 292 18.13 23.55 -7.44
C HIS G 292 17.03 22.72 -6.79
N SER G 293 16.16 22.08 -7.57
CA SER G 293 15.06 21.33 -6.97
C SER G 293 14.79 19.98 -7.63
N SER G 294 15.57 19.58 -8.64
CA SER G 294 15.47 18.25 -9.25
C SER G 294 14.05 17.97 -9.74
N GLY G 295 13.64 18.76 -10.72
CA GLY G 295 12.37 18.56 -11.38
C GLY G 295 11.16 18.73 -10.50
N ALA G 296 11.12 19.83 -9.74
CA ALA G 296 9.99 20.13 -8.89
C ALA G 296 8.78 20.55 -9.72
N GLN G 297 7.59 20.40 -9.12
CA GLN G 297 6.35 20.81 -9.75
C GLN G 297 5.44 21.41 -8.68
N ILE G 298 5.13 22.69 -8.80
CA ILE G 298 4.30 23.39 -7.83
C ILE G 298 3.22 24.19 -8.55
N PRO G 299 1.96 24.10 -8.14
CA PRO G 299 0.92 24.94 -8.74
C PRO G 299 1.16 26.43 -8.45
N VAL G 300 0.74 27.26 -9.39
CA VAL G 300 0.94 28.70 -9.32
C VAL G 300 -0.43 29.37 -9.20
N ASP G 301 -0.55 30.31 -8.26
CA ASP G 301 -1.78 31.06 -8.04
C ASP G 301 -1.57 32.47 -8.57
N LEU G 302 -2.28 32.81 -9.65
CA LEU G 302 -2.19 34.12 -10.26
C LEU G 302 -3.35 35.03 -9.88
N SER G 303 -4.11 34.66 -8.84
CA SER G 303 -5.24 35.49 -8.41
C SER G 303 -4.76 36.88 -7.98
N GLU G 304 -3.65 36.95 -7.26
CA GLU G 304 -3.08 38.24 -6.88
C GLU G 304 -2.38 38.94 -8.02
N LEU G 305 -2.07 38.22 -9.10
CA LEU G 305 -1.35 38.82 -10.22
C LEU G 305 -2.22 39.85 -10.93
N LYS G 306 -1.61 40.96 -11.31
CA LYS G 306 -2.33 42.04 -11.99
C LYS G 306 -2.47 41.74 -13.47
N GLU G 307 -1.36 41.59 -14.18
CA GLU G 307 -1.36 41.26 -15.60
C GLU G 307 -0.42 40.08 -15.83
N TYR G 308 -0.76 39.28 -16.83
CA TYR G 308 0.05 38.12 -17.17
C TYR G 308 -0.12 37.81 -18.65
N SER G 309 0.93 37.21 -19.23
CA SER G 309 0.89 36.73 -20.61
C SER G 309 1.93 35.62 -20.71
N LEU G 310 1.47 34.37 -20.66
CA LEU G 310 2.36 33.22 -20.58
C LEU G 310 2.01 32.21 -21.66
N PHE G 311 3.02 31.45 -22.07
CA PHE G 311 2.88 30.34 -23.01
C PHE G 311 3.69 29.17 -22.49
N PRO G 312 3.34 27.94 -22.88
CA PRO G 312 4.10 26.78 -22.43
C PRO G 312 5.56 26.87 -22.85
N GLY G 313 6.44 26.35 -22.00
CA GLY G 313 7.86 26.42 -22.25
C GLY G 313 8.43 27.82 -22.22
N GLN G 314 8.04 28.62 -21.22
CA GLN G 314 8.51 29.98 -21.08
C GLN G 314 9.41 30.07 -19.85
N VAL G 315 10.62 30.61 -20.05
CA VAL G 315 11.58 30.77 -18.96
C VAL G 315 11.31 32.10 -18.28
N VAL G 316 10.87 32.04 -17.02
CA VAL G 316 10.54 33.24 -16.26
C VAL G 316 11.18 33.14 -14.89
N ILE G 317 11.33 34.29 -14.25
CA ILE G 317 11.73 34.40 -12.85
C ILE G 317 10.58 35.04 -12.10
N MET G 318 10.03 34.32 -11.12
CA MET G 318 8.82 34.75 -10.43
C MET G 318 9.06 34.66 -8.92
N GLU G 319 8.56 35.66 -8.19
CA GLU G 319 8.73 35.75 -6.75
C GLU G 319 7.38 35.60 -6.06
N GLY G 320 7.31 34.71 -5.09
CA GLY G 320 6.06 34.47 -4.38
C GLY G 320 6.25 33.97 -2.97
N ILE G 321 5.18 33.44 -2.37
CA ILE G 321 5.20 32.95 -0.99
C ILE G 321 4.80 31.48 -1.01
N ASN G 322 5.61 30.65 -0.36
CA ASN G 322 5.37 29.21 -0.26
C ASN G 322 5.23 28.87 1.23
N THR G 323 4.00 28.73 1.70
CA THR G 323 3.76 28.51 3.12
C THR G 323 4.04 27.06 3.52
N THR G 324 3.29 26.12 2.95
CA THR G 324 3.44 24.71 3.28
C THR G 324 4.35 23.97 2.33
N GLY G 325 4.92 24.65 1.34
CA GLY G 325 5.78 24.00 0.36
C GLY G 325 5.06 23.36 -0.80
N ARG G 326 3.73 23.35 -0.80
CA ARG G 326 2.95 22.76 -1.89
C ARG G 326 2.16 23.78 -2.69
N LYS G 327 1.74 24.87 -2.08
CA LYS G 327 0.93 25.90 -2.73
C LYS G 327 1.70 27.21 -2.74
N LEU G 328 1.82 27.81 -3.92
CA LEU G 328 2.58 29.04 -4.12
C LEU G 328 1.68 30.11 -4.69
N VAL G 329 1.74 31.31 -4.11
CA VAL G 329 0.95 32.45 -4.55
C VAL G 329 1.89 33.46 -5.18
N ALA G 330 1.60 33.83 -6.44
CA ALA G 330 2.46 34.75 -7.15
C ALA G 330 2.35 36.16 -6.59
N THR G 331 3.49 36.86 -6.52
CA THR G 331 3.52 38.24 -6.04
C THR G 331 4.31 39.17 -6.95
N LYS G 332 5.02 38.66 -7.95
CA LYS G 332 5.82 39.48 -8.84
C LYS G 332 6.04 38.69 -10.13
N LEU G 333 6.51 39.40 -11.16
CA LEU G 333 6.75 38.77 -12.45
C LEU G 333 7.70 39.65 -13.24
N TYR G 334 8.82 39.07 -13.69
CA TYR G 334 9.86 39.81 -14.39
C TYR G 334 9.63 39.77 -15.89
N GLU G 335 10.58 40.29 -16.65
CA GLU G 335 10.49 40.33 -18.11
C GLU G 335 11.83 39.93 -18.70
N GLY G 336 11.78 39.42 -19.93
CA GLY G 336 12.98 38.97 -20.60
C GLY G 336 13.88 40.10 -21.04
N VAL G 337 15.11 39.74 -21.38
CA VAL G 337 16.14 40.69 -21.78
C VAL G 337 16.67 40.26 -23.15
N PRO G 338 16.61 41.11 -24.17
CA PRO G 338 17.12 40.72 -25.49
C PRO G 338 18.64 40.72 -25.54
N LEU G 339 19.17 39.97 -26.49
CA LEU G 339 20.60 39.95 -26.71
C LEU G 339 21.05 41.30 -27.29
N PRO G 340 22.31 41.68 -27.05
CA PRO G 340 22.80 42.95 -27.60
C PRO G 340 22.78 42.97 -29.12
N PHE G 341 22.50 44.14 -29.68
CA PHE G 341 22.50 44.30 -31.13
C PHE G 341 23.89 44.09 -31.70
N TYR G 342 23.94 43.52 -32.90
CA TYR G 342 25.22 43.37 -33.59
C TYR G 342 25.75 44.74 -33.99
N GLN G 343 27.05 44.95 -33.80
CA GLN G 343 27.68 46.22 -34.10
C GLN G 343 28.30 46.18 -35.48
N PRO G 344 27.83 46.96 -36.44
CA PRO G 344 28.45 46.97 -37.77
C PRO G 344 29.88 47.49 -37.71
N THR G 345 30.72 46.93 -38.56
CA THR G 345 32.13 47.30 -38.64
C THR G 345 32.33 48.36 -39.73
N GLU G 346 33.60 48.66 -40.03
CA GLU G 346 33.90 49.66 -41.05
C GLU G 346 33.43 49.21 -42.43
N GLU G 347 33.61 47.93 -42.75
CA GLU G 347 33.23 47.43 -44.07
C GLU G 347 31.72 47.46 -44.27
N ASP G 348 30.95 47.28 -43.20
CA ASP G 348 29.50 47.21 -43.33
C ASP G 348 28.91 48.54 -43.80
N ALA G 349 29.42 49.65 -43.29
CA ALA G 349 28.87 50.96 -43.65
C ALA G 349 29.20 51.37 -45.07
N ASP G 350 30.17 50.71 -45.70
CA ASP G 350 30.57 51.10 -47.06
C ASP G 350 29.49 50.80 -48.07
N PHE G 351 28.76 49.69 -47.89
CA PHE G 351 27.73 49.31 -48.84
C PHE G 351 26.58 50.32 -48.82
N GLU G 352 26.21 50.83 -50.00
CA GLU G 352 25.25 51.91 -50.09
C GLU G 352 23.81 51.39 -50.06
N GLN G 353 23.44 50.50 -50.97
CA GLN G 353 22.08 50.00 -51.03
C GLN G 353 22.03 48.71 -51.84
N SER G 354 20.94 47.96 -51.63
CA SER G 354 20.66 46.75 -52.40
C SER G 354 19.16 46.50 -52.33
N MET G 355 18.67 45.69 -53.27
CA MET G 355 17.25 45.37 -53.37
C MET G 355 17.05 43.91 -52.99
N VAL G 356 16.17 43.66 -52.01
CA VAL G 356 15.88 42.33 -51.52
C VAL G 356 14.37 42.13 -51.52
N LEU G 357 13.91 41.01 -52.07
CA LEU G 357 12.50 40.69 -52.13
C LEU G 357 12.23 39.41 -51.35
N VAL G 358 11.07 39.36 -50.70
CA VAL G 358 10.66 38.23 -49.88
C VAL G 358 9.42 37.59 -50.51
N ALA G 359 9.43 36.26 -50.59
CA ALA G 359 8.30 35.52 -51.12
C ALA G 359 8.21 34.18 -50.38
N CYS G 360 7.00 33.64 -50.30
CA CYS G 360 6.76 32.38 -49.61
C CYS G 360 5.69 31.60 -50.34
N GLY G 361 5.68 30.29 -50.10
CA GLY G 361 4.69 29.41 -50.68
C GLY G 361 3.42 29.37 -49.87
N PRO G 362 2.53 28.41 -50.18
CA PRO G 362 2.62 27.43 -51.26
C PRO G 362 2.39 28.08 -52.62
N TYR G 363 3.13 27.68 -53.65
CA TYR G 363 3.01 28.26 -54.97
C TYR G 363 2.01 27.53 -55.85
N THR G 364 1.04 26.85 -55.24
CA THR G 364 -0.03 26.18 -55.95
C THR G 364 -1.36 26.70 -55.42
N THR G 365 -2.40 26.56 -56.24
CA THR G 365 -3.75 26.88 -55.82
C THR G 365 -4.30 25.70 -55.01
N SER G 366 -5.61 25.71 -54.75
CA SER G 366 -6.22 24.63 -53.99
C SER G 366 -6.11 23.31 -54.74
N ASP G 367 -6.35 23.31 -56.05
CA ASP G 367 -6.36 22.06 -56.82
C ASP G 367 -5.71 22.16 -58.19
N SER G 368 -5.07 23.28 -58.52
CA SER G 368 -4.44 23.46 -59.83
C SER G 368 -2.92 23.49 -59.68
N ILE G 369 -2.24 22.68 -60.50
CA ILE G 369 -0.79 22.65 -60.53
C ILE G 369 -0.24 23.46 -61.71
N THR G 370 -1.06 24.35 -62.28
CA THR G 370 -0.64 25.15 -63.43
C THR G 370 0.44 26.16 -63.06
N TYR G 371 0.63 26.44 -61.77
CA TYR G 371 1.70 27.30 -61.28
C TYR G 371 1.60 28.71 -61.85
N ASP G 372 0.39 29.19 -62.09
CA ASP G 372 0.21 30.54 -62.62
C ASP G 372 0.79 31.61 -61.71
N PRO G 373 0.54 31.61 -60.39
CA PRO G 373 1.23 32.59 -59.53
C PRO G 373 2.73 32.47 -59.59
N LEU G 374 3.26 31.25 -59.75
CA LEU G 374 4.70 31.07 -59.87
C LEU G 374 5.24 31.80 -61.11
N LEU G 375 4.58 31.61 -62.25
CA LEU G 375 5.02 32.27 -63.47
C LEU G 375 4.87 33.79 -63.38
N ASP G 376 3.78 34.24 -62.77
CA ASP G 376 3.60 35.69 -62.62
C ASP G 376 4.67 36.29 -61.71
N LEU G 377 5.02 35.61 -60.62
CA LEU G 377 6.09 36.07 -59.76
C LEU G 377 7.42 36.07 -60.49
N ILE G 378 7.66 35.05 -61.33
CA ILE G 378 8.88 35.00 -62.12
C ILE G 378 8.95 36.21 -63.05
N ALA G 379 7.83 36.52 -63.71
CA ALA G 379 7.79 37.69 -64.59
C ALA G 379 8.02 38.98 -63.81
N VAL G 380 7.42 39.09 -62.63
CA VAL G 380 7.56 40.30 -61.83
C VAL G 380 9.01 40.51 -61.41
N ILE G 381 9.65 39.44 -60.92
CA ILE G 381 11.04 39.58 -60.49
C ILE G 381 11.96 39.81 -61.67
N ASN G 382 11.67 39.22 -62.84
CA ASN G 382 12.49 39.47 -64.02
C ASN G 382 12.36 40.92 -64.47
N HIS G 383 11.15 41.47 -64.44
CA HIS G 383 10.97 42.87 -64.85
C HIS G 383 11.59 43.83 -63.84
N ASP G 384 11.39 43.57 -62.55
CA ASP G 384 11.93 44.45 -61.53
C ASP G 384 13.44 44.32 -61.42
N ARG G 385 13.96 43.10 -61.61
CA ARG G 385 15.38 42.80 -61.49
C ARG G 385 15.92 43.23 -60.13
N PRO G 386 15.50 42.59 -59.03
CA PRO G 386 16.02 42.95 -57.72
C PRO G 386 17.47 42.48 -57.57
N ASP G 387 18.19 43.15 -56.66
CA ASP G 387 19.57 42.76 -56.38
C ASP G 387 19.63 41.36 -55.76
N VAL G 388 18.73 41.08 -54.82
CA VAL G 388 18.69 39.79 -54.15
C VAL G 388 17.27 39.26 -54.21
N CYS G 389 17.12 38.00 -54.62
CA CYS G 389 15.82 37.34 -54.70
C CYS G 389 15.79 36.19 -53.70
N ILE G 390 14.78 36.20 -52.82
CA ILE G 390 14.63 35.18 -51.79
C ILE G 390 13.21 34.63 -51.86
N LEU G 391 13.09 33.32 -51.98
CA LEU G 391 11.81 32.63 -52.03
C LEU G 391 11.78 31.55 -50.98
N PHE G 392 10.71 31.51 -50.20
CA PHE G 392 10.54 30.51 -49.16
C PHE G 392 9.74 29.32 -49.69
N GLY G 393 9.79 28.22 -48.94
CA GLY G 393 9.05 27.03 -49.29
C GLY G 393 7.62 27.09 -48.80
N PRO G 394 6.90 25.97 -49.00
CA PRO G 394 7.32 24.74 -49.67
C PRO G 394 7.25 24.85 -51.19
N PHE G 395 8.13 24.15 -51.91
CA PHE G 395 8.07 24.15 -53.36
C PHE G 395 7.05 23.16 -53.91
N LEU G 396 6.59 22.22 -53.08
CA LEU G 396 5.54 21.28 -53.48
C LEU G 396 4.84 20.82 -52.21
N ASP G 397 3.68 21.39 -51.93
CA ASP G 397 2.95 21.04 -50.72
C ASP G 397 2.34 19.65 -50.85
N ALA G 398 2.41 18.88 -49.77
CA ALA G 398 1.84 17.54 -49.76
C ALA G 398 0.34 17.53 -49.57
N LYS G 399 -0.27 18.66 -49.24
CA LYS G 399 -1.71 18.74 -49.02
C LYS G 399 -2.51 18.67 -50.32
N HIS G 400 -1.86 18.74 -51.48
CA HIS G 400 -2.56 18.67 -52.74
C HIS G 400 -3.20 17.30 -52.94
N GLU G 401 -4.38 17.29 -53.57
CA GLU G 401 -5.08 16.04 -53.79
C GLU G 401 -4.34 15.15 -54.78
N GLN G 402 -3.69 15.75 -55.78
CA GLN G 402 -2.95 14.97 -56.77
C GLN G 402 -1.84 14.16 -56.11
N VAL G 403 -1.09 14.79 -55.20
CA VAL G 403 -0.06 14.05 -54.46
C VAL G 403 -0.65 13.24 -53.33
N GLU G 404 -1.85 13.60 -52.85
CA GLU G 404 -2.49 12.81 -51.80
C GLU G 404 -2.86 11.41 -52.30
N ASN G 405 -3.39 11.32 -53.52
CA ASN G 405 -3.80 10.05 -54.10
C ASN G 405 -2.73 9.42 -54.98
N CYS G 406 -1.54 10.03 -55.06
CA CYS G 406 -0.44 9.52 -55.88
C CYS G 406 -0.86 9.39 -57.35
N LEU G 407 -1.19 10.53 -57.93
CA LEU G 407 -1.63 10.60 -59.33
C LEU G 407 -0.60 11.20 -60.26
N LEU G 408 0.63 11.42 -59.78
CA LEU G 408 1.67 12.04 -60.59
C LEU G 408 2.41 10.98 -61.39
N THR G 409 2.84 11.36 -62.59
CA THR G 409 3.54 10.46 -63.50
C THR G 409 5.06 10.60 -63.43
N SER G 410 5.57 11.47 -62.56
CA SER G 410 7.00 11.70 -62.46
C SER G 410 7.43 11.61 -61.00
N PRO G 411 8.68 11.20 -60.75
CA PRO G 411 9.18 11.16 -59.38
C PRO G 411 9.24 12.55 -58.77
N PHE G 412 9.03 12.60 -57.45
CA PHE G 412 9.05 13.89 -56.75
C PHE G 412 10.39 14.59 -56.87
N GLU G 413 11.49 13.83 -56.78
CA GLU G 413 12.81 14.42 -56.94
C GLU G 413 12.97 15.01 -58.34
N ASP G 414 12.51 14.28 -59.36
CA ASP G 414 12.58 14.80 -60.73
C ASP G 414 11.69 16.02 -60.89
N ILE G 415 10.52 16.02 -60.26
CA ILE G 415 9.63 17.18 -60.35
C ILE G 415 10.30 18.41 -59.74
N PHE G 416 10.92 18.25 -58.58
CA PHE G 416 11.60 19.38 -57.95
C PHE G 416 12.81 19.82 -58.75
N LYS G 417 13.53 18.88 -59.35
CA LYS G 417 14.66 19.25 -60.20
C LYS G 417 14.19 20.05 -61.41
N GLN G 418 13.08 19.64 -62.01
CA GLN G 418 12.53 20.40 -63.14
C GLN G 418 12.06 21.78 -62.69
N CYS G 419 11.46 21.87 -61.51
CA CYS G 419 11.04 23.17 -60.99
C CYS G 419 12.23 24.09 -60.77
N LEU G 420 13.31 23.56 -60.21
CA LEU G 420 14.51 24.35 -59.98
C LEU G 420 15.14 24.78 -61.30
N ARG G 421 15.12 23.89 -62.30
CA ARG G 421 15.59 24.26 -63.63
C ARG G 421 14.75 25.40 -64.21
N THR G 422 13.42 25.31 -64.05
CA THR G 422 12.53 26.36 -64.51
C THR G 422 12.85 27.68 -63.83
N ILE G 423 13.07 27.65 -62.52
CA ILE G 423 13.37 28.87 -61.77
C ILE G 423 14.68 29.48 -62.25
N ILE G 424 15.70 28.63 -62.43
CA ILE G 424 17.01 29.13 -62.87
C ILE G 424 16.91 29.75 -64.26
N GLU G 425 16.23 29.06 -65.18
CA GLU G 425 16.13 29.58 -66.54
C GLU G 425 15.32 30.87 -66.58
N GLY G 426 14.26 30.97 -65.77
CA GLY G 426 13.49 32.20 -65.71
C GLY G 426 14.29 33.36 -65.12
N THR G 427 15.05 33.09 -64.06
CA THR G 427 15.84 34.12 -63.42
C THR G 427 17.11 34.48 -64.17
N ARG G 428 17.50 33.67 -65.17
CA ARG G 428 18.67 33.97 -65.96
C ARG G 428 18.57 35.34 -66.62
N SER G 429 17.39 35.69 -67.14
CA SER G 429 17.21 36.99 -67.75
C SER G 429 17.41 38.11 -66.73
N SER G 430 16.87 37.95 -65.53
CA SER G 430 17.10 38.95 -64.48
C SER G 430 18.53 38.93 -64.00
N GLY G 431 19.15 37.74 -63.95
CA GLY G 431 20.52 37.63 -63.49
C GLY G 431 20.71 38.05 -62.04
N SER G 432 19.78 37.68 -61.17
CA SER G 432 19.80 38.08 -59.77
C SER G 432 20.18 36.89 -58.89
N HIS G 433 20.58 37.21 -57.66
CA HIS G 433 20.97 36.18 -56.70
C HIS G 433 19.74 35.44 -56.19
N LEU G 434 19.81 34.11 -56.18
CA LEU G 434 18.72 33.26 -55.74
C LEU G 434 19.11 32.58 -54.43
N VAL G 435 18.26 32.72 -53.42
CA VAL G 435 18.44 32.08 -52.12
C VAL G 435 17.23 31.20 -51.85
N PHE G 436 17.47 29.92 -51.59
CA PHE G 436 16.42 28.95 -51.35
C PHE G 436 16.50 28.47 -49.92
N VAL G 437 15.42 28.60 -49.18
CA VAL G 437 15.32 28.15 -47.79
C VAL G 437 14.29 27.03 -47.73
N PRO G 438 14.66 25.83 -47.27
CA PRO G 438 13.70 24.73 -47.21
C PRO G 438 12.66 24.96 -46.13
N SER G 439 11.59 24.19 -46.22
CA SER G 439 10.49 24.25 -45.26
C SER G 439 10.13 22.85 -44.79
N LEU G 440 9.39 22.78 -43.69
CA LEU G 440 9.03 21.50 -43.11
C LEU G 440 7.91 20.79 -43.87
N ARG G 441 7.26 21.46 -44.81
CA ARG G 441 6.21 20.85 -45.60
C ARG G 441 6.71 20.21 -46.88
N ASP G 442 8.01 20.28 -47.15
CA ASP G 442 8.56 19.73 -48.38
C ASP G 442 8.43 18.20 -48.39
N VAL G 443 8.30 17.66 -49.60
CA VAL G 443 8.12 16.22 -49.78
C VAL G 443 9.46 15.50 -49.96
N HIS G 444 10.25 15.93 -50.94
CA HIS G 444 11.53 15.29 -51.21
C HIS G 444 12.52 15.44 -50.07
N HIS G 445 12.33 16.44 -49.20
CA HIS G 445 13.21 16.66 -48.06
C HIS G 445 12.61 16.03 -46.81
N GLU G 446 13.48 15.50 -45.96
CA GLU G 446 13.03 14.84 -44.74
C GLU G 446 12.50 15.88 -43.76
N PRO G 447 11.33 15.68 -43.17
CA PRO G 447 10.71 16.68 -42.26
C PRO G 447 11.06 16.55 -40.78
N VAL G 448 12.30 16.93 -40.46
CA VAL G 448 12.72 17.09 -39.06
C VAL G 448 13.42 18.44 -38.96
N TYR G 449 12.94 19.30 -38.07
CA TYR G 449 13.48 20.64 -37.92
C TYR G 449 14.56 20.65 -36.84
N PRO G 450 15.75 21.20 -37.11
CA PRO G 450 16.21 21.80 -38.36
C PRO G 450 16.62 20.74 -39.39
N GLN G 451 16.65 21.10 -40.67
CA GLN G 451 16.95 20.18 -41.74
C GLN G 451 18.07 20.73 -42.62
N PRO G 452 18.84 19.86 -43.26
CA PRO G 452 19.92 20.32 -44.13
C PRO G 452 19.38 21.00 -45.38
N PRO G 453 20.17 21.85 -46.02
CA PRO G 453 19.70 22.53 -47.24
C PRO G 453 19.52 21.54 -48.38
N PHE G 454 18.91 22.05 -49.45
CA PHE G 454 18.68 21.24 -50.64
C PHE G 454 20.00 20.90 -51.33
N SER G 455 20.00 19.76 -52.03
CA SER G 455 21.18 19.28 -52.74
C SER G 455 20.92 19.37 -54.24
N TYR G 456 21.80 20.07 -54.94
CA TYR G 456 21.72 20.21 -56.40
C TYR G 456 23.13 20.16 -56.96
N SER G 457 23.37 19.24 -57.90
CA SER G 457 24.69 19.02 -58.46
C SER G 457 24.79 19.42 -59.93
N ASP G 458 23.75 20.05 -60.48
CA ASP G 458 23.73 20.43 -61.89
C ASP G 458 23.91 21.92 -62.11
N LEU G 459 24.35 22.65 -61.08
CA LEU G 459 24.53 24.10 -61.22
C LEU G 459 25.67 24.41 -62.18
N SER G 460 25.46 25.42 -63.03
CA SER G 460 26.48 25.85 -63.96
C SER G 460 27.54 26.68 -63.24
N ARG G 461 28.68 26.86 -63.90
CA ARG G 461 29.76 27.65 -63.31
C ARG G 461 29.34 29.10 -63.12
N GLU G 462 28.69 29.69 -64.12
CA GLU G 462 28.28 31.08 -64.03
C GLU G 462 27.19 31.26 -62.97
N ASP G 463 26.18 30.38 -62.97
CA ASP G 463 25.08 30.51 -62.03
C ASP G 463 25.46 30.11 -60.61
N LYS G 464 26.63 29.50 -60.40
CA LYS G 464 27.05 29.12 -59.06
C LYS G 464 27.26 30.34 -58.17
N LYS G 465 27.64 31.47 -58.75
CA LYS G 465 27.96 32.65 -57.97
C LYS G 465 26.74 33.37 -57.42
N GLN G 466 25.53 32.99 -57.82
CA GLN G 466 24.32 33.67 -57.38
C GLN G 466 23.25 32.73 -56.84
N VAL G 467 23.49 31.42 -56.83
CA VAL G 467 22.53 30.44 -56.32
C VAL G 467 23.14 29.77 -55.10
N GLN G 468 22.39 29.75 -54.00
CA GLN G 468 22.87 29.18 -52.76
C GLN G 468 21.71 28.57 -51.99
N PHE G 469 22.04 27.65 -51.08
CA PHE G 469 21.08 27.00 -50.20
C PHE G 469 21.58 27.10 -48.77
N VAL G 470 20.70 27.48 -47.85
CA VAL G 470 21.06 27.63 -46.44
C VAL G 470 20.07 26.83 -45.61
N SER G 471 20.52 26.48 -44.41
CA SER G 471 19.71 25.67 -43.51
C SER G 471 18.57 26.48 -42.91
N GLU G 472 17.51 25.78 -42.53
CA GLU G 472 16.37 26.40 -41.86
C GLU G 472 16.44 26.10 -40.38
N PRO G 473 16.50 27.11 -39.50
CA PRO G 473 16.52 28.55 -39.78
C PRO G 473 17.90 29.04 -40.17
N CYS G 474 18.01 30.25 -40.70
CA CYS G 474 19.29 30.82 -41.08
C CYS G 474 19.38 32.26 -40.58
N SER G 475 20.60 32.70 -40.33
CA SER G 475 20.89 34.08 -39.93
C SER G 475 21.81 34.66 -41.00
N LEU G 476 21.21 35.18 -42.08
CA LEU G 476 21.95 35.74 -43.19
C LEU G 476 22.23 37.21 -42.93
N SER G 477 23.50 37.58 -42.98
CA SER G 477 23.94 38.96 -42.77
C SER G 477 24.44 39.53 -44.09
N ILE G 478 23.78 40.57 -44.57
CA ILE G 478 24.16 41.24 -45.81
C ILE G 478 24.49 42.68 -45.49
N ASN G 479 25.71 43.09 -45.80
CA ASN G 479 26.16 44.47 -45.62
C ASN G 479 25.97 44.93 -44.18
N GLY G 480 26.28 44.05 -43.23
CA GLY G 480 26.16 44.40 -41.83
C GLY G 480 24.75 44.50 -41.30
N VAL G 481 23.79 43.86 -41.96
CA VAL G 481 22.40 43.84 -41.52
C VAL G 481 22.01 42.39 -41.26
N ILE G 482 21.50 42.13 -40.06
CA ILE G 482 21.17 40.76 -39.66
C ILE G 482 19.71 40.49 -40.02
N PHE G 483 19.48 39.38 -40.71
CA PHE G 483 18.14 38.99 -41.15
C PHE G 483 17.70 37.76 -40.37
N GLY G 484 16.55 37.87 -39.71
CA GLY G 484 15.96 36.72 -39.05
C GLY G 484 15.10 35.92 -40.00
N LEU G 485 15.56 34.70 -40.33
CA LEU G 485 14.91 33.88 -41.34
C LEU G 485 14.37 32.61 -40.70
N THR G 486 13.11 32.31 -41.00
CA THR G 486 12.50 31.06 -40.56
C THR G 486 11.37 30.71 -41.51
N SER G 487 11.30 29.43 -41.87
CA SER G 487 10.22 28.92 -42.73
C SER G 487 9.07 28.35 -41.93
N THR G 488 9.13 28.41 -40.61
CA THR G 488 8.10 27.88 -39.74
C THR G 488 7.16 28.99 -39.27
N ASP G 489 5.93 28.59 -38.96
CA ASP G 489 4.88 29.53 -38.58
C ASP G 489 4.87 29.67 -37.06
N LEU G 490 5.68 30.60 -36.56
CA LEU G 490 5.70 30.89 -35.13
C LEU G 490 4.44 31.63 -34.69
N LEU G 491 4.03 32.63 -35.46
CA LEU G 491 2.96 33.52 -35.02
C LEU G 491 1.65 32.78 -34.85
N PHE G 492 1.29 31.92 -35.81
CA PHE G 492 0.02 31.20 -35.73
C PHE G 492 -0.02 30.30 -34.50
N HIS G 493 1.06 29.55 -34.31
CA HIS G 493 1.11 28.61 -33.17
C HIS G 493 0.99 29.42 -31.90
N LEU G 494 1.85 30.41 -31.74
CA LEU G 494 1.90 31.18 -30.49
C LEU G 494 0.56 31.85 -30.21
N GLY G 495 -0.08 32.41 -31.22
CA GLY G 495 -1.38 33.01 -31.01
C GLY G 495 -2.44 31.99 -30.61
N ALA G 496 -2.37 30.80 -31.20
CA ALA G 496 -3.30 29.74 -30.81
C ALA G 496 -3.01 29.19 -29.43
N GLU G 497 -1.78 29.34 -28.93
CA GLU G 497 -1.40 28.73 -27.66
C GLU G 497 -0.85 29.75 -26.67
N GLU G 498 -1.53 30.88 -26.51
CA GLU G 498 -1.12 31.88 -25.54
C GLU G 498 -2.36 32.45 -24.85
N ILE G 499 -2.23 32.71 -23.55
CA ILE G 499 -3.30 33.26 -22.73
C ILE G 499 -2.79 34.49 -22.02
N SER G 500 -3.64 35.52 -21.91
CA SER G 500 -3.24 36.76 -21.27
C SER G 500 -4.47 37.49 -20.76
N SER G 501 -4.23 38.44 -19.86
CA SER G 501 -5.28 39.32 -19.35
C SER G 501 -4.62 40.65 -19.01
N SER G 502 -4.67 41.60 -19.93
CA SER G 502 -4.03 42.90 -19.77
C SER G 502 -5.06 43.95 -19.42
N SER G 503 -4.67 44.89 -18.55
CA SER G 503 -5.57 45.96 -18.15
C SER G 503 -5.88 46.93 -19.30
N GLY G 504 -5.05 46.95 -20.34
CA GLY G 504 -5.29 47.81 -21.47
C GLY G 504 -5.17 47.04 -22.77
N THR G 505 -5.74 47.63 -23.82
CA THR G 505 -5.71 47.03 -25.15
C THR G 505 -4.31 47.16 -25.75
N SER G 506 -3.79 46.05 -26.27
CA SER G 506 -2.47 46.05 -26.88
C SER G 506 -2.44 44.99 -27.97
N ASP G 507 -1.47 45.13 -28.87
CA ASP G 507 -1.34 44.20 -29.99
C ASP G 507 -0.80 42.87 -29.49
N ARG G 508 -1.57 41.80 -29.70
CA ARG G 508 -1.13 40.47 -29.32
C ARG G 508 0.09 40.03 -30.12
N PHE G 509 0.13 40.37 -31.41
CA PHE G 509 1.26 39.99 -32.24
C PHE G 509 2.54 40.66 -31.75
N SER G 510 2.46 41.93 -31.34
CA SER G 510 3.63 42.60 -30.79
C SER G 510 4.09 41.93 -29.50
N ARG G 511 3.16 41.51 -28.66
CA ARG G 511 3.52 40.80 -27.44
C ARG G 511 4.23 39.49 -27.76
N ILE G 512 3.72 38.75 -28.75
CA ILE G 512 4.36 37.50 -29.14
C ILE G 512 5.77 37.77 -29.68
N LEU G 513 5.91 38.82 -30.49
CA LEU G 513 7.22 39.14 -31.05
C LEU G 513 8.22 39.52 -29.97
N LYS G 514 7.80 40.33 -29.01
CA LYS G 514 8.72 40.69 -27.92
C LYS G 514 9.02 39.48 -27.04
N HIS G 515 8.06 38.58 -26.88
CA HIS G 515 8.32 37.35 -26.12
C HIS G 515 9.38 36.50 -26.80
N ILE G 516 9.24 36.28 -28.11
CA ILE G 516 10.19 35.42 -28.81
C ILE G 516 11.55 36.10 -28.90
N LEU G 517 11.58 37.43 -28.99
CA LEU G 517 12.87 38.13 -28.95
C LEU G 517 13.52 37.97 -27.58
N THR G 518 12.74 38.05 -26.51
CA THR G 518 13.31 37.96 -25.16
C THR G 518 13.66 36.52 -24.80
N GLN G 519 12.90 35.54 -25.30
CA GLN G 519 13.12 34.15 -24.91
C GLN G 519 14.43 33.58 -25.45
N ARG G 520 15.08 34.27 -26.39
CA ARG G 520 16.35 33.82 -26.97
C ARG G 520 16.22 32.43 -27.57
N SER G 521 15.13 32.18 -28.28
CA SER G 521 14.90 30.88 -28.92
C SER G 521 14.03 31.08 -30.15
N TYR G 522 14.43 30.45 -31.26
CA TYR G 522 13.61 30.52 -32.47
C TYR G 522 12.25 29.88 -32.24
N TYR G 523 12.20 28.75 -31.57
CA TYR G 523 10.95 28.05 -31.24
C TYR G 523 10.96 27.76 -29.74
N PRO G 524 10.70 28.77 -28.90
CA PRO G 524 10.73 28.55 -27.44
C PRO G 524 9.58 27.70 -26.93
N LEU G 525 8.55 27.46 -27.73
CA LEU G 525 7.40 26.71 -27.24
C LEU G 525 7.75 25.25 -26.97
N TYR G 526 7.29 24.75 -25.83
CA TYR G 526 7.49 23.36 -25.44
C TYR G 526 6.27 22.92 -24.65
N PRO G 527 5.62 21.82 -25.04
CA PRO G 527 5.91 20.95 -26.18
C PRO G 527 5.56 21.61 -27.51
N PRO G 528 6.21 21.21 -28.60
CA PRO G 528 5.95 21.85 -29.89
C PRO G 528 4.60 21.44 -30.47
N GLN G 529 4.35 21.91 -31.72
CA GLN G 529 3.08 21.64 -32.46
C GLN G 529 3.02 20.23 -33.03
N GLU G 530 1.89 19.54 -32.86
CA GLU G 530 1.76 18.13 -33.20
C GLU G 530 1.84 17.87 -34.70
N ASP G 531 2.34 18.82 -35.49
CA ASP G 531 2.40 18.68 -36.93
C ASP G 531 3.82 18.77 -37.48
N MET G 532 4.83 18.62 -36.63
CA MET G 532 6.21 18.66 -37.08
C MET G 532 7.09 17.92 -36.08
N ALA G 533 8.32 17.65 -36.50
CA ALA G 533 9.29 16.91 -35.71
C ALA G 533 10.49 17.78 -35.41
N ILE G 534 10.96 17.71 -34.16
CA ILE G 534 12.10 18.51 -33.70
C ILE G 534 13.15 17.56 -33.12
N ASP G 535 14.38 17.70 -33.60
CA ASP G 535 15.52 16.98 -33.03
C ASP G 535 16.16 17.89 -31.99
N TYR G 536 15.95 17.56 -30.71
CA TYR G 536 16.30 18.48 -29.63
C TYR G 536 17.79 18.77 -29.59
N GLU G 537 18.63 17.75 -29.78
CA GLU G 537 20.07 17.96 -29.77
C GLU G 537 20.48 18.92 -30.89
N SER G 538 20.04 18.63 -32.11
CA SER G 538 20.36 19.51 -33.25
C SER G 538 19.74 20.88 -33.06
N PHE G 539 18.52 20.94 -32.51
CA PHE G 539 17.88 22.22 -32.27
C PHE G 539 18.68 23.08 -31.31
N TYR G 540 19.19 22.48 -30.24
CA TYR G 540 19.98 23.24 -29.27
C TYR G 540 21.33 23.65 -29.87
N VAL G 541 21.95 22.77 -30.66
CA VAL G 541 23.29 23.09 -31.13
C VAL G 541 23.26 24.07 -32.30
N TYR G 542 22.18 24.11 -33.08
CA TYR G 542 22.16 24.86 -34.33
C TYR G 542 21.10 25.96 -34.41
N ALA G 543 20.08 25.94 -33.56
CA ALA G 543 18.94 26.84 -33.74
C ALA G 543 18.81 27.85 -32.60
N GLN G 544 19.93 28.45 -32.20
CA GLN G 544 19.93 29.49 -31.19
C GLN G 544 20.18 30.85 -31.82
N LEU G 545 19.53 31.88 -31.30
CA LEU G 545 19.68 33.23 -31.84
C LEU G 545 21.08 33.74 -31.57
N PRO G 546 21.87 34.09 -32.61
CA PRO G 546 23.21 34.62 -32.37
C PRO G 546 23.19 35.97 -31.67
N VAL G 547 22.50 36.95 -32.28
CA VAL G 547 22.36 38.30 -31.76
C VAL G 547 20.97 38.80 -32.11
N THR G 548 20.66 40.01 -31.69
CA THR G 548 19.39 40.63 -32.05
C THR G 548 19.42 41.01 -33.52
N PRO G 549 18.52 40.49 -34.36
CA PRO G 549 18.56 40.80 -35.79
C PRO G 549 17.87 42.11 -36.12
N ASP G 550 18.45 42.85 -37.05
CA ASP G 550 17.82 44.08 -37.52
C ASP G 550 16.53 43.77 -38.29
N VAL G 551 16.53 42.69 -39.07
CA VAL G 551 15.39 42.32 -39.89
C VAL G 551 14.97 40.91 -39.51
N LEU G 552 13.65 40.69 -39.44
CA LEU G 552 13.08 39.37 -39.14
C LEU G 552 12.04 39.03 -40.19
N ILE G 553 12.13 37.83 -40.75
CA ILE G 553 11.23 37.38 -41.80
C ILE G 553 10.40 36.22 -41.24
N ILE G 554 9.09 36.44 -41.15
CA ILE G 554 8.19 35.43 -40.60
C ILE G 554 7.02 35.21 -41.53
N PRO G 555 7.11 34.29 -42.49
CA PRO G 555 5.90 33.88 -43.23
C PRO G 555 4.89 33.27 -42.29
N SER G 556 3.62 33.56 -42.52
CA SER G 556 2.56 33.11 -41.64
C SER G 556 1.25 32.98 -42.41
N GLU G 557 0.33 32.21 -41.84
CA GLU G 557 -1.01 32.03 -42.40
C GLU G 557 -2.00 33.06 -41.88
N LEU G 558 -1.61 33.91 -40.94
CA LEU G 558 -2.51 34.91 -40.37
C LEU G 558 -2.53 36.16 -41.25
N ARG G 559 -3.13 37.23 -40.75
CA ARG G 559 -3.25 38.46 -41.52
C ARG G 559 -1.88 39.10 -41.75
N TYR G 560 -1.67 39.60 -42.95
CA TYR G 560 -0.43 40.29 -43.29
C TYR G 560 -0.31 41.59 -42.51
N PHE G 561 0.90 41.89 -42.05
CA PHE G 561 1.16 43.12 -41.30
C PHE G 561 2.67 43.32 -41.21
N VAL G 562 3.06 44.53 -40.82
CA VAL G 562 4.47 44.89 -40.62
C VAL G 562 4.57 45.62 -39.28
N LYS G 563 5.43 45.12 -38.40
CA LYS G 563 5.61 45.71 -37.09
C LYS G 563 7.09 45.67 -36.70
N ASP G 564 7.50 46.65 -35.90
CA ASP G 564 8.86 46.77 -35.43
C ASP G 564 8.86 46.83 -33.90
N VAL G 565 9.68 46.00 -33.27
CA VAL G 565 9.77 45.94 -31.82
C VAL G 565 11.24 45.91 -31.43
N LEU G 566 11.64 46.83 -30.54
CA LEU G 566 12.98 46.87 -29.97
C LEU G 566 14.06 46.94 -31.07
N GLY G 567 13.82 47.77 -32.08
CA GLY G 567 14.81 47.96 -33.12
C GLY G 567 14.93 46.84 -34.12
N CYS G 568 14.01 45.87 -34.09
CA CYS G 568 14.02 44.75 -35.02
C CYS G 568 12.82 44.85 -35.95
N VAL G 569 13.08 44.79 -37.24
CA VAL G 569 12.02 44.86 -38.25
C VAL G 569 11.50 43.46 -38.51
N CYS G 570 10.18 43.31 -38.45
CA CYS G 570 9.53 42.02 -38.66
C CYS G 570 8.49 42.16 -39.76
N VAL G 571 8.53 41.24 -40.73
CA VAL G 571 7.67 41.29 -41.90
C VAL G 571 6.82 40.03 -41.94
N ASN G 572 5.55 40.19 -42.28
CA ASN G 572 4.62 39.07 -42.44
C ASN G 572 4.00 39.18 -43.82
N PRO G 573 4.74 38.81 -44.87
CA PRO G 573 4.18 38.89 -46.23
C PRO G 573 2.99 37.97 -46.46
N GLY G 574 2.86 36.90 -45.69
CA GLY G 574 1.76 35.96 -45.86
C GLY G 574 1.96 35.04 -47.04
N ARG G 575 1.07 34.07 -47.15
CA ARG G 575 1.13 33.11 -48.24
C ARG G 575 0.82 33.79 -49.57
N LEU G 576 1.56 33.39 -50.61
CA LEU G 576 1.36 33.99 -51.93
C LEU G 576 0.07 33.49 -52.58
N THR G 577 -0.39 32.30 -52.20
CA THR G 577 -1.63 31.73 -52.73
C THR G 577 -2.55 31.40 -51.56
N LYS G 578 -3.78 31.91 -51.62
CA LYS G 578 -4.80 31.67 -50.60
C LYS G 578 -5.97 30.98 -51.28
N GLY G 579 -6.09 29.66 -51.08
CA GLY G 579 -7.12 28.91 -51.75
C GLY G 579 -6.88 28.84 -53.24
N GLN G 580 -7.71 29.54 -54.01
CA GLN G 580 -7.54 29.62 -55.46
C GLN G 580 -7.27 31.04 -55.94
N VAL G 581 -6.93 31.95 -55.03
CA VAL G 581 -6.61 33.33 -55.39
C VAL G 581 -5.24 33.67 -54.82
N GLY G 582 -4.59 34.64 -55.45
CA GLY G 582 -3.27 35.06 -55.01
C GLY G 582 -3.30 35.77 -53.67
N GLY G 583 -2.17 35.73 -52.99
CA GLY G 583 -2.02 36.40 -51.71
C GLY G 583 -1.30 37.73 -51.84
N THR G 584 -0.26 37.93 -51.05
CA THR G 584 0.52 39.16 -51.06
C THR G 584 2.00 38.86 -51.02
N PHE G 585 2.79 39.77 -51.57
CA PHE G 585 4.24 39.70 -51.49
C PHE G 585 4.77 41.09 -51.16
N ALA G 586 5.96 41.13 -50.57
CA ALA G 586 6.53 42.38 -50.08
C ALA G 586 7.89 42.64 -50.72
N ARG G 587 8.26 43.91 -50.76
CA ARG G 587 9.55 44.35 -51.29
C ARG G 587 10.20 45.24 -50.24
N LEU G 588 11.52 45.11 -50.11
CA LEU G 588 12.25 45.73 -49.01
C LEU G 588 13.33 46.68 -49.52
N TYR G 589 13.72 47.61 -48.66
CA TYR G 589 14.80 48.55 -48.90
C TYR G 589 15.86 48.40 -47.83
N LEU G 590 17.13 48.51 -48.25
CA LEU G 590 18.26 48.41 -47.32
C LEU G 590 19.24 49.53 -47.62
N ARG G 591 19.03 50.68 -46.98
CA ARG G 591 19.92 51.83 -47.10
C ARG G 591 20.74 51.95 -45.82
N ARG G 592 22.05 51.86 -45.94
CA ARG G 592 22.91 51.96 -44.77
C ARG G 592 22.97 53.40 -44.30
N PRO G 593 22.51 53.72 -43.09
CA PRO G 593 22.60 55.09 -42.59
C PRO G 593 23.94 55.33 -41.91
N ALA G 594 24.17 56.58 -41.55
CA ALA G 594 25.38 56.94 -40.83
C ALA G 594 25.32 56.39 -39.41
N ALA G 595 26.34 55.62 -39.03
CA ALA G 595 26.45 55.10 -37.67
C ALA G 595 27.01 56.12 -36.69
N ASP G 596 27.06 57.40 -37.09
CA ASP G 596 27.60 58.43 -36.22
C ASP G 596 26.77 58.60 -34.96
N GLY G 597 25.45 58.54 -35.10
CA GLY G 597 24.58 58.73 -33.94
C GLY G 597 24.73 57.60 -32.93
N ALA G 598 24.58 57.95 -31.66
CA ALA G 598 24.70 56.95 -30.59
C ALA G 598 23.59 55.90 -30.70
N GLU G 599 22.37 56.34 -30.99
CA GLU G 599 21.25 55.40 -31.11
C GLU G 599 21.35 54.64 -32.43
N ARG G 600 21.30 53.32 -32.34
CA ARG G 600 21.33 52.50 -33.55
C ARG G 600 20.00 52.62 -34.29
N GLN G 601 20.09 52.85 -35.59
CA GLN G 601 18.92 53.02 -36.44
C GLN G 601 18.83 51.87 -37.43
N SER G 602 17.60 51.44 -37.71
CA SER G 602 17.39 50.34 -38.65
C SER G 602 17.78 50.77 -40.05
N PRO G 603 18.69 50.08 -40.72
CA PRO G 603 19.03 50.44 -42.11
C PRO G 603 17.84 50.36 -43.06
N CYS G 604 16.91 49.43 -42.82
CA CYS G 604 15.70 49.37 -43.63
C CYS G 604 14.90 50.65 -43.44
N ILE G 605 14.52 51.27 -44.56
CA ILE G 605 13.84 52.56 -44.52
C ILE G 605 12.39 52.46 -44.97
N ALA G 606 12.08 51.61 -45.94
CA ALA G 606 10.72 51.52 -46.46
C ALA G 606 10.42 50.08 -46.86
N VAL G 607 9.13 49.77 -46.92
CA VAL G 607 8.66 48.46 -47.34
C VAL G 607 7.26 48.62 -47.88
N GLN G 608 6.96 47.88 -48.95
CA GLN G 608 5.63 47.88 -49.55
C GLN G 608 5.23 46.45 -49.86
N VAL G 609 3.97 46.14 -49.62
CA VAL G 609 3.42 44.81 -49.85
C VAL G 609 2.45 44.91 -51.01
N VAL G 610 2.78 44.26 -52.13
CA VAL G 610 1.99 44.32 -53.35
C VAL G 610 1.15 43.06 -53.46
N ARG G 611 -0.15 43.23 -53.64
CA ARG G 611 -1.05 42.09 -53.75
C ARG G 611 -0.83 41.36 -55.08
N ILE G 612 -1.00 40.05 -55.04
CA ILE G 612 -0.91 39.22 -56.24
C ILE G 612 -2.22 38.45 -56.41
#